data_9LTU
#
_entry.id   9LTU
#
_cell.length_a   1.00
_cell.length_b   1.00
_cell.length_c   1.00
_cell.angle_alpha   90.00
_cell.angle_beta   90.00
_cell.angle_gamma   90.00
#
_symmetry.space_group_name_H-M   'P 1'
#
loop_
_entity.id
_entity.type
_entity.pdbx_description
1 polymer 'Antenna pigment protein beta chain'
2 polymer 'Antenna pigment protein alpha chain'
3 polymer 'Photosynthetic reaction center cytochrome c subunit'
4 polymer 'Reaction center protein H chain'
5 polymer 'Reaction center protein L chain'
6 polymer 'Reaction center protein M chain'
7 non-polymer 'BACTERIOCHLOROPHYLL A'
8 non-polymer SPEROIDENONE
9 non-polymer 'PROTOPORPHYRIN IX CONTAINING FE'
10 non-polymer UBIQUINONE-10
11 non-polymer 'BACTERIOPHEOPHYTIN A'
12 non-polymer 'FE (III) ION'
#
loop_
_entity_poly.entity_id
_entity_poly.type
_entity_poly.pdbx_seq_one_letter_code
_entity_poly.pdbx_strand_id
1 'polypeptide(L)' DLSFTGLTDEQAQELHSVYMSGLWLFSAVAVVAHLATFIWRPWF 0,8,b,d,f,h,j,l,n,p
2 'polypeptide(L)' MSKFYKIWLIFDPRRVFVAQGVFLFLLAAMIHLVLLSTEHFNWFELAAANA 7,9,a,c,e,g,i,k,m,o
3 'polypeptide(L)'
;KWFDEWNSKNPTDIYKPAIVVGVAGGAVFAAALLVSMGQPLATDSMQTGPRGTGMSVPEFVSDLDTPDPTIEVFLASTSD
PVIPEEGAQTAGEAYENVDPVLADLTVENYDRLLAAMRSWTGIPDLLEDPDHYQSKVAINMIQMNQTINEEWAGHVYANA
EVGVTCFTCHRGQAVPSEVWYRIDPVTENTSGWASVQNRATSLSQFTSLPSDALYQYLLNYEQIAVHDLESRVETLPGDP
TWQNTERTYSLMNYFSNSLGRNCVFCHNSRAFYDPAQHTPQWATAMLGISMVQELNNEWIVPIGEAHLPPERLGPVYNDV
PKLACKTCHKGYQQPLQGLNVVADWPELATTEGPFYD
;
C
4 'polypeptide(L)'
;EETFFGNFDLASLSLWLFYGFFALLIYYLQTENMREGYPLEDEDGNTAANQGPFPLPKEKTFKLQHGRGELTLPGEDVQR
RDNLALRKTAHGNGFPMEPTGDPMLDGVGPASWSKRRDVPELDAHGHPKIVPMSAAEGFGVSAGTDPRGLPVMAGDGEIV
GLVSDMWIDEAEQLVRYLELELDPEWGDGKRLVQRQMVRIKSDRVKVRSIYGKHFKNVPKTKSPNQVTLLEEDKIMAYYA
GGTLYADESRLEPQL
;
H
5 'polypeptide(L)'
;ALLSFERKYRVRGGTLIGGDLFDFWVGPFYVGFFGVTTAFFALLGTILIFWGASQQGTFNPWLINIAPPDLSYGLGMAPL
MEGGLWQIITICAIGAFVSWALREVEICRKLGMGYHVPFAFSVAIFAYVTLVVFRPLLMGAWGHGFPYGIWSHLDWVSNT
GYAYLHFHYNPAHMLAVTFFFTTTLALALHGALVLSAANPPKGEEVKGPDNEDTFFRDFIGYSIGTLGIHRVGLLLALNA
GFWSAVCIIISGPVWTKGWPEWWNWWLEMPIWP
;
L
6 'polypeptide(L)'
;PEYQNIFTQVQVQGPAELGVDNENNLTEERTTGTGFSQLIGWIGNAQLGPIYLGWFGIISLVTGTLWFNIVGFNMLSQVG
YSIPEFIRQLFWLALEPPSPEYGLRMPPLDDGGWFIIASFFLLVSVISWWLRTYQLAEMHKMGKHVAWAFAAAIWLFLVL
GLFRPILMGSWSEAVPYGIFPHLDWTTAFSIRYGNLYYNPFHALSIVFLYGSVLLFAMHGATILAVTRFGGDRELEQIYD
RGTASERAGLFWRWTMGFNATMEGIHRWAWWFAVLTPITGGIGILLTGTVVDNWFLWAVEHNFAPDYTQDYGYEAYTTYD
GFLGR
;
M
#
loop_
_chem_comp.id
_chem_comp.type
_chem_comp.name
_chem_comp.formula
BCL non-polymer 'BACTERIOCHLOROPHYLL A' 'C55 H74 Mg N4 O6'
BPH non-polymer 'BACTERIOPHEOPHYTIN A' 'C55 H76 N4 O6'
FE non-polymer 'FE (III) ION' 'Fe 3'
HEM non-polymer 'PROTOPORPHYRIN IX CONTAINING FE' 'C34 H32 Fe N4 O4'
SPN non-polymer SPEROIDENONE 'C41 H70 O2'
U10 non-polymer UBIQUINONE-10 'C59 H90 O4'
#
# COMPACT_ATOMS: atom_id res chain seq x y z
N ASP A 1 3.45 -42.35 45.69
CA ASP A 1 4.51 -42.06 44.72
C ASP A 1 3.99 -41.16 43.61
N LEU A 2 4.10 -39.85 43.82
CA LEU A 2 3.68 -38.86 42.83
C LEU A 2 4.91 -38.36 42.08
N SER A 3 4.81 -38.31 40.75
CA SER A 3 5.89 -37.81 39.92
C SER A 3 5.32 -37.31 38.60
N PHE A 4 5.85 -36.19 38.13
CA PHE A 4 5.42 -35.60 36.87
C PHE A 4 6.54 -35.18 35.94
N THR A 5 7.75 -34.95 36.42
CA THR A 5 8.86 -34.51 35.58
C THR A 5 9.85 -35.64 35.31
N GLY A 6 9.47 -36.88 35.60
CA GLY A 6 10.35 -38.01 35.41
C GLY A 6 11.63 -37.86 36.21
N LEU A 7 11.50 -37.46 37.46
CA LEU A 7 12.63 -37.06 38.29
C LEU A 7 12.61 -37.85 39.59
N THR A 8 13.77 -38.37 39.98
CA THR A 8 13.90 -39.18 41.17
C THR A 8 14.08 -38.28 42.40
N ASP A 9 14.45 -38.86 43.54
CA ASP A 9 14.55 -38.11 44.79
C ASP A 9 15.97 -37.63 45.06
N GLU A 10 16.98 -38.41 44.71
CA GLU A 10 18.37 -38.01 44.92
C GLU A 10 18.69 -36.73 44.15
N GLN A 11 18.26 -36.67 42.88
CA GLN A 11 18.50 -35.50 42.06
C GLN A 11 17.75 -34.29 42.61
N ALA A 12 16.52 -34.52 43.09
CA ALA A 12 15.75 -33.45 43.69
C ALA A 12 16.41 -32.89 44.95
N GLN A 13 17.07 -33.76 45.75
CA GLN A 13 17.79 -33.27 46.92
C GLN A 13 19.06 -32.52 46.54
N GLU A 14 19.84 -33.05 45.59
CA GLU A 14 21.07 -32.38 45.19
C GLU A 14 20.80 -31.02 44.55
N LEU A 15 19.80 -30.94 43.68
CA LEU A 15 19.43 -29.67 43.06
C LEU A 15 19.04 -28.65 44.14
N HIS A 16 18.28 -29.08 45.13
CA HIS A 16 17.92 -28.20 46.23
C HIS A 16 19.14 -27.73 47.01
N SER A 17 20.10 -28.62 47.25
CA SER A 17 21.31 -28.22 47.95
C SER A 17 22.04 -27.11 47.20
N VAL A 18 22.27 -27.32 45.90
CA VAL A 18 23.01 -26.30 45.13
C VAL A 18 22.21 -25.01 45.03
N TYR A 19 20.89 -25.12 44.84
CA TYR A 19 20.05 -23.93 44.74
C TYR A 19 20.11 -23.11 46.02
N MET A 20 20.06 -23.76 47.17
CA MET A 20 20.13 -23.03 48.43
C MET A 20 21.51 -22.43 48.65
N SER A 21 22.57 -23.12 48.22
CA SER A 21 23.89 -22.50 48.30
C SER A 21 23.94 -21.21 47.50
N GLY A 22 23.41 -21.23 46.28
CA GLY A 22 23.37 -20.02 45.48
C GLY A 22 22.52 -18.93 46.10
N LEU A 23 21.37 -19.31 46.65
CA LEU A 23 20.48 -18.34 47.30
C LEU A 23 21.17 -17.68 48.49
N TRP A 24 21.88 -18.46 49.31
CA TRP A 24 22.61 -17.89 50.44
C TRP A 24 23.75 -16.99 50.01
N LEU A 25 24.47 -17.34 48.93
CA LEU A 25 25.50 -16.43 48.42
C LEU A 25 24.90 -15.10 47.98
N PHE A 26 23.80 -15.15 47.23
CA PHE A 26 23.14 -13.93 46.78
C PHE A 26 22.67 -13.10 47.98
N SER A 27 22.09 -13.77 48.98
CA SER A 27 21.61 -13.07 50.16
C SER A 27 22.75 -12.42 50.95
N ALA A 28 23.89 -13.10 51.07
CA ALA A 28 25.02 -12.49 51.75
C ALA A 28 25.51 -11.23 51.02
N VAL A 29 25.61 -11.30 49.69
CA VAL A 29 26.00 -10.11 48.93
C VAL A 29 24.99 -8.99 49.15
N ALA A 30 23.70 -9.31 49.12
CA ALA A 30 22.67 -8.30 49.32
C ALA A 30 22.72 -7.68 50.72
N VAL A 31 22.97 -8.48 51.76
CA VAL A 31 23.06 -7.93 53.10
C VAL A 31 24.27 -7.02 53.25
N VAL A 32 25.41 -7.40 52.64
CA VAL A 32 26.58 -6.52 52.69
C VAL A 32 26.26 -5.19 52.02
N ALA A 33 25.63 -5.24 50.84
CA ALA A 33 25.27 -4.01 50.14
C ALA A 33 24.30 -3.16 50.95
N HIS A 34 23.29 -3.79 51.56
CA HIS A 34 22.31 -3.05 52.34
C HIS A 34 22.91 -2.42 53.59
N LEU A 35 23.82 -3.12 54.29
CA LEU A 35 24.44 -2.53 55.46
C LEU A 35 25.45 -1.44 55.09
N ALA A 36 26.02 -1.48 53.88
CA ALA A 36 26.79 -0.35 53.39
C ALA A 36 25.92 0.87 53.10
N THR A 37 24.80 0.65 52.41
CA THR A 37 23.90 1.76 52.08
C THR A 37 23.30 2.37 53.35
N PHE A 38 22.95 1.54 54.33
CA PHE A 38 22.38 2.03 55.58
C PHE A 38 23.36 2.97 56.28
N ILE A 39 24.64 2.60 56.32
CA ILE A 39 25.64 3.48 56.90
C ILE A 39 25.74 4.77 56.09
N TRP A 40 25.71 4.66 54.75
CA TRP A 40 25.80 5.85 53.91
C TRP A 40 24.60 6.77 54.13
N ARG A 41 23.37 6.26 54.05
CA ARG A 41 22.13 7.09 54.23
C ARG A 41 21.10 6.37 55.05
N PRO A 42 20.96 6.78 56.32
CA PRO A 42 20.01 6.01 57.12
C PRO A 42 18.58 6.19 56.69
N TRP A 43 17.90 5.10 56.36
CA TRP A 43 16.49 5.19 56.00
C TRP A 43 15.65 4.77 57.17
N PHE A 44 16.28 4.13 58.15
CA PHE A 44 15.58 3.69 59.36
C PHE A 44 14.17 3.16 59.15
N MET B 1 -11.03 -30.45 61.08
CA MET B 1 -9.88 -29.60 61.35
C MET B 1 -8.58 -30.36 61.17
N SER B 2 -8.54 -31.58 61.71
CA SER B 2 -7.36 -32.43 61.66
C SER B 2 -7.36 -33.35 60.46
N LYS B 3 -8.32 -33.19 59.55
CA LYS B 3 -8.43 -34.04 58.36
C LYS B 3 -8.38 -33.23 57.07
N PHE B 4 -7.89 -32.00 57.11
CA PHE B 4 -7.90 -31.12 55.95
C PHE B 4 -6.76 -31.38 54.98
N TYR B 5 -6.57 -32.63 54.55
CA TYR B 5 -5.59 -32.96 53.53
C TYR B 5 -6.22 -33.67 52.34
N LYS B 6 -7.54 -33.64 52.23
CA LYS B 6 -8.26 -34.23 51.11
C LYS B 6 -8.59 -33.21 50.02
N ILE B 7 -8.27 -31.94 50.24
CA ILE B 7 -8.37 -30.95 49.17
C ILE B 7 -7.36 -31.24 48.06
N TRP B 8 -6.18 -31.75 48.41
CA TRP B 8 -5.18 -32.13 47.41
C TRP B 8 -5.66 -33.26 46.52
N LEU B 9 -6.64 -34.04 46.97
CA LEU B 9 -7.13 -35.16 46.17
C LEU B 9 -7.77 -34.69 44.87
N ILE B 10 -8.53 -33.60 44.95
CA ILE B 10 -9.31 -33.12 43.81
C ILE B 10 -8.59 -31.96 43.14
N PHE B 11 -7.27 -31.89 43.32
CA PHE B 11 -6.49 -30.80 42.75
C PHE B 11 -5.13 -31.31 42.31
N ASP B 12 -4.73 -30.89 41.12
CA ASP B 12 -3.35 -31.02 40.65
C ASP B 12 -2.65 -29.69 40.90
N PRO B 13 -1.64 -29.63 41.75
CA PRO B 13 -1.21 -28.32 42.28
C PRO B 13 -0.40 -27.49 41.30
N ARG B 14 -0.78 -27.52 40.02
CA ARG B 14 -0.14 -26.67 39.03
C ARG B 14 -0.58 -25.23 39.25
N ARG B 15 -1.87 -24.98 39.05
CA ARG B 15 -2.42 -23.66 39.36
C ARG B 15 -2.42 -23.41 40.85
N VAL B 16 -2.64 -24.47 41.63
CA VAL B 16 -2.67 -24.35 43.08
C VAL B 16 -1.32 -23.88 43.58
N PHE B 17 -0.25 -24.27 42.90
CA PHE B 17 1.04 -23.71 43.31
C PHE B 17 1.61 -22.63 42.37
N VAL B 18 0.89 -22.20 41.34
CA VAL B 18 1.39 -21.07 40.51
C VAL B 18 0.60 -19.78 40.76
N ALA B 19 -0.71 -19.87 40.92
CA ALA B 19 -1.54 -18.71 41.26
C ALA B 19 -1.24 -18.23 42.66
N GLN B 20 -0.95 -19.16 43.58
CA GLN B 20 -0.47 -18.82 44.91
C GLN B 20 0.60 -17.74 44.84
N GLY B 21 1.72 -18.07 44.20
CA GLY B 21 2.83 -17.14 44.07
C GLY B 21 2.52 -15.87 43.31
N VAL B 22 1.87 -15.99 42.15
CA VAL B 22 1.61 -14.79 41.33
C VAL B 22 0.70 -13.82 42.08
N PHE B 23 -0.43 -14.33 42.60
CA PHE B 23 -1.39 -13.49 43.28
C PHE B 23 -0.81 -12.90 44.56
N LEU B 24 -0.06 -13.69 45.33
CA LEU B 24 0.54 -13.13 46.55
C LEU B 24 1.56 -12.07 46.23
N PHE B 25 2.37 -12.26 45.18
CA PHE B 25 3.32 -11.24 44.79
C PHE B 25 2.62 -9.94 44.41
N LEU B 26 1.58 -10.04 43.57
CA LEU B 26 0.87 -8.84 43.15
C LEU B 26 0.20 -8.15 44.33
N LEU B 27 -0.40 -8.92 45.23
CA LEU B 27 -1.11 -8.32 46.37
C LEU B 27 -0.12 -7.67 47.34
N ALA B 28 1.03 -8.31 47.56
CA ALA B 28 2.06 -7.69 48.40
C ALA B 28 2.58 -6.40 47.78
N ALA B 29 2.77 -6.39 46.45
CA ALA B 29 3.22 -5.18 45.79
C ALA B 29 2.19 -4.05 45.91
N MET B 30 0.91 -4.37 45.72
CA MET B 30 -0.10 -3.31 45.79
C MET B 30 -0.25 -2.80 47.22
N ILE B 31 -0.11 -3.68 48.22
CA ILE B 31 -0.13 -3.22 49.61
C ILE B 31 1.08 -2.33 49.90
N HIS B 32 2.25 -2.72 49.40
CA HIS B 32 3.46 -1.91 49.61
C HIS B 32 3.31 -0.54 48.97
N LEU B 33 2.67 -0.46 47.81
CA LEU B 33 2.44 0.84 47.17
C LEU B 33 1.37 1.67 47.84
N VAL B 34 0.29 1.05 48.35
CA VAL B 34 -0.69 1.78 49.13
C VAL B 34 -0.03 2.36 50.39
N LEU B 35 0.89 1.60 51.00
CA LEU B 35 1.66 2.13 52.12
C LEU B 35 2.43 3.39 51.72
N LEU B 36 2.88 3.47 50.46
CA LEU B 36 3.62 4.63 49.99
C LEU B 36 2.73 5.74 49.46
N SER B 37 1.42 5.49 49.31
CA SER B 37 0.50 6.52 48.82
C SER B 37 -0.05 7.39 49.94
N THR B 38 0.67 7.53 51.04
CA THR B 38 0.20 8.29 52.20
C THR B 38 1.24 9.28 52.68
N GLU B 39 0.99 9.90 53.84
CA GLU B 39 1.88 10.92 54.36
C GLU B 39 2.55 10.46 55.65
N HIS B 40 2.00 9.43 56.28
CA HIS B 40 2.55 8.89 57.52
C HIS B 40 3.24 7.55 57.35
N PHE B 41 2.89 6.79 56.32
CA PHE B 41 3.46 5.46 56.09
C PHE B 41 4.47 5.47 54.95
N ASN B 42 4.98 6.64 54.59
CA ASN B 42 6.01 6.72 53.57
C ASN B 42 7.34 6.60 54.23
N TRP B 43 8.06 5.56 53.90
CA TRP B 43 9.30 5.31 54.62
C TRP B 43 10.51 6.02 54.02
N PHE B 44 10.38 6.70 52.88
CA PHE B 44 11.46 7.57 52.41
C PHE B 44 11.12 9.05 52.41
N GLU B 45 9.86 9.43 52.23
CA GLU B 45 9.48 10.82 52.46
C GLU B 45 9.69 11.20 53.92
N LEU B 46 9.28 10.33 54.85
CA LEU B 46 9.50 10.59 56.27
C LEU B 46 10.99 10.58 56.60
N ALA B 47 11.76 9.70 55.96
CA ALA B 47 13.20 9.69 56.14
C ALA B 47 13.86 10.97 55.65
N ALA B 48 13.39 11.52 54.53
CA ALA B 48 13.86 12.83 54.10
C ALA B 48 13.50 13.91 55.11
N ALA B 49 12.26 13.86 55.64
CA ALA B 49 11.82 14.87 56.59
C ALA B 49 12.66 14.83 57.87
N ASN B 50 12.88 13.65 58.43
CA ASN B 50 13.60 13.50 59.68
C ASN B 50 15.10 13.39 59.38
N ALA B 51 15.85 14.44 59.72
CA ALA B 51 17.29 14.46 59.49
C ALA B 51 18.00 15.38 60.49
N ASP C 1 -13.81 -45.24 45.38
CA ASP C 1 -14.90 -44.45 45.94
C ASP C 1 -15.57 -43.59 44.86
N LEU C 2 -15.58 -42.27 45.07
CA LEU C 2 -16.14 -41.33 44.10
C LEU C 2 -15.13 -40.24 43.76
N SER C 3 -13.85 -40.48 44.01
CA SER C 3 -12.82 -39.50 43.72
C SER C 3 -12.64 -39.36 42.21
N PHE C 4 -12.59 -38.12 41.73
CA PHE C 4 -12.48 -37.88 40.29
C PHE C 4 -11.10 -38.27 39.78
N THR C 5 -10.04 -37.84 40.47
CA THR C 5 -8.69 -38.06 40.00
C THR C 5 -8.25 -39.50 40.19
N GLY C 6 -8.28 -39.98 41.44
CA GLY C 6 -7.81 -41.31 41.74
C GLY C 6 -6.55 -41.30 42.57
N LEU C 7 -6.15 -40.11 43.03
CA LEU C 7 -4.97 -39.96 43.85
C LEU C 7 -5.12 -40.71 45.17
N THR C 8 -4.01 -41.25 45.67
CA THR C 8 -4.04 -42.02 46.91
C THR C 8 -4.08 -41.08 48.11
N ASP C 9 -3.88 -41.62 49.30
CA ASP C 9 -4.13 -40.83 50.50
C ASP C 9 -2.88 -40.50 51.30
N GLU C 10 -1.88 -41.38 51.31
CA GLU C 10 -0.72 -41.16 52.17
C GLU C 10 0.15 -40.01 51.66
N GLN C 11 0.42 -39.98 50.35
CA GLN C 11 1.23 -38.89 49.82
C GLN C 11 0.51 -37.56 49.87
N ALA C 12 -0.83 -37.57 49.85
CA ALA C 12 -1.63 -36.37 50.07
C ALA C 12 -1.62 -35.92 51.52
N GLN C 13 -1.61 -36.86 52.47
CA GLN C 13 -1.37 -36.50 53.86
C GLN C 13 0.02 -35.93 54.06
N GLU C 14 0.99 -36.36 53.26
CA GLU C 14 2.31 -35.74 53.19
C GLU C 14 2.34 -34.61 52.15
N LEU C 15 1.18 -34.05 51.82
CA LEU C 15 1.09 -32.79 51.09
C LEU C 15 0.54 -31.65 51.93
N HIS C 16 -0.41 -31.91 52.82
CA HIS C 16 -0.63 -31.01 53.93
C HIS C 16 0.65 -30.82 54.74
N SER C 17 1.41 -31.88 54.96
CA SER C 17 2.72 -31.81 55.59
C SER C 17 3.76 -31.11 54.71
N VAL C 18 3.35 -30.62 53.54
CA VAL C 18 4.18 -29.72 52.75
C VAL C 18 3.67 -28.31 53.00
N TYR C 19 2.42 -28.06 52.61
CA TYR C 19 1.93 -26.70 52.55
C TYR C 19 1.67 -26.14 53.95
N MET C 20 0.86 -26.83 54.75
CA MET C 20 0.62 -26.34 56.10
C MET C 20 1.67 -27.01 56.99
N SER C 21 2.92 -26.97 56.52
CA SER C 21 4.08 -27.23 57.35
C SER C 21 5.13 -26.17 57.03
N GLY C 22 5.08 -25.67 55.79
CA GLY C 22 5.88 -24.53 55.40
C GLY C 22 5.14 -23.23 55.62
N LEU C 23 3.84 -23.34 55.90
CA LEU C 23 3.06 -22.14 56.20
C LEU C 23 3.55 -21.46 57.47
N TRP C 24 3.91 -22.23 58.49
CA TRP C 24 4.44 -21.59 59.69
C TRP C 24 5.83 -21.04 59.48
N LEU C 25 6.62 -21.61 58.57
CA LEU C 25 7.85 -20.94 58.16
C LEU C 25 7.56 -19.61 57.47
N PHE C 26 6.56 -19.60 56.58
CA PHE C 26 6.22 -18.39 55.84
C PHE C 26 5.66 -17.31 56.74
N SER C 27 4.92 -17.70 57.77
CA SER C 27 4.29 -16.71 58.61
C SER C 27 4.99 -16.44 59.93
N ALA C 28 6.11 -17.10 60.19
CA ALA C 28 6.88 -16.77 61.37
C ALA C 28 7.51 -15.44 61.05
N VAL C 29 8.17 -15.36 59.90
CA VAL C 29 8.75 -14.10 59.49
C VAL C 29 7.65 -13.11 59.25
N ALA C 30 6.50 -13.57 58.78
CA ALA C 30 5.50 -12.60 58.41
C ALA C 30 4.81 -11.95 59.58
N VAL C 31 5.12 -12.38 60.81
CA VAL C 31 4.57 -11.68 61.96
C VAL C 31 5.70 -10.94 62.64
N VAL C 32 6.96 -11.31 62.35
CA VAL C 32 8.10 -10.55 62.87
C VAL C 32 8.25 -9.48 61.82
N ALA C 33 7.32 -9.43 60.90
CA ALA C 33 7.29 -8.39 59.95
C ALA C 33 6.50 -7.28 60.65
N HIS C 34 5.21 -7.47 60.88
CA HIS C 34 4.36 -6.40 61.48
C HIS C 34 4.63 -6.02 62.94
N LEU C 35 4.81 -7.01 63.80
CA LEU C 35 5.04 -6.75 65.21
C LEU C 35 6.41 -6.16 65.37
N ALA C 36 7.19 -6.20 64.30
CA ALA C 36 8.49 -5.61 64.33
C ALA C 36 8.62 -4.52 63.27
N THR C 37 7.62 -3.64 63.16
CA THR C 37 7.74 -2.50 62.23
C THR C 37 7.74 -1.16 62.98
N PHE C 38 8.91 -0.65 63.37
CA PHE C 38 9.03 0.64 64.11
C PHE C 38 8.21 0.50 65.36
N ILE C 39 8.21 -0.70 65.93
CA ILE C 39 7.35 -0.98 67.08
C ILE C 39 5.89 -0.65 66.71
N TRP C 40 5.35 -1.33 65.71
CA TRP C 40 3.95 -1.11 65.34
C TRP C 40 3.01 -2.04 66.07
N ARG C 41 2.63 -1.64 67.25
CA ARG C 41 1.66 -2.44 67.96
C ARG C 41 0.66 -1.52 68.62
N PRO C 42 -0.53 -1.39 68.02
CA PRO C 42 -1.60 -0.63 68.70
C PRO C 42 -2.10 -1.52 69.82
N TRP C 43 -1.39 -1.55 70.95
CA TRP C 43 -1.73 -2.44 72.06
C TRP C 43 -2.16 -1.61 73.25
N PHE C 44 -3.07 -2.16 74.04
CA PHE C 44 -3.52 -1.45 75.23
C PHE C 44 -3.04 -2.13 76.52
N MET D 1 14.92 -32.76 57.04
CA MET D 1 14.85 -31.40 57.53
C MET D 1 13.96 -30.50 56.66
N SER D 2 14.41 -30.24 55.44
CA SER D 2 13.66 -29.34 54.58
C SER D 2 12.44 -30.00 53.97
N LYS D 3 12.63 -31.13 53.29
CA LYS D 3 11.52 -31.80 52.61
C LYS D 3 10.91 -30.81 51.66
N PHE D 4 11.75 -29.96 51.08
CA PHE D 4 11.27 -28.91 50.22
C PHE D 4 11.71 -29.34 48.87
N TYR D 5 12.63 -30.29 48.84
CA TYR D 5 13.13 -30.86 47.60
C TYR D 5 11.98 -31.42 46.81
N LYS D 6 10.83 -31.49 47.43
CA LYS D 6 9.70 -32.10 46.79
C LYS D 6 9.15 -31.27 45.67
N ILE D 7 9.26 -29.95 45.77
CA ILE D 7 8.84 -29.11 44.66
C ILE D 7 9.58 -29.45 43.35
N TRP D 8 10.71 -30.13 43.44
CA TRP D 8 11.43 -30.50 42.24
C TRP D 8 10.86 -31.70 41.52
N LEU D 9 9.65 -32.10 41.89
CA LEU D 9 8.97 -33.18 41.19
C LEU D 9 7.68 -32.59 40.67
N ILE D 10 7.50 -31.29 40.81
CA ILE D 10 6.23 -30.69 40.44
C ILE D 10 6.33 -29.65 39.32
N PHE D 11 7.25 -28.71 39.45
CA PHE D 11 7.40 -27.66 38.45
C PHE D 11 8.53 -27.90 37.46
N ASP D 12 8.22 -27.93 36.15
CA ASP D 12 9.22 -28.16 35.08
C ASP D 12 10.46 -27.27 35.35
N PRO D 13 11.61 -27.86 35.81
CA PRO D 13 12.70 -26.95 36.24
C PRO D 13 13.14 -25.96 35.18
N ARG D 14 12.95 -26.27 33.90
CA ARG D 14 13.47 -25.45 32.82
C ARG D 14 12.83 -24.06 32.81
N ARG D 15 11.51 -24.00 33.01
CA ARG D 15 10.81 -22.72 32.98
C ARG D 15 11.07 -21.88 34.22
N VAL D 16 11.31 -22.54 35.36
CA VAL D 16 11.43 -21.82 36.63
C VAL D 16 12.64 -20.91 36.63
N PHE D 17 13.79 -21.41 36.17
CA PHE D 17 15.00 -20.61 36.12
C PHE D 17 14.85 -19.43 35.15
N VAL D 18 14.27 -19.69 33.97
CA VAL D 18 14.10 -18.65 32.97
C VAL D 18 13.18 -17.55 33.46
N ALA D 19 12.09 -17.90 34.14
CA ALA D 19 11.21 -16.89 34.71
C ALA D 19 11.83 -16.14 35.88
N GLN D 20 12.51 -16.86 36.77
CA GLN D 20 13.11 -16.22 37.94
C GLN D 20 14.21 -15.24 37.55
N GLY D 21 14.99 -15.57 36.53
CA GLY D 21 16.03 -14.67 36.07
C GLY D 21 15.50 -13.35 35.60
N VAL D 22 14.44 -13.37 34.79
CA VAL D 22 13.82 -12.14 34.33
C VAL D 22 13.21 -11.37 35.50
N PHE D 23 12.53 -12.10 36.39
CA PHE D 23 11.84 -11.45 37.50
C PHE D 23 12.81 -10.73 38.44
N LEU D 24 13.93 -11.37 38.77
CA LEU D 24 14.88 -10.77 39.69
C LEU D 24 15.53 -9.51 39.13
N PHE D 25 15.73 -9.42 37.80
CA PHE D 25 16.28 -8.22 37.20
C PHE D 25 15.26 -7.11 37.09
N LEU D 26 14.01 -7.45 36.75
CA LEU D 26 12.96 -6.44 36.57
C LEU D 26 12.40 -6.03 37.94
N LEU D 27 13.15 -6.37 38.98
CA LEU D 27 12.83 -5.94 40.32
C LEU D 27 13.94 -5.02 40.82
N ALA D 28 15.19 -5.43 40.64
CA ALA D 28 16.31 -4.58 41.01
C ALA D 28 16.33 -3.30 40.17
N ALA D 29 16.03 -3.42 38.87
CA ALA D 29 15.99 -2.23 38.04
C ALA D 29 14.91 -1.27 38.51
N MET D 30 13.73 -1.77 38.88
CA MET D 30 12.65 -0.89 39.31
C MET D 30 12.95 -0.27 40.67
N ILE D 31 13.56 -1.02 41.59
CA ILE D 31 13.93 -0.44 42.87
C ILE D 31 14.97 0.67 42.67
N HIS D 32 15.98 0.43 41.83
CA HIS D 32 16.96 1.47 41.54
C HIS D 32 16.30 2.70 40.91
N LEU D 33 15.37 2.48 39.99
CA LEU D 33 14.65 3.59 39.36
C LEU D 33 13.85 4.39 40.37
N VAL D 34 13.17 3.70 41.29
CA VAL D 34 12.38 4.38 42.32
C VAL D 34 13.29 5.22 43.21
N LEU D 35 14.43 4.64 43.60
CA LEU D 35 15.40 5.40 44.40
C LEU D 35 15.88 6.63 43.65
N LEU D 36 16.07 6.53 42.33
CA LEU D 36 16.52 7.66 41.55
C LEU D 36 15.42 8.72 41.42
N SER D 37 14.16 8.30 41.34
CA SER D 37 13.08 9.22 40.98
C SER D 37 12.70 10.15 42.12
N THR D 38 12.94 9.76 43.37
CA THR D 38 12.51 10.59 44.50
C THR D 38 13.27 11.91 44.50
N GLU D 39 12.84 12.81 45.41
CA GLU D 39 13.46 14.13 45.50
C GLU D 39 14.95 14.00 45.82
N HIS D 40 15.30 13.11 46.74
CA HIS D 40 16.69 12.78 47.00
C HIS D 40 16.83 11.26 46.94
N PHE D 41 18.02 10.78 47.31
CA PHE D 41 18.52 9.46 46.95
C PHE D 41 18.85 9.40 45.46
N ASN D 42 18.89 10.55 44.81
CA ASN D 42 19.46 10.70 43.49
C ASN D 42 20.95 10.95 43.69
N TRP D 43 21.74 9.86 43.74
CA TRP D 43 23.14 9.99 44.09
C TRP D 43 23.95 10.76 43.07
N PHE D 44 23.44 10.92 41.84
CA PHE D 44 24.08 11.81 40.88
C PHE D 44 23.96 13.27 41.32
N GLU D 45 22.75 13.70 41.68
CA GLU D 45 22.54 15.09 42.08
C GLU D 45 23.18 15.42 43.42
N LEU D 46 23.30 14.44 44.31
CA LEU D 46 23.96 14.69 45.59
C LEU D 46 25.43 15.04 45.37
N ALA D 47 26.10 14.37 44.44
CA ALA D 47 27.49 14.68 44.14
C ALA D 47 27.64 16.08 43.56
N ALA D 48 26.72 16.49 42.69
CA ALA D 48 26.75 17.86 42.18
C ALA D 48 26.52 18.87 43.30
N ALA D 49 25.57 18.58 44.20
CA ALA D 49 25.31 19.47 45.32
C ALA D 49 26.45 19.46 46.34
N ASN D 50 27.16 18.35 46.47
CA ASN D 50 28.29 18.27 47.39
C ASN D 50 29.53 18.99 46.88
N ALA D 51 29.75 19.00 45.58
CA ALA D 51 30.94 19.63 45.01
C ALA D 51 30.61 21.01 44.43
N LYS E 1 -30.91 -22.16 -57.03
CA LYS E 1 -30.97 -23.52 -56.50
C LYS E 1 -29.67 -24.07 -55.95
N TRP E 2 -29.28 -23.60 -54.77
CA TRP E 2 -28.09 -24.13 -54.11
C TRP E 2 -28.38 -24.45 -52.67
N PHE E 3 -28.90 -25.65 -52.42
CA PHE E 3 -29.14 -26.09 -51.06
C PHE E 3 -28.09 -27.12 -50.82
N ASP E 4 -27.41 -27.51 -51.88
CA ASP E 4 -26.39 -28.51 -51.76
C ASP E 4 -25.09 -27.87 -51.39
N GLU E 5 -25.07 -26.57 -51.16
CA GLU E 5 -23.86 -25.95 -50.68
C GLU E 5 -23.99 -25.84 -49.16
N TRP E 6 -25.14 -25.40 -48.68
CA TRP E 6 -25.27 -25.20 -47.26
C TRP E 6 -25.24 -26.50 -46.49
N ASN E 7 -26.06 -27.45 -46.90
CA ASN E 7 -26.15 -28.68 -46.15
C ASN E 7 -24.86 -29.42 -46.25
N SER E 8 -24.13 -29.24 -47.34
CA SER E 8 -22.83 -29.87 -47.44
C SER E 8 -21.76 -29.20 -46.58
N LYS E 9 -21.73 -27.87 -46.51
CA LYS E 9 -20.68 -27.15 -45.74
C LYS E 9 -21.27 -26.35 -44.60
N ASN E 10 -21.41 -26.95 -43.42
CA ASN E 10 -22.09 -26.24 -42.32
C ASN E 10 -21.23 -25.68 -41.17
N PRO E 11 -21.43 -24.38 -40.76
CA PRO E 11 -20.69 -23.91 -39.57
C PRO E 11 -21.65 -23.24 -38.58
N THR E 12 -21.26 -22.11 -37.96
CA THR E 12 -22.19 -21.38 -37.11
C THR E 12 -22.41 -20.01 -37.68
N ASP E 13 -23.64 -19.69 -38.04
CA ASP E 13 -23.93 -18.37 -38.50
C ASP E 13 -23.75 -17.36 -37.38
N ILE E 14 -24.50 -17.54 -36.30
CA ILE E 14 -24.47 -16.60 -35.19
C ILE E 14 -23.30 -16.68 -34.23
N TYR E 15 -22.16 -16.14 -34.61
CA TYR E 15 -21.02 -16.10 -33.71
C TYR E 15 -20.37 -14.76 -33.91
N LYS E 16 -20.12 -14.39 -35.15
CA LYS E 16 -19.61 -13.06 -35.41
C LYS E 16 -20.60 -11.92 -35.06
N PRO E 17 -21.91 -12.08 -35.34
CA PRO E 17 -22.83 -11.05 -34.91
C PRO E 17 -22.86 -10.91 -33.41
N ALA E 18 -22.76 -12.00 -32.68
CA ALA E 18 -22.70 -11.91 -31.24
C ALA E 18 -21.53 -11.08 -30.75
N ILE E 19 -20.44 -11.03 -31.51
CA ILE E 19 -19.30 -10.17 -31.16
C ILE E 19 -19.69 -8.73 -31.36
N VAL E 20 -20.11 -8.36 -32.56
CA VAL E 20 -20.57 -7.01 -32.84
C VAL E 20 -21.57 -6.57 -31.79
N VAL E 21 -22.54 -7.42 -31.46
CA VAL E 21 -23.59 -7.08 -30.51
C VAL E 21 -23.16 -6.89 -29.07
N GLY E 22 -22.17 -7.64 -28.59
CA GLY E 22 -21.67 -7.50 -27.24
C GLY E 22 -20.61 -6.42 -27.18
N VAL E 23 -20.32 -5.77 -28.31
CA VAL E 23 -19.36 -4.67 -28.36
C VAL E 23 -20.02 -3.30 -28.27
N ALA E 24 -21.06 -3.06 -29.06
CA ALA E 24 -21.66 -1.76 -29.07
C ALA E 24 -22.80 -1.77 -28.16
N GLY E 25 -23.61 -2.79 -28.28
CA GLY E 25 -24.79 -2.87 -27.46
C GLY E 25 -24.30 -3.00 -26.06
N GLY E 26 -23.21 -3.70 -25.93
CA GLY E 26 -22.68 -3.85 -24.64
C GLY E 26 -21.94 -2.65 -24.18
N ALA E 27 -20.72 -2.55 -24.60
CA ALA E 27 -19.90 -1.48 -24.06
C ALA E 27 -20.40 -0.07 -24.37
N VAL E 28 -20.51 0.28 -25.66
CA VAL E 28 -20.89 1.66 -26.01
C VAL E 28 -22.15 2.15 -25.29
N PHE E 29 -23.26 1.45 -25.40
CA PHE E 29 -24.53 1.91 -24.81
C PHE E 29 -24.58 2.06 -23.29
N ALA E 30 -23.89 1.19 -22.58
CA ALA E 30 -23.87 1.27 -21.14
C ALA E 30 -22.96 2.38 -20.67
N ALA E 31 -21.91 2.66 -21.43
CA ALA E 31 -21.03 3.78 -21.10
C ALA E 31 -21.86 5.03 -21.09
N ALA E 32 -22.74 5.17 -22.06
CA ALA E 32 -23.60 6.33 -22.11
C ALA E 32 -24.41 6.46 -20.85
N LEU E 33 -25.11 5.41 -20.47
CA LEU E 33 -25.87 5.47 -19.23
C LEU E 33 -25.04 5.93 -18.03
N LEU E 34 -23.90 5.29 -17.77
CA LEU E 34 -23.04 5.67 -16.65
C LEU E 34 -22.54 7.12 -16.73
N VAL E 35 -22.08 7.58 -17.87
CA VAL E 35 -21.70 8.99 -17.91
C VAL E 35 -22.92 9.88 -17.73
N SER E 36 -23.99 9.63 -18.46
CA SER E 36 -25.15 10.52 -18.36
C SER E 36 -25.92 10.31 -17.06
N MET E 37 -25.31 9.68 -16.07
CA MET E 37 -25.99 9.51 -14.78
C MET E 37 -25.51 10.56 -13.78
N GLY E 38 -24.20 10.79 -13.72
CA GLY E 38 -23.63 11.74 -12.77
C GLY E 38 -23.40 13.12 -13.32
N GLN E 39 -23.06 13.22 -14.60
CA GLN E 39 -22.74 14.50 -15.25
C GLN E 39 -23.92 15.45 -15.40
N PRO E 40 -25.16 14.97 -15.56
CA PRO E 40 -26.30 15.90 -15.60
C PRO E 40 -26.33 16.93 -14.47
N LEU E 41 -25.73 16.62 -13.32
CA LEU E 41 -25.63 17.58 -12.21
C LEU E 41 -24.21 18.14 -12.21
N ALA E 42 -24.03 19.28 -12.89
CA ALA E 42 -22.73 19.92 -12.98
C ALA E 42 -22.39 20.64 -11.68
N THR E 43 -21.09 20.76 -11.42
CA THR E 43 -20.57 21.31 -10.18
C THR E 43 -19.41 22.26 -10.51
N ASP E 44 -19.31 23.34 -9.75
CA ASP E 44 -18.19 24.26 -9.84
C ASP E 44 -17.54 24.41 -8.47
N SER E 45 -16.23 24.65 -8.47
CA SER E 45 -15.44 24.65 -7.24
C SER E 45 -14.64 25.94 -7.13
N MET E 46 -14.45 26.39 -5.89
CA MET E 46 -13.70 27.61 -5.59
C MET E 46 -12.42 27.24 -4.87
N GLN E 47 -11.29 27.68 -5.41
CA GLN E 47 -9.97 27.35 -4.84
C GLN E 47 -9.62 28.31 -3.70
N THR E 48 -9.19 27.75 -2.57
CA THR E 48 -8.84 28.53 -1.40
C THR E 48 -7.42 28.25 -0.90
N GLY E 49 -6.61 27.52 -1.66
CA GLY E 49 -5.27 27.19 -1.22
C GLY E 49 -4.35 26.82 -2.37
N PRO E 50 -3.10 26.49 -2.03
CA PRO E 50 -2.12 26.13 -3.08
C PRO E 50 -2.53 24.87 -3.84
N ARG E 51 -2.07 24.79 -5.09
CA ARG E 51 -2.48 23.70 -5.96
C ARG E 51 -1.94 22.37 -5.46
N GLY E 52 -2.80 21.35 -5.49
CA GLY E 52 -2.46 20.01 -5.07
C GLY E 52 -2.78 19.68 -3.62
N THR E 53 -3.12 20.68 -2.81
CA THR E 53 -3.39 20.46 -1.39
C THR E 53 -4.83 20.02 -1.11
N GLY E 54 -5.72 20.09 -2.09
CA GLY E 54 -7.10 19.70 -1.88
C GLY E 54 -7.98 20.72 -1.21
N MET E 55 -7.58 22.00 -1.17
CA MET E 55 -8.34 23.04 -0.50
C MET E 55 -9.26 23.71 -1.52
N SER E 56 -10.54 23.33 -1.52
CA SER E 56 -11.52 23.92 -2.41
C SER E 56 -12.91 23.67 -1.85
N VAL E 57 -13.89 24.41 -2.41
CA VAL E 57 -15.28 24.35 -1.96
C VAL E 57 -16.18 24.00 -3.14
N PRO E 58 -16.83 22.84 -3.16
CA PRO E 58 -17.71 22.48 -4.28
C PRO E 58 -19.13 22.98 -4.09
N GLU E 59 -19.80 23.28 -5.21
CA GLU E 59 -21.16 23.78 -5.21
C GLU E 59 -21.86 23.36 -6.50
N PHE E 60 -23.16 23.10 -6.40
CA PHE E 60 -23.94 22.77 -7.60
C PHE E 60 -24.18 24.03 -8.42
N VAL E 61 -24.06 23.88 -9.75
CA VAL E 61 -24.18 25.03 -10.65
C VAL E 61 -25.59 25.61 -10.61
N SER E 62 -26.61 24.76 -10.59
CA SER E 62 -27.98 25.23 -10.50
C SER E 62 -28.27 25.96 -9.20
N ASP E 63 -27.60 25.60 -8.11
CA ASP E 63 -27.74 26.33 -6.85
C ASP E 63 -27.07 27.69 -6.89
N LEU E 64 -25.97 27.83 -7.64
CA LEU E 64 -25.29 29.10 -7.74
C LEU E 64 -26.11 30.14 -8.50
N ASP E 65 -27.07 29.71 -9.31
CA ASP E 65 -27.90 30.61 -10.09
C ASP E 65 -29.19 30.99 -9.39
N THR E 66 -29.43 30.47 -8.19
CA THR E 66 -30.62 30.85 -7.42
C THR E 66 -30.19 31.79 -6.32
N PRO E 67 -30.50 33.08 -6.40
CA PRO E 67 -30.04 34.03 -5.37
C PRO E 67 -30.79 33.86 -4.06
N ASP E 68 -30.46 34.70 -3.09
CA ASP E 68 -31.22 34.74 -1.85
C ASP E 68 -32.62 35.27 -2.15
N PRO E 69 -33.68 34.52 -1.87
CA PRO E 69 -35.03 34.99 -2.24
C PRO E 69 -35.45 36.26 -1.52
N THR E 70 -34.82 36.61 -0.41
CA THR E 70 -35.16 37.81 0.34
C THR E 70 -34.50 39.08 -0.20
N ILE E 71 -33.65 38.96 -1.22
CA ILE E 71 -33.01 40.14 -1.78
C ILE E 71 -34.03 41.05 -2.47
N GLU E 72 -34.95 40.46 -3.23
CA GLU E 72 -35.95 41.25 -3.95
C GLU E 72 -36.96 41.89 -3.00
N VAL E 73 -37.15 41.34 -1.81
CA VAL E 73 -38.07 41.93 -0.85
C VAL E 73 -37.50 43.25 -0.31
N PHE E 74 -36.20 43.29 -0.02
CA PHE E 74 -35.60 44.52 0.48
C PHE E 74 -35.65 45.63 -0.55
N LEU E 75 -35.36 45.31 -1.81
CA LEU E 75 -35.34 46.33 -2.85
C LEU E 75 -36.73 46.90 -3.13
N ALA E 76 -37.79 46.21 -2.72
CA ALA E 76 -39.15 46.68 -2.89
C ALA E 76 -39.64 47.49 -1.69
N SER E 77 -38.78 47.75 -0.70
CA SER E 77 -39.19 48.45 0.51
C SER E 77 -38.20 49.54 0.90
N THR E 78 -37.27 49.90 0.03
CA THR E 78 -36.25 50.89 0.34
C THR E 78 -36.50 52.15 -0.49
N SER E 79 -35.92 53.26 -0.04
CA SER E 79 -36.09 54.54 -0.70
C SER E 79 -34.86 55.40 -0.46
N ASP E 80 -34.70 56.42 -1.31
CA ASP E 80 -33.58 57.33 -1.22
C ASP E 80 -33.78 58.32 -0.06
N PRO E 81 -32.69 58.73 0.59
CA PRO E 81 -32.80 59.77 1.62
C PRO E 81 -33.11 61.13 1.01
N VAL E 82 -33.66 62.01 1.84
CA VAL E 82 -34.05 63.35 1.43
C VAL E 82 -33.11 64.35 2.10
N ILE E 83 -32.38 65.11 1.29
CA ILE E 83 -31.38 66.04 1.82
C ILE E 83 -32.07 67.12 2.62
N PRO E 84 -31.68 67.37 3.88
CA PRO E 84 -32.35 68.40 4.68
C PRO E 84 -32.17 69.79 4.11
N GLU E 85 -33.22 70.60 4.22
CA GLU E 85 -33.19 71.98 3.77
C GLU E 85 -32.78 72.89 4.93
N GLU E 86 -32.84 74.20 4.71
CA GLU E 86 -32.39 75.18 5.68
C GLU E 86 -33.49 75.42 6.71
N GLY E 87 -33.24 75.03 7.95
CA GLY E 87 -34.21 75.22 9.01
C GLY E 87 -35.49 74.44 8.82
N ALA E 88 -35.38 73.20 8.35
CA ALA E 88 -36.56 72.37 8.15
C ALA E 88 -37.17 71.97 9.48
N GLN E 89 -38.48 71.75 9.46
CA GLN E 89 -39.18 71.33 10.67
C GLN E 89 -38.76 69.92 11.07
N THR E 90 -38.57 69.72 12.37
CA THR E 90 -38.15 68.43 12.89
C THR E 90 -39.36 67.60 13.31
N ALA E 91 -39.12 66.32 13.56
CA ALA E 91 -40.19 65.43 14.01
C ALA E 91 -40.62 65.71 15.44
N GLY E 92 -39.72 66.28 16.27
CA GLY E 92 -40.08 66.55 17.65
C GLY E 92 -41.15 67.62 17.78
N GLU E 93 -41.13 68.62 16.90
CA GLU E 93 -42.07 69.73 16.98
C GLU E 93 -43.44 69.40 16.39
N ALA E 94 -43.60 68.25 15.74
CA ALA E 94 -44.87 67.87 15.15
C ALA E 94 -45.61 66.78 15.91
N TYR E 95 -44.92 66.00 16.73
CA TYR E 95 -45.54 64.93 17.50
C TYR E 95 -44.91 64.90 18.89
N GLU E 96 -45.16 63.82 19.63
CA GLU E 96 -44.58 63.58 20.95
C GLU E 96 -43.83 62.25 20.89
N ASN E 97 -42.54 62.31 20.60
CA ASN E 97 -41.73 61.14 20.27
C ASN E 97 -40.53 61.02 21.22
N VAL E 98 -39.75 59.98 20.99
CA VAL E 98 -38.65 59.72 21.89
C VAL E 98 -37.43 60.40 21.35
N ASP E 99 -36.56 60.81 22.25
CA ASP E 99 -35.34 61.47 21.85
C ASP E 99 -34.41 60.90 20.77
N PRO E 100 -34.26 59.57 20.66
CA PRO E 100 -33.38 59.13 19.57
C PRO E 100 -33.86 59.47 18.19
N VAL E 101 -35.15 59.59 17.97
CA VAL E 101 -35.68 59.83 16.64
C VAL E 101 -36.35 61.19 16.63
N LEU E 102 -36.12 61.99 17.65
CA LEU E 102 -36.76 63.31 17.80
C LEU E 102 -36.13 64.37 16.92
N ALA E 103 -34.80 64.34 16.75
CA ALA E 103 -34.09 65.36 16.01
C ALA E 103 -34.03 65.09 14.51
N ASP E 104 -34.57 63.96 14.05
CA ASP E 104 -34.66 63.70 12.63
C ASP E 104 -35.57 64.75 11.98
N LEU E 105 -35.54 64.79 10.65
CA LEU E 105 -36.47 65.63 9.92
C LEU E 105 -37.87 65.01 9.95
N THR E 106 -38.80 65.67 9.26
CA THR E 106 -40.14 65.12 9.17
C THR E 106 -40.25 64.07 8.07
N VAL E 107 -39.75 64.39 6.88
CA VAL E 107 -39.84 63.47 5.75
C VAL E 107 -39.02 62.20 6.02
N GLU E 108 -37.85 62.37 6.62
CA GLU E 108 -37.08 61.20 7.06
C GLU E 108 -37.84 60.40 8.10
N ASN E 109 -38.55 61.07 9.00
CA ASN E 109 -39.32 60.36 10.02
C ASN E 109 -40.40 59.49 9.39
N TYR E 110 -41.14 60.03 8.40
CA TYR E 110 -42.08 59.16 7.70
C TYR E 110 -41.38 58.03 6.94
N ASP E 111 -40.37 58.34 6.15
CA ASP E 111 -39.77 57.30 5.32
C ASP E 111 -39.02 56.25 6.12
N ARG E 112 -38.73 56.51 7.40
CA ARG E 112 -38.08 55.54 8.25
C ARG E 112 -39.08 54.78 9.11
N LEU E 113 -40.04 55.48 9.70
CA LEU E 113 -40.96 54.82 10.63
C LEU E 113 -41.79 53.74 9.93
N LEU E 114 -42.50 54.11 8.87
CA LEU E 114 -43.41 53.16 8.24
C LEU E 114 -42.72 52.40 7.11
N ALA E 115 -42.10 53.12 6.19
CA ALA E 115 -41.54 52.48 4.99
C ALA E 115 -40.45 51.48 5.32
N ALA E 116 -39.83 51.57 6.49
CA ALA E 116 -38.74 50.68 6.84
C ALA E 116 -39.06 49.77 8.02
N MET E 117 -39.36 50.32 9.19
CA MET E 117 -39.41 49.51 10.40
C MET E 117 -40.69 48.70 10.51
N ARG E 118 -41.83 49.24 10.10
CA ARG E 118 -43.09 48.50 10.19
C ARG E 118 -43.21 47.43 9.13
N SER E 119 -42.33 47.42 8.13
CA SER E 119 -42.31 46.35 7.13
C SER E 119 -41.15 45.40 7.29
N TRP E 120 -40.03 45.84 7.83
CA TRP E 120 -38.88 44.98 8.01
C TRP E 120 -39.10 44.06 9.19
N THR E 121 -39.91 44.46 10.16
CA THR E 121 -40.29 43.56 11.25
C THR E 121 -41.72 43.57 10.82
N GLY E 122 -42.52 42.57 11.06
CA GLY E 122 -43.87 42.64 10.53
C GLY E 122 -44.90 43.24 11.43
N ILE E 123 -44.58 44.32 12.13
CA ILE E 123 -45.48 44.89 13.12
C ILE E 123 -46.08 46.15 12.55
N PRO E 124 -47.36 46.10 12.17
CA PRO E 124 -47.98 47.23 11.48
C PRO E 124 -48.30 48.46 12.31
N ASP E 125 -48.38 48.34 13.63
CA ASP E 125 -48.65 49.47 14.48
C ASP E 125 -47.48 49.74 15.38
N LEU E 126 -46.27 49.44 14.94
CA LEU E 126 -45.10 49.60 15.78
C LEU E 126 -44.88 51.07 16.15
N LEU E 127 -44.47 51.29 17.40
CA LEU E 127 -44.15 52.63 17.92
C LEU E 127 -45.35 53.58 17.83
N GLU E 128 -46.56 53.05 18.01
CA GLU E 128 -47.76 53.87 18.09
C GLU E 128 -48.08 54.21 19.54
N ASP E 129 -48.20 53.18 20.39
CA ASP E 129 -48.37 53.37 21.82
C ASP E 129 -47.00 53.34 22.48
N PRO E 130 -46.57 54.43 23.14
CA PRO E 130 -45.23 54.43 23.76
C PRO E 130 -45.08 53.46 24.91
N ASP E 131 -46.17 52.94 25.47
CA ASP E 131 -46.10 52.04 26.62
C ASP E 131 -46.01 50.58 26.25
N HIS E 132 -46.19 50.23 24.98
CA HIS E 132 -46.06 48.84 24.56
C HIS E 132 -44.62 48.36 24.70
N TYR E 133 -44.45 47.08 25.01
CA TYR E 133 -43.11 46.54 25.18
C TYR E 133 -42.35 46.51 23.85
N GLN E 134 -43.07 46.37 22.74
CA GLN E 134 -42.41 46.36 21.43
C GLN E 134 -41.76 47.70 21.12
N SER E 135 -42.42 48.81 21.49
CA SER E 135 -41.82 50.13 21.27
C SER E 135 -40.56 50.31 22.10
N LYS E 136 -40.59 49.87 23.37
CA LYS E 136 -39.42 49.99 24.23
C LYS E 136 -38.27 49.14 23.71
N VAL E 137 -38.57 47.97 23.15
CA VAL E 137 -37.51 47.14 22.58
C VAL E 137 -36.96 47.78 21.30
N ALA E 138 -37.84 48.34 20.48
CA ALA E 138 -37.38 48.93 19.21
C ALA E 138 -36.49 50.13 19.44
N ILE E 139 -36.78 50.92 20.49
CA ILE E 139 -35.93 52.06 20.81
C ILE E 139 -34.50 51.61 21.10
N ASN E 140 -34.35 50.54 21.87
CA ASN E 140 -33.02 50.02 22.15
C ASN E 140 -32.39 49.39 20.91
N MET E 141 -33.21 48.77 20.06
CA MET E 141 -32.66 48.11 18.87
C MET E 141 -32.11 49.12 17.88
N ILE E 142 -32.68 50.31 17.82
CA ILE E 142 -32.12 51.36 16.96
C ILE E 142 -30.70 51.68 17.39
N GLN E 143 -30.48 51.86 18.69
CA GLN E 143 -29.16 52.18 19.20
C GLN E 143 -28.19 51.01 19.02
N MET E 144 -28.68 49.78 19.19
CA MET E 144 -27.83 48.62 18.95
C MET E 144 -27.37 48.56 17.49
N ASN E 145 -28.28 48.84 16.56
CA ASN E 145 -27.93 48.84 15.14
C ASN E 145 -26.91 49.93 14.83
N GLN E 146 -27.10 51.13 15.39
CA GLN E 146 -26.13 52.20 15.20
C GLN E 146 -24.76 51.79 15.72
N THR E 147 -24.71 51.17 16.90
CA THR E 147 -23.43 50.74 17.47
C THR E 147 -22.76 49.69 16.59
N ILE E 148 -23.54 48.74 16.07
CA ILE E 148 -22.96 47.72 15.18
C ILE E 148 -22.35 48.38 13.96
N ASN E 149 -23.09 49.30 13.34
CA ASN E 149 -22.59 49.94 12.13
C ASN E 149 -21.40 50.85 12.38
N GLU E 150 -21.26 51.38 13.60
CA GLU E 150 -20.19 52.33 13.87
C GLU E 150 -18.92 51.68 14.42
N GLU E 151 -19.04 50.89 15.49
CA GLU E 151 -17.88 50.42 16.23
C GLU E 151 -17.42 49.02 15.83
N TRP E 152 -18.07 48.37 14.88
CA TRP E 152 -17.66 47.04 14.43
C TRP E 152 -17.50 46.99 12.92
N ALA E 153 -17.00 48.08 12.33
CA ALA E 153 -16.82 48.15 10.89
C ALA E 153 -15.76 47.19 10.38
N GLY E 154 -14.87 46.71 11.26
CA GLY E 154 -13.87 45.74 10.84
C GLY E 154 -14.45 44.41 10.42
N HIS E 155 -15.69 44.13 10.81
CA HIS E 155 -16.38 42.90 10.43
C HIS E 155 -17.44 43.13 9.37
N VAL E 156 -18.35 44.09 9.59
CA VAL E 156 -19.43 44.31 8.63
C VAL E 156 -18.96 45.03 7.38
N TYR E 157 -17.86 45.77 7.44
CA TYR E 157 -17.26 46.42 6.28
C TYR E 157 -15.92 45.79 5.91
N ALA E 158 -15.83 44.46 5.99
CA ALA E 158 -14.54 43.79 5.82
C ALA E 158 -13.99 43.97 4.40
N ASN E 159 -14.83 43.81 3.39
CA ASN E 159 -14.40 43.92 2.01
C ASN E 159 -14.99 45.11 1.26
N ALA E 160 -16.22 45.51 1.59
CA ALA E 160 -16.89 46.59 0.89
C ALA E 160 -17.91 47.20 1.84
N GLU E 161 -18.77 48.07 1.31
CA GLU E 161 -19.80 48.73 2.10
C GLU E 161 -21.00 47.80 2.23
N VAL E 162 -21.07 47.05 3.33
CA VAL E 162 -22.19 46.17 3.64
C VAL E 162 -22.56 46.45 5.10
N GLY E 163 -23.71 47.05 5.33
CA GLY E 163 -24.16 47.37 6.67
C GLY E 163 -25.08 46.31 7.25
N VAL E 164 -25.80 46.71 8.28
CA VAL E 164 -26.89 45.90 8.83
C VAL E 164 -28.08 46.82 9.08
N THR E 165 -29.27 46.35 8.74
CA THR E 165 -30.51 47.05 9.09
C THR E 165 -31.43 46.09 9.82
N CYS E 166 -32.69 46.48 10.02
CA CYS E 166 -33.66 45.56 10.59
C CYS E 166 -33.86 44.36 9.68
N PHE E 167 -33.90 44.58 8.37
CA PHE E 167 -34.06 43.51 7.40
C PHE E 167 -32.74 42.80 7.16
N THR E 168 -32.11 42.35 8.23
CA THR E 168 -30.94 41.49 8.21
C THR E 168 -31.09 40.33 9.18
N CYS E 169 -31.66 40.56 10.36
CA CYS E 169 -32.08 39.49 11.26
C CYS E 169 -33.57 39.23 11.13
N HIS E 170 -34.39 40.25 11.31
CA HIS E 170 -35.77 40.19 10.86
C HIS E 170 -35.80 40.15 9.34
N ARG E 171 -36.71 39.36 8.79
CA ARG E 171 -36.98 39.35 7.36
C ARG E 171 -38.48 39.41 7.14
N GLY E 172 -39.13 40.34 7.82
CA GLY E 172 -40.57 40.42 7.85
C GLY E 172 -41.22 39.74 9.03
N GLN E 173 -40.45 39.31 10.02
CA GLN E 173 -40.97 38.60 11.18
C GLN E 173 -40.64 39.37 12.45
N ALA E 174 -41.55 39.29 13.43
CA ALA E 174 -41.29 39.90 14.73
C ALA E 174 -40.16 39.19 15.46
N VAL E 175 -40.11 37.86 15.38
CA VAL E 175 -39.07 37.06 15.99
C VAL E 175 -38.14 36.57 14.89
N PRO E 176 -36.89 37.01 14.84
CA PRO E 176 -35.98 36.56 13.78
C PRO E 176 -35.74 35.06 13.86
N SER E 177 -35.55 34.45 12.70
CA SER E 177 -35.24 33.03 12.67
C SER E 177 -33.81 32.78 13.15
N GLU E 178 -33.55 31.52 13.51
CA GLU E 178 -32.23 31.08 13.96
C GLU E 178 -31.80 31.78 15.26
N VAL E 179 -32.65 31.69 16.27
CA VAL E 179 -32.29 32.08 17.62
C VAL E 179 -32.23 30.82 18.47
N TRP E 180 -31.37 30.83 19.48
CA TRP E 180 -31.08 29.62 20.25
C TRP E 180 -31.31 29.85 21.72
N TYR E 181 -31.62 28.75 22.42
CA TYR E 181 -31.80 28.72 23.87
C TYR E 181 -30.83 27.71 24.47
N ARG E 182 -30.83 27.61 25.79
CA ARG E 182 -29.99 26.65 26.50
C ARG E 182 -30.76 25.35 26.71
N ILE E 183 -30.16 24.24 26.30
CA ILE E 183 -30.79 22.93 26.33
C ILE E 183 -29.86 21.89 26.97
N ASP E 184 -28.91 22.34 27.78
CA ASP E 184 -27.71 21.55 28.07
C ASP E 184 -27.97 20.13 28.57
N PRO E 185 -28.88 19.87 29.52
CA PRO E 185 -29.16 18.46 29.84
C PRO E 185 -30.01 17.81 28.77
N VAL E 186 -29.38 16.99 27.93
CA VAL E 186 -30.06 16.41 26.77
C VAL E 186 -30.42 14.95 26.97
N THR E 187 -29.82 14.28 27.96
CA THR E 187 -30.18 12.92 28.34
C THR E 187 -30.53 12.91 29.82
N GLU E 188 -31.25 11.87 30.23
CA GLU E 188 -31.62 11.69 31.63
C GLU E 188 -30.63 10.77 32.33
N ASN E 189 -30.57 10.90 33.66
CA ASN E 189 -29.76 10.04 34.52
C ASN E 189 -28.28 10.14 34.17
N THR E 190 -27.83 11.34 33.85
CA THR E 190 -26.42 11.60 33.54
C THR E 190 -25.99 12.86 34.27
N SER E 191 -24.69 12.98 34.51
CA SER E 191 -24.25 14.05 35.40
C SER E 191 -23.22 15.00 34.82
N GLY E 192 -22.23 14.51 34.08
CA GLY E 192 -21.10 15.37 33.72
C GLY E 192 -20.93 15.61 32.23
N TRP E 193 -19.79 15.16 31.68
CA TRP E 193 -19.61 15.20 30.24
C TRP E 193 -20.59 14.28 29.52
N ALA E 194 -21.18 13.32 30.23
CA ALA E 194 -22.19 12.43 29.66
C ALA E 194 -23.56 13.08 29.53
N SER E 195 -23.72 14.29 30.06
CA SER E 195 -25.01 14.94 30.12
C SER E 195 -25.28 15.90 28.96
N VAL E 196 -24.34 16.08 28.04
CA VAL E 196 -24.45 17.17 27.08
C VAL E 196 -24.35 16.71 25.62
N GLN E 197 -23.89 15.48 25.36
CA GLN E 197 -23.50 15.16 24.00
C GLN E 197 -24.29 14.04 23.33
N ASN E 198 -24.40 12.86 23.94
CA ASN E 198 -24.70 11.66 23.16
C ASN E 198 -26.16 11.61 22.69
N ARG E 199 -26.53 12.53 21.80
CA ARG E 199 -27.90 12.64 21.29
C ARG E 199 -27.90 13.59 20.11
N ALA E 200 -28.75 13.30 19.12
CA ALA E 200 -28.92 14.17 17.96
C ALA E 200 -30.01 15.19 18.29
N THR E 201 -29.60 16.41 18.57
CA THR E 201 -30.49 17.47 19.02
C THR E 201 -30.53 18.59 17.98
N SER E 202 -31.28 19.65 18.30
CA SER E 202 -31.43 20.78 17.41
C SER E 202 -30.21 21.70 17.40
N LEU E 203 -29.31 21.57 18.37
CA LEU E 203 -28.09 22.36 18.40
C LEU E 203 -26.88 21.61 17.86
N SER E 204 -26.77 20.31 18.14
CA SER E 204 -25.76 19.50 17.48
C SER E 204 -26.12 19.35 16.00
N GLN E 205 -25.11 19.48 15.14
CA GLN E 205 -25.34 19.57 13.70
C GLN E 205 -25.42 18.17 13.09
N PHE E 206 -26.49 17.47 13.44
CA PHE E 206 -26.78 16.10 13.03
C PHE E 206 -25.79 15.08 13.57
N THR E 207 -24.86 15.50 14.42
CA THR E 207 -23.87 14.63 15.02
C THR E 207 -24.22 14.34 16.47
N SER E 208 -23.42 13.47 17.09
CA SER E 208 -23.54 13.18 18.51
C SER E 208 -22.53 13.98 19.33
N LEU E 209 -21.96 15.03 18.74
CA LEU E 209 -21.02 15.91 19.42
C LEU E 209 -21.76 16.77 20.44
N PRO E 210 -21.04 17.37 21.39
CA PRO E 210 -21.71 18.10 22.48
C PRO E 210 -22.62 19.21 21.99
N SER E 211 -23.77 19.34 22.65
CA SER E 211 -24.70 20.45 22.46
C SER E 211 -24.41 21.60 23.42
N ASP E 212 -23.30 21.52 24.15
CA ASP E 212 -22.93 22.54 25.12
C ASP E 212 -22.39 23.81 24.50
N ALA E 213 -21.91 23.75 23.26
CA ALA E 213 -21.31 24.91 22.64
C ALA E 213 -22.35 26.00 22.40
N LEU E 214 -21.87 27.19 22.05
CA LEU E 214 -22.64 28.41 21.86
C LEU E 214 -23.08 29.00 23.19
N TYR E 215 -22.96 28.24 24.28
CA TYR E 215 -23.28 28.71 25.61
C TYR E 215 -22.06 28.91 26.48
N GLN E 216 -21.00 28.14 26.23
CA GLN E 216 -19.73 28.35 26.89
C GLN E 216 -18.80 29.25 26.08
N TYR E 217 -18.99 29.32 24.78
CA TYR E 217 -18.09 30.06 23.89
C TYR E 217 -18.66 31.40 23.46
N LEU E 218 -19.90 31.43 22.97
CA LEU E 218 -20.47 32.65 22.41
C LEU E 218 -21.32 33.44 23.42
N LEU E 219 -21.55 32.90 24.61
CA LEU E 219 -22.17 33.65 25.70
C LEU E 219 -21.21 33.83 26.87
N ASN E 220 -20.62 32.75 27.35
CA ASN E 220 -19.54 32.81 28.31
C ASN E 220 -18.21 32.96 27.58
N TYR E 221 -17.12 33.00 28.33
CA TYR E 221 -15.78 33.22 27.78
C TYR E 221 -14.90 32.05 28.19
N GLU E 222 -14.89 31.01 27.37
CA GLU E 222 -14.08 29.83 27.60
C GLU E 222 -13.10 29.65 26.45
N GLN E 223 -11.94 29.05 26.75
CA GLN E 223 -10.90 28.90 25.74
C GLN E 223 -11.33 27.92 24.66
N ILE E 224 -11.05 28.27 23.40
CA ILE E 224 -11.42 27.44 22.26
C ILE E 224 -10.21 26.62 21.81
N ALA E 225 -9.02 27.16 21.96
CA ALA E 225 -7.80 26.48 21.53
C ALA E 225 -7.50 25.26 22.40
N VAL E 226 -6.95 24.22 21.77
CA VAL E 226 -6.71 22.95 22.46
C VAL E 226 -5.31 22.41 22.19
N HIS E 227 -4.60 23.00 21.23
CA HIS E 227 -3.35 22.43 20.76
C HIS E 227 -2.18 22.76 21.71
N ASP E 228 -1.15 21.92 21.65
CA ASP E 228 0.12 22.18 22.27
C ASP E 228 1.05 22.84 21.27
N LEU E 229 1.81 23.84 21.73
CA LEU E 229 2.62 24.67 20.84
C LEU E 229 4.08 24.26 20.82
N GLU E 230 4.41 23.09 21.37
CA GLU E 230 5.73 22.49 21.23
C GLU E 230 5.56 21.00 20.98
N SER E 231 6.55 20.41 20.32
CA SER E 231 6.45 18.98 19.98
C SER E 231 6.45 18.11 21.23
N ARG E 232 7.13 18.54 22.30
CA ARG E 232 7.14 17.82 23.56
C ARG E 232 6.90 18.80 24.69
N VAL E 233 5.81 18.61 25.43
CA VAL E 233 5.47 19.43 26.58
C VAL E 233 5.14 18.52 27.76
N GLU E 234 5.19 19.10 28.95
CA GLU E 234 4.84 18.39 30.18
C GLU E 234 3.35 18.58 30.44
N THR E 235 2.58 17.50 30.31
CA THR E 235 1.14 17.56 30.51
C THR E 235 0.82 17.76 31.99
N LEU E 236 -0.15 18.64 32.27
CA LEU E 236 -0.60 18.94 33.61
C LEU E 236 -2.10 18.73 33.72
N PRO E 237 -2.61 18.42 34.92
CA PRO E 237 -4.05 18.45 35.13
C PRO E 237 -4.58 19.86 34.97
N GLY E 238 -5.79 19.97 34.40
CA GLY E 238 -6.35 21.25 34.01
C GLY E 238 -6.08 21.66 32.58
N ASP E 239 -5.22 20.94 31.88
CA ASP E 239 -4.96 21.20 30.47
C ASP E 239 -6.09 20.65 29.61
N PRO E 240 -6.24 21.13 28.37
CA PRO E 240 -7.32 20.63 27.51
C PRO E 240 -7.18 19.14 27.22
N THR E 241 -8.33 18.50 27.06
CA THR E 241 -8.44 17.07 26.75
C THR E 241 -9.17 16.90 25.42
N TRP E 242 -9.47 15.65 25.05
CA TRP E 242 -10.18 15.41 23.81
C TRP E 242 -11.65 15.81 23.90
N GLN E 243 -12.19 15.98 25.10
CA GLN E 243 -13.57 16.44 25.25
C GLN E 243 -13.71 17.92 24.90
N ASN E 244 -12.74 18.74 25.33
CA ASN E 244 -12.71 20.14 24.88
C ASN E 244 -12.56 20.20 23.36
N THR E 245 -11.79 19.28 22.79
CA THR E 245 -11.65 19.21 21.34
C THR E 245 -12.99 18.88 20.69
N GLU E 246 -13.78 17.99 21.29
CA GLU E 246 -15.10 17.70 20.74
C GLU E 246 -16.02 18.92 20.80
N ARG E 247 -15.98 19.67 21.90
CA ARG E 247 -16.79 20.89 21.98
C ARG E 247 -16.39 21.90 20.91
N THR E 248 -15.09 22.08 20.70
CA THR E 248 -14.62 22.97 19.64
C THR E 248 -15.03 22.46 18.27
N TYR E 249 -15.07 21.16 18.07
CA TYR E 249 -15.48 20.56 16.80
C TYR E 249 -16.92 20.82 16.55
N SER E 250 -17.74 20.77 17.57
CA SER E 250 -19.15 21.13 17.42
C SER E 250 -19.32 22.59 17.05
N LEU E 251 -18.56 23.48 17.70
CA LEU E 251 -18.65 24.91 17.36
C LEU E 251 -18.24 25.16 15.91
N MET E 252 -17.19 24.47 15.45
CA MET E 252 -16.73 24.68 14.08
C MET E 252 -17.70 24.10 13.05
N ASN E 253 -18.37 23.00 13.40
CA ASN E 253 -19.46 22.51 12.56
C ASN E 253 -20.57 23.55 12.44
N TYR E 254 -20.89 24.21 13.56
CA TYR E 254 -21.88 25.28 13.51
C TYR E 254 -21.42 26.43 12.62
N PHE E 255 -20.15 26.81 12.71
CA PHE E 255 -19.62 27.87 11.84
C PHE E 255 -19.80 27.51 10.37
N SER E 256 -19.41 26.28 10.00
CA SER E 256 -19.50 25.85 8.61
C SER E 256 -20.94 25.83 8.13
N ASN E 257 -21.87 25.34 8.95
CA ASN E 257 -23.26 25.33 8.53
C ASN E 257 -23.89 26.72 8.55
N SER E 258 -23.31 27.66 9.30
CA SER E 258 -23.81 29.03 9.28
C SER E 258 -23.43 29.76 8.00
N LEU E 259 -22.19 29.57 7.54
CA LEU E 259 -21.79 30.27 6.32
C LEU E 259 -22.09 29.51 5.04
N GLY E 260 -22.47 28.23 5.13
CA GLY E 260 -22.62 27.43 3.93
C GLY E 260 -21.32 27.05 3.27
N ARG E 261 -20.23 27.02 4.02
CA ARG E 261 -18.90 26.70 3.54
C ARG E 261 -18.40 25.44 4.25
N ASN E 262 -17.14 25.07 4.02
CA ASN E 262 -16.56 23.91 4.67
C ASN E 262 -15.34 24.34 5.49
N CYS E 263 -14.61 23.33 5.97
CA CYS E 263 -13.50 23.59 6.89
C CYS E 263 -12.29 24.17 6.17
N VAL E 264 -12.01 23.73 4.95
CA VAL E 264 -10.83 24.23 4.23
C VAL E 264 -11.00 25.70 3.84
N PHE E 265 -12.23 26.20 3.81
CA PHE E 265 -12.45 27.63 3.97
C PHE E 265 -11.96 28.04 5.35
N CYS E 266 -10.94 28.89 5.39
CA CYS E 266 -10.26 29.45 6.56
C CYS E 266 -9.19 28.54 7.17
N HIS E 267 -9.01 27.30 6.71
CA HIS E 267 -8.10 26.38 7.41
C HIS E 267 -7.34 25.50 6.43
N ASN E 268 -6.07 25.28 6.73
CA ASN E 268 -5.31 24.16 6.17
C ASN E 268 -5.32 23.08 7.25
N SER E 269 -6.04 21.99 6.99
CA SER E 269 -6.39 21.03 8.03
C SER E 269 -5.20 20.22 8.54
N ARG E 270 -4.05 20.28 7.87
CA ARG E 270 -2.88 19.57 8.39
C ARG E 270 -2.32 20.24 9.64
N ALA E 271 -2.66 21.51 9.88
CA ALA E 271 -2.24 22.22 11.10
C ALA E 271 -3.31 23.26 11.42
N PHE E 272 -4.25 22.88 12.29
CA PHE E 272 -5.35 23.77 12.65
C PHE E 272 -4.91 24.94 13.53
N TYR E 273 -3.74 24.85 14.14
CA TYR E 273 -3.25 25.83 15.10
C TYR E 273 -2.38 26.92 14.46
N ASP E 274 -1.78 26.65 13.31
CA ASP E 274 -0.67 27.46 12.81
C ASP E 274 -1.17 28.75 12.19
N PRO E 275 -0.79 29.92 12.72
CA PRO E 275 -1.27 31.19 12.14
C PRO E 275 -0.74 31.48 10.74
N ALA E 276 0.33 30.84 10.31
CA ALA E 276 0.88 31.06 8.98
C ALA E 276 0.22 30.19 7.91
N GLN E 277 -0.72 29.33 8.29
CA GLN E 277 -1.42 28.48 7.34
C GLN E 277 -2.93 28.76 7.32
N HIS E 278 -3.33 29.93 7.78
CA HIS E 278 -4.71 30.32 7.79
C HIS E 278 -4.96 31.21 6.60
N THR E 279 -6.21 31.35 6.18
CA THR E 279 -6.59 32.21 5.07
C THR E 279 -7.00 33.58 5.58
N PRO E 280 -7.16 34.57 4.69
CA PRO E 280 -7.69 35.86 5.18
C PRO E 280 -9.12 35.95 5.81
N GLN E 281 -9.97 34.92 5.77
CA GLN E 281 -11.33 34.93 6.29
C GLN E 281 -11.34 34.48 7.72
N TRP E 282 -10.28 33.85 8.18
CA TRP E 282 -10.11 33.50 9.56
C TRP E 282 -10.04 34.73 10.48
N ALA E 283 -9.39 35.84 10.14
CA ALA E 283 -9.36 37.07 10.94
C ALA E 283 -10.74 37.69 11.07
N THR E 284 -11.51 37.70 9.98
CA THR E 284 -12.88 38.21 10.05
C THR E 284 -13.74 37.36 10.99
N ALA E 285 -13.58 36.04 10.95
CA ALA E 285 -14.29 35.19 11.90
C ALA E 285 -13.88 35.49 13.34
N MET E 286 -12.59 35.72 13.57
CA MET E 286 -12.10 36.04 14.91
C MET E 286 -12.72 37.33 15.43
N LEU E 287 -12.86 38.34 14.57
CA LEU E 287 -13.56 39.56 14.97
C LEU E 287 -15.03 39.29 15.24
N GLY E 288 -15.66 38.43 14.42
CA GLY E 288 -17.06 38.12 14.61
C GLY E 288 -17.36 37.45 15.93
N ILE E 289 -16.43 36.64 16.44
CA ILE E 289 -16.63 35.99 17.74
C ILE E 289 -16.81 37.04 18.84
N SER E 290 -15.90 38.02 18.89
CA SER E 290 -16.00 39.07 19.88
C SER E 290 -17.25 39.92 19.68
N MET E 291 -17.60 40.21 18.43
CA MET E 291 -18.81 41.00 18.18
C MET E 291 -20.05 40.29 18.69
N VAL E 292 -20.14 38.97 18.45
CA VAL E 292 -21.30 38.21 18.92
C VAL E 292 -21.35 38.17 20.44
N GLN E 293 -20.20 37.97 21.10
CA GLN E 293 -20.18 37.96 22.55
C GLN E 293 -20.67 39.29 23.12
N GLU E 294 -20.17 40.40 22.55
CA GLU E 294 -20.58 41.72 23.02
C GLU E 294 -22.08 41.96 22.81
N LEU E 295 -22.58 41.61 21.62
CA LEU E 295 -24.01 41.81 21.34
C LEU E 295 -24.88 41.00 22.27
N ASN E 296 -24.49 39.77 22.56
CA ASN E 296 -25.28 38.92 23.45
C ASN E 296 -25.28 39.45 24.88
N ASN E 297 -24.10 39.83 25.38
CA ASN E 297 -24.00 40.14 26.81
C ASN E 297 -24.39 41.57 27.15
N GLU E 298 -24.29 42.51 26.20
CA GLU E 298 -24.53 43.91 26.52
C GLU E 298 -25.87 44.44 26.02
N TRP E 299 -26.44 43.86 24.96
CA TRP E 299 -27.65 44.42 24.36
C TRP E 299 -28.82 43.45 24.39
N ILE E 300 -28.63 42.22 23.94
CA ILE E 300 -29.77 41.34 23.66
C ILE E 300 -30.31 40.72 24.93
N VAL E 301 -29.44 40.16 25.76
CA VAL E 301 -29.88 39.55 27.03
C VAL E 301 -30.43 40.59 28.00
N PRO E 302 -29.75 41.72 28.24
CA PRO E 302 -30.28 42.68 29.24
C PRO E 302 -31.69 43.18 28.92
N ILE E 303 -32.03 43.37 27.66
CA ILE E 303 -33.40 43.69 27.28
C ILE E 303 -34.10 42.38 26.96
N GLY E 304 -35.43 42.39 27.04
CA GLY E 304 -36.14 41.13 26.94
C GLY E 304 -36.30 40.51 28.30
N GLU E 305 -35.23 40.57 29.11
CA GLU E 305 -35.36 40.24 30.52
C GLU E 305 -36.17 41.29 31.28
N ALA E 306 -36.48 42.42 30.65
CA ALA E 306 -37.25 43.48 31.27
C ALA E 306 -38.60 43.74 30.61
N HIS E 307 -38.83 43.26 29.39
CA HIS E 307 -40.06 43.61 28.68
C HIS E 307 -40.77 42.41 28.06
N LEU E 308 -40.04 41.36 27.73
CA LEU E 308 -40.60 40.29 26.92
C LEU E 308 -41.65 39.50 27.70
N PRO E 309 -42.74 39.09 27.05
CA PRO E 309 -43.78 38.33 27.75
C PRO E 309 -43.37 36.88 27.95
N PRO E 310 -44.07 36.14 28.80
CA PRO E 310 -43.64 34.77 29.12
C PRO E 310 -43.66 33.82 27.93
N GLU E 311 -44.37 34.14 26.85
CA GLU E 311 -44.49 33.24 25.72
C GLU E 311 -43.29 33.30 24.77
N ARG E 312 -42.15 33.85 25.20
CA ARG E 312 -40.97 33.93 24.36
C ARG E 312 -39.73 33.38 25.07
N LEU E 313 -39.90 32.51 26.07
CA LEU E 313 -38.82 32.21 27.01
C LEU E 313 -38.24 30.80 26.88
N GLY E 314 -38.73 29.97 25.96
CA GLY E 314 -38.10 28.70 25.70
C GLY E 314 -38.50 27.59 26.63
N PRO E 315 -38.21 26.34 26.23
CA PRO E 315 -38.72 25.17 26.96
C PRO E 315 -38.18 25.04 28.38
N VAL E 316 -36.87 25.00 28.54
CA VAL E 316 -36.25 24.85 29.86
C VAL E 316 -35.48 26.12 30.19
N TYR E 317 -35.33 26.37 31.49
CA TYR E 317 -34.58 27.49 32.06
C TYR E 317 -35.31 28.83 31.90
N ASN E 318 -36.40 28.84 31.12
CA ASN E 318 -37.15 30.06 30.82
C ASN E 318 -36.21 31.19 30.36
N ASP E 319 -35.55 30.94 29.24
CA ASP E 319 -34.44 31.77 28.78
C ASP E 319 -34.88 32.81 27.77
N VAL E 320 -34.27 33.98 27.82
CA VAL E 320 -34.44 34.98 26.77
C VAL E 320 -33.69 34.51 25.52
N PRO E 321 -34.24 34.73 24.31
CA PRO E 321 -33.55 34.28 23.10
C PRO E 321 -32.22 34.99 22.88
N LYS E 322 -31.32 34.31 22.18
CA LYS E 322 -29.98 34.81 21.89
C LYS E 322 -29.70 34.66 20.41
N LEU E 323 -28.68 35.38 19.93
CA LEU E 323 -28.30 35.36 18.52
C LEU E 323 -26.92 34.74 18.34
N ALA E 324 -26.58 34.45 17.09
CA ALA E 324 -25.30 33.87 16.71
C ALA E 324 -25.06 34.16 15.23
N CYS E 325 -24.12 33.43 14.62
CA CYS E 325 -23.68 33.71 13.26
C CYS E 325 -24.83 33.65 12.27
N LYS E 326 -25.66 32.62 12.38
CA LYS E 326 -26.71 32.34 11.41
C LYS E 326 -27.89 33.28 11.52
N THR E 327 -28.00 34.03 12.61
CA THR E 327 -29.08 35.01 12.73
C THR E 327 -28.95 36.10 11.67
N CYS E 328 -27.73 36.39 11.24
CA CYS E 328 -27.50 37.33 10.15
C CYS E 328 -27.08 36.68 8.85
N HIS E 329 -26.25 35.64 8.90
CA HIS E 329 -25.78 35.04 7.65
C HIS E 329 -26.85 34.20 6.97
N LYS E 330 -27.59 33.40 7.76
CA LYS E 330 -28.71 32.59 7.27
C LYS E 330 -28.29 31.60 6.18
N GLY E 331 -27.10 31.05 6.30
CA GLY E 331 -26.63 30.04 5.38
C GLY E 331 -25.93 30.53 4.13
N TYR E 332 -25.60 31.82 4.05
CA TYR E 332 -24.90 32.38 2.90
C TYR E 332 -23.56 32.95 3.33
N GLN E 333 -22.64 33.04 2.38
CA GLN E 333 -21.29 33.54 2.69
C GLN E 333 -21.34 34.96 3.22
N GLN E 334 -22.23 35.78 2.69
CA GLN E 334 -22.45 37.12 3.22
C GLN E 334 -23.95 37.36 3.38
N PRO E 335 -24.35 38.13 4.39
CA PRO E 335 -25.79 38.42 4.57
C PRO E 335 -26.36 39.10 3.35
N LEU E 336 -27.41 38.50 2.79
CA LEU E 336 -28.01 38.93 1.53
C LEU E 336 -27.00 38.93 0.40
N GLN E 337 -25.98 38.07 0.53
CA GLN E 337 -24.93 37.89 -0.48
C GLN E 337 -24.23 39.21 -0.82
N GLY E 338 -24.05 40.05 0.18
CA GLY E 338 -23.27 41.27 0.03
C GLY E 338 -24.02 42.49 -0.47
N LEU E 339 -25.34 42.52 -0.32
CA LEU E 339 -26.10 43.69 -0.75
C LEU E 339 -25.78 44.90 0.13
N ASN E 340 -25.67 46.06 -0.51
CA ASN E 340 -25.42 47.31 0.20
C ASN E 340 -26.75 47.83 0.75
N VAL E 341 -26.91 47.78 2.07
CA VAL E 341 -28.17 48.14 2.73
C VAL E 341 -28.03 49.37 3.60
N VAL E 342 -26.84 49.92 3.74
CA VAL E 342 -26.61 51.04 4.65
C VAL E 342 -26.45 52.38 3.93
N ALA E 343 -26.29 52.38 2.60
CA ALA E 343 -26.13 53.63 1.87
C ALA E 343 -27.42 54.43 1.82
N ASP E 344 -28.57 53.75 1.86
CA ASP E 344 -29.85 54.44 1.80
C ASP E 344 -30.33 54.93 3.17
N TRP E 345 -29.70 54.50 4.26
CA TRP E 345 -30.17 54.78 5.61
C TRP E 345 -29.04 55.33 6.45
N PRO E 346 -28.68 56.61 6.27
CA PRO E 346 -27.63 57.21 7.10
C PRO E 346 -27.98 57.32 8.58
N GLU E 347 -29.26 57.20 8.95
CA GLU E 347 -29.64 57.35 10.35
C GLU E 347 -29.25 56.13 11.18
N LEU E 348 -28.95 55.00 10.55
CA LEU E 348 -28.55 53.80 11.27
C LEU E 348 -27.06 53.53 11.20
N ALA E 349 -26.27 54.46 10.66
CA ALA E 349 -24.86 54.24 10.45
C ALA E 349 -23.97 54.82 11.56
N THR E 350 -24.44 55.84 12.28
CA THR E 350 -23.64 56.49 13.30
C THR E 350 -24.49 56.79 14.51
N THR E 351 -23.82 56.88 15.66
CA THR E 351 -24.50 57.24 16.90
C THR E 351 -24.82 58.73 16.97
N GLU E 352 -23.95 59.59 16.43
CA GLU E 352 -24.19 61.02 16.44
C GLU E 352 -25.14 61.39 15.31
N GLY E 353 -25.31 62.69 15.08
CA GLY E 353 -26.27 63.18 14.12
C GLY E 353 -26.01 62.67 12.72
N PRO E 354 -27.09 62.42 11.98
CA PRO E 354 -26.94 61.85 10.63
C PRO E 354 -26.15 62.77 9.72
N PHE E 355 -25.37 62.16 8.83
CA PHE E 355 -24.53 62.88 7.89
C PHE E 355 -25.06 62.63 6.49
N TYR E 356 -25.86 63.56 5.98
CA TYR E 356 -26.51 63.45 4.68
C TYR E 356 -25.67 64.03 3.55
N ASP E 357 -24.36 64.11 3.73
CA ASP E 357 -23.49 64.72 2.73
C ASP E 357 -23.48 63.88 1.45
N GLU F 1 9.22 16.15 27.45
CA GLU F 1 10.22 15.09 27.54
C GLU F 1 11.58 15.58 27.02
N GLU F 2 12.65 14.97 27.53
CA GLU F 2 14.01 15.38 27.20
C GLU F 2 14.60 14.48 26.12
N THR F 3 15.70 14.93 25.53
CA THR F 3 16.37 14.22 24.46
C THR F 3 17.78 13.83 24.90
N PHE F 4 18.18 12.60 24.53
CA PHE F 4 19.52 12.13 24.85
C PHE F 4 20.58 13.00 24.18
N PHE F 5 20.45 13.20 22.87
CA PHE F 5 21.32 14.10 22.13
C PHE F 5 20.55 14.62 20.91
N GLY F 6 20.63 15.93 20.69
CA GLY F 6 19.92 16.52 19.56
C GLY F 6 18.42 16.39 19.73
N ASN F 7 17.77 15.77 18.74
CA ASN F 7 16.34 15.54 18.75
C ASN F 7 15.99 14.10 19.12
N PHE F 8 16.95 13.34 19.63
CA PHE F 8 16.78 11.90 19.85
C PHE F 8 15.98 11.69 21.14
N ASP F 9 14.78 11.15 21.00
CA ASP F 9 13.93 10.80 22.13
C ASP F 9 13.53 9.32 22.01
N LEU F 10 12.57 8.91 22.84
CA LEU F 10 12.16 7.50 22.87
C LEU F 10 11.57 7.04 21.55
N ALA F 11 10.84 7.94 20.85
CA ALA F 11 10.23 7.56 19.58
C ALA F 11 11.28 7.20 18.53
N SER F 12 12.37 7.98 18.45
CA SER F 12 13.43 7.69 17.48
C SER F 12 14.10 6.36 17.78
N LEU F 13 14.36 6.08 19.06
CA LEU F 13 14.97 4.82 19.43
C LEU F 13 14.08 3.64 19.06
N SER F 14 12.77 3.76 19.33
CA SER F 14 11.83 2.72 18.94
C SER F 14 11.82 2.51 17.43
N LEU F 15 11.87 3.61 16.67
CA LEU F 15 11.87 3.51 15.21
C LEU F 15 13.09 2.77 14.69
N TRP F 16 14.28 3.09 15.22
CA TRP F 16 15.49 2.42 14.77
C TRP F 16 15.51 0.95 15.16
N LEU F 17 15.02 0.63 16.37
CA LEU F 17 14.92 -0.77 16.75
C LEU F 17 13.98 -1.54 15.83
N PHE F 18 12.86 -0.92 15.44
CA PHE F 18 11.97 -1.59 14.50
C PHE F 18 12.62 -1.79 13.15
N TYR F 19 13.43 -0.83 12.70
CA TYR F 19 14.13 -0.99 11.43
C TYR F 19 15.03 -2.22 11.45
N GLY F 20 15.81 -2.36 12.53
CA GLY F 20 16.68 -3.53 12.65
C GLY F 20 15.89 -4.83 12.69
N PHE F 21 14.82 -4.86 13.48
CA PHE F 21 14.00 -6.06 13.57
C PHE F 21 13.42 -6.43 12.21
N PHE F 22 12.94 -5.44 11.45
CA PHE F 22 12.33 -5.72 10.16
C PHE F 22 13.35 -6.25 9.16
N ALA F 23 14.59 -5.74 9.21
CA ALA F 23 15.64 -6.30 8.35
C ALA F 23 15.85 -7.79 8.66
N LEU F 24 15.96 -8.12 9.95
CA LEU F 24 16.13 -9.53 10.31
C LEU F 24 14.95 -10.39 9.88
N LEU F 25 13.73 -9.87 10.04
CA LEU F 25 12.54 -10.62 9.66
C LEU F 25 12.48 -10.86 8.16
N ILE F 26 12.85 -9.85 7.36
CA ILE F 26 12.87 -10.03 5.91
C ILE F 26 13.87 -11.10 5.52
N TYR F 27 15.05 -11.09 6.15
CA TYR F 27 16.02 -12.16 5.88
C TYR F 27 15.42 -13.53 6.18
N TYR F 28 14.80 -13.68 7.35
CA TYR F 28 14.23 -14.97 7.75
C TYR F 28 13.15 -15.43 6.77
N LEU F 29 12.25 -14.51 6.39
CA LEU F 29 11.15 -14.87 5.52
C LEU F 29 11.64 -15.29 4.13
N GLN F 30 12.60 -14.56 3.58
CA GLN F 30 13.15 -14.93 2.28
C GLN F 30 13.86 -16.28 2.35
N THR F 31 14.59 -16.53 3.43
CA THR F 31 15.32 -17.79 3.56
C THR F 31 14.37 -18.98 3.68
N GLU F 32 13.26 -18.81 4.41
CA GLU F 32 12.32 -19.91 4.60
C GLU F 32 11.66 -20.35 3.30
N ASN F 33 11.71 -19.53 2.25
CA ASN F 33 11.02 -19.81 1.01
C ASN F 33 11.93 -20.41 -0.06
N MET F 34 13.13 -20.84 0.31
CA MET F 34 14.08 -21.43 -0.61
C MET F 34 14.32 -22.91 -0.33
N ARG F 35 13.30 -23.62 0.15
CA ARG F 35 13.41 -25.03 0.45
C ARG F 35 13.03 -25.94 -0.72
N GLU F 36 12.53 -25.38 -1.82
CA GLU F 36 12.17 -26.16 -3.00
C GLU F 36 12.77 -25.51 -4.23
N GLY F 37 13.44 -26.30 -5.06
CA GLY F 37 13.93 -25.85 -6.35
C GLY F 37 15.32 -25.26 -6.38
N TYR F 38 16.15 -25.52 -5.36
CA TYR F 38 17.50 -24.96 -5.32
C TYR F 38 18.52 -26.09 -5.19
N PRO F 39 19.76 -25.88 -5.67
CA PRO F 39 20.33 -24.68 -6.31
C PRO F 39 19.92 -24.49 -7.76
N LEU F 40 20.20 -23.32 -8.31
CA LEU F 40 19.81 -22.96 -9.67
C LEU F 40 20.72 -23.61 -10.70
N GLU F 41 20.20 -23.75 -11.92
CA GLU F 41 20.90 -24.38 -13.02
C GLU F 41 20.79 -23.50 -14.26
N ASP F 42 21.63 -23.79 -15.25
CA ASP F 42 21.51 -23.13 -16.54
C ASP F 42 20.67 -23.99 -17.48
N GLU F 43 20.50 -23.51 -18.71
CA GLU F 43 19.61 -24.17 -19.66
C GLU F 43 20.18 -25.48 -20.19
N ASP F 44 21.43 -25.79 -19.90
CA ASP F 44 22.05 -27.05 -20.30
C ASP F 44 22.07 -28.08 -19.19
N GLY F 45 21.52 -27.76 -18.01
CA GLY F 45 21.46 -28.70 -16.92
C GLY F 45 22.58 -28.59 -15.89
N ASN F 46 23.57 -27.74 -16.12
CA ASN F 46 24.69 -27.59 -15.20
C ASN F 46 24.40 -26.52 -14.17
N THR F 47 25.08 -26.62 -13.03
CA THR F 47 24.94 -25.64 -11.95
C THR F 47 25.38 -24.27 -12.42
N ALA F 48 24.57 -23.25 -12.14
CA ALA F 48 24.86 -21.90 -12.57
C ALA F 48 25.97 -21.28 -11.73
N ALA F 49 26.72 -20.37 -12.36
CA ALA F 49 27.81 -19.71 -11.66
C ALA F 49 27.30 -18.70 -10.63
N ASN F 50 26.10 -18.18 -10.84
CA ASN F 50 25.44 -17.26 -9.93
C ASN F 50 24.37 -17.97 -9.11
N GLN F 51 24.31 -17.69 -7.81
CA GLN F 51 23.40 -18.38 -6.93
C GLN F 51 22.56 -17.45 -6.09
N GLY F 52 22.82 -16.15 -6.19
CA GLY F 52 22.07 -15.17 -5.44
C GLY F 52 22.68 -14.46 -4.27
N PRO F 53 21.93 -13.59 -3.62
CA PRO F 53 22.40 -12.90 -2.42
C PRO F 53 22.16 -13.62 -1.10
N PHE F 54 21.23 -14.57 -1.06
CA PHE F 54 20.84 -15.21 0.16
C PHE F 54 21.29 -16.64 0.18
N PRO F 55 21.96 -17.04 1.26
CA PRO F 55 22.39 -18.42 1.39
C PRO F 55 21.27 -19.43 1.67
N LEU F 56 21.49 -20.70 1.39
CA LEU F 56 20.48 -21.71 1.62
C LEU F 56 20.12 -22.03 3.11
N PRO F 57 18.83 -22.36 3.44
CA PRO F 57 18.51 -22.60 4.85
C PRO F 57 19.00 -23.96 5.33
N LYS F 58 18.87 -24.17 6.64
CA LYS F 58 19.16 -25.46 7.25
C LYS F 58 17.98 -26.40 7.08
N GLU F 59 18.16 -27.65 7.50
CA GLU F 59 17.21 -28.71 7.20
C GLU F 59 16.15 -28.84 8.29
N LYS F 60 14.93 -29.15 7.88
CA LYS F 60 13.81 -29.41 8.76
C LYS F 60 13.19 -30.75 8.38
N THR F 61 12.51 -31.38 9.33
CA THR F 61 11.98 -32.72 9.15
C THR F 61 10.49 -32.76 9.46
N PHE F 62 9.72 -33.40 8.58
CA PHE F 62 8.31 -33.67 8.78
C PHE F 62 8.12 -35.13 9.18
N LYS F 63 7.05 -35.40 9.93
CA LYS F 63 6.67 -36.76 10.30
C LYS F 63 5.28 -37.03 9.73
N LEU F 64 5.21 -37.90 8.73
CA LEU F 64 3.97 -38.14 8.00
C LEU F 64 3.11 -39.18 8.71
N GLN F 65 1.82 -39.16 8.39
CA GLN F 65 0.87 -40.08 8.97
C GLN F 65 0.77 -41.36 8.15
N HIS F 66 0.17 -42.39 8.76
CA HIS F 66 -0.07 -43.68 8.12
C HIS F 66 1.23 -44.38 7.72
N GLY F 67 2.31 -44.09 8.45
CA GLY F 67 3.57 -44.79 8.27
C GLY F 67 4.27 -44.58 6.94
N ARG F 68 4.34 -43.33 6.46
CA ARG F 68 5.05 -43.01 5.23
C ARG F 68 6.48 -42.54 5.47
N GLY F 69 6.90 -42.39 6.72
CA GLY F 69 8.27 -42.03 7.02
C GLY F 69 8.51 -40.57 7.33
N GLU F 70 9.60 -40.01 6.80
CA GLU F 70 10.00 -38.63 7.07
C GLU F 70 10.33 -37.92 5.77
N LEU F 71 10.30 -36.59 5.84
CA LEU F 71 10.66 -35.73 4.71
C LEU F 71 11.57 -34.62 5.22
N THR F 72 12.78 -34.54 4.68
CA THR F 72 13.75 -33.53 5.07
C THR F 72 14.01 -32.59 3.90
N LEU F 73 13.85 -31.28 4.14
CA LEU F 73 14.04 -30.27 3.12
C LEU F 73 14.93 -29.16 3.64
N PRO F 74 15.79 -28.58 2.80
CA PRO F 74 16.00 -28.90 1.37
C PRO F 74 16.78 -30.19 1.15
N GLY F 75 16.54 -30.86 0.03
CA GLY F 75 17.20 -32.11 -0.29
C GLY F 75 17.26 -32.30 -1.79
N GLU F 76 17.34 -33.54 -2.22
CA GLU F 76 17.37 -33.86 -3.64
C GLU F 76 15.95 -33.84 -4.22
N ASP F 77 15.85 -33.38 -5.47
CA ASP F 77 14.57 -33.22 -6.16
C ASP F 77 14.07 -34.59 -6.60
N VAL F 78 13.23 -35.20 -5.76
CA VAL F 78 12.70 -36.53 -6.06
C VAL F 78 11.53 -36.51 -7.03
N GLN F 79 10.99 -35.33 -7.34
CA GLN F 79 9.90 -35.20 -8.29
C GLN F 79 10.38 -34.83 -9.68
N ARG F 80 11.64 -35.11 -9.99
CA ARG F 80 12.25 -34.69 -11.25
C ARG F 80 11.92 -35.66 -12.38
N ARG F 81 11.74 -35.13 -13.58
CA ARG F 81 11.48 -35.94 -14.77
C ARG F 81 12.79 -36.34 -15.43
N ASP F 82 12.76 -37.49 -16.11
CA ASP F 82 13.98 -38.15 -16.59
C ASP F 82 14.29 -37.85 -18.05
N ASN F 83 13.38 -38.18 -18.95
CA ASN F 83 13.60 -38.02 -20.40
C ASN F 83 12.53 -37.08 -20.93
N LEU F 84 12.93 -35.86 -21.28
CA LEU F 84 12.01 -34.87 -21.81
C LEU F 84 12.24 -34.69 -23.30
N ALA F 85 11.15 -34.77 -24.07
CA ALA F 85 11.22 -34.64 -25.52
C ALA F 85 11.19 -33.14 -25.89
N LEU F 86 12.30 -32.48 -25.59
CA LEU F 86 12.44 -31.04 -25.80
C LEU F 86 13.77 -30.75 -26.47
N ARG F 87 13.81 -29.62 -27.18
CA ARG F 87 14.97 -29.22 -27.95
C ARG F 87 15.23 -27.74 -27.74
N LYS F 88 16.51 -27.35 -27.77
CA LYS F 88 16.87 -25.95 -27.60
C LYS F 88 16.82 -25.22 -28.94
N THR F 89 16.47 -23.93 -28.88
CA THR F 89 16.37 -23.10 -30.06
C THR F 89 17.47 -22.04 -30.13
N ALA F 90 18.43 -22.08 -29.21
CA ALA F 90 19.54 -21.14 -29.23
C ALA F 90 20.72 -21.77 -28.50
N HIS F 91 21.91 -21.27 -28.80
CA HIS F 91 23.12 -21.80 -28.18
C HIS F 91 23.38 -21.23 -26.78
N GLY F 92 22.74 -20.13 -26.44
CA GLY F 92 22.87 -19.53 -25.13
C GLY F 92 21.66 -19.78 -24.24
N ASN F 93 21.48 -18.88 -23.27
CA ASN F 93 20.37 -18.96 -22.34
C ASN F 93 19.31 -17.92 -22.68
N GLY F 94 18.10 -18.14 -22.15
CA GLY F 94 17.04 -17.16 -22.23
C GLY F 94 16.06 -17.31 -23.38
N PHE F 95 16.07 -18.42 -24.09
CA PHE F 95 15.19 -18.64 -25.23
C PHE F 95 14.31 -19.87 -24.99
N PRO F 96 13.17 -19.97 -25.69
CA PRO F 96 12.25 -21.08 -25.43
C PRO F 96 12.77 -22.42 -25.94
N MET F 97 12.12 -23.48 -25.49
CA MET F 97 12.36 -24.84 -25.95
C MET F 97 11.26 -25.25 -26.92
N GLU F 98 11.60 -26.18 -27.82
CA GLU F 98 10.67 -26.64 -28.84
C GLU F 98 10.39 -28.13 -28.66
N PRO F 99 9.13 -28.53 -28.62
CA PRO F 99 8.81 -29.96 -28.48
C PRO F 99 9.35 -30.78 -29.65
N THR F 100 9.77 -32.01 -29.34
CA THR F 100 10.35 -32.88 -30.35
C THR F 100 9.27 -33.66 -31.09
N GLY F 101 8.32 -34.24 -30.38
CA GLY F 101 7.24 -34.97 -31.00
C GLY F 101 5.87 -34.39 -30.72
N ASP F 102 5.03 -35.13 -30.00
CA ASP F 102 3.70 -34.68 -29.64
C ASP F 102 3.72 -34.14 -28.23
N PRO F 103 3.58 -32.83 -28.02
CA PRO F 103 3.64 -32.29 -26.64
C PRO F 103 2.53 -32.81 -25.73
N MET F 104 1.35 -33.10 -26.27
CA MET F 104 0.26 -33.58 -25.43
C MET F 104 0.51 -34.99 -24.92
N LEU F 105 1.07 -35.86 -25.76
CA LEU F 105 1.36 -37.23 -25.35
C LEU F 105 2.66 -37.35 -24.56
N ASP F 106 3.59 -36.41 -24.72
CA ASP F 106 4.88 -36.47 -24.05
C ASP F 106 4.91 -35.73 -22.72
N GLY F 107 3.86 -35.00 -22.38
CA GLY F 107 3.79 -34.30 -21.12
C GLY F 107 4.77 -33.16 -20.94
N VAL F 108 4.92 -32.30 -21.95
CA VAL F 108 5.77 -31.13 -21.87
C VAL F 108 4.92 -29.88 -22.06
N GLY F 109 5.49 -28.73 -21.74
CA GLY F 109 4.81 -27.47 -21.85
C GLY F 109 3.72 -27.31 -20.82
N PRO F 110 2.57 -26.76 -21.23
CA PRO F 110 1.40 -26.75 -20.33
C PRO F 110 0.82 -28.13 -20.08
N ALA F 111 1.31 -29.16 -20.77
CA ALA F 111 0.90 -30.53 -20.54
C ALA F 111 1.80 -31.26 -19.56
N SER F 112 2.62 -30.53 -18.81
CA SER F 112 3.60 -31.14 -17.92
C SER F 112 2.95 -31.70 -16.67
N TRP F 113 3.46 -32.85 -16.22
CA TRP F 113 3.11 -33.40 -14.92
C TRP F 113 4.36 -33.55 -14.08
N SER F 114 4.16 -33.59 -12.78
CA SER F 114 5.22 -33.83 -11.81
C SER F 114 5.14 -35.26 -11.29
N LYS F 115 6.29 -35.82 -10.94
CA LYS F 115 6.37 -37.22 -10.52
C LYS F 115 6.04 -37.32 -9.04
N ARG F 116 4.75 -37.46 -8.74
CA ARG F 116 4.29 -37.65 -7.37
C ARG F 116 4.31 -39.14 -7.02
N ARG F 117 3.94 -39.44 -5.78
CA ARG F 117 3.91 -40.82 -5.30
C ARG F 117 2.84 -41.61 -6.02
N ASP F 118 3.09 -42.90 -6.21
CA ASP F 118 2.12 -43.79 -6.85
C ASP F 118 1.21 -44.46 -5.81
N VAL F 119 0.61 -43.64 -4.95
CA VAL F 119 -0.36 -44.13 -3.97
C VAL F 119 -1.49 -43.12 -3.85
N PRO F 120 -2.68 -43.58 -3.49
CA PRO F 120 -3.79 -42.65 -3.30
C PRO F 120 -3.65 -41.84 -2.03
N GLU F 121 -4.23 -40.65 -2.04
CA GLU F 121 -4.32 -39.83 -0.84
C GLU F 121 -5.37 -40.40 0.11
N LEU F 122 -5.07 -40.36 1.41
CA LEU F 122 -5.91 -40.98 2.41
C LEU F 122 -6.61 -39.92 3.25
N ASP F 123 -7.68 -40.34 3.93
CA ASP F 123 -8.36 -39.50 4.90
C ASP F 123 -7.87 -39.86 6.30
N ALA F 124 -8.55 -39.36 7.33
CA ALA F 124 -8.12 -39.60 8.69
C ALA F 124 -8.31 -41.05 9.12
N HIS F 125 -9.26 -41.77 8.51
CA HIS F 125 -9.43 -43.17 8.83
C HIS F 125 -8.37 -44.07 8.21
N GLY F 126 -7.63 -43.59 7.21
CA GLY F 126 -6.68 -44.41 6.52
C GLY F 126 -7.20 -45.07 5.26
N HIS F 127 -8.35 -44.65 4.76
CA HIS F 127 -8.95 -45.12 3.52
C HIS F 127 -8.65 -44.16 2.37
N PRO F 128 -8.75 -44.61 1.13
CA PRO F 128 -8.62 -43.69 0.00
C PRO F 128 -9.64 -42.56 0.09
N LYS F 129 -9.18 -41.34 -0.20
CA LYS F 129 -9.97 -40.15 0.04
C LYS F 129 -11.05 -39.96 -1.02
N ILE F 130 -10.75 -40.28 -2.28
CA ILE F 130 -11.66 -40.05 -3.40
C ILE F 130 -12.24 -41.40 -3.84
N VAL F 131 -13.56 -41.48 -3.88
CA VAL F 131 -14.28 -42.75 -4.06
C VAL F 131 -15.39 -42.55 -5.10
N PRO F 132 -15.66 -43.52 -5.96
CA PRO F 132 -16.83 -43.40 -6.84
C PRO F 132 -18.13 -43.41 -6.04
N MET F 133 -19.12 -42.67 -6.55
CA MET F 133 -20.39 -42.49 -5.85
C MET F 133 -21.15 -43.80 -5.68
N SER F 134 -20.91 -44.79 -6.54
CA SER F 134 -21.59 -46.08 -6.44
C SER F 134 -21.19 -46.87 -5.20
N ALA F 135 -20.13 -46.46 -4.50
CA ALA F 135 -19.64 -47.19 -3.34
C ALA F 135 -19.52 -46.27 -2.12
N ALA F 136 -20.31 -45.20 -2.08
CA ALA F 136 -20.35 -44.28 -0.95
C ALA F 136 -21.70 -44.42 -0.27
N GLU F 137 -21.68 -44.72 1.03
CA GLU F 137 -22.89 -45.07 1.77
C GLU F 137 -23.62 -43.80 2.20
N GLY F 138 -24.86 -43.65 1.76
CA GLY F 138 -25.71 -42.58 2.21
C GLY F 138 -25.55 -41.25 1.49
N PHE F 139 -24.82 -41.21 0.39
CA PHE F 139 -24.58 -39.98 -0.34
C PHE F 139 -25.58 -39.82 -1.48
N GLY F 140 -25.83 -38.56 -1.84
CA GLY F 140 -26.78 -38.26 -2.90
C GLY F 140 -26.70 -36.80 -3.28
N VAL F 141 -27.35 -36.48 -4.41
CA VAL F 141 -27.39 -35.11 -4.90
C VAL F 141 -28.43 -34.33 -4.11
N SER F 142 -28.04 -33.19 -3.56
CA SER F 142 -28.92 -32.39 -2.72
C SER F 142 -29.34 -31.07 -3.34
N ALA F 143 -28.61 -30.56 -4.32
CA ALA F 143 -28.95 -29.32 -5.00
C ALA F 143 -28.27 -29.33 -6.37
N GLY F 144 -28.73 -28.43 -7.23
CA GLY F 144 -28.17 -28.34 -8.56
C GLY F 144 -28.71 -29.41 -9.50
N THR F 145 -28.09 -29.48 -10.67
CA THR F 145 -28.50 -30.39 -11.74
C THR F 145 -27.64 -31.64 -11.73
N ASP F 146 -28.30 -32.79 -11.66
CA ASP F 146 -27.59 -34.08 -11.67
C ASP F 146 -27.09 -34.35 -13.08
N PRO F 147 -25.78 -34.53 -13.28
CA PRO F 147 -25.24 -34.74 -14.63
C PRO F 147 -25.21 -36.17 -15.11
N ARG F 148 -25.60 -37.15 -14.30
CA ARG F 148 -25.49 -38.54 -14.70
C ARG F 148 -26.50 -38.87 -15.79
N GLY F 149 -26.01 -39.46 -16.87
CA GLY F 149 -26.83 -39.81 -18.01
C GLY F 149 -26.83 -38.81 -19.14
N LEU F 150 -26.36 -37.59 -18.88
CA LEU F 150 -26.33 -36.55 -19.90
C LEU F 150 -25.16 -36.78 -20.86
N PRO F 151 -25.32 -36.40 -22.14
CA PRO F 151 -24.22 -36.56 -23.09
C PRO F 151 -23.12 -35.53 -22.88
N VAL F 152 -21.94 -35.86 -23.41
CA VAL F 152 -20.74 -35.05 -23.23
C VAL F 152 -20.36 -34.44 -24.58
N MET F 153 -20.12 -33.14 -24.61
CA MET F 153 -19.80 -32.41 -25.82
C MET F 153 -18.33 -32.02 -25.82
N ALA F 154 -17.66 -32.21 -26.95
CA ALA F 154 -16.25 -31.91 -27.08
C ALA F 154 -16.06 -30.43 -27.46
N GLY F 155 -14.79 -30.02 -27.53
CA GLY F 155 -14.49 -28.62 -27.81
C GLY F 155 -14.79 -28.21 -29.23
N ASP F 156 -14.74 -29.14 -30.17
CA ASP F 156 -15.09 -28.88 -31.57
C ASP F 156 -16.54 -29.17 -31.87
N GLY F 157 -17.32 -29.60 -30.89
CA GLY F 157 -18.74 -29.82 -31.05
C GLY F 157 -19.16 -31.23 -31.37
N GLU F 158 -18.44 -32.24 -30.91
CA GLU F 158 -18.76 -33.63 -31.16
C GLU F 158 -19.22 -34.31 -29.87
N ILE F 159 -20.20 -35.20 -30.00
CA ILE F 159 -20.68 -36.00 -28.88
C ILE F 159 -19.81 -37.25 -28.79
N VAL F 160 -19.20 -37.47 -27.64
CA VAL F 160 -18.24 -38.55 -27.48
C VAL F 160 -18.75 -39.67 -26.57
N GLY F 161 -19.78 -39.42 -25.76
CA GLY F 161 -20.26 -40.44 -24.85
C GLY F 161 -21.25 -39.87 -23.86
N LEU F 162 -21.37 -40.55 -22.72
CA LEU F 162 -22.30 -40.17 -21.67
C LEU F 162 -21.61 -40.24 -20.32
N VAL F 163 -22.10 -39.43 -19.38
CA VAL F 163 -21.60 -39.45 -18.01
C VAL F 163 -22.19 -40.65 -17.29
N SER F 164 -21.31 -41.49 -16.72
CA SER F 164 -21.76 -42.72 -16.08
C SER F 164 -21.69 -42.69 -14.57
N ASP F 165 -20.84 -41.86 -13.97
CA ASP F 165 -20.72 -41.81 -12.51
C ASP F 165 -20.02 -40.53 -12.10
N MET F 166 -19.97 -40.30 -10.79
CA MET F 166 -19.23 -39.20 -10.21
C MET F 166 -18.36 -39.73 -9.08
N TRP F 167 -17.16 -39.17 -8.94
CA TRP F 167 -16.24 -39.53 -7.88
C TRP F 167 -16.17 -38.38 -6.88
N ILE F 168 -16.48 -38.66 -5.62
CA ILE F 168 -16.66 -37.62 -4.63
C ILE F 168 -15.61 -37.75 -3.53
N ASP F 169 -15.43 -36.67 -2.79
CA ASP F 169 -14.54 -36.60 -1.63
C ASP F 169 -15.41 -36.73 -0.39
N GLU F 170 -15.32 -37.89 0.28
CA GLU F 170 -16.23 -38.16 1.40
C GLU F 170 -15.96 -37.24 2.59
N ALA F 171 -14.69 -36.99 2.90
CA ALA F 171 -14.37 -36.19 4.09
C ALA F 171 -14.84 -34.75 3.94
N GLU F 172 -14.72 -34.17 2.74
CA GLU F 172 -15.05 -32.77 2.54
C GLU F 172 -16.38 -32.57 1.83
N GLN F 173 -17.06 -33.65 1.44
CA GLN F 173 -18.39 -33.60 0.81
C GLN F 173 -18.38 -32.70 -0.42
N LEU F 174 -17.57 -33.09 -1.40
CA LEU F 174 -17.40 -32.33 -2.63
C LEU F 174 -17.14 -33.31 -3.77
N VAL F 175 -17.62 -32.96 -4.96
CA VAL F 175 -17.41 -33.76 -6.15
C VAL F 175 -16.09 -33.36 -6.78
N ARG F 176 -15.26 -34.34 -7.11
CA ARG F 176 -13.93 -34.09 -7.67
C ARG F 176 -13.82 -34.45 -9.14
N TYR F 177 -14.42 -35.55 -9.59
CA TYR F 177 -14.24 -36.03 -10.95
C TYR F 177 -15.58 -36.46 -11.54
N LEU F 178 -15.66 -36.38 -12.86
CA LEU F 178 -16.78 -36.89 -13.64
C LEU F 178 -16.29 -38.04 -14.51
N GLU F 179 -16.98 -39.17 -14.46
CA GLU F 179 -16.58 -40.35 -15.21
C GLU F 179 -17.45 -40.46 -16.47
N LEU F 180 -16.80 -40.76 -17.60
CA LEU F 180 -17.47 -40.83 -18.88
C LEU F 180 -17.35 -42.24 -19.46
N GLU F 181 -18.32 -42.61 -20.29
CA GLU F 181 -18.28 -43.86 -21.06
C GLU F 181 -18.22 -43.50 -22.53
N LEU F 182 -17.09 -43.80 -23.17
CA LEU F 182 -16.85 -43.37 -24.54
C LEU F 182 -17.63 -44.22 -25.54
N ASP F 183 -18.13 -43.58 -26.58
CA ASP F 183 -18.73 -44.29 -27.69
C ASP F 183 -17.66 -45.07 -28.46
N PRO F 184 -18.03 -46.16 -29.12
CA PRO F 184 -17.03 -46.93 -29.88
C PRO F 184 -16.33 -46.12 -30.96
N GLU F 185 -17.02 -45.14 -31.56
CA GLU F 185 -16.39 -44.34 -32.60
C GLU F 185 -15.33 -43.40 -32.05
N TRP F 186 -15.29 -43.17 -30.74
CA TRP F 186 -14.36 -42.22 -30.14
C TRP F 186 -13.48 -42.84 -29.08
N GLY F 187 -13.24 -44.15 -29.15
CA GLY F 187 -12.37 -44.84 -28.23
C GLY F 187 -13.12 -45.92 -27.48
N ASP F 188 -12.44 -46.53 -26.51
CA ASP F 188 -13.05 -47.56 -25.67
C ASP F 188 -12.68 -47.32 -24.22
N GLY F 189 -13.54 -47.82 -23.33
CA GLY F 189 -13.32 -47.70 -21.91
C GLY F 189 -13.91 -46.44 -21.33
N LYS F 190 -13.47 -46.12 -20.11
CA LYS F 190 -13.96 -44.98 -19.36
C LYS F 190 -12.82 -44.02 -19.05
N ARG F 191 -13.14 -42.73 -18.99
CA ARG F 191 -12.18 -41.69 -18.69
C ARG F 191 -12.73 -40.79 -17.60
N LEU F 192 -11.83 -40.07 -16.93
CA LEU F 192 -12.19 -39.12 -15.89
C LEU F 192 -11.89 -37.70 -16.35
N VAL F 193 -12.72 -36.76 -15.89
CA VAL F 193 -12.49 -35.33 -16.11
C VAL F 193 -12.62 -34.64 -14.75
N GLN F 194 -11.71 -33.69 -14.49
CA GLN F 194 -11.82 -32.92 -13.27
C GLN F 194 -13.03 -31.98 -13.33
N ARG F 195 -13.67 -31.79 -12.17
CA ARG F 195 -14.89 -30.99 -12.09
C ARG F 195 -14.66 -29.54 -12.47
N GLN F 196 -13.42 -29.09 -12.50
CA GLN F 196 -13.08 -27.69 -12.71
C GLN F 196 -12.92 -27.33 -14.18
N MET F 197 -13.15 -28.28 -15.10
CA MET F 197 -13.01 -28.05 -16.53
C MET F 197 -14.29 -28.37 -17.29
N VAL F 198 -15.44 -28.45 -16.60
CA VAL F 198 -16.69 -28.81 -17.23
C VAL F 198 -17.77 -27.80 -16.85
N ARG F 199 -18.79 -27.70 -17.71
CA ARG F 199 -19.97 -26.89 -17.46
C ARG F 199 -21.20 -27.76 -17.61
N ILE F 200 -22.01 -27.84 -16.57
CA ILE F 200 -23.20 -28.70 -16.58
C ILE F 200 -24.41 -27.86 -16.92
N LYS F 201 -25.10 -28.25 -18.00
CA LYS F 201 -26.31 -27.60 -18.46
C LYS F 201 -27.51 -28.53 -18.28
N SER F 202 -28.66 -28.07 -18.76
CA SER F 202 -29.90 -28.83 -18.57
C SER F 202 -29.97 -30.06 -19.47
N ASP F 203 -29.19 -30.10 -20.56
CA ASP F 203 -29.27 -31.21 -21.49
C ASP F 203 -27.92 -31.79 -21.90
N ARG F 204 -26.81 -31.23 -21.45
CA ARG F 204 -25.50 -31.68 -21.91
C ARG F 204 -24.42 -31.23 -20.94
N VAL F 205 -23.23 -31.79 -21.12
CA VAL F 205 -22.03 -31.38 -20.42
C VAL F 205 -21.00 -30.95 -21.47
N LYS F 206 -20.39 -29.79 -21.28
CA LYS F 206 -19.49 -29.20 -22.26
C LYS F 206 -18.06 -29.20 -21.75
N VAL F 207 -17.15 -29.71 -22.58
CA VAL F 207 -15.71 -29.68 -22.30
C VAL F 207 -15.05 -28.99 -23.49
N ARG F 208 -14.46 -27.82 -23.25
CA ARG F 208 -13.96 -26.98 -24.32
C ARG F 208 -12.45 -27.07 -24.54
N SER F 209 -11.71 -27.67 -23.62
CA SER F 209 -10.25 -27.64 -23.69
C SER F 209 -9.69 -28.56 -24.77
N ILE F 210 -10.24 -29.75 -24.93
CA ILE F 210 -9.75 -30.70 -25.92
C ILE F 210 -10.87 -31.03 -26.90
N TYR F 211 -10.47 -31.59 -28.05
CA TYR F 211 -11.38 -31.91 -29.14
C TYR F 211 -11.85 -33.35 -29.06
N GLY F 212 -12.68 -33.74 -30.02
CA GLY F 212 -13.24 -35.09 -30.02
C GLY F 212 -12.21 -36.18 -30.25
N LYS F 213 -11.23 -35.91 -31.11
CA LYS F 213 -10.20 -36.90 -31.43
C LYS F 213 -9.15 -37.06 -30.35
N HIS F 214 -9.13 -36.18 -29.35
CA HIS F 214 -8.16 -36.26 -28.26
C HIS F 214 -8.63 -37.11 -27.09
N PHE F 215 -9.88 -37.59 -27.12
CA PHE F 215 -10.45 -38.23 -25.93
C PHE F 215 -10.00 -39.67 -25.74
N LYS F 216 -9.47 -40.32 -26.77
CA LYS F 216 -9.01 -41.69 -26.61
C LYS F 216 -7.63 -41.79 -25.99
N ASN F 217 -6.88 -40.68 -25.94
CA ASN F 217 -5.53 -40.68 -25.41
C ASN F 217 -5.45 -40.10 -23.99
N VAL F 218 -6.59 -39.85 -23.36
CA VAL F 218 -6.57 -39.43 -21.95
C VAL F 218 -6.01 -40.57 -21.10
N PRO F 219 -5.08 -40.32 -20.18
CA PRO F 219 -4.54 -41.40 -19.36
C PRO F 219 -5.64 -42.07 -18.52
N LYS F 220 -5.51 -43.38 -18.36
CA LYS F 220 -6.50 -44.19 -17.67
C LYS F 220 -5.99 -44.57 -16.28
N THR F 221 -6.93 -44.90 -15.40
CA THR F 221 -6.59 -45.38 -14.07
C THR F 221 -6.31 -46.88 -14.08
N LYS F 222 -5.48 -47.31 -13.14
CA LYS F 222 -5.14 -48.73 -13.06
C LYS F 222 -6.26 -49.55 -12.43
N SER F 223 -6.99 -48.96 -11.49
CA SER F 223 -8.06 -49.65 -10.78
C SER F 223 -9.38 -48.91 -10.96
N PRO F 224 -10.51 -49.63 -10.94
CA PRO F 224 -11.81 -48.96 -11.08
C PRO F 224 -12.34 -48.35 -9.80
N ASN F 225 -11.60 -48.41 -8.69
CA ASN F 225 -12.11 -47.92 -7.42
C ASN F 225 -11.25 -46.85 -6.76
N GLN F 226 -10.06 -46.57 -7.28
CA GLN F 226 -9.19 -45.56 -6.68
C GLN F 226 -8.25 -45.00 -7.72
N VAL F 227 -7.65 -43.86 -7.39
CA VAL F 227 -6.69 -43.19 -8.27
C VAL F 227 -5.54 -42.68 -7.41
N THR F 228 -4.31 -42.85 -7.91
CA THR F 228 -3.11 -42.39 -7.23
C THR F 228 -2.81 -40.93 -7.58
N LEU F 229 -1.84 -40.36 -6.87
CA LEU F 229 -1.47 -38.97 -7.11
C LEU F 229 -0.84 -38.77 -8.48
N LEU F 230 -0.01 -39.72 -8.90
CA LEU F 230 0.63 -39.62 -10.21
C LEU F 230 -0.41 -39.65 -11.34
N GLU F 231 -1.36 -40.55 -11.23
CA GLU F 231 -2.40 -40.67 -12.22
C GLU F 231 -3.19 -39.38 -12.32
N GLU F 232 -3.52 -38.76 -11.21
CA GLU F 232 -4.26 -37.50 -11.20
C GLU F 232 -3.47 -36.40 -11.86
N ASP F 233 -2.18 -36.29 -11.56
CA ASP F 233 -1.32 -35.30 -12.17
C ASP F 233 -1.22 -35.47 -13.65
N LYS F 234 -1.12 -36.70 -14.11
CA LYS F 234 -1.07 -37.02 -15.51
C LYS F 234 -2.35 -36.74 -16.24
N ILE F 235 -3.49 -36.98 -15.62
CA ILE F 235 -4.80 -36.70 -16.20
C ILE F 235 -5.17 -35.23 -16.28
N MET F 236 -4.94 -34.47 -15.22
CA MET F 236 -5.23 -33.07 -15.21
C MET F 236 -4.29 -32.29 -16.09
N ALA F 237 -2.99 -32.65 -16.15
CA ALA F 237 -2.06 -32.04 -17.08
C ALA F 237 -2.48 -32.25 -18.52
N TYR F 238 -2.98 -33.45 -18.84
CA TYR F 238 -3.45 -33.71 -20.20
C TYR F 238 -4.61 -32.78 -20.55
N TYR F 239 -5.56 -32.63 -19.63
CA TYR F 239 -6.70 -31.76 -19.95
C TYR F 239 -6.29 -30.31 -20.07
N ALA F 240 -5.32 -29.86 -19.27
CA ALA F 240 -4.87 -28.47 -19.34
C ALA F 240 -4.00 -28.17 -20.56
N GLY F 241 -3.29 -29.18 -21.09
CA GLY F 241 -2.45 -28.94 -22.25
C GLY F 241 -3.23 -28.60 -23.52
N GLY F 242 -4.51 -28.98 -23.57
CA GLY F 242 -5.32 -28.72 -24.75
C GLY F 242 -5.68 -27.26 -24.93
N THR F 243 -5.63 -26.46 -23.87
CA THR F 243 -5.93 -25.04 -24.00
C THR F 243 -4.92 -24.33 -24.90
N LEU F 244 -3.79 -24.97 -25.18
CA LEU F 244 -2.78 -24.44 -26.08
C LEU F 244 -2.45 -25.37 -27.25
N TYR F 245 -2.58 -26.69 -27.07
CA TYR F 245 -2.12 -27.64 -28.07
C TYR F 245 -3.24 -28.32 -28.86
N ALA F 246 -4.50 -28.05 -28.56
CA ALA F 246 -5.58 -28.74 -29.28
C ALA F 246 -5.68 -28.26 -30.72
N ASP F 247 -5.45 -26.97 -30.96
CA ASP F 247 -5.60 -26.39 -32.29
C ASP F 247 -4.41 -25.48 -32.57
N GLU F 248 -4.06 -25.38 -33.85
CA GLU F 248 -2.92 -24.55 -34.23
C GLU F 248 -3.20 -23.07 -34.00
N SER F 249 -4.46 -22.65 -34.09
CA SER F 249 -4.80 -21.25 -33.88
C SER F 249 -4.72 -20.83 -32.41
N ARG F 250 -4.74 -21.79 -31.48
CA ARG F 250 -4.62 -21.48 -30.06
C ARG F 250 -3.19 -21.15 -29.65
N LEU F 251 -2.21 -21.51 -30.49
CA LEU F 251 -0.80 -21.30 -30.20
C LEU F 251 -0.23 -20.07 -30.89
N GLU F 252 -0.64 -19.82 -32.14
CA GLU F 252 -0.15 -18.67 -32.89
C GLU F 252 -0.73 -17.37 -32.32
N PRO F 253 -0.12 -16.22 -32.63
CA PRO F 253 -0.59 -14.96 -32.07
C PRO F 253 -2.03 -14.65 -32.45
N GLN F 254 -2.77 -14.05 -31.52
CA GLN F 254 -4.17 -13.72 -31.74
C GLN F 254 -4.33 -12.39 -32.47
N LEU F 255 -3.50 -11.40 -32.11
CA LEU F 255 -3.56 -10.05 -32.68
C LEU F 255 -4.95 -9.43 -32.50
N ALA G 1 19.80 -18.37 -14.89
CA ALA G 1 19.67 -19.43 -13.90
C ALA G 1 18.20 -19.83 -13.74
N LEU G 2 17.94 -21.13 -13.75
CA LEU G 2 16.59 -21.67 -13.67
C LEU G 2 16.43 -22.50 -12.41
N LEU G 3 15.18 -22.64 -11.97
CA LEU G 3 14.87 -23.57 -10.90
C LEU G 3 15.02 -25.00 -11.39
N SER G 4 15.06 -25.94 -10.45
CA SER G 4 15.29 -27.35 -10.79
C SER G 4 14.19 -27.94 -11.66
N PHE G 5 12.96 -27.41 -11.59
CA PHE G 5 11.83 -27.96 -12.31
C PHE G 5 11.32 -27.04 -13.42
N GLU G 6 12.08 -25.99 -13.77
CA GLU G 6 11.54 -24.90 -14.57
C GLU G 6 11.67 -25.12 -16.08
N ARG G 7 12.64 -25.93 -16.52
CA ARG G 7 12.97 -25.99 -17.93
C ARG G 7 11.84 -26.55 -18.79
N LYS G 8 11.06 -27.50 -18.28
CA LYS G 8 10.01 -28.13 -19.08
C LYS G 8 8.80 -27.23 -19.29
N TYR G 9 8.71 -26.10 -18.62
CA TYR G 9 7.61 -25.16 -18.81
C TYR G 9 7.94 -24.03 -19.77
N ARG G 10 9.22 -23.84 -20.11
CA ARG G 10 9.66 -22.71 -20.92
C ARG G 10 9.57 -23.06 -22.41
N VAL G 11 8.34 -23.14 -22.89
CA VAL G 11 8.08 -23.47 -24.28
C VAL G 11 7.68 -22.21 -25.03
N ARG G 12 7.58 -22.32 -26.35
CA ARG G 12 7.27 -21.20 -27.22
C ARG G 12 5.78 -21.15 -27.50
N GLY G 13 5.23 -19.93 -27.53
CA GLY G 13 3.86 -19.70 -27.91
C GLY G 13 3.01 -19.13 -26.78
N GLY G 14 1.79 -18.74 -27.15
CA GLY G 14 0.85 -18.20 -26.19
C GLY G 14 0.86 -16.69 -26.06
N THR G 15 1.09 -15.96 -27.15
CA THR G 15 1.19 -14.51 -27.12
C THR G 15 -0.05 -13.89 -27.76
N LEU G 16 -0.51 -12.77 -27.20
CA LEU G 16 -1.60 -12.04 -27.80
C LEU G 16 -1.16 -11.34 -29.09
N ILE G 17 0.06 -10.83 -29.10
CA ILE G 17 0.61 -10.12 -30.26
C ILE G 17 2.12 -10.18 -30.16
N GLY G 18 2.78 -10.32 -31.30
CA GLY G 18 4.22 -10.24 -31.40
C GLY G 18 4.87 -11.51 -31.91
N GLY G 19 4.31 -12.67 -31.59
CA GLY G 19 4.94 -13.92 -31.99
C GLY G 19 6.23 -14.11 -31.23
N ASP G 20 7.29 -14.48 -31.96
CA ASP G 20 8.60 -14.71 -31.35
C ASP G 20 9.57 -13.55 -31.57
N LEU G 21 9.06 -12.39 -31.97
CA LEU G 21 9.90 -11.20 -32.06
C LEU G 21 10.36 -10.75 -30.68
N PHE G 22 9.57 -11.04 -29.64
CA PHE G 22 9.91 -10.65 -28.27
C PHE G 22 9.79 -11.81 -27.28
N ASP G 23 9.74 -13.05 -27.77
CA ASP G 23 9.45 -14.21 -26.92
C ASP G 23 10.76 -14.77 -26.35
N PHE G 24 11.20 -14.18 -25.24
CA PHE G 24 12.38 -14.65 -24.54
C PHE G 24 12.36 -14.14 -23.11
N TRP G 25 13.40 -14.48 -22.36
CA TRP G 25 13.56 -14.10 -20.97
C TRP G 25 14.84 -13.31 -20.80
N VAL G 26 14.86 -12.44 -19.79
CA VAL G 26 16.06 -11.71 -19.37
C VAL G 26 16.21 -11.97 -17.89
N GLY G 27 17.12 -12.87 -17.52
CA GLY G 27 17.19 -13.34 -16.16
C GLY G 27 15.96 -14.16 -15.81
N PRO G 28 15.27 -13.78 -14.74
CA PRO G 28 14.01 -14.47 -14.40
C PRO G 28 12.80 -13.87 -15.11
N PHE G 29 12.94 -12.63 -15.60
CA PHE G 29 11.81 -11.89 -16.14
C PHE G 29 11.45 -12.37 -17.53
N TYR G 30 10.15 -12.46 -17.79
CA TYR G 30 9.65 -12.71 -19.14
C TYR G 30 9.45 -11.39 -19.87
N VAL G 31 9.82 -11.37 -21.14
CA VAL G 31 9.69 -10.19 -21.98
C VAL G 31 8.68 -10.48 -23.08
N GLY G 32 7.89 -9.48 -23.43
CA GLY G 32 7.03 -9.57 -24.58
C GLY G 32 6.81 -8.21 -25.20
N PHE G 33 5.73 -8.07 -25.96
CA PHE G 33 5.33 -6.75 -26.44
C PHE G 33 5.02 -5.81 -25.28
N PHE G 34 4.26 -6.32 -24.30
CA PHE G 34 3.87 -5.52 -23.16
C PHE G 34 5.00 -5.33 -22.16
N GLY G 35 5.98 -6.23 -22.12
CA GLY G 35 7.20 -5.94 -21.37
C GLY G 35 7.97 -4.75 -21.94
N VAL G 36 8.06 -4.68 -23.26
CA VAL G 36 8.72 -3.55 -23.92
C VAL G 36 7.99 -2.25 -23.60
N THR G 37 6.66 -2.25 -23.75
CA THR G 37 5.90 -1.04 -23.46
C THR G 37 5.99 -0.65 -21.98
N THR G 38 5.97 -1.64 -21.07
CA THR G 38 6.11 -1.36 -19.66
C THR G 38 7.44 -0.68 -19.37
N ALA G 39 8.52 -1.22 -19.93
CA ALA G 39 9.84 -0.63 -19.70
C ALA G 39 9.87 0.82 -20.18
N PHE G 40 9.38 1.07 -21.40
CA PHE G 40 9.38 2.42 -21.92
C PHE G 40 8.63 3.39 -21.01
N PHE G 41 7.38 3.05 -20.68
CA PHE G 41 6.54 3.98 -19.92
C PHE G 41 7.08 4.21 -18.51
N ALA G 42 7.48 3.13 -17.82
CA ALA G 42 7.97 3.27 -16.46
C ALA G 42 9.26 4.07 -16.39
N LEU G 43 10.20 3.80 -17.31
CA LEU G 43 11.46 4.55 -17.30
C LEU G 43 11.24 6.03 -17.61
N LEU G 44 10.38 6.33 -18.59
CA LEU G 44 10.12 7.72 -18.91
C LEU G 44 9.48 8.47 -17.73
N GLY G 45 8.52 7.83 -17.07
CA GLY G 45 7.89 8.47 -15.92
C GLY G 45 8.86 8.72 -14.78
N THR G 46 9.71 7.74 -14.46
CA THR G 46 10.67 7.93 -13.38
C THR G 46 11.67 9.04 -13.69
N ILE G 47 12.20 9.07 -14.92
CA ILE G 47 13.16 10.09 -15.27
C ILE G 47 12.52 11.47 -15.24
N LEU G 48 11.27 11.58 -15.70
CA LEU G 48 10.58 12.87 -15.65
C LEU G 48 10.35 13.32 -14.21
N ILE G 49 10.04 12.38 -13.31
CA ILE G 49 9.88 12.74 -11.90
C ILE G 49 11.18 13.33 -11.36
N PHE G 50 12.32 12.73 -11.71
CA PHE G 50 13.58 13.23 -11.17
C PHE G 50 13.98 14.56 -11.80
N TRP G 51 13.62 14.79 -13.07
CA TRP G 51 13.84 16.10 -13.67
C TRP G 51 13.01 17.17 -12.96
N GLY G 52 11.75 16.87 -12.65
CA GLY G 52 10.94 17.81 -11.89
C GLY G 52 11.49 18.07 -10.51
N ALA G 53 12.04 17.03 -9.87
CA ALA G 53 12.66 17.21 -8.57
C ALA G 53 13.87 18.14 -8.66
N SER G 54 14.71 17.96 -9.69
CA SER G 54 15.87 18.84 -9.84
C SER G 54 15.46 20.28 -10.09
N GLN G 55 14.39 20.49 -10.85
CA GLN G 55 13.92 21.85 -11.08
C GLN G 55 13.18 22.45 -9.89
N GLN G 56 12.70 21.60 -8.96
CA GLN G 56 12.06 22.11 -7.76
C GLN G 56 13.08 22.66 -6.76
N GLY G 57 14.21 21.98 -6.62
CA GLY G 57 15.26 22.42 -5.71
C GLY G 57 15.63 21.44 -4.62
N THR G 58 15.03 20.25 -4.55
CA THR G 58 15.34 19.29 -3.51
C THR G 58 15.35 17.88 -4.09
N PHE G 59 16.29 17.07 -3.63
CA PHE G 59 16.34 15.65 -3.97
C PHE G 59 15.96 14.77 -2.78
N ASN G 60 15.49 15.37 -1.69
CA ASN G 60 15.08 14.62 -0.51
C ASN G 60 13.85 13.78 -0.82
N PRO G 61 13.90 12.45 -0.62
CA PRO G 61 12.74 11.63 -0.96
C PRO G 61 11.47 12.00 -0.20
N TRP G 62 11.59 12.50 1.03
CA TRP G 62 10.39 12.91 1.76
C TRP G 62 9.79 14.20 1.20
N LEU G 63 10.61 15.05 0.58
CA LEU G 63 10.19 16.41 0.25
C LEU G 63 9.86 16.64 -1.22
N ILE G 64 10.12 15.68 -2.10
CA ILE G 64 9.79 15.86 -3.51
C ILE G 64 8.28 15.90 -3.69
N ASN G 65 7.81 16.85 -4.50
CA ASN G 65 6.37 17.04 -4.70
C ASN G 65 6.13 17.57 -6.10
N ILE G 66 5.39 16.80 -6.90
CA ILE G 66 4.96 17.22 -8.24
C ILE G 66 3.44 17.28 -8.23
N ALA G 67 2.89 18.46 -8.50
CA ALA G 67 1.50 18.78 -8.24
C ALA G 67 0.71 19.03 -9.53
N PRO G 68 -0.60 18.82 -9.49
CA PRO G 68 -1.45 19.14 -10.65
C PRO G 68 -1.65 20.65 -10.79
N PRO G 69 -2.20 21.11 -11.93
CA PRO G 69 -2.35 22.57 -12.13
C PRO G 69 -3.43 23.22 -11.28
N ASP G 70 -3.58 24.53 -11.44
CA ASP G 70 -4.62 25.29 -10.77
C ASP G 70 -5.99 24.96 -11.36
N LEU G 71 -7.04 25.30 -10.60
CA LEU G 71 -8.40 25.02 -11.05
C LEU G 71 -8.81 25.92 -12.22
N SER G 72 -8.13 27.05 -12.42
CA SER G 72 -8.49 27.96 -13.49
C SER G 72 -8.11 27.44 -14.88
N TYR G 73 -7.32 26.37 -14.96
CA TYR G 73 -6.97 25.79 -16.25
C TYR G 73 -8.03 24.83 -16.78
N GLY G 74 -8.98 24.42 -15.94
CA GLY G 74 -10.06 23.56 -16.42
C GLY G 74 -9.54 22.20 -16.83
N LEU G 75 -9.93 21.76 -18.03
CA LEU G 75 -9.52 20.47 -18.55
C LEU G 75 -8.50 20.59 -19.68
N GLY G 76 -7.85 21.74 -19.79
CA GLY G 76 -6.82 21.95 -20.79
C GLY G 76 -5.42 21.65 -20.27
N MET G 77 -4.45 21.85 -21.16
CA MET G 77 -3.05 21.55 -20.87
C MET G 77 -2.37 22.78 -20.29
N ALA G 78 -1.64 22.59 -19.20
CA ALA G 78 -0.95 23.65 -18.47
C ALA G 78 0.50 23.74 -18.92
N PRO G 79 1.20 24.83 -18.57
CA PRO G 79 2.64 24.86 -18.77
C PRO G 79 3.33 23.75 -18.00
N LEU G 80 4.41 23.22 -18.59
CA LEU G 80 5.04 22.02 -18.05
C LEU G 80 5.60 22.25 -16.64
N MET G 81 5.96 23.46 -16.29
CA MET G 81 6.50 23.75 -14.97
C MET G 81 5.43 24.19 -13.98
N GLU G 82 4.17 24.26 -14.41
CA GLU G 82 3.06 24.64 -13.54
C GLU G 82 1.97 23.58 -13.51
N GLY G 83 2.27 22.35 -13.89
CA GLY G 83 1.28 21.30 -13.80
C GLY G 83 1.24 20.33 -14.97
N GLY G 84 1.89 20.68 -16.09
CA GLY G 84 1.89 19.79 -17.24
C GLY G 84 2.70 18.52 -17.03
N LEU G 85 3.76 18.61 -16.23
CA LEU G 85 4.55 17.43 -15.92
C LEU G 85 3.72 16.37 -15.22
N TRP G 86 2.85 16.78 -14.30
CA TRP G 86 1.96 15.85 -13.62
C TRP G 86 1.06 15.13 -14.62
N GLN G 87 0.54 15.86 -15.62
CA GLN G 87 -0.34 15.23 -16.62
C GLN G 87 0.43 14.21 -17.46
N ILE G 88 1.64 14.55 -17.89
CA ILE G 88 2.44 13.61 -18.67
C ILE G 88 2.76 12.36 -17.85
N ILE G 89 3.12 12.55 -16.58
CA ILE G 89 3.43 11.39 -15.72
C ILE G 89 2.20 10.54 -15.49
N THR G 90 1.02 11.16 -15.38
CA THR G 90 -0.22 10.41 -15.24
C THR G 90 -0.48 9.53 -16.46
N ILE G 91 -0.29 10.09 -17.66
CA ILE G 91 -0.45 9.30 -18.88
C ILE G 91 0.52 8.12 -18.90
N CYS G 92 1.79 8.38 -18.54
CA CYS G 92 2.77 7.31 -18.49
C CYS G 92 2.37 6.21 -17.51
N ALA G 93 1.88 6.59 -16.33
CA ALA G 93 1.51 5.61 -15.32
C ALA G 93 0.35 4.73 -15.77
N ILE G 94 -0.66 5.34 -16.42
CA ILE G 94 -1.78 4.55 -16.92
C ILE G 94 -1.32 3.55 -17.96
N GLY G 95 -0.47 4.00 -18.89
CA GLY G 95 0.07 3.08 -19.88
C GLY G 95 0.83 1.94 -19.25
N ALA G 96 1.67 2.24 -18.25
CA ALA G 96 2.47 1.21 -17.60
C ALA G 96 1.60 0.19 -16.88
N PHE G 97 0.56 0.64 -16.18
CA PHE G 97 -0.31 -0.29 -15.45
C PHE G 97 -1.05 -1.23 -16.40
N VAL G 98 -1.57 -0.68 -17.50
CA VAL G 98 -2.27 -1.54 -18.47
C VAL G 98 -1.31 -2.54 -19.10
N SER G 99 -0.09 -2.11 -19.41
CA SER G 99 0.89 -3.03 -19.97
C SER G 99 1.24 -4.15 -19.00
N TRP G 100 1.34 -3.82 -17.70
CA TRP G 100 1.60 -4.84 -16.69
C TRP G 100 0.50 -5.88 -16.65
N ALA G 101 -0.76 -5.44 -16.68
CA ALA G 101 -1.88 -6.39 -16.68
C ALA G 101 -1.85 -7.29 -17.91
N LEU G 102 -1.60 -6.72 -19.09
CA LEU G 102 -1.61 -7.55 -20.30
C LEU G 102 -0.42 -8.52 -20.33
N ARG G 103 0.73 -8.13 -19.78
CA ARG G 103 1.84 -9.05 -19.64
C ARG G 103 1.47 -10.23 -18.73
N GLU G 104 0.77 -9.94 -17.62
CA GLU G 104 0.29 -11.02 -16.76
C GLU G 104 -0.64 -11.96 -17.50
N VAL G 105 -1.50 -11.41 -18.36
CA VAL G 105 -2.39 -12.26 -19.15
C VAL G 105 -1.59 -13.19 -20.06
N GLU G 106 -0.54 -12.66 -20.70
CA GLU G 106 0.27 -13.50 -21.59
C GLU G 106 0.98 -14.61 -20.82
N ILE G 107 1.49 -14.29 -19.62
CA ILE G 107 2.14 -15.31 -18.79
C ILE G 107 1.13 -16.39 -18.38
N CYS G 108 -0.07 -15.97 -17.97
CA CYS G 108 -1.11 -16.92 -17.61
C CYS G 108 -1.43 -17.85 -18.78
N ARG G 109 -1.54 -17.29 -19.98
CA ARG G 109 -1.84 -18.10 -21.16
C ARG G 109 -0.74 -19.10 -21.44
N LYS G 110 0.52 -18.69 -21.32
CA LYS G 110 1.62 -19.60 -21.59
C LYS G 110 1.69 -20.73 -20.56
N LEU G 111 1.35 -20.45 -19.29
CA LEU G 111 1.43 -21.47 -18.26
C LEU G 111 0.20 -22.36 -18.17
N GLY G 112 -0.88 -22.05 -18.90
CA GLY G 112 -2.08 -22.87 -18.86
C GLY G 112 -2.94 -22.68 -17.63
N MET G 113 -2.97 -21.49 -17.05
CA MET G 113 -3.73 -21.20 -15.85
C MET G 113 -4.97 -20.37 -16.18
N GLY G 114 -5.78 -20.11 -15.15
CA GLY G 114 -6.86 -19.15 -15.29
C GLY G 114 -6.37 -17.72 -15.18
N TYR G 115 -7.27 -16.78 -15.47
CA TYR G 115 -6.92 -15.37 -15.55
C TYR G 115 -7.42 -14.59 -14.34
N HIS G 116 -7.37 -15.18 -13.14
CA HIS G 116 -7.91 -14.51 -11.95
C HIS G 116 -7.04 -13.34 -11.51
N VAL G 117 -5.72 -13.47 -11.62
CA VAL G 117 -4.79 -12.45 -11.12
C VAL G 117 -4.88 -11.15 -11.92
N PRO G 118 -4.86 -11.16 -13.26
CA PRO G 118 -5.08 -9.90 -13.99
C PRO G 118 -6.44 -9.28 -13.71
N PHE G 119 -7.48 -10.10 -13.56
CA PHE G 119 -8.80 -9.56 -13.23
C PHE G 119 -8.79 -8.88 -11.86
N ALA G 120 -8.11 -9.47 -10.88
CA ALA G 120 -8.03 -8.85 -9.57
C ALA G 120 -7.20 -7.57 -9.60
N PHE G 121 -6.15 -7.51 -10.42
CA PHE G 121 -5.37 -6.28 -10.54
C PHE G 121 -6.15 -5.18 -11.23
N SER G 122 -7.09 -5.54 -12.10
CA SER G 122 -7.91 -4.56 -12.79
C SER G 122 -8.71 -3.69 -11.82
N VAL G 123 -9.08 -4.22 -10.65
CA VAL G 123 -9.86 -3.44 -9.70
C VAL G 123 -9.00 -2.34 -9.05
N ALA G 124 -7.76 -2.66 -8.73
CA ALA G 124 -6.85 -1.63 -8.23
C ALA G 124 -6.59 -0.58 -9.30
N ILE G 125 -6.41 -1.00 -10.56
CA ILE G 125 -6.27 -0.04 -11.64
C ILE G 125 -7.51 0.85 -11.73
N PHE G 126 -8.69 0.27 -11.56
CA PHE G 126 -9.93 1.02 -11.62
C PHE G 126 -10.00 2.06 -10.51
N ALA G 127 -9.57 1.70 -9.31
CA ALA G 127 -9.56 2.68 -8.21
C ALA G 127 -8.60 3.83 -8.51
N TYR G 128 -7.41 3.53 -9.04
CA TYR G 128 -6.48 4.60 -9.38
C TYR G 128 -7.06 5.53 -10.44
N VAL G 129 -7.67 4.95 -11.48
CA VAL G 129 -8.23 5.75 -12.57
C VAL G 129 -9.42 6.57 -12.08
N THR G 130 -10.20 6.04 -11.14
CA THR G 130 -11.26 6.84 -10.52
C THR G 130 -10.66 8.03 -9.78
N LEU G 131 -9.56 7.81 -9.08
CA LEU G 131 -8.95 8.90 -8.32
C LEU G 131 -8.42 10.00 -9.24
N VAL G 132 -7.80 9.66 -10.36
CA VAL G 132 -7.10 10.66 -11.17
C VAL G 132 -7.81 11.03 -12.46
N VAL G 133 -8.82 10.29 -12.90
CA VAL G 133 -9.44 10.61 -14.18
C VAL G 133 -10.92 10.92 -14.04
N PHE G 134 -11.69 9.98 -13.48
CA PHE G 134 -13.15 10.10 -13.50
C PHE G 134 -13.64 11.25 -12.62
N ARG G 135 -13.16 11.33 -11.38
CA ARG G 135 -13.59 12.40 -10.50
C ARG G 135 -13.18 13.78 -10.99
N PRO G 136 -11.93 14.03 -11.41
CA PRO G 136 -11.62 15.35 -11.98
C PRO G 136 -12.42 15.66 -13.23
N LEU G 137 -12.73 14.65 -14.05
CA LEU G 137 -13.54 14.88 -15.25
C LEU G 137 -14.95 15.31 -14.88
N LEU G 138 -15.56 14.65 -13.89
CA LEU G 138 -16.90 15.04 -13.46
C LEU G 138 -16.91 16.39 -12.74
N MET G 139 -15.84 16.70 -12.01
CA MET G 139 -15.76 17.97 -11.28
C MET G 139 -15.32 19.13 -12.16
N GLY G 140 -14.74 18.87 -13.32
CA GLY G 140 -14.45 19.89 -14.31
C GLY G 140 -13.05 20.46 -14.32
N ALA G 141 -12.09 19.84 -13.65
CA ALA G 141 -10.73 20.38 -13.61
C ALA G 141 -9.73 19.28 -13.27
N TRP G 142 -8.61 19.25 -14.00
CA TRP G 142 -7.55 18.28 -13.71
C TRP G 142 -6.88 18.54 -12.37
N GLY G 143 -7.07 19.73 -11.79
CA GLY G 143 -6.44 20.09 -10.54
C GLY G 143 -7.04 19.45 -9.31
N HIS G 144 -8.02 18.56 -9.48
CA HIS G 144 -8.63 17.86 -8.36
C HIS G 144 -7.92 16.55 -8.02
N GLY G 145 -6.89 16.16 -8.77
CA GLY G 145 -6.16 14.95 -8.48
C GLY G 145 -5.10 15.14 -7.41
N PHE G 146 -4.68 14.02 -6.81
CA PHE G 146 -3.72 14.12 -5.72
C PHE G 146 -2.30 14.29 -6.26
N PRO G 147 -1.42 14.96 -5.51
CA PRO G 147 -0.05 15.17 -5.98
C PRO G 147 0.82 13.95 -5.81
N TYR G 148 1.97 13.96 -6.50
CA TYR G 148 2.92 12.85 -6.47
C TYR G 148 4.05 13.20 -5.51
N GLY G 149 3.82 12.92 -4.23
CA GLY G 149 4.83 13.09 -3.21
C GLY G 149 4.52 12.19 -2.03
N ILE G 150 5.58 11.69 -1.40
CA ILE G 150 5.41 10.68 -0.35
C ILE G 150 4.63 11.26 0.83
N TRP G 151 4.94 12.48 1.23
CA TRP G 151 4.26 13.10 2.35
C TRP G 151 3.26 14.17 1.94
N SER G 152 3.27 14.62 0.70
CA SER G 152 2.31 15.62 0.25
C SER G 152 1.00 15.03 -0.23
N HIS G 153 0.96 13.73 -0.54
CA HIS G 153 -0.30 13.11 -0.94
C HIS G 153 -1.14 12.68 0.26
N LEU G 154 -0.63 12.85 1.49
CA LEU G 154 -1.44 12.71 2.69
C LEU G 154 -2.16 13.99 3.06
N ASP G 155 -1.56 15.15 2.78
CA ASP G 155 -2.23 16.43 2.98
C ASP G 155 -3.46 16.56 2.09
N TRP G 156 -3.39 16.04 0.86
CA TRP G 156 -4.55 16.03 -0.02
C TRP G 156 -5.68 15.22 0.58
N VAL G 157 -5.38 14.04 1.11
CA VAL G 157 -6.40 13.19 1.71
C VAL G 157 -7.01 13.89 2.93
N SER G 158 -6.17 14.51 3.75
CA SER G 158 -6.68 15.23 4.92
C SER G 158 -7.64 16.35 4.51
N ASN G 159 -7.22 17.22 3.59
CA ASN G 159 -8.05 18.35 3.21
C ASN G 159 -9.31 17.92 2.47
N THR G 160 -9.24 16.85 1.69
CA THR G 160 -10.43 16.36 1.01
C THR G 160 -11.41 15.72 1.99
N GLY G 161 -10.89 15.05 3.01
CA GLY G 161 -11.79 14.52 4.04
C GLY G 161 -12.48 15.60 4.84
N TYR G 162 -11.75 16.66 5.19
CA TYR G 162 -12.35 17.72 5.99
C TYR G 162 -13.18 18.70 5.17
N ALA G 163 -13.22 18.60 3.87
CA ALA G 163 -14.13 19.42 3.05
C ALA G 163 -15.61 18.93 3.04
N TYR G 164 -15.86 17.80 3.70
CA TYR G 164 -17.22 17.29 3.81
C TYR G 164 -17.38 17.16 5.30
N LEU G 165 -16.65 18.01 6.02
CA LEU G 165 -16.74 18.06 7.49
C LEU G 165 -16.32 16.79 8.24
N HIS G 166 -17.27 15.88 8.46
CA HIS G 166 -16.99 14.71 9.24
C HIS G 166 -17.16 13.58 8.28
N PHE G 167 -16.07 13.12 7.69
CA PHE G 167 -16.06 12.07 6.68
C PHE G 167 -16.37 10.64 7.16
N HIS G 168 -16.29 10.38 8.44
CA HIS G 168 -16.65 9.09 9.02
C HIS G 168 -18.10 8.82 8.87
N TYR G 169 -18.92 9.83 8.64
CA TYR G 169 -20.36 9.66 8.48
C TYR G 169 -20.76 9.29 7.06
N ASN G 170 -19.80 9.15 6.15
CA ASN G 170 -20.07 8.66 4.81
C ASN G 170 -20.40 7.16 4.88
N PRO G 171 -21.59 6.73 4.47
CA PRO G 171 -21.92 5.30 4.57
C PRO G 171 -21.05 4.38 3.73
N ALA G 172 -20.68 4.81 2.53
CA ALA G 172 -19.82 3.99 1.67
C ALA G 172 -18.42 3.86 2.26
N HIS G 173 -17.92 4.91 2.92
CA HIS G 173 -16.67 4.81 3.67
C HIS G 173 -16.79 3.77 4.77
N MET G 174 -17.95 3.71 5.43
CA MET G 174 -18.17 2.70 6.48
C MET G 174 -18.08 1.30 5.90
N LEU G 175 -18.73 1.06 4.77
CA LEU G 175 -18.67 -0.26 4.14
C LEU G 175 -17.25 -0.63 3.75
N ALA G 176 -16.52 0.31 3.15
CA ALA G 176 -15.14 0.02 2.73
C ALA G 176 -14.24 -0.30 3.92
N VAL G 177 -14.37 0.47 5.01
CA VAL G 177 -13.55 0.22 6.19
C VAL G 177 -13.87 -1.15 6.78
N THR G 178 -15.15 -1.51 6.84
CA THR G 178 -15.53 -2.83 7.35
C THR G 178 -14.92 -3.94 6.50
N PHE G 179 -14.97 -3.79 5.17
CA PHE G 179 -14.39 -4.82 4.31
C PHE G 179 -12.88 -4.94 4.52
N PHE G 180 -12.18 -3.83 4.69
CA PHE G 180 -10.74 -3.87 4.95
C PHE G 180 -10.43 -4.65 6.22
N PHE G 181 -11.13 -4.31 7.32
CA PHE G 181 -10.88 -4.98 8.59
C PHE G 181 -11.17 -6.48 8.51
N THR G 182 -12.29 -6.84 7.87
CA THR G 182 -12.66 -8.25 7.78
C THR G 182 -11.66 -9.03 6.92
N THR G 183 -11.18 -8.43 5.83
CA THR G 183 -10.18 -9.09 5.00
C THR G 183 -8.91 -9.39 5.80
N THR G 184 -8.45 -8.40 6.58
CA THR G 184 -7.24 -8.63 7.37
C THR G 184 -7.44 -9.73 8.41
N LEU G 185 -8.59 -9.74 9.08
CA LEU G 185 -8.86 -10.77 10.08
C LEU G 185 -8.89 -12.16 9.44
N ALA G 186 -9.54 -12.29 8.28
CA ALA G 186 -9.61 -13.57 7.61
C ALA G 186 -8.23 -14.06 7.17
N LEU G 187 -7.39 -13.15 6.66
CA LEU G 187 -6.04 -13.56 6.26
C LEU G 187 -5.25 -14.07 7.45
N ALA G 188 -5.33 -13.38 8.59
CA ALA G 188 -4.64 -13.85 9.78
C ALA G 188 -5.10 -15.25 10.17
N LEU G 189 -6.41 -15.47 10.21
CA LEU G 189 -6.93 -16.78 10.61
C LEU G 189 -6.48 -17.88 9.65
N HIS G 190 -6.52 -17.60 8.34
CA HIS G 190 -6.17 -18.64 7.36
C HIS G 190 -4.71 -19.02 7.47
N GLY G 191 -3.81 -18.02 7.50
CA GLY G 191 -2.40 -18.32 7.65
C GLY G 191 -2.12 -19.10 8.92
N ALA G 192 -2.76 -18.70 10.03
CA ALA G 192 -2.53 -19.38 11.30
C ALA G 192 -2.97 -20.84 11.23
N LEU G 193 -4.15 -21.10 10.66
CA LEU G 193 -4.64 -22.48 10.62
C LEU G 193 -3.74 -23.38 9.77
N VAL G 194 -3.31 -22.89 8.60
CA VAL G 194 -2.46 -23.73 7.76
C VAL G 194 -1.12 -23.98 8.43
N LEU G 195 -0.50 -22.94 9.01
CA LEU G 195 0.77 -23.15 9.68
C LEU G 195 0.64 -24.10 10.87
N SER G 196 -0.45 -24.01 11.62
CA SER G 196 -0.64 -24.89 12.77
C SER G 196 -0.84 -26.34 12.34
N ALA G 197 -1.49 -26.56 11.20
CA ALA G 197 -1.59 -27.93 10.69
C ALA G 197 -0.23 -28.47 10.26
N ALA G 198 0.54 -27.66 9.52
CA ALA G 198 1.78 -28.17 8.96
C ALA G 198 2.93 -28.25 9.98
N ASN G 199 2.84 -27.54 11.10
CA ASN G 199 3.94 -27.43 12.07
C ASN G 199 3.42 -27.78 13.46
N PRO G 200 3.25 -29.06 13.76
CA PRO G 200 2.77 -29.46 15.09
C PRO G 200 3.89 -29.33 16.12
N PRO G 201 3.58 -29.51 17.41
CA PRO G 201 4.65 -29.53 18.42
C PRO G 201 5.66 -30.62 18.13
N LYS G 202 6.87 -30.42 18.67
CA LYS G 202 7.98 -31.31 18.38
C LYS G 202 7.67 -32.75 18.79
N GLY G 203 8.00 -33.68 17.90
CA GLY G 203 7.75 -35.09 18.14
C GLY G 203 6.39 -35.58 17.73
N GLU G 204 5.63 -34.80 16.98
CA GLU G 204 4.26 -35.13 16.61
C GLU G 204 4.14 -35.23 15.09
N GLU G 205 3.23 -36.08 14.63
CA GLU G 205 2.95 -36.20 13.22
C GLU G 205 2.19 -34.98 12.72
N VAL G 206 2.25 -34.76 11.40
CA VAL G 206 1.55 -33.67 10.75
C VAL G 206 0.06 -33.99 10.70
N LYS G 207 -0.76 -32.99 10.38
CA LYS G 207 -2.21 -33.12 10.36
C LYS G 207 -2.75 -32.95 8.95
N GLY G 208 -4.06 -33.14 8.80
CA GLY G 208 -4.72 -33.04 7.52
C GLY G 208 -5.94 -32.14 7.54
N PRO G 209 -6.64 -32.05 6.40
CA PRO G 209 -7.82 -31.17 6.33
C PRO G 209 -8.93 -31.53 7.30
N ASP G 210 -9.09 -32.81 7.62
CA ASP G 210 -10.07 -33.21 8.62
C ASP G 210 -9.79 -32.55 9.96
N ASN G 211 -8.51 -32.48 10.33
CA ASN G 211 -8.13 -31.84 11.59
C ASN G 211 -8.50 -30.36 11.60
N GLU G 212 -8.25 -29.66 10.48
CA GLU G 212 -8.58 -28.24 10.40
C GLU G 212 -10.09 -28.01 10.50
N ASP G 213 -10.86 -28.82 9.78
CA ASP G 213 -12.31 -28.72 9.85
C ASP G 213 -12.81 -28.94 11.27
N THR G 214 -12.25 -29.91 11.95
CA THR G 214 -12.60 -30.15 13.34
C THR G 214 -12.21 -29.00 14.27
N PHE G 215 -11.03 -28.44 14.17
CA PHE G 215 -10.69 -27.28 14.99
C PHE G 215 -11.68 -26.11 14.86
N PHE G 216 -12.06 -25.70 13.66
CA PHE G 216 -13.01 -24.62 13.49
C PHE G 216 -14.47 -24.89 13.81
N ARG G 217 -14.92 -26.13 13.75
CA ARG G 217 -16.26 -26.43 14.17
C ARG G 217 -16.21 -26.49 15.68
N ASP G 218 -15.14 -27.00 16.28
CA ASP G 218 -15.11 -26.92 17.73
C ASP G 218 -15.00 -25.47 18.20
N PHE G 219 -14.20 -24.67 17.49
CA PHE G 219 -13.96 -23.30 17.92
C PHE G 219 -15.21 -22.45 17.84
N ILE G 220 -15.89 -22.45 16.70
CA ILE G 220 -16.98 -21.48 16.52
C ILE G 220 -18.26 -22.11 16.00
N GLY G 221 -18.22 -23.39 15.66
CA GLY G 221 -19.40 -24.10 15.22
C GLY G 221 -19.61 -24.18 13.72
N TYR G 222 -18.74 -23.58 12.92
CA TYR G 222 -18.85 -23.65 11.48
C TYR G 222 -17.46 -23.64 10.86
N SER G 223 -17.33 -24.32 9.72
CA SER G 223 -16.10 -24.34 8.95
C SER G 223 -16.43 -24.10 7.48
N ILE G 224 -15.67 -23.19 6.85
CA ILE G 224 -15.96 -22.80 5.47
C ILE G 224 -15.33 -23.72 4.44
N GLY G 225 -14.32 -24.51 4.81
CA GLY G 225 -13.65 -25.41 3.89
C GLY G 225 -12.40 -24.80 3.29
N THR G 226 -11.58 -25.67 2.69
CA THR G 226 -10.32 -25.22 2.11
C THR G 226 -10.48 -24.61 0.73
N LEU G 227 -11.63 -24.79 0.08
CA LEU G 227 -11.91 -24.10 -1.16
C LEU G 227 -12.74 -22.84 -0.96
N GLY G 228 -13.60 -22.80 0.06
CA GLY G 228 -14.40 -21.62 0.29
C GLY G 228 -13.62 -20.45 0.87
N ILE G 229 -12.53 -20.72 1.59
CA ILE G 229 -11.78 -19.66 2.23
C ILE G 229 -11.08 -18.78 1.17
N HIS G 230 -10.58 -19.39 0.09
CA HIS G 230 -9.92 -18.61 -0.94
C HIS G 230 -10.91 -17.76 -1.73
N ARG G 231 -12.09 -18.32 -2.04
CA ARG G 231 -13.14 -17.54 -2.66
C ARG G 231 -13.54 -16.36 -1.79
N VAL G 232 -13.70 -16.61 -0.49
CA VAL G 232 -14.15 -15.57 0.44
C VAL G 232 -13.10 -14.47 0.56
N GLY G 233 -11.82 -14.84 0.64
CA GLY G 233 -10.77 -13.84 0.70
C GLY G 233 -10.70 -12.98 -0.54
N LEU G 234 -10.77 -13.61 -1.72
CA LEU G 234 -10.76 -12.84 -2.96
C LEU G 234 -11.95 -11.89 -3.03
N LEU G 235 -13.14 -12.38 -2.68
CA LEU G 235 -14.33 -11.55 -2.75
C LEU G 235 -14.26 -10.38 -1.77
N LEU G 236 -13.77 -10.61 -0.56
CA LEU G 236 -13.64 -9.53 0.41
C LEU G 236 -12.69 -8.45 -0.06
N ALA G 237 -11.53 -8.84 -0.60
CA ALA G 237 -10.58 -7.84 -1.08
C ALA G 237 -11.13 -7.05 -2.25
N LEU G 238 -11.80 -7.72 -3.20
CA LEU G 238 -12.36 -7.01 -4.34
C LEU G 238 -13.47 -6.06 -3.91
N ASN G 239 -14.30 -6.47 -2.95
CA ASN G 239 -15.33 -5.58 -2.43
C ASN G 239 -14.73 -4.36 -1.75
N ALA G 240 -13.64 -4.56 -1.00
CA ALA G 240 -12.97 -3.41 -0.39
C ALA G 240 -12.55 -2.39 -1.44
N GLY G 241 -11.89 -2.86 -2.51
CA GLY G 241 -11.48 -1.93 -3.56
C GLY G 241 -12.65 -1.22 -4.23
N PHE G 242 -13.69 -1.97 -4.58
CA PHE G 242 -14.83 -1.41 -5.29
C PHE G 242 -15.54 -0.35 -4.44
N TRP G 243 -15.74 -0.62 -3.15
CA TRP G 243 -16.46 0.34 -2.33
C TRP G 243 -15.60 1.55 -1.99
N SER G 244 -14.27 1.39 -1.94
CA SER G 244 -13.42 2.57 -1.84
C SER G 244 -13.62 3.50 -3.03
N ALA G 245 -13.62 2.93 -4.24
CA ALA G 245 -13.84 3.75 -5.43
C ALA G 245 -15.19 4.45 -5.38
N VAL G 246 -16.24 3.72 -4.99
CA VAL G 246 -17.59 4.31 -4.93
C VAL G 246 -17.62 5.46 -3.92
N CYS G 247 -17.02 5.25 -2.74
CA CYS G 247 -17.08 6.26 -1.69
C CYS G 247 -16.38 7.54 -2.14
N ILE G 248 -15.25 7.42 -2.83
CA ILE G 248 -14.61 8.66 -3.28
C ILE G 248 -15.40 9.31 -4.42
N ILE G 249 -16.02 8.51 -5.30
CA ILE G 249 -16.68 9.12 -6.45
C ILE G 249 -18.01 9.78 -6.09
N ILE G 250 -18.63 9.41 -4.96
CA ILE G 250 -19.87 10.09 -4.59
C ILE G 250 -19.65 11.37 -3.79
N SER G 251 -18.44 11.62 -3.30
CA SER G 251 -18.22 12.76 -2.40
C SER G 251 -18.23 14.09 -3.14
N GLY G 252 -17.64 14.15 -4.32
CA GLY G 252 -17.58 15.40 -5.05
C GLY G 252 -18.79 15.69 -5.92
N PRO G 253 -19.06 14.81 -6.90
CA PRO G 253 -20.08 15.13 -7.92
C PRO G 253 -21.52 14.84 -7.54
N VAL G 254 -21.80 14.14 -6.44
CA VAL G 254 -23.18 13.73 -6.16
C VAL G 254 -23.69 14.38 -4.88
N TRP G 255 -22.81 14.62 -3.91
CA TRP G 255 -23.18 15.21 -2.64
C TRP G 255 -22.26 16.40 -2.38
N THR G 256 -22.83 17.51 -1.95
CA THR G 256 -22.08 18.75 -1.75
C THR G 256 -22.03 19.21 -0.30
N LYS G 257 -23.06 18.93 0.50
CA LYS G 257 -23.09 19.34 1.89
C LYS G 257 -22.20 18.45 2.75
N GLY G 258 -22.27 18.66 4.06
CA GLY G 258 -21.61 17.77 4.99
C GLY G 258 -22.30 16.43 5.09
N TRP G 259 -21.51 15.41 5.44
CA TRP G 259 -22.00 14.04 5.48
C TRP G 259 -22.92 13.71 6.66
N PRO G 260 -22.75 14.32 7.84
CA PRO G 260 -23.75 14.08 8.89
C PRO G 260 -25.17 14.46 8.50
N GLU G 261 -25.33 15.49 7.65
CA GLU G 261 -26.66 15.93 7.23
C GLU G 261 -27.41 14.86 6.46
N TRP G 262 -26.71 13.90 5.86
CA TRP G 262 -27.35 12.89 5.02
C TRP G 262 -28.35 12.04 5.81
N TRP G 263 -28.08 11.79 7.09
CA TRP G 263 -28.91 10.94 7.94
C TRP G 263 -30.21 11.61 8.39
N ASN G 264 -30.50 12.81 7.86
CA ASN G 264 -31.75 13.47 8.17
C ASN G 264 -32.95 12.71 7.62
N TRP G 265 -32.76 11.90 6.57
CA TRP G 265 -33.85 11.06 6.09
C TRP G 265 -34.28 10.06 7.15
N TRP G 266 -33.32 9.51 7.88
CA TRP G 266 -33.66 8.61 8.98
C TRP G 266 -34.22 9.38 10.17
N LEU G 267 -33.62 10.53 10.49
CA LEU G 267 -34.02 11.23 11.71
C LEU G 267 -35.41 11.84 11.62
N GLU G 268 -36.00 11.94 10.42
CA GLU G 268 -37.26 12.63 10.23
C GLU G 268 -38.26 11.80 9.42
N MET G 269 -38.27 10.48 9.62
CA MET G 269 -39.25 9.66 8.92
C MET G 269 -40.64 9.88 9.52
N PRO G 270 -41.70 9.78 8.71
CA PRO G 270 -43.05 9.97 9.24
C PRO G 270 -43.47 8.92 10.26
N ILE G 271 -42.85 7.74 10.26
CA ILE G 271 -43.26 6.67 11.17
C ILE G 271 -43.00 7.01 12.62
N TRP G 272 -42.10 7.95 12.90
CA TRP G 272 -41.83 8.33 14.29
C TRP G 272 -42.94 9.24 14.81
N PRO G 273 -43.20 9.20 16.13
CA PRO G 273 -44.19 10.09 16.75
C PRO G 273 -43.89 11.57 16.51
N PRO H 1 -17.77 -19.08 -21.75
CA PRO H 1 -16.36 -19.17 -21.35
C PRO H 1 -16.08 -20.41 -20.51
N GLU H 2 -14.81 -20.57 -20.11
CA GLU H 2 -14.43 -21.65 -19.22
C GLU H 2 -15.02 -21.42 -17.83
N TYR H 3 -15.23 -22.53 -17.11
CA TYR H 3 -15.70 -22.46 -15.74
C TYR H 3 -14.66 -21.77 -14.86
N GLN H 4 -15.12 -20.84 -14.02
CA GLN H 4 -14.22 -20.01 -13.22
C GLN H 4 -14.13 -20.45 -11.76
N ASN H 5 -14.98 -21.38 -11.31
CA ASN H 5 -14.90 -21.98 -9.99
C ASN H 5 -15.17 -20.97 -8.88
N ILE H 6 -16.27 -20.23 -9.01
CA ILE H 6 -16.72 -19.30 -7.99
C ILE H 6 -17.93 -19.85 -7.24
N PHE H 7 -18.87 -20.47 -7.94
CA PHE H 7 -20.01 -21.13 -7.32
C PHE H 7 -20.06 -22.58 -7.79
N THR H 8 -20.36 -23.48 -6.86
CA THR H 8 -20.37 -24.92 -7.17
C THR H 8 -21.55 -25.26 -8.07
N GLN H 9 -21.29 -26.13 -9.06
CA GLN H 9 -22.32 -26.47 -10.03
C GLN H 9 -23.37 -27.40 -9.44
N VAL H 10 -22.95 -28.38 -8.65
CA VAL H 10 -23.86 -29.38 -8.09
C VAL H 10 -23.34 -29.77 -6.71
N GLN H 11 -24.27 -30.00 -5.78
CA GLN H 11 -23.93 -30.32 -4.41
C GLN H 11 -24.35 -31.75 -4.07
N VAL H 12 -23.57 -32.38 -3.18
CA VAL H 12 -23.89 -33.70 -2.67
C VAL H 12 -23.88 -33.65 -1.15
N GLN H 13 -24.66 -34.54 -0.54
CA GLN H 13 -24.81 -34.56 0.91
C GLN H 13 -24.79 -35.98 1.42
N GLY H 14 -24.03 -36.21 2.49
CA GLY H 14 -23.96 -37.51 3.11
C GLY H 14 -24.17 -37.41 4.61
N PRO H 15 -23.74 -38.44 5.34
CA PRO H 15 -23.86 -38.38 6.82
C PRO H 15 -23.01 -37.26 7.39
N ALA H 16 -23.48 -36.70 8.50
CA ALA H 16 -22.79 -35.58 9.13
C ALA H 16 -21.46 -36.03 9.73
N GLU H 17 -20.45 -35.17 9.62
CA GLU H 17 -19.12 -35.45 10.14
C GLU H 17 -19.01 -34.93 11.58
N LEU H 18 -18.90 -35.84 12.53
CA LEU H 18 -18.89 -35.50 13.94
C LEU H 18 -17.51 -35.09 14.45
N GLY H 19 -16.45 -35.34 13.69
CA GLY H 19 -15.13 -34.85 14.03
C GLY H 19 -14.21 -35.96 14.51
N VAL H 20 -12.93 -35.65 14.54
CA VAL H 20 -11.90 -36.59 14.98
C VAL H 20 -11.76 -36.50 16.48
N ASP H 21 -11.10 -37.52 17.06
CA ASP H 21 -10.90 -37.59 18.50
C ASP H 21 -9.60 -38.31 18.79
N ASN H 22 -9.16 -38.20 20.04
CA ASN H 22 -7.95 -38.87 20.51
C ASN H 22 -8.15 -39.20 21.98
N GLU H 23 -7.06 -39.49 22.69
CA GLU H 23 -7.14 -39.84 24.10
C GLU H 23 -7.66 -38.69 24.96
N ASN H 24 -7.60 -37.45 24.47
CA ASN H 24 -8.09 -36.30 25.22
C ASN H 24 -9.61 -36.29 25.36
N ASN H 25 -10.32 -37.12 24.59
CA ASN H 25 -11.76 -37.29 24.72
C ASN H 25 -12.51 -35.97 24.50
N LEU H 26 -12.40 -35.45 23.27
CA LEU H 26 -13.11 -34.23 22.93
C LEU H 26 -14.61 -34.46 22.78
N THR H 27 -15.01 -35.70 22.46
CA THR H 27 -16.42 -36.00 22.23
C THR H 27 -17.28 -35.78 23.47
N GLU H 28 -16.67 -35.81 24.66
CA GLU H 28 -17.42 -35.67 25.90
C GLU H 28 -18.14 -34.34 25.99
N GLU H 29 -17.51 -33.25 25.52
CA GLU H 29 -18.06 -31.92 25.68
C GLU H 29 -18.73 -31.37 24.43
N ARG H 30 -18.86 -32.17 23.36
CA ARG H 30 -19.44 -31.70 22.13
C ARG H 30 -20.96 -31.85 22.14
N THR H 31 -21.64 -30.87 21.54
CA THR H 31 -23.09 -30.96 21.41
C THR H 31 -23.48 -31.96 20.35
N THR H 32 -24.70 -32.49 20.46
CA THR H 32 -25.27 -33.39 19.48
C THR H 32 -26.35 -32.64 18.71
N GLY H 33 -26.25 -32.65 17.38
CA GLY H 33 -27.19 -31.94 16.55
C GLY H 33 -26.50 -31.14 15.47
N THR H 34 -26.88 -31.37 14.22
CA THR H 34 -26.28 -30.71 13.08
C THR H 34 -27.37 -30.29 12.11
N GLY H 35 -27.01 -29.34 11.23
CA GLY H 35 -27.92 -28.92 10.18
C GLY H 35 -27.17 -28.71 8.88
N PHE H 36 -27.93 -28.52 7.81
CA PHE H 36 -27.39 -28.31 6.48
C PHE H 36 -28.07 -27.10 5.86
N SER H 37 -27.27 -26.19 5.32
CA SER H 37 -27.77 -24.99 4.64
C SER H 37 -27.35 -25.05 3.18
N GLN H 38 -28.33 -25.13 2.28
CA GLN H 38 -28.04 -25.19 0.85
C GLN H 38 -27.71 -23.83 0.26
N LEU H 39 -28.04 -22.74 0.94
CA LEU H 39 -27.70 -21.41 0.45
C LEU H 39 -26.21 -21.13 0.59
N ILE H 40 -25.62 -21.47 1.74
CA ILE H 40 -24.18 -21.32 1.92
C ILE H 40 -23.40 -22.45 1.30
N GLY H 41 -24.07 -23.51 0.84
CA GLY H 41 -23.40 -24.59 0.16
C GLY H 41 -22.94 -24.24 -1.24
N TRP H 42 -23.48 -23.17 -1.83
CA TRP H 42 -23.02 -22.72 -3.13
C TRP H 42 -21.61 -22.16 -3.09
N ILE H 43 -21.17 -21.65 -1.93
CA ILE H 43 -19.85 -21.05 -1.81
C ILE H 43 -18.91 -21.87 -0.94
N GLY H 44 -19.40 -22.56 0.09
CA GLY H 44 -18.55 -23.36 0.94
C GLY H 44 -19.25 -24.59 1.50
N ASN H 45 -18.81 -25.06 2.65
CA ASN H 45 -19.43 -26.21 3.29
C ASN H 45 -20.86 -25.88 3.72
N ALA H 46 -21.72 -26.90 3.69
CA ALA H 46 -23.13 -26.73 4.04
C ALA H 46 -23.43 -27.10 5.48
N GLN H 47 -22.59 -27.89 6.14
CA GLN H 47 -22.90 -28.41 7.46
C GLN H 47 -22.76 -27.32 8.53
N LEU H 48 -23.70 -27.31 9.47
CA LEU H 48 -23.70 -26.37 10.59
C LEU H 48 -23.60 -27.15 11.89
N GLY H 49 -22.63 -26.81 12.72
CA GLY H 49 -22.42 -27.49 13.98
C GLY H 49 -21.65 -28.78 13.80
N PRO H 50 -21.35 -29.48 14.92
CA PRO H 50 -21.63 -29.10 16.32
C PRO H 50 -20.57 -28.18 16.90
N ILE H 51 -20.61 -27.91 18.21
CA ILE H 51 -19.72 -26.96 18.85
C ILE H 51 -19.21 -27.55 20.16
N TYR H 52 -18.11 -26.99 20.66
CA TYR H 52 -17.48 -27.44 21.88
C TYR H 52 -17.86 -26.53 23.04
N LEU H 53 -18.30 -27.13 24.15
CA LEU H 53 -18.69 -26.38 25.35
C LEU H 53 -17.69 -26.67 26.46
N GLY H 54 -16.88 -25.67 26.81
CA GLY H 54 -16.00 -25.75 27.95
C GLY H 54 -16.36 -24.71 29.01
N TRP H 55 -15.49 -24.63 30.02
CA TRP H 55 -15.68 -23.61 31.04
C TRP H 55 -15.37 -22.21 30.50
N PHE H 56 -14.29 -22.09 29.72
CA PHE H 56 -13.88 -20.79 29.20
C PHE H 56 -14.95 -20.20 28.27
N GLY H 57 -15.52 -21.03 27.40
CA GLY H 57 -16.54 -20.54 26.49
C GLY H 57 -17.79 -20.05 27.21
N ILE H 58 -18.24 -20.80 28.22
CA ILE H 58 -19.42 -20.40 28.97
C ILE H 58 -19.16 -19.12 29.76
N ILE H 59 -17.99 -19.02 30.40
CA ILE H 59 -17.65 -17.81 31.14
C ILE H 59 -17.61 -16.61 30.20
N SER H 60 -16.99 -16.78 29.03
CA SER H 60 -16.90 -15.69 28.07
C SER H 60 -18.29 -15.26 27.60
N LEU H 61 -19.15 -16.23 27.31
CA LEU H 61 -20.51 -15.92 26.86
C LEU H 61 -21.27 -15.13 27.91
N VAL H 62 -21.20 -15.57 29.17
CA VAL H 62 -21.97 -14.92 30.23
C VAL H 62 -21.46 -13.48 30.45
N THR H 63 -20.13 -13.30 30.50
CA THR H 63 -19.60 -11.97 30.75
C THR H 63 -19.86 -11.03 29.59
N GLY H 64 -19.76 -11.51 28.35
CA GLY H 64 -20.07 -10.66 27.21
C GLY H 64 -21.54 -10.27 27.16
N THR H 65 -22.43 -11.21 27.48
CA THR H 65 -23.85 -10.89 27.56
C THR H 65 -24.10 -9.84 28.63
N LEU H 66 -23.42 -9.94 29.78
CA LEU H 66 -23.59 -8.95 30.83
C LEU H 66 -23.13 -7.57 30.37
N TRP H 67 -21.98 -7.50 29.69
CA TRP H 67 -21.50 -6.21 29.19
C TRP H 67 -22.48 -5.58 28.22
N PHE H 68 -22.97 -6.39 27.28
CA PHE H 68 -23.94 -5.91 26.30
C PHE H 68 -25.20 -5.40 26.99
N ASN H 69 -25.71 -6.14 27.97
CA ASN H 69 -26.95 -5.75 28.64
C ASN H 69 -26.77 -4.49 29.48
N ILE H 70 -25.62 -4.33 30.13
CA ILE H 70 -25.38 -3.12 30.90
C ILE H 70 -25.38 -1.90 29.98
N VAL H 71 -24.65 -2.00 28.86
CA VAL H 71 -24.62 -0.87 27.93
C VAL H 71 -26.02 -0.57 27.41
N GLY H 72 -26.76 -1.60 27.02
CA GLY H 72 -28.08 -1.39 26.44
C GLY H 72 -29.07 -0.80 27.42
N PHE H 73 -29.08 -1.26 28.67
CA PHE H 73 -30.02 -0.73 29.64
C PHE H 73 -29.66 0.70 30.05
N ASN H 74 -28.36 1.03 30.11
CA ASN H 74 -28.00 2.43 30.33
C ASN H 74 -28.50 3.32 29.19
N MET H 75 -28.32 2.87 27.95
CA MET H 75 -28.80 3.65 26.81
C MET H 75 -30.32 3.80 26.86
N LEU H 76 -31.03 2.75 27.24
CA LEU H 76 -32.49 2.82 27.33
C LEU H 76 -32.94 3.77 28.43
N SER H 77 -32.26 3.76 29.57
CA SER H 77 -32.65 4.66 30.66
C SER H 77 -32.33 6.11 30.33
N GLN H 78 -31.30 6.34 29.51
CA GLN H 78 -30.92 7.70 29.14
C GLN H 78 -31.98 8.41 28.30
N VAL H 79 -32.95 7.68 27.75
CA VAL H 79 -33.94 8.24 26.84
C VAL H 79 -35.34 8.24 27.45
N GLY H 80 -35.47 7.82 28.71
CA GLY H 80 -36.77 7.79 29.36
C GLY H 80 -37.54 6.50 29.22
N TYR H 81 -36.87 5.41 28.82
CA TYR H 81 -37.50 4.11 28.60
C TYR H 81 -38.57 4.17 27.51
N SER H 82 -38.42 5.09 26.56
CA SER H 82 -39.32 5.19 25.42
C SER H 82 -38.75 4.36 24.27
N ILE H 83 -39.40 3.24 23.96
CA ILE H 83 -38.86 2.34 22.95
C ILE H 83 -38.79 2.96 21.56
N PRO H 84 -39.83 3.65 21.05
CA PRO H 84 -39.68 4.29 19.73
C PRO H 84 -38.55 5.30 19.66
N GLU H 85 -38.33 6.08 20.72
CA GLU H 85 -37.21 7.01 20.72
C GLU H 85 -35.88 6.29 20.96
N PHE H 86 -35.90 5.15 21.63
CA PHE H 86 -34.71 4.32 21.73
C PHE H 86 -34.28 3.81 20.36
N ILE H 87 -35.24 3.41 19.53
CA ILE H 87 -34.93 2.95 18.18
C ILE H 87 -34.51 4.13 17.30
N ARG H 88 -35.18 5.28 17.45
CA ARG H 88 -34.88 6.42 16.59
C ARG H 88 -33.46 6.93 16.77
N GLN H 89 -32.92 6.87 17.98
CA GLN H 89 -31.62 7.45 18.28
C GLN H 89 -30.57 6.40 18.60
N LEU H 90 -30.72 5.18 18.06
CA LEU H 90 -29.86 4.08 18.45
C LEU H 90 -28.39 4.34 18.10
N PHE H 91 -28.14 4.89 16.92
CA PHE H 91 -26.76 5.09 16.45
C PHE H 91 -26.06 6.26 17.14
N TRP H 92 -26.79 7.11 17.86
CA TRP H 92 -26.22 8.30 18.47
C TRP H 92 -25.97 8.15 19.96
N LEU H 93 -26.52 7.12 20.60
CA LEU H 93 -26.37 6.94 22.04
C LEU H 93 -25.04 6.27 22.37
N ALA H 94 -24.65 6.37 23.64
CA ALA H 94 -23.44 5.72 24.12
C ALA H 94 -23.44 5.68 25.64
N LEU H 95 -22.59 4.80 26.17
CA LEU H 95 -22.20 4.82 27.58
C LEU H 95 -20.81 5.45 27.67
N GLU H 96 -20.70 6.58 28.36
CA GLU H 96 -19.61 7.54 28.36
C GLU H 96 -18.60 7.25 29.47
N PRO H 97 -17.31 7.39 29.16
CA PRO H 97 -16.27 7.26 30.19
C PRO H 97 -16.39 8.37 31.23
N PRO H 98 -15.70 8.23 32.36
CA PRO H 98 -15.83 9.23 33.43
C PRO H 98 -15.21 10.57 33.04
N SER H 99 -15.48 11.57 33.87
CA SER H 99 -14.96 12.92 33.68
C SER H 99 -13.50 13.00 34.09
N PRO H 100 -12.74 13.92 33.49
CA PRO H 100 -11.30 14.01 33.80
C PRO H 100 -10.99 14.35 35.24
N GLU H 101 -11.95 14.86 36.01
CA GLU H 101 -11.68 15.34 37.36
C GLU H 101 -11.56 14.21 38.38
N TYR H 102 -11.84 12.96 38.00
CA TYR H 102 -11.79 11.85 38.94
C TYR H 102 -10.48 11.08 38.90
N GLY H 103 -9.59 11.38 37.95
CA GLY H 103 -8.32 10.68 37.89
C GLY H 103 -8.52 9.19 37.66
N LEU H 104 -7.84 8.38 38.47
CA LEU H 104 -8.01 6.93 38.44
C LEU H 104 -8.86 6.42 39.59
N ARG H 105 -9.54 7.31 40.31
CA ARG H 105 -10.40 6.92 41.42
C ARG H 105 -11.72 6.36 40.90
N MET H 106 -12.45 5.70 41.79
CA MET H 106 -13.75 5.15 41.43
C MET H 106 -14.79 6.26 41.39
N PRO H 107 -15.45 6.49 40.26
CA PRO H 107 -16.43 7.57 40.17
C PRO H 107 -17.80 7.11 40.61
N PRO H 108 -18.77 8.02 40.74
CA PRO H 108 -20.14 7.59 41.04
C PRO H 108 -20.77 6.86 39.87
N LEU H 109 -21.80 6.07 40.16
CA LEU H 109 -22.51 5.35 39.12
C LEU H 109 -23.08 6.29 38.07
N ASP H 110 -23.38 7.53 38.45
CA ASP H 110 -23.93 8.48 37.50
C ASP H 110 -22.89 8.98 36.52
N ASP H 111 -21.61 8.95 36.89
CA ASP H 111 -20.56 9.61 36.10
C ASP H 111 -19.38 8.64 35.94
N GLY H 112 -19.68 7.41 35.51
CA GLY H 112 -18.67 6.49 35.04
C GLY H 112 -18.59 5.16 35.76
N GLY H 113 -19.33 4.96 36.85
CA GLY H 113 -19.24 3.69 37.56
C GLY H 113 -19.71 2.51 36.72
N TRP H 114 -20.86 2.68 36.05
CA TRP H 114 -21.34 1.64 35.14
C TRP H 114 -20.35 1.38 34.01
N PHE H 115 -19.67 2.43 33.56
CA PHE H 115 -18.64 2.27 32.53
C PHE H 115 -17.53 1.35 33.01
N ILE H 116 -17.08 1.53 34.25
CA ILE H 116 -16.01 0.70 34.81
C ILE H 116 -16.47 -0.74 34.96
N ILE H 117 -17.69 -0.95 35.45
CA ILE H 117 -18.19 -2.32 35.62
C ILE H 117 -18.29 -3.02 34.27
N ALA H 118 -18.83 -2.33 33.25
CA ALA H 118 -18.94 -2.93 31.93
C ALA H 118 -17.56 -3.24 31.35
N SER H 119 -16.59 -2.35 31.57
CA SER H 119 -15.24 -2.59 31.06
C SER H 119 -14.63 -3.83 31.71
N PHE H 120 -14.83 -3.99 33.01
CA PHE H 120 -14.31 -5.18 33.69
C PHE H 120 -14.91 -6.45 33.11
N PHE H 121 -16.22 -6.45 32.86
CA PHE H 121 -16.85 -7.65 32.31
C PHE H 121 -16.35 -7.96 30.90
N LEU H 122 -16.19 -6.92 30.07
CA LEU H 122 -15.69 -7.13 28.71
C LEU H 122 -14.27 -7.69 28.72
N LEU H 123 -13.42 -7.18 29.61
CA LEU H 123 -12.06 -7.68 29.72
C LEU H 123 -12.04 -9.15 30.10
N VAL H 124 -12.86 -9.51 31.08
CA VAL H 124 -12.93 -10.93 31.49
C VAL H 124 -13.35 -11.80 30.32
N SER H 125 -14.35 -11.34 29.56
CA SER H 125 -14.86 -12.13 28.43
C SER H 125 -13.78 -12.37 27.38
N VAL H 126 -13.05 -11.31 27.02
CA VAL H 126 -12.05 -11.45 25.95
C VAL H 126 -10.90 -12.36 26.40
N ILE H 127 -10.44 -12.20 27.65
CA ILE H 127 -9.35 -13.05 28.12
C ILE H 127 -9.79 -14.51 28.18
N SER H 128 -11.04 -14.77 28.60
CA SER H 128 -11.53 -16.14 28.64
C SER H 128 -11.60 -16.75 27.24
N TRP H 129 -12.01 -15.94 26.24
CA TRP H 129 -12.04 -16.46 24.87
C TRP H 129 -10.64 -16.81 24.38
N TRP H 130 -9.64 -15.98 24.71
CA TRP H 130 -8.27 -16.31 24.32
C TRP H 130 -7.80 -17.59 24.99
N LEU H 131 -8.15 -17.80 26.25
CA LEU H 131 -7.80 -19.04 26.92
C LEU H 131 -8.44 -20.24 26.24
N ARG H 132 -9.69 -20.10 25.81
CA ARG H 132 -10.36 -21.20 25.10
C ARG H 132 -9.65 -21.53 23.78
N THR H 133 -9.25 -20.49 23.03
CA THR H 133 -8.57 -20.75 21.76
C THR H 133 -7.20 -21.38 21.98
N TYR H 134 -6.53 -21.08 23.09
CA TYR H 134 -5.26 -21.76 23.38
C TYR H 134 -5.50 -23.22 23.75
N GLN H 135 -6.49 -23.47 24.61
CA GLN H 135 -6.72 -24.82 25.11
C GLN H 135 -7.16 -25.77 24.00
N LEU H 136 -7.97 -25.28 23.06
CA LEU H 136 -8.41 -26.16 21.98
C LEU H 136 -7.25 -26.63 21.13
N ALA H 137 -6.33 -25.72 20.78
CA ALA H 137 -5.16 -26.12 20.01
C ALA H 137 -4.24 -27.05 20.81
N GLU H 138 -4.16 -26.83 22.13
CA GLU H 138 -3.37 -27.75 22.95
C GLU H 138 -3.97 -29.16 22.95
N MET H 139 -5.29 -29.26 23.03
CA MET H 139 -5.95 -30.57 23.08
C MET H 139 -6.06 -31.23 21.71
N HIS H 140 -5.94 -30.48 20.62
CA HIS H 140 -5.92 -31.07 19.29
C HIS H 140 -4.53 -31.48 18.82
N LYS H 141 -3.50 -31.25 19.65
CA LYS H 141 -2.11 -31.56 19.31
C LYS H 141 -1.67 -30.85 18.04
N MET H 142 -1.94 -29.54 17.98
CA MET H 142 -1.55 -28.70 16.87
C MET H 142 -0.70 -27.54 17.38
N GLY H 143 -0.23 -26.71 16.46
CA GLY H 143 0.52 -25.53 16.82
C GLY H 143 -0.36 -24.45 17.42
N LYS H 144 0.29 -23.41 17.96
CA LYS H 144 -0.38 -22.34 18.67
C LYS H 144 -0.35 -21.02 17.89
N HIS H 145 -0.51 -21.10 16.57
CA HIS H 145 -0.42 -19.90 15.75
C HIS H 145 -1.67 -19.02 15.88
N VAL H 146 -2.84 -19.65 16.00
CA VAL H 146 -4.09 -18.90 16.10
C VAL H 146 -4.10 -18.04 17.37
N ALA H 147 -3.66 -18.61 18.49
CA ALA H 147 -3.65 -17.87 19.75
C ALA H 147 -2.70 -16.68 19.69
N TRP H 148 -1.56 -16.84 19.03
CA TRP H 148 -0.55 -15.77 18.94
C TRP H 148 -0.96 -14.64 18.05
N ALA H 149 -1.72 -14.91 17.02
CA ALA H 149 -2.25 -13.87 16.17
C ALA H 149 -3.46 -13.16 16.82
N PHE H 150 -4.20 -13.80 17.73
CA PHE H 150 -5.31 -13.21 18.43
C PHE H 150 -4.72 -12.35 19.50
N ALA H 151 -3.62 -12.76 20.09
CA ALA H 151 -2.92 -11.96 21.08
C ALA H 151 -2.32 -10.70 20.52
N ALA H 152 -2.01 -10.66 19.24
CA ALA H 152 -1.52 -9.44 18.62
C ALA H 152 -2.60 -8.41 18.49
N ALA H 153 -3.83 -8.81 18.24
CA ALA H 153 -4.91 -7.84 18.24
C ALA H 153 -5.33 -7.44 19.65
N ILE H 154 -5.26 -8.39 20.59
CA ILE H 154 -5.57 -8.07 21.98
C ILE H 154 -4.60 -7.03 22.52
N TRP H 155 -3.38 -6.99 21.99
CA TRP H 155 -2.40 -5.98 22.42
C TRP H 155 -2.89 -4.56 22.14
N LEU H 156 -3.37 -4.32 20.91
CA LEU H 156 -3.90 -2.99 20.57
C LEU H 156 -5.18 -2.69 21.35
N PHE H 157 -6.04 -3.70 21.52
CA PHE H 157 -7.23 -3.56 22.35
C PHE H 157 -6.87 -3.06 23.75
N LEU H 158 -5.92 -3.73 24.40
CA LEU H 158 -5.53 -3.39 25.76
C LEU H 158 -4.84 -2.03 25.83
N VAL H 159 -4.01 -1.70 24.84
CA VAL H 159 -3.36 -0.39 24.84
C VAL H 159 -4.40 0.71 24.72
N LEU H 160 -5.40 0.53 23.86
CA LEU H 160 -6.44 1.54 23.71
C LEU H 160 -7.24 1.72 25.00
N GLY H 161 -7.56 0.62 25.69
CA GLY H 161 -8.47 0.76 26.82
C GLY H 161 -7.90 0.74 28.22
N LEU H 162 -6.73 0.13 28.43
CA LEU H 162 -6.21 -0.07 29.78
C LEU H 162 -4.86 0.59 30.02
N PHE H 163 -3.86 0.31 29.19
CA PHE H 163 -2.48 0.70 29.51
C PHE H 163 -2.29 2.21 29.38
N ARG H 164 -2.75 2.79 28.29
CA ARG H 164 -2.58 4.23 28.09
C ARG H 164 -3.35 5.07 29.11
N PRO H 165 -4.60 4.78 29.45
CA PRO H 165 -5.25 5.56 30.53
C PRO H 165 -4.53 5.48 31.86
N ILE H 166 -3.91 4.34 32.18
CA ILE H 166 -3.14 4.24 33.41
C ILE H 166 -1.87 5.08 33.33
N LEU H 167 -1.18 5.04 32.18
CA LEU H 167 0.03 5.83 32.03
C LEU H 167 -0.27 7.33 32.08
N MET H 168 -1.39 7.76 31.49
CA MET H 168 -1.77 9.16 31.54
C MET H 168 -2.41 9.55 32.86
N GLY H 169 -2.86 8.59 33.66
CA GLY H 169 -3.39 8.88 34.98
C GLY H 169 -4.84 9.31 35.03
N SER H 170 -5.69 8.77 34.16
CA SER H 170 -7.10 9.14 34.16
C SER H 170 -7.89 8.10 33.37
N TRP H 171 -9.00 7.63 33.94
CA TRP H 171 -9.89 6.73 33.21
C TRP H 171 -10.66 7.45 32.11
N SER H 172 -10.63 8.78 32.08
CA SER H 172 -11.31 9.58 31.07
C SER H 172 -10.64 9.53 29.71
N GLU H 173 -9.56 8.78 29.56
CA GLU H 173 -8.86 8.66 28.28
C GLU H 173 -9.34 7.49 27.44
N ALA H 174 -10.35 6.75 27.90
CA ALA H 174 -10.82 5.56 27.19
C ALA H 174 -11.84 5.93 26.12
N VAL H 175 -12.40 4.93 25.47
CA VAL H 175 -13.26 5.10 24.29
C VAL H 175 -14.71 4.89 24.70
N PRO H 176 -15.64 5.77 24.31
CA PRO H 176 -17.05 5.55 24.62
C PRO H 176 -17.65 4.40 23.84
N TYR H 177 -18.64 3.75 24.45
CA TYR H 177 -19.29 2.58 23.87
C TYR H 177 -20.49 3.03 23.05
N GLY H 178 -20.31 3.30 21.76
CA GLY H 178 -21.37 3.69 20.90
C GLY H 178 -20.89 3.77 19.51
N ILE H 179 -21.77 3.81 18.54
CA ILE H 179 -21.37 3.78 17.13
C ILE H 179 -20.87 5.09 16.58
N PHE H 180 -21.71 6.10 16.44
CA PHE H 180 -21.26 7.41 16.05
C PHE H 180 -20.36 8.02 17.13
N PRO H 181 -20.65 7.84 18.46
CA PRO H 181 -19.73 8.36 19.48
C PRO H 181 -18.26 7.86 19.53
N HIS H 182 -17.88 6.72 18.99
CA HIS H 182 -16.52 6.22 18.94
C HIS H 182 -15.81 6.68 17.68
N LEU H 183 -16.54 7.08 16.66
CA LEU H 183 -15.98 7.65 15.46
C LEU H 183 -15.76 9.10 15.72
N ASP H 184 -16.46 9.69 16.67
CA ASP H 184 -16.21 11.04 17.10
C ASP H 184 -14.92 11.02 17.94
N TRP H 185 -14.70 9.99 18.78
CA TRP H 185 -13.48 9.87 19.56
C TRP H 185 -12.25 9.73 18.67
N THR H 186 -12.37 8.94 17.60
CA THR H 186 -11.24 8.78 16.67
C THR H 186 -10.82 10.13 16.09
N THR H 187 -11.79 10.89 15.56
CA THR H 187 -11.46 12.18 14.95
C THR H 187 -10.90 13.15 15.98
N ALA H 188 -11.50 13.21 17.17
CA ALA H 188 -11.05 14.15 18.19
C ALA H 188 -9.66 13.78 18.70
N PHE H 189 -9.35 12.48 18.83
CA PHE H 189 -8.02 12.07 19.20
C PHE H 189 -7.00 12.53 18.16
N SER H 190 -7.34 12.38 16.87
CA SER H 190 -6.40 12.83 15.84
C SER H 190 -6.19 14.34 15.90
N ILE H 191 -7.25 15.11 16.12
CA ILE H 191 -7.12 16.57 16.14
C ILE H 191 -6.34 17.04 17.38
N ARG H 192 -6.57 16.40 18.53
CA ARG H 192 -6.03 16.91 19.79
C ARG H 192 -4.51 16.90 19.80
N TYR H 193 -3.88 15.88 19.23
CA TYR H 193 -2.44 15.68 19.32
C TYR H 193 -1.73 15.98 18.00
N GLY H 194 -2.15 17.03 17.32
CA GLY H 194 -1.53 17.42 16.06
C GLY H 194 -2.22 16.72 14.91
N ASN H 195 -1.43 16.03 14.09
CA ASN H 195 -1.93 15.27 12.96
C ASN H 195 -1.39 13.85 13.06
N LEU H 196 -2.29 12.88 13.19
CA LEU H 196 -1.85 11.49 13.32
C LEU H 196 -1.25 10.94 12.05
N TYR H 197 -1.39 11.63 10.92
CA TYR H 197 -0.71 11.20 9.70
C TYR H 197 0.80 11.24 9.87
N TYR H 198 1.32 12.24 10.58
CA TYR H 198 2.75 12.43 10.75
C TYR H 198 3.32 11.64 11.92
N ASN H 199 2.58 10.66 12.42
CA ASN H 199 3.08 9.66 13.35
C ASN H 199 3.66 8.51 12.53
N PRO H 200 4.97 8.27 12.59
CA PRO H 200 5.57 7.24 11.73
C PRO H 200 5.03 5.84 11.99
N PHE H 201 4.58 5.54 13.21
CA PHE H 201 4.03 4.21 13.47
C PHE H 201 2.61 4.05 12.91
N HIS H 202 1.83 5.14 12.86
CA HIS H 202 0.56 5.09 12.13
C HIS H 202 0.80 4.81 10.65
N ALA H 203 1.85 5.40 10.07
CA ALA H 203 2.21 5.13 8.69
C ALA H 203 2.66 3.69 8.48
N LEU H 204 3.45 3.14 9.41
CA LEU H 204 3.83 1.73 9.31
C LEU H 204 2.62 0.82 9.41
N SER H 205 1.69 1.14 10.31
CA SER H 205 0.47 0.36 10.43
C SER H 205 -0.34 0.37 9.14
N ILE H 206 -0.44 1.54 8.50
CA ILE H 206 -1.15 1.62 7.22
C ILE H 206 -0.42 0.79 6.16
N VAL H 207 0.91 0.83 6.16
CA VAL H 207 1.68 0.01 5.23
C VAL H 207 1.30 -1.45 5.37
N PHE H 208 1.26 -1.95 6.60
CA PHE H 208 0.99 -3.37 6.80
C PHE H 208 -0.46 -3.73 6.51
N LEU H 209 -1.41 -2.84 6.79
CA LEU H 209 -2.81 -3.12 6.45
C LEU H 209 -3.01 -3.20 4.94
N TYR H 210 -2.50 -2.20 4.21
CA TYR H 210 -2.57 -2.24 2.75
C TYR H 210 -1.91 -3.49 2.20
N GLY H 211 -0.74 -3.85 2.75
CA GLY H 211 -0.03 -5.02 2.27
C GLY H 211 -0.79 -6.31 2.52
N SER H 212 -1.47 -6.42 3.66
CA SER H 212 -2.24 -7.63 3.95
C SER H 212 -3.42 -7.77 3.01
N VAL H 213 -4.12 -6.67 2.71
CA VAL H 213 -5.22 -6.76 1.74
C VAL H 213 -4.69 -7.15 0.35
N LEU H 214 -3.57 -6.55 -0.05
CA LEU H 214 -2.97 -6.89 -1.34
C LEU H 214 -2.55 -8.36 -1.39
N LEU H 215 -1.97 -8.86 -0.31
CA LEU H 215 -1.54 -10.25 -0.25
C LEU H 215 -2.72 -11.21 -0.34
N PHE H 216 -3.82 -10.90 0.35
CA PHE H 216 -4.96 -11.81 0.26
C PHE H 216 -5.55 -11.82 -1.14
N ALA H 217 -5.62 -10.65 -1.80
CA ALA H 217 -6.08 -10.65 -3.18
C ALA H 217 -5.21 -11.54 -4.05
N MET H 218 -3.88 -11.38 -3.95
CA MET H 218 -2.95 -12.17 -4.75
C MET H 218 -3.10 -13.67 -4.48
N HIS H 219 -3.12 -14.06 -3.21
CA HIS H 219 -3.16 -15.48 -2.86
C HIS H 219 -4.46 -16.12 -3.26
N GLY H 220 -5.60 -15.45 -3.02
CA GLY H 220 -6.87 -16.01 -3.44
C GLY H 220 -6.96 -16.21 -4.94
N ALA H 221 -6.55 -15.19 -5.71
CA ALA H 221 -6.60 -15.34 -7.16
C ALA H 221 -5.67 -16.45 -7.64
N THR H 222 -4.46 -16.53 -7.07
CA THR H 222 -3.49 -17.53 -7.52
C THR H 222 -3.98 -18.95 -7.21
N ILE H 223 -4.52 -19.17 -6.02
CA ILE H 223 -4.99 -20.51 -5.69
C ILE H 223 -6.19 -20.89 -6.51
N LEU H 224 -7.09 -19.93 -6.79
CA LEU H 224 -8.23 -20.25 -7.64
C LEU H 224 -7.81 -20.54 -9.08
N ALA H 225 -6.71 -19.95 -9.55
CA ALA H 225 -6.28 -20.16 -10.92
C ALA H 225 -5.50 -21.47 -11.13
N VAL H 226 -5.05 -22.14 -10.08
CA VAL H 226 -4.40 -23.44 -10.21
C VAL H 226 -5.24 -24.55 -9.60
N THR H 227 -6.52 -24.28 -9.34
CA THR H 227 -7.40 -25.30 -8.78
C THR H 227 -7.68 -26.42 -9.77
N ARG H 228 -7.57 -26.17 -11.07
CA ARG H 228 -7.72 -27.22 -12.06
C ARG H 228 -6.63 -28.29 -11.94
N PHE H 229 -5.56 -28.01 -11.21
CA PHE H 229 -4.51 -28.98 -10.92
C PHE H 229 -4.60 -29.50 -9.49
N GLY H 230 -5.75 -29.32 -8.84
CA GLY H 230 -5.90 -29.70 -7.44
C GLY H 230 -5.12 -28.85 -6.47
N GLY H 231 -5.07 -27.53 -6.71
CA GLY H 231 -4.26 -26.64 -5.90
C GLY H 231 -4.83 -26.31 -4.54
N ASP H 232 -6.15 -26.45 -4.35
CA ASP H 232 -6.75 -26.10 -3.07
C ASP H 232 -6.42 -27.09 -1.97
N ARG H 233 -5.86 -28.26 -2.30
CA ARG H 233 -5.39 -29.20 -1.29
C ARG H 233 -3.94 -28.86 -0.97
N GLU H 234 -3.77 -27.86 -0.10
CA GLU H 234 -2.47 -27.24 0.12
C GLU H 234 -1.55 -28.12 0.96
N LEU H 235 -2.10 -28.82 1.96
CA LEU H 235 -1.26 -29.61 2.85
C LEU H 235 -0.57 -30.75 2.13
N GLU H 236 -1.30 -31.46 1.25
CA GLU H 236 -0.68 -32.53 0.48
C GLU H 236 0.33 -31.98 -0.52
N GLN H 237 0.10 -30.76 -1.03
CA GLN H 237 1.11 -30.13 -1.88
C GLN H 237 2.37 -29.78 -1.09
N ILE H 238 2.22 -29.48 0.20
CA ILE H 238 3.39 -29.25 1.05
C ILE H 238 4.14 -30.55 1.30
N TYR H 239 3.40 -31.64 1.56
CA TYR H 239 4.05 -32.91 1.84
C TYR H 239 4.58 -33.62 0.59
N ASP H 240 4.02 -33.33 -0.59
CA ASP H 240 4.42 -34.01 -1.82
C ASP H 240 4.17 -33.04 -2.97
N ARG H 241 5.23 -32.39 -3.44
CA ARG H 241 5.08 -31.30 -4.41
C ARG H 241 4.50 -31.80 -5.73
N GLY H 242 3.58 -31.01 -6.28
CA GLY H 242 2.94 -31.32 -7.55
C GLY H 242 3.07 -30.19 -8.55
N THR H 243 2.40 -30.31 -9.70
CA THR H 243 2.54 -29.32 -10.75
C THR H 243 1.79 -28.03 -10.45
N ALA H 244 0.79 -28.07 -9.56
CA ALA H 244 0.09 -26.86 -9.16
C ALA H 244 1.03 -25.89 -8.46
N SER H 245 1.85 -26.39 -7.53
CA SER H 245 2.80 -25.55 -6.83
C SER H 245 3.86 -24.99 -7.78
N GLU H 246 4.32 -25.81 -8.72
CA GLU H 246 5.33 -25.36 -9.67
C GLU H 246 4.79 -24.25 -10.56
N ARG H 247 3.58 -24.42 -11.09
CA ARG H 247 2.99 -23.37 -11.92
C ARG H 247 2.73 -22.10 -11.11
N ALA H 248 2.25 -22.25 -9.88
CA ALA H 248 2.00 -21.09 -9.04
C ALA H 248 3.28 -20.32 -8.73
N GLY H 249 4.37 -21.03 -8.46
CA GLY H 249 5.64 -20.35 -8.25
C GLY H 249 6.18 -19.69 -9.50
N LEU H 250 6.10 -20.39 -10.64
CA LEU H 250 6.69 -19.87 -11.87
C LEU H 250 5.95 -18.64 -12.38
N PHE H 251 4.64 -18.54 -12.11
CA PHE H 251 3.90 -17.34 -12.51
C PHE H 251 4.54 -16.09 -11.89
N TRP H 252 4.71 -16.09 -10.58
CA TRP H 252 5.23 -14.92 -9.90
C TRP H 252 6.73 -14.75 -10.14
N ARG H 253 7.45 -15.84 -10.37
CA ARG H 253 8.86 -15.71 -10.72
C ARG H 253 9.04 -15.02 -12.07
N TRP H 254 8.22 -15.38 -13.06
CA TRP H 254 8.30 -14.72 -14.36
C TRP H 254 7.69 -13.32 -14.33
N THR H 255 6.81 -13.04 -13.36
CA THR H 255 6.21 -11.71 -13.28
C THR H 255 7.14 -10.70 -12.60
N MET H 256 7.57 -10.98 -11.36
CA MET H 256 8.29 -9.97 -10.58
C MET H 256 9.68 -10.41 -10.14
N GLY H 257 10.18 -11.54 -10.60
CA GLY H 257 11.56 -11.91 -10.37
C GLY H 257 11.84 -12.76 -9.15
N PHE H 258 10.85 -13.03 -8.31
CA PHE H 258 11.02 -13.94 -7.18
C PHE H 258 9.66 -14.48 -6.78
N ASN H 259 9.68 -15.58 -6.04
CA ASN H 259 8.44 -16.28 -5.71
C ASN H 259 8.56 -16.89 -4.32
N ALA H 260 7.56 -17.68 -3.95
CA ALA H 260 7.46 -18.33 -2.65
C ALA H 260 7.31 -19.84 -2.83
N THR H 261 7.07 -20.53 -1.73
CA THR H 261 6.67 -21.93 -1.73
C THR H 261 5.21 -22.02 -1.29
N MET H 262 4.67 -23.23 -1.33
CA MET H 262 3.29 -23.42 -0.88
C MET H 262 3.16 -23.23 0.62
N GLU H 263 4.19 -23.59 1.40
CA GLU H 263 4.15 -23.37 2.83
C GLU H 263 4.62 -21.97 3.22
N GLY H 264 5.54 -21.38 2.46
CA GLY H 264 6.12 -20.10 2.83
C GLY H 264 5.24 -18.91 2.58
N ILE H 265 4.23 -19.02 1.70
CA ILE H 265 3.33 -17.89 1.47
C ILE H 265 2.50 -17.61 2.71
N HIS H 266 2.13 -18.66 3.46
CA HIS H 266 1.33 -18.48 4.67
C HIS H 266 2.12 -17.80 5.78
N ARG H 267 3.45 -17.99 5.82
CA ARG H 267 4.27 -17.23 6.76
C ARG H 267 4.27 -15.73 6.43
N TRP H 268 4.40 -15.40 5.14
CA TRP H 268 4.27 -14.01 4.73
C TRP H 268 2.93 -13.43 5.15
N ALA H 269 1.85 -14.16 4.89
CA ALA H 269 0.53 -13.68 5.25
C ALA H 269 0.38 -13.49 6.75
N TRP H 270 0.86 -14.46 7.53
CA TRP H 270 0.75 -14.39 8.98
C TRP H 270 1.47 -13.16 9.52
N TRP H 271 2.71 -12.90 9.17
CA TRP H 271 3.41 -11.70 9.59
C TRP H 271 2.85 -10.34 9.17
N PHE H 272 2.38 -10.16 7.95
CA PHE H 272 1.79 -8.90 7.48
C PHE H 272 0.53 -8.50 8.22
N ALA H 273 -0.28 -9.45 8.61
CA ALA H 273 -1.49 -9.22 9.38
C ALA H 273 -1.25 -8.94 10.82
N VAL H 274 -0.40 -9.70 11.47
CA VAL H 274 -0.05 -9.50 12.86
C VAL H 274 0.78 -8.24 13.03
N LEU H 275 1.59 -7.86 12.04
CA LEU H 275 2.35 -6.64 12.27
C LEU H 275 1.50 -5.37 12.30
N THR H 276 0.22 -5.44 11.89
CA THR H 276 -0.60 -4.23 11.88
C THR H 276 -0.94 -3.75 13.29
N PRO H 277 -1.60 -4.55 14.15
CA PRO H 277 -1.88 -4.05 15.51
C PRO H 277 -0.65 -3.80 16.36
N ILE H 278 0.47 -4.48 16.13
CA ILE H 278 1.65 -4.26 16.96
C ILE H 278 2.22 -2.86 16.73
N THR H 279 2.44 -2.50 15.47
CA THR H 279 2.91 -1.15 15.16
C THR H 279 1.87 -0.11 15.55
N GLY H 280 0.58 -0.42 15.36
CA GLY H 280 -0.45 0.50 15.79
C GLY H 280 -0.44 0.78 17.28
N GLY H 281 -0.30 -0.28 18.09
CA GLY H 281 -0.25 -0.10 19.53
C GLY H 281 0.99 0.64 19.99
N ILE H 282 2.14 0.37 19.36
CA ILE H 282 3.34 1.13 19.69
C ILE H 282 3.13 2.62 19.39
N GLY H 283 2.51 2.92 18.24
CA GLY H 283 2.24 4.31 17.91
C GLY H 283 1.28 4.98 18.87
N ILE H 284 0.23 4.27 19.29
CA ILE H 284 -0.77 4.86 20.17
C ILE H 284 -0.17 5.09 21.57
N LEU H 285 0.64 4.14 22.05
CA LEU H 285 1.20 4.28 23.39
C LEU H 285 2.18 5.44 23.52
N LEU H 286 2.80 5.87 22.42
CA LEU H 286 3.76 6.97 22.44
C LEU H 286 3.11 8.35 22.38
N THR H 287 1.80 8.42 22.11
CA THR H 287 1.12 9.69 21.92
C THR H 287 0.64 10.24 23.26
N GLY H 288 0.99 11.49 23.54
CA GLY H 288 0.63 12.14 24.78
C GLY H 288 1.62 11.89 25.90
N THR H 289 2.20 10.69 25.96
CA THR H 289 3.19 10.39 26.98
C THR H 289 4.59 10.83 26.57
N VAL H 290 4.89 10.86 25.27
CA VAL H 290 6.19 11.28 24.77
C VAL H 290 6.06 12.48 23.83
N VAL H 291 5.20 12.37 22.82
CA VAL H 291 5.03 13.39 21.80
C VAL H 291 3.64 13.99 21.90
N ASP H 292 3.55 15.32 21.84
CA ASP H 292 2.28 16.03 21.98
C ASP H 292 1.82 16.75 20.73
N ASN H 293 2.65 16.86 19.70
CA ASN H 293 2.28 17.51 18.45
C ASN H 293 3.11 16.86 17.35
N TRP H 294 2.48 16.03 16.52
CA TRP H 294 3.23 15.24 15.55
C TRP H 294 3.69 16.07 14.36
N PHE H 295 2.95 17.12 13.99
CA PHE H 295 3.40 17.97 12.88
C PHE H 295 4.63 18.78 13.27
N LEU H 296 4.69 19.26 14.51
CA LEU H 296 5.90 19.96 14.97
C LEU H 296 7.07 19.00 15.07
N TRP H 297 6.82 17.75 15.45
CA TRP H 297 7.85 16.73 15.44
C TRP H 297 8.38 16.50 14.01
N ALA H 298 7.47 16.46 13.03
CA ALA H 298 7.90 16.30 11.64
C ALA H 298 8.70 17.50 11.16
N VAL H 299 8.31 18.71 11.57
CA VAL H 299 9.09 19.90 11.23
C VAL H 299 10.49 19.81 11.83
N GLU H 300 10.57 19.35 13.08
CA GLU H 300 11.86 19.22 13.75
C GLU H 300 12.75 18.19 13.05
N HIS H 301 12.17 17.09 12.59
CA HIS H 301 12.94 16.03 11.93
C HIS H 301 12.97 16.16 10.42
N ASN H 302 12.45 17.28 9.88
CA ASN H 302 12.64 17.66 8.48
C ASN H 302 12.02 16.65 7.50
N PHE H 303 10.73 16.35 7.69
CA PHE H 303 10.00 15.65 6.64
C PHE H 303 8.59 16.21 6.49
N ALA H 304 8.41 17.51 6.74
CA ALA H 304 7.16 18.19 6.50
C ALA H 304 7.27 19.03 5.24
N PRO H 305 6.42 18.83 4.24
CA PRO H 305 6.54 19.61 3.00
C PRO H 305 6.25 21.09 3.21
N ASP H 306 6.79 21.89 2.29
CA ASP H 306 6.65 23.35 2.32
C ASP H 306 5.95 23.81 1.06
N TYR H 307 5.07 24.80 1.20
CA TYR H 307 4.25 25.31 0.11
C TYR H 307 4.56 26.78 -0.14
N THR H 308 4.63 27.15 -1.42
CA THR H 308 5.03 28.48 -1.84
C THR H 308 3.85 29.41 -2.12
N GLN H 309 2.75 28.88 -2.64
CA GLN H 309 1.63 29.71 -3.06
C GLN H 309 0.91 30.31 -1.85
N ASP H 310 -0.13 31.10 -2.14
CA ASP H 310 -0.86 31.85 -1.13
C ASP H 310 -2.15 31.14 -0.72
N TYR H 311 -2.71 31.61 0.39
CA TYR H 311 -3.95 31.08 0.96
C TYR H 311 -5.09 32.07 0.79
N GLY H 312 -6.29 31.56 0.62
CA GLY H 312 -7.46 32.40 0.50
C GLY H 312 -8.02 32.41 -0.91
N TYR H 313 -9.32 32.61 -1.03
CA TYR H 313 -9.97 32.57 -2.33
C TYR H 313 -9.71 33.80 -3.17
N GLU H 314 -9.41 34.95 -2.56
CA GLU H 314 -9.20 36.17 -3.31
C GLU H 314 -7.88 36.19 -4.07
N ALA H 315 -7.00 35.21 -3.82
CA ALA H 315 -5.80 35.05 -4.63
C ALA H 315 -6.03 34.25 -5.89
N TYR H 316 -7.23 33.70 -6.08
CA TYR H 316 -7.49 32.83 -7.22
C TYR H 316 -8.73 33.25 -8.01
N THR H 317 -9.71 33.86 -7.35
CA THR H 317 -10.97 34.18 -8.01
C THR H 317 -11.64 35.34 -7.28
N THR H 318 -12.90 35.59 -7.62
CA THR H 318 -13.70 36.69 -7.08
C THR H 318 -15.06 36.13 -6.66
N TYR H 319 -15.63 36.71 -5.61
CA TYR H 319 -16.92 36.24 -5.10
C TYR H 319 -18.02 36.37 -6.16
N ASP H 320 -18.03 37.49 -6.90
CA ASP H 320 -18.98 37.64 -8.00
C ASP H 320 -18.72 36.63 -9.11
N GLY H 321 -17.44 36.36 -9.40
CA GLY H 321 -17.12 35.41 -10.45
C GLY H 321 -17.59 34.00 -10.12
N PHE H 322 -17.46 33.59 -8.86
CA PHE H 322 -17.94 32.27 -8.46
C PHE H 322 -19.46 32.19 -8.58
N LEU H 323 -20.18 33.23 -8.16
CA LEU H 323 -21.63 33.25 -8.25
C LEU H 323 -22.14 33.41 -9.67
N GLY H 324 -21.30 33.86 -10.60
CA GLY H 324 -21.72 34.02 -11.97
C GLY H 324 -22.43 35.31 -12.28
N ARG H 325 -22.28 36.33 -11.45
CA ARG H 325 -22.92 37.62 -11.68
C ARG H 325 -22.11 38.46 -12.66
N MET I 1 27.90 -24.63 46.14
CA MET I 1 29.10 -23.80 46.01
C MET I 1 29.94 -24.25 44.82
N SER I 2 30.76 -25.28 45.03
CA SER I 2 31.60 -25.83 43.99
C SER I 2 30.85 -26.76 43.05
N LYS I 3 29.53 -26.84 43.19
CA LYS I 3 28.69 -27.65 42.32
C LYS I 3 27.98 -26.80 41.27
N PHE I 4 28.46 -25.57 41.07
CA PHE I 4 27.83 -24.65 40.14
C PHE I 4 28.06 -25.02 38.67
N TYR I 5 28.94 -26.00 38.40
CA TYR I 5 29.14 -26.43 37.03
C TYR I 5 27.91 -27.12 36.45
N LYS I 6 27.01 -27.60 37.31
CA LYS I 6 25.85 -28.37 36.87
C LYS I 6 24.81 -27.55 36.12
N ILE I 7 24.95 -26.22 36.09
CA ILE I 7 24.00 -25.38 35.36
C ILE I 7 23.98 -25.75 33.88
N TRP I 8 25.10 -26.21 33.34
CA TRP I 8 25.21 -26.53 31.92
C TRP I 8 24.56 -27.87 31.58
N LEU I 9 24.03 -28.58 32.56
CA LEU I 9 23.22 -29.76 32.31
C LEU I 9 21.76 -29.43 32.07
N ILE I 10 21.34 -28.22 32.38
CA ILE I 10 19.96 -27.79 32.17
C ILE I 10 19.84 -26.88 30.95
N PHE I 11 20.72 -25.88 30.86
CA PHE I 11 20.66 -24.87 29.81
C PHE I 11 21.60 -25.23 28.67
N ASP I 12 21.17 -24.90 27.45
CA ASP I 12 22.00 -25.10 26.27
C ASP I 12 23.05 -23.99 26.20
N PRO I 13 24.34 -24.32 26.10
CA PRO I 13 25.37 -23.28 26.22
C PRO I 13 25.34 -22.21 25.14
N ARG I 14 24.69 -22.45 24.00
CA ARG I 14 24.75 -21.50 22.90
C ARG I 14 23.82 -20.32 23.11
N ARG I 15 22.54 -20.59 23.34
CA ARG I 15 21.55 -19.52 23.49
C ARG I 15 21.77 -18.71 24.75
N VAL I 16 22.27 -19.30 25.84
CA VAL I 16 22.58 -18.51 27.02
C VAL I 16 23.71 -17.53 26.73
N PHE I 17 24.73 -17.97 25.97
CA PHE I 17 25.80 -17.05 25.57
C PHE I 17 25.27 -15.92 24.71
N VAL I 18 24.42 -16.24 23.73
CA VAL I 18 23.84 -15.20 22.88
C VAL I 18 23.07 -14.18 23.71
N ALA I 19 22.24 -14.67 24.62
CA ALA I 19 21.46 -13.79 25.45
C ALA I 19 22.29 -12.93 26.39
N GLN I 20 23.42 -13.44 26.86
CA GLN I 20 24.27 -12.65 27.71
C GLN I 20 25.03 -11.64 26.89
N GLY I 21 25.27 -11.91 25.62
CA GLY I 21 26.05 -11.00 24.85
C GLY I 21 25.18 -9.81 24.56
N VAL I 22 23.92 -10.09 24.24
CA VAL I 22 22.99 -9.02 23.89
C VAL I 22 22.65 -8.19 25.13
N PHE I 23 22.34 -8.86 26.24
CA PHE I 23 21.97 -8.15 27.46
C PHE I 23 23.10 -7.28 27.97
N LEU I 24 24.35 -7.79 27.92
CA LEU I 24 25.49 -7.02 28.40
C LEU I 24 25.73 -5.78 27.54
N PHE I 25 25.66 -5.91 26.21
CA PHE I 25 25.84 -4.72 25.38
C PHE I 25 24.76 -3.70 25.65
N LEU I 26 23.50 -4.13 25.75
CA LEU I 26 22.41 -3.19 26.00
C LEU I 26 22.58 -2.50 27.35
N LEU I 27 22.99 -3.26 28.37
CA LEU I 27 23.20 -2.66 29.69
C LEU I 27 24.29 -1.60 29.65
N ALA I 28 25.42 -1.91 29.00
CA ALA I 28 26.51 -0.94 28.92
C ALA I 28 26.07 0.33 28.19
N ALA I 29 25.36 0.16 27.07
CA ALA I 29 24.89 1.32 26.33
C ALA I 29 23.95 2.17 27.17
N MET I 30 23.02 1.53 27.88
CA MET I 30 22.07 2.28 28.69
C MET I 30 22.76 3.02 29.82
N ILE I 31 23.73 2.39 30.47
CA ILE I 31 24.43 3.07 31.56
C ILE I 31 25.24 4.25 31.03
N HIS I 32 25.91 4.10 29.89
CA HIS I 32 26.64 5.23 29.31
C HIS I 32 25.69 6.39 28.96
N LEU I 33 24.53 6.08 28.36
CA LEU I 33 23.58 7.13 28.02
C LEU I 33 22.97 7.82 29.24
N VAL I 34 22.57 7.06 30.26
CA VAL I 34 22.01 7.65 31.48
C VAL I 34 23.00 8.58 32.16
N LEU I 35 24.28 8.22 32.18
CA LEU I 35 25.33 9.13 32.62
C LEU I 35 25.45 10.36 31.73
N LEU I 36 25.32 10.21 30.41
CA LEU I 36 25.34 11.38 29.54
C LEU I 36 24.18 12.32 29.79
N SER I 37 23.03 11.80 30.26
CA SER I 37 21.87 12.64 30.46
C SER I 37 22.06 13.65 31.59
N THR I 38 22.89 13.32 32.59
CA THR I 38 23.08 14.22 33.72
C THR I 38 23.99 15.38 33.32
N GLU I 39 24.39 16.17 34.31
CA GLU I 39 25.24 17.33 34.09
C GLU I 39 26.60 17.23 34.74
N HIS I 40 26.71 16.55 35.88
CA HIS I 40 28.01 16.44 36.56
C HIS I 40 28.91 15.39 35.91
N PHE I 41 28.35 14.42 35.18
CA PHE I 41 29.12 13.32 34.62
C PHE I 41 29.07 13.27 33.09
N ASN I 42 28.71 14.38 32.46
CA ASN I 42 28.80 14.51 31.02
C ASN I 42 30.18 15.03 30.65
N TRP I 43 30.94 14.23 29.91
CA TRP I 43 32.33 14.58 29.63
C TRP I 43 32.52 15.44 28.39
N PHE I 44 31.64 15.33 27.39
CA PHE I 44 31.74 16.22 26.24
C PHE I 44 31.50 17.67 26.64
N GLU I 45 30.40 17.94 27.33
CA GLU I 45 30.08 19.31 27.73
C GLU I 45 31.04 19.83 28.80
N LEU I 46 31.50 18.96 29.70
CA LEU I 46 32.51 19.36 30.67
C LEU I 46 33.83 19.72 30.00
N ALA I 47 34.24 18.97 28.97
CA ALA I 47 35.41 19.34 28.19
C ALA I 47 35.20 20.64 27.43
N ALA I 48 33.98 20.88 26.92
CA ALA I 48 33.69 22.12 26.22
C ALA I 48 33.81 23.33 27.16
N ALA I 49 33.17 23.25 28.32
CA ALA I 49 33.19 24.37 29.27
C ALA I 49 34.36 24.22 30.24
N ASN I 50 35.55 23.95 29.72
CA ASN I 50 36.75 23.84 30.54
C ASN I 50 37.86 24.65 29.91
N ALA I 51 37.82 24.79 28.59
CA ALA I 51 38.84 25.53 27.85
C ALA I 51 38.21 26.46 26.84
N ASP J 1 21.05 -40.32 37.03
CA ASP J 1 21.56 -39.09 36.42
C ASP J 1 20.50 -38.40 35.57
N LEU J 2 20.47 -37.07 35.63
CA LEU J 2 19.54 -36.26 34.85
C LEU J 2 20.34 -35.28 34.02
N SER J 3 20.00 -35.18 32.74
CA SER J 3 20.73 -34.29 31.82
C SER J 3 19.78 -33.89 30.71
N PHE J 4 19.31 -32.65 30.73
CA PHE J 4 18.36 -32.15 29.75
C PHE J 4 19.03 -31.58 28.51
N THR J 5 20.36 -31.56 28.47
CA THR J 5 21.09 -31.05 27.31
C THR J 5 21.91 -32.10 26.58
N GLY J 6 22.14 -33.25 27.19
CA GLY J 6 22.88 -34.33 26.57
C GLY J 6 24.36 -34.36 26.88
N LEU J 7 24.91 -33.27 27.41
CA LEU J 7 26.32 -33.27 27.78
C LEU J 7 26.54 -34.09 29.05
N THR J 8 27.76 -34.58 29.20
CA THR J 8 28.10 -35.38 30.37
C THR J 8 28.60 -34.48 31.49
N ASP J 9 28.89 -35.09 32.64
CA ASP J 9 29.33 -34.32 33.80
C ASP J 9 30.69 -33.65 33.56
N GLU J 10 31.63 -34.38 32.96
CA GLU J 10 32.96 -33.83 32.74
C GLU J 10 32.94 -32.68 31.74
N GLN J 11 32.12 -32.80 30.69
CA GLN J 11 32.01 -31.71 29.73
C GLN J 11 31.47 -30.44 30.39
N ALA J 12 30.45 -30.58 31.24
CA ALA J 12 29.94 -29.42 31.97
C ALA J 12 30.98 -28.84 32.90
N GLN J 13 31.74 -29.70 33.58
CA GLN J 13 32.80 -29.22 34.47
C GLN J 13 33.81 -28.38 33.71
N GLU J 14 34.29 -28.89 32.57
CA GLU J 14 35.29 -28.15 31.78
C GLU J 14 34.71 -26.85 31.23
N LEU J 15 33.47 -26.89 30.75
CA LEU J 15 32.84 -25.68 30.21
C LEU J 15 32.71 -24.60 31.28
N HIS J 16 32.28 -24.98 32.48
CA HIS J 16 32.17 -24.01 33.57
C HIS J 16 33.54 -23.48 33.96
N SER J 17 34.55 -24.34 34.00
CA SER J 17 35.89 -23.90 34.39
C SER J 17 36.42 -22.87 33.40
N VAL J 18 36.14 -23.06 32.10
CA VAL J 18 36.57 -22.09 31.12
C VAL J 18 35.76 -20.80 31.24
N TYR J 19 34.45 -20.91 31.47
CA TYR J 19 33.59 -19.73 31.52
C TYR J 19 33.96 -18.81 32.69
N MET J 20 34.33 -19.40 33.83
CA MET J 20 34.60 -18.59 35.01
C MET J 20 35.83 -17.70 34.83
N SER J 21 36.82 -18.16 34.04
CA SER J 21 38.00 -17.33 33.77
C SER J 21 37.63 -16.08 32.99
N GLY J 22 36.79 -16.23 31.97
CA GLY J 22 36.32 -15.07 31.23
C GLY J 22 35.51 -14.13 32.11
N LEU J 23 34.68 -14.68 32.98
CA LEU J 23 33.91 -13.83 33.90
C LEU J 23 34.84 -13.03 34.80
N TRP J 24 35.87 -13.69 35.35
CA TRP J 24 36.78 -13.00 36.26
C TRP J 24 37.57 -11.93 35.53
N LEU J 25 38.01 -12.19 34.31
CA LEU J 25 38.75 -11.17 33.56
C LEU J 25 37.87 -9.98 33.21
N PHE J 26 36.63 -10.24 32.80
CA PHE J 26 35.71 -9.15 32.51
C PHE J 26 35.44 -8.31 33.75
N SER J 27 35.32 -8.96 34.92
CA SER J 27 35.15 -8.22 36.16
C SER J 27 36.39 -7.42 36.51
N ALA J 28 37.58 -7.99 36.25
CA ALA J 28 38.84 -7.34 36.58
C ALA J 28 39.04 -6.05 35.79
N VAL J 29 38.66 -6.05 34.52
CA VAL J 29 38.76 -4.84 33.70
C VAL J 29 37.84 -3.76 34.27
N ALA J 30 36.64 -4.17 34.70
CA ALA J 30 35.66 -3.20 35.21
C ALA J 30 36.15 -2.53 36.48
N VAL J 31 36.91 -3.25 37.31
CA VAL J 31 37.43 -2.65 38.54
C VAL J 31 38.40 -1.53 38.22
N VAL J 32 39.30 -1.77 37.27
CA VAL J 32 40.25 -0.73 36.87
C VAL J 32 39.51 0.45 36.23
N ALA J 33 38.42 0.17 35.50
CA ALA J 33 37.62 1.28 34.96
C ALA J 33 37.00 2.12 36.07
N HIS J 34 36.31 1.48 37.02
CA HIS J 34 35.65 2.17 38.12
C HIS J 34 36.62 2.80 39.10
N LEU J 35 37.89 2.38 39.10
CA LEU J 35 38.86 2.96 40.00
C LEU J 35 39.41 4.26 39.45
N ALA J 36 39.61 4.34 38.14
CA ALA J 36 40.02 5.58 37.50
C ALA J 36 38.87 6.58 37.43
N THR J 37 37.64 6.11 37.18
CA THR J 37 36.51 7.03 37.14
C THR J 37 36.31 7.73 38.49
N PHE J 38 36.48 6.99 39.59
CA PHE J 38 36.32 7.59 40.92
C PHE J 38 37.35 8.70 41.15
N ILE J 39 38.61 8.45 40.80
CA ILE J 39 39.64 9.47 40.98
C ILE J 39 39.33 10.69 40.13
N TRP J 40 38.90 10.47 38.88
CA TRP J 40 38.58 11.59 38.01
C TRP J 40 37.42 12.42 38.58
N ARG J 41 36.36 11.75 39.02
CA ARG J 41 35.15 12.44 39.47
C ARG J 41 34.40 11.55 40.45
N PRO J 42 34.58 11.79 41.80
CA PRO J 42 33.91 10.87 42.71
C PRO J 42 32.40 10.98 42.78
N TRP J 43 31.73 9.88 43.08
CA TRP J 43 30.28 9.90 43.23
C TRP J 43 29.85 9.55 44.63
N PHE J 44 30.78 9.54 45.56
CA PHE J 44 30.48 9.23 46.95
C PHE J 44 31.26 10.20 47.80
N MET K 1 42.35 -19.26 30.57
CA MET K 1 42.41 -18.30 29.48
C MET K 1 43.07 -18.94 28.27
N SER K 2 43.86 -19.98 28.50
CA SER K 2 44.47 -20.74 27.41
C SER K 2 43.46 -21.59 26.67
N LYS K 3 42.24 -21.74 27.19
CA LYS K 3 41.20 -22.55 26.55
C LYS K 3 40.10 -21.71 25.92
N PHE K 4 40.39 -20.44 25.61
CA PHE K 4 39.40 -19.60 24.95
C PHE K 4 39.15 -20.00 23.51
N TYR K 5 40.02 -20.85 22.93
CA TYR K 5 39.84 -21.29 21.55
C TYR K 5 38.65 -22.22 21.38
N LYS K 6 38.08 -22.73 22.46
CA LYS K 6 36.95 -23.66 22.38
C LYS K 6 35.64 -22.98 22.04
N ILE K 7 35.62 -21.65 21.93
CA ILE K 7 34.40 -20.95 21.53
C ILE K 7 33.98 -21.35 20.13
N TRP K 8 34.94 -21.78 19.30
CA TRP K 8 34.63 -22.22 17.95
C TRP K 8 34.11 -23.64 17.89
N LEU K 9 34.13 -24.36 19.02
CA LEU K 9 33.44 -25.64 19.14
C LEU K 9 31.97 -25.48 19.49
N ILE K 10 31.52 -24.26 19.76
CA ILE K 10 30.13 -23.97 20.10
C ILE K 10 29.47 -23.12 19.01
N PHE K 11 30.12 -22.05 18.60
CA PHE K 11 29.58 -21.13 17.61
C PHE K 11 30.19 -21.39 16.24
N ASP K 12 29.36 -21.27 15.20
CA ASP K 12 29.83 -21.43 13.83
C ASP K 12 30.49 -20.14 13.36
N PRO K 13 31.75 -20.18 12.92
CA PRO K 13 32.44 -18.93 12.56
C PRO K 13 31.78 -18.13 11.45
N ARG K 14 31.08 -18.80 10.53
CA ARG K 14 30.50 -18.11 9.39
C ARG K 14 29.46 -17.08 9.80
N ARG K 15 28.63 -17.41 10.78
CA ARG K 15 27.63 -16.45 11.27
C ARG K 15 28.27 -15.40 12.18
N VAL K 16 29.23 -15.81 13.00
CA VAL K 16 29.87 -14.90 13.94
C VAL K 16 30.59 -13.79 13.19
N PHE K 17 31.27 -14.13 12.09
CA PHE K 17 32.04 -13.13 11.36
C PHE K 17 31.12 -12.06 10.76
N VAL K 18 29.99 -12.48 10.17
CA VAL K 18 29.04 -11.53 9.59
C VAL K 18 28.45 -10.63 10.67
N ALA K 19 28.03 -11.24 11.79
CA ALA K 19 27.46 -10.45 12.87
C ALA K 19 28.47 -9.44 13.40
N GLN K 20 29.71 -9.86 13.58
CA GLN K 20 30.75 -8.97 14.09
C GLN K 20 31.03 -7.81 13.13
N GLY K 21 31.09 -8.10 11.82
CA GLY K 21 31.32 -7.04 10.87
C GLY K 21 30.21 -5.99 10.90
N VAL K 22 28.96 -6.45 10.90
CA VAL K 22 27.83 -5.51 10.95
C VAL K 22 27.88 -4.68 12.23
N PHE K 23 28.13 -5.34 13.36
CA PHE K 23 28.15 -4.64 14.64
C PHE K 23 29.26 -3.59 14.69
N LEU K 24 30.46 -3.96 14.23
CA LEU K 24 31.58 -3.02 14.28
C LEU K 24 31.34 -1.81 13.39
N PHE K 25 30.84 -2.03 12.16
CA PHE K 25 30.60 -0.87 11.31
C PHE K 25 29.50 0.02 11.87
N LEU K 26 28.41 -0.56 12.36
CA LEU K 26 27.33 0.25 12.90
C LEU K 26 27.79 1.05 14.12
N LEU K 27 28.58 0.42 14.99
CA LEU K 27 29.09 1.11 16.17
C LEU K 27 29.99 2.28 15.77
N ALA K 28 30.90 2.07 14.81
CA ALA K 28 31.79 3.15 14.40
C ALA K 28 31.01 4.31 13.78
N ALA K 29 30.05 4.00 12.92
CA ALA K 29 29.24 5.06 12.31
C ALA K 29 28.47 5.83 13.37
N MET K 30 27.88 5.13 14.34
CA MET K 30 27.11 5.78 15.38
C MET K 30 28.00 6.69 16.23
N ILE K 31 29.20 6.26 16.56
CA ILE K 31 30.10 7.11 17.35
C ILE K 31 30.51 8.34 16.57
N HIS K 32 30.89 8.16 15.29
CA HIS K 32 31.27 9.32 14.48
C HIS K 32 30.11 10.31 14.38
N LEU K 33 28.88 9.81 14.24
CA LEU K 33 27.72 10.69 14.16
C LEU K 33 27.47 11.41 15.48
N VAL K 34 27.63 10.72 16.61
CA VAL K 34 27.44 11.37 17.90
C VAL K 34 28.44 12.49 18.10
N LEU K 35 29.67 12.30 17.61
CA LEU K 35 30.68 13.34 17.73
C LEU K 35 30.32 14.59 16.94
N LEU K 36 29.57 14.44 15.85
CA LEU K 36 29.23 15.55 14.97
C LEU K 36 28.03 16.36 15.44
N SER K 37 27.30 15.89 16.45
CA SER K 37 26.16 16.64 16.98
C SER K 37 26.55 17.59 18.09
N THR K 38 27.80 17.55 18.56
CA THR K 38 28.28 18.49 19.55
C THR K 38 28.79 19.75 18.87
N GLU K 39 29.34 20.67 19.66
CA GLU K 39 29.96 21.88 19.13
C GLU K 39 31.46 21.93 19.34
N HIS K 40 31.99 21.23 20.33
CA HIS K 40 33.41 21.25 20.63
C HIS K 40 34.20 20.23 19.81
N PHE K 41 33.54 19.26 19.17
CA PHE K 41 34.23 18.20 18.45
C PHE K 41 33.75 18.06 17.00
N ASN K 42 32.97 19.01 16.50
CA ASN K 42 32.57 19.01 15.09
C ASN K 42 33.68 19.61 14.26
N TRP K 43 34.42 18.77 13.52
CA TRP K 43 35.61 19.25 12.84
C TRP K 43 35.27 20.08 11.61
N PHE K 44 34.11 19.86 10.99
CA PHE K 44 33.70 20.72 9.87
C PHE K 44 33.46 22.16 10.32
N GLU K 45 32.67 22.34 11.38
CA GLU K 45 32.43 23.67 11.90
C GLU K 45 33.68 24.27 12.52
N LEU K 46 34.53 23.44 13.11
CA LEU K 46 35.79 23.93 13.65
C LEU K 46 36.68 24.47 12.54
N ALA K 47 36.72 23.77 11.40
CA ALA K 47 37.48 24.27 10.25
C ALA K 47 36.87 25.57 9.71
N ALA K 48 35.54 25.64 9.65
CA ALA K 48 34.89 26.84 9.13
C ALA K 48 35.18 28.05 10.01
N ALA K 49 35.08 27.89 11.33
CA ALA K 49 35.29 29.01 12.24
C ALA K 49 36.75 29.44 12.28
N ASN K 50 37.67 28.50 12.14
CA ASN K 50 39.09 28.79 12.23
C ASN K 50 39.54 29.73 11.11
N ALA K 51 39.07 29.48 9.89
CA ALA K 51 39.47 30.30 8.74
C ALA K 51 38.94 31.72 8.84
N ASP L 1 35.25 -35.74 23.01
CA ASP L 1 35.12 -34.32 23.27
C ASP L 1 33.78 -33.79 22.80
N LEU L 2 33.50 -32.53 23.11
CA LEU L 2 32.22 -31.91 22.78
C LEU L 2 32.39 -30.94 21.63
N SER L 3 31.53 -31.04 20.62
CA SER L 3 31.60 -30.19 19.45
C SER L 3 30.23 -30.09 18.80
N PHE L 4 29.69 -28.87 18.71
CA PHE L 4 28.42 -28.63 18.04
C PHE L 4 28.58 -28.20 16.60
N THR L 5 29.76 -27.69 16.21
CA THR L 5 29.96 -27.13 14.88
C THR L 5 30.61 -28.12 13.92
N GLY L 6 31.19 -29.22 14.41
CA GLY L 6 31.83 -30.19 13.56
C GLY L 6 33.32 -30.01 13.40
N LEU L 7 33.95 -29.14 14.20
CA LEU L 7 35.39 -28.94 14.13
C LEU L 7 36.11 -29.86 15.12
N THR L 8 37.42 -29.95 14.97
CA THR L 8 38.28 -30.61 15.92
C THR L 8 39.04 -29.56 16.74
N ASP L 9 39.80 -30.02 17.73
CA ASP L 9 40.52 -29.10 18.60
C ASP L 9 41.60 -28.34 17.84
N GLU L 10 42.35 -29.02 16.98
CA GLU L 10 43.46 -28.38 16.28
C GLU L 10 42.97 -27.30 15.33
N GLN L 11 41.87 -27.56 14.62
CA GLN L 11 41.30 -26.55 13.74
C GLN L 11 40.86 -25.32 14.54
N ALA L 12 40.25 -25.55 15.71
CA ALA L 12 39.83 -24.43 16.56
C ALA L 12 41.04 -23.62 17.04
N GLN L 13 42.13 -24.30 17.42
CA GLN L 13 43.32 -23.59 17.85
C GLN L 13 43.88 -22.72 16.74
N GLU L 14 43.97 -23.27 15.53
CA GLU L 14 44.50 -22.50 14.40
C GLU L 14 43.61 -21.29 14.09
N LEU L 15 42.29 -21.50 14.05
CA LEU L 15 41.38 -20.41 13.77
C LEU L 15 41.50 -19.32 14.83
N HIS L 16 41.59 -19.70 16.10
CA HIS L 16 41.71 -18.71 17.16
C HIS L 16 43.02 -17.95 17.06
N SER L 17 44.11 -18.61 16.67
CA SER L 17 45.37 -17.90 16.49
C SER L 17 45.24 -16.80 15.45
N VAL L 18 44.67 -17.13 14.29
CA VAL L 18 44.52 -16.13 13.24
C VAL L 18 43.58 -15.01 13.69
N TYR L 19 42.49 -15.38 14.37
CA TYR L 19 41.54 -14.37 14.84
C TYR L 19 42.18 -13.42 15.84
N MET L 20 42.99 -13.94 16.75
CA MET L 20 43.67 -13.09 17.72
C MET L 20 44.66 -12.16 17.05
N SER L 21 45.37 -12.63 16.02
CA SER L 21 46.25 -11.75 15.28
C SER L 21 45.48 -10.58 14.68
N GLY L 22 44.33 -10.87 14.04
CA GLY L 22 43.53 -9.80 13.47
C GLY L 22 43.03 -8.82 14.51
N LEU L 23 42.57 -9.34 15.65
CA LEU L 23 42.08 -8.48 16.72
C LEU L 23 43.17 -7.55 17.24
N TRP L 24 44.39 -8.07 17.41
CA TRP L 24 45.47 -7.24 17.92
C TRP L 24 45.86 -6.15 16.92
N LEU L 25 45.87 -6.48 15.63
CA LEU L 25 46.19 -5.43 14.65
C LEU L 25 45.15 -4.33 14.65
N PHE L 26 43.86 -4.70 14.68
CA PHE L 26 42.79 -3.72 14.75
C PHE L 26 42.93 -2.83 15.98
N SER L 27 43.21 -3.45 17.14
CA SER L 27 43.36 -2.70 18.38
C SER L 27 44.52 -1.73 18.32
N ALA L 28 45.65 -2.16 17.74
CA ALA L 28 46.82 -1.27 17.65
C ALA L 28 46.52 -0.05 16.80
N VAL L 29 45.86 -0.25 15.65
CA VAL L 29 45.52 0.90 14.81
C VAL L 29 44.57 1.84 15.56
N ALA L 30 43.58 1.27 16.27
CA ALA L 30 42.65 2.12 17.02
C ALA L 30 43.37 2.90 18.12
N VAL L 31 44.35 2.29 18.77
CA VAL L 31 45.09 2.97 19.83
C VAL L 31 45.87 4.15 19.27
N VAL L 32 46.53 3.96 18.13
CA VAL L 32 47.27 5.07 17.53
C VAL L 32 46.32 6.21 17.16
N ALA L 33 45.15 5.87 16.59
CA ALA L 33 44.17 6.89 16.24
C ALA L 33 43.68 7.66 17.47
N HIS L 34 43.39 6.94 18.56
CA HIS L 34 42.92 7.59 19.77
C HIS L 34 43.99 8.51 20.36
N LEU L 35 45.25 8.09 20.31
CA LEU L 35 46.32 8.95 20.80
C LEU L 35 46.44 10.23 19.99
N ALA L 36 46.37 10.12 18.67
CA ALA L 36 46.42 11.33 17.83
C ALA L 36 45.25 12.25 18.14
N THR L 37 44.05 11.68 18.29
CA THR L 37 42.88 12.51 18.59
C THR L 37 43.01 13.20 19.94
N PHE L 38 43.53 12.48 20.95
CA PHE L 38 43.67 13.10 22.27
C PHE L 38 44.68 14.24 22.23
N ILE L 39 45.76 14.07 21.46
CA ILE L 39 46.69 15.19 21.30
C ILE L 39 46.01 16.37 20.62
N TRP L 40 45.19 16.10 19.61
CA TRP L 40 44.54 17.20 18.88
C TRP L 40 43.53 17.93 19.74
N ARG L 41 42.65 17.22 20.44
CA ARG L 41 41.59 17.83 21.24
C ARG L 41 41.30 16.94 22.44
N PRO L 42 41.90 17.22 23.59
CA PRO L 42 41.75 16.31 24.74
C PRO L 42 40.36 16.35 25.32
N TRP L 43 39.86 15.17 25.72
CA TRP L 43 38.71 15.08 26.57
C TRP L 43 39.21 14.80 27.99
N PHE L 44 38.29 14.52 28.91
CA PHE L 44 38.62 14.39 30.34
C PHE L 44 39.22 15.69 30.86
N MET M 1 49.12 -12.63 10.47
CA MET M 1 49.00 -11.80 9.29
C MET M 1 49.45 -12.50 8.05
N SER M 2 50.28 -13.51 8.20
CA SER M 2 50.80 -14.26 7.10
C SER M 2 49.84 -15.37 6.79
N LYS M 3 48.86 -15.59 7.67
CA LYS M 3 47.85 -16.60 7.42
C LYS M 3 46.46 -16.00 7.20
N PHE M 4 46.38 -14.71 6.89
CA PHE M 4 45.08 -14.08 6.64
C PHE M 4 44.39 -14.64 5.41
N TYR M 5 45.12 -15.33 4.52
CA TYR M 5 44.53 -15.87 3.31
C TYR M 5 43.52 -16.98 3.59
N LYS M 6 43.46 -17.50 4.81
CA LYS M 6 42.53 -18.56 5.15
C LYS M 6 41.10 -18.08 5.24
N ILE M 7 40.86 -16.77 5.15
CA ILE M 7 39.48 -16.26 5.16
C ILE M 7 38.70 -16.79 3.97
N TRP M 8 39.38 -17.11 2.87
CA TRP M 8 38.72 -17.65 1.69
C TRP M 8 38.37 -19.12 1.83
N LEU M 9 38.79 -19.77 2.90
CA LEU M 9 38.30 -21.09 3.26
C LEU M 9 37.04 -21.03 4.12
N ILE M 10 36.60 -19.82 4.47
CA ILE M 10 35.42 -19.63 5.31
C ILE M 10 34.30 -18.94 4.53
N PHE M 11 34.63 -17.94 3.73
CA PHE M 11 33.65 -17.12 3.03
C PHE M 11 33.73 -17.35 1.53
N ASP M 12 32.56 -17.43 0.89
CA ASP M 12 32.50 -17.57 -0.56
C ASP M 12 32.92 -16.26 -1.24
N PRO M 13 33.89 -16.29 -2.15
CA PRO M 13 34.37 -15.03 -2.75
C PRO M 13 33.33 -14.26 -3.55
N ARG M 14 32.38 -14.93 -4.21
CA ARG M 14 31.44 -14.22 -5.07
C ARG M 14 30.52 -13.30 -4.26
N ARG M 15 29.91 -13.83 -3.20
CA ARG M 15 29.02 -13.03 -2.36
C ARG M 15 29.79 -11.90 -1.68
N VAL M 16 31.00 -12.19 -1.20
CA VAL M 16 31.81 -11.17 -0.55
C VAL M 16 32.14 -10.06 -1.53
N PHE M 17 32.52 -10.41 -2.76
CA PHE M 17 32.88 -9.40 -3.75
C PHE M 17 31.69 -8.52 -4.08
N VAL M 18 30.51 -9.11 -4.27
CA VAL M 18 29.33 -8.29 -4.58
C VAL M 18 29.00 -7.36 -3.43
N ALA M 19 29.03 -7.88 -2.19
CA ALA M 19 28.69 -7.06 -1.03
C ALA M 19 29.67 -5.91 -0.85
N GLN M 20 30.97 -6.18 -1.02
CA GLN M 20 31.96 -5.11 -0.91
C GLN M 20 31.80 -4.08 -2.00
N GLY M 21 31.50 -4.53 -3.23
CA GLY M 21 31.30 -3.59 -4.32
C GLY M 21 30.15 -2.63 -4.05
N VAL M 22 29.05 -3.14 -3.49
CA VAL M 22 27.94 -2.27 -3.15
C VAL M 22 28.31 -1.33 -1.99
N PHE M 23 28.95 -1.87 -0.96
CA PHE M 23 29.26 -1.12 0.25
C PHE M 23 30.18 0.06 -0.04
N LEU M 24 31.22 -0.15 -0.86
CA LEU M 24 32.19 0.91 -1.11
C LEU M 24 31.56 2.09 -1.85
N PHE M 25 30.75 1.81 -2.88
CA PHE M 25 30.09 2.89 -3.59
C PHE M 25 29.11 3.64 -2.70
N LEU M 26 28.33 2.91 -1.89
CA LEU M 26 27.38 3.59 -1.02
C LEU M 26 28.12 4.51 -0.03
N LEU M 27 29.23 4.04 0.52
CA LEU M 27 30.00 4.85 1.45
C LEU M 27 30.55 6.11 0.79
N ALA M 28 31.12 5.96 -0.42
CA ALA M 28 31.69 7.12 -1.10
C ALA M 28 30.61 8.15 -1.42
N ALA M 29 29.45 7.70 -1.91
CA ALA M 29 28.37 8.62 -2.21
C ALA M 29 27.89 9.33 -0.97
N MET M 30 27.77 8.60 0.15
CA MET M 30 27.35 9.23 1.40
C MET M 30 28.34 10.30 1.85
N ILE M 31 29.65 10.03 1.72
CA ILE M 31 30.63 11.02 2.16
C ILE M 31 30.60 12.27 1.28
N HIS M 32 30.52 12.08 -0.05
CA HIS M 32 30.43 13.25 -0.93
C HIS M 32 29.18 14.08 -0.62
N LEU M 33 28.05 13.41 -0.37
CA LEU M 33 26.82 14.13 -0.04
C LEU M 33 26.92 14.85 1.29
N VAL M 34 27.58 14.24 2.28
CA VAL M 34 27.76 14.91 3.57
C VAL M 34 28.62 16.15 3.40
N LEU M 35 29.66 16.07 2.57
CA LEU M 35 30.46 17.26 2.29
C LEU M 35 29.61 18.35 1.65
N LEU M 36 28.74 17.99 0.71
CA LEU M 36 27.94 19.00 0.01
C LEU M 36 26.97 19.72 0.93
N SER M 37 26.63 19.16 2.09
CA SER M 37 25.66 19.75 3.00
C SER M 37 26.25 20.79 3.93
N THR M 38 27.56 21.00 3.91
CA THR M 38 28.21 22.01 4.72
C THR M 38 28.35 23.32 3.94
N GLU M 39 28.79 24.36 4.64
CA GLU M 39 29.04 25.65 4.02
C GLU M 39 30.48 25.88 3.62
N HIS M 40 31.42 25.23 4.30
CA HIS M 40 32.84 25.44 4.06
C HIS M 40 33.42 24.52 3.00
N PHE M 41 32.76 23.40 2.70
CA PHE M 41 33.31 22.40 1.79
C PHE M 41 32.40 22.12 0.60
N ASN M 42 31.51 23.03 0.25
CA ASN M 42 30.63 22.89 -0.91
C ASN M 42 31.31 23.60 -2.09
N TRP M 43 31.78 22.83 -3.06
CA TRP M 43 32.60 23.40 -4.12
C TRP M 43 31.78 24.12 -5.19
N PHE M 44 30.50 23.79 -5.35
CA PHE M 44 29.66 24.53 -6.28
C PHE M 44 29.40 25.95 -5.78
N GLU M 45 29.03 26.09 -4.50
CA GLU M 45 28.81 27.41 -3.92
C GLU M 45 30.11 28.19 -3.86
N LEU M 46 31.23 27.51 -3.60
CA LEU M 46 32.53 28.17 -3.63
C LEU M 46 32.86 28.70 -5.03
N ALA M 47 32.57 27.91 -6.07
CA ALA M 47 32.82 28.37 -7.43
C ALA M 47 31.92 29.55 -7.78
N ALA M 48 30.67 29.53 -7.33
CA ALA M 48 29.78 30.65 -7.58
C ALA M 48 30.26 31.91 -6.87
N ALA M 49 30.71 31.78 -5.63
CA ALA M 49 31.12 32.95 -4.85
C ALA M 49 32.41 33.55 -5.38
N ASN M 50 33.38 32.72 -5.74
CA ASN M 50 34.68 33.21 -6.20
C ASN M 50 34.60 33.90 -7.55
N ALA M 51 33.48 33.78 -8.27
CA ALA M 51 33.34 34.43 -9.56
C ALA M 51 32.43 35.65 -9.45
N ASP N 1 42.38 -30.54 5.33
CA ASP N 1 42.20 -29.45 6.27
C ASP N 1 40.76 -28.93 6.23
N LEU N 2 40.46 -27.99 7.13
CA LEU N 2 39.12 -27.42 7.21
C LEU N 2 38.90 -26.44 6.07
N SER N 3 37.79 -26.63 5.35
CA SER N 3 37.50 -25.78 4.19
C SER N 3 36.00 -25.81 3.94
N PHE N 4 35.31 -24.71 4.25
CA PHE N 4 33.87 -24.63 4.06
C PHE N 4 33.48 -24.33 2.62
N THR N 5 34.38 -23.73 1.83
CA THR N 5 34.02 -23.25 0.50
C THR N 5 34.39 -24.20 -0.62
N GLY N 6 35.27 -25.16 -0.37
CA GLY N 6 35.70 -26.10 -1.38
C GLY N 6 37.06 -25.84 -1.98
N LEU N 7 37.67 -24.69 -1.69
CA LEU N 7 39.00 -24.39 -2.22
C LEU N 7 40.06 -25.15 -1.44
N THR N 8 41.25 -25.24 -2.04
CA THR N 8 42.43 -25.76 -1.38
C THR N 8 43.25 -24.61 -0.83
N ASP N 9 44.46 -24.90 -0.34
CA ASP N 9 45.31 -23.84 0.21
C ASP N 9 45.92 -22.97 -0.87
N GLU N 10 46.41 -23.57 -1.96
CA GLU N 10 47.10 -22.80 -2.98
C GLU N 10 46.16 -21.83 -3.68
N GLN N 11 44.94 -22.26 -3.96
CA GLN N 11 43.94 -21.38 -4.56
C GLN N 11 43.64 -20.20 -3.65
N ALA N 12 43.52 -20.45 -2.35
CA ALA N 12 43.27 -19.36 -1.41
C ALA N 12 44.46 -18.40 -1.35
N GLN N 13 45.68 -18.92 -1.38
CA GLN N 13 46.85 -18.05 -1.36
C GLN N 13 46.89 -17.15 -2.58
N GLU N 14 46.65 -17.73 -3.76
CA GLU N 14 46.65 -16.93 -4.98
C GLU N 14 45.56 -15.87 -4.98
N LEU N 15 44.35 -16.27 -4.57
CA LEU N 15 43.24 -15.32 -4.51
C LEU N 15 43.56 -14.17 -3.57
N HIS N 16 44.11 -14.47 -2.40
CA HIS N 16 44.42 -13.42 -1.43
C HIS N 16 45.54 -12.51 -1.93
N SER N 17 46.52 -13.06 -2.64
CA SER N 17 47.59 -12.21 -3.16
C SER N 17 47.05 -11.20 -4.17
N VAL N 18 46.18 -11.64 -5.08
CA VAL N 18 45.62 -10.71 -6.05
C VAL N 18 44.70 -9.69 -5.36
N TYR N 19 43.92 -10.15 -4.37
CA TYR N 19 43.05 -9.23 -3.64
C TYR N 19 43.85 -8.15 -2.91
N MET N 20 44.98 -8.53 -2.31
CA MET N 20 45.83 -7.57 -1.63
C MET N 20 46.43 -6.57 -2.61
N SER N 21 46.82 -7.02 -3.79
CA SER N 21 47.32 -6.09 -4.81
C SER N 21 46.26 -5.04 -5.14
N GLY N 22 45.02 -5.48 -5.36
CA GLY N 22 43.95 -4.54 -5.64
C GLY N 22 43.71 -3.56 -4.50
N LEU N 23 43.72 -4.06 -3.26
CA LEU N 23 43.51 -3.20 -2.11
C LEU N 23 44.58 -2.13 -2.00
N TRP N 24 45.84 -2.51 -2.25
CA TRP N 24 46.93 -1.53 -2.15
C TRP N 24 46.82 -0.47 -3.23
N LEU N 25 46.46 -0.86 -4.46
CA LEU N 25 46.30 0.15 -5.51
C LEU N 25 45.18 1.13 -5.18
N PHE N 26 44.04 0.60 -4.70
CA PHE N 26 42.93 1.46 -4.30
C PHE N 26 43.34 2.43 -3.21
N SER N 27 44.05 1.94 -2.20
CA SER N 27 44.47 2.79 -1.08
C SER N 27 45.46 3.86 -1.54
N ALA N 28 46.36 3.53 -2.45
CA ALA N 28 47.32 4.53 -2.93
C ALA N 28 46.61 5.66 -3.66
N VAL N 29 45.64 5.34 -4.52
CA VAL N 29 44.89 6.39 -5.21
C VAL N 29 44.13 7.24 -4.19
N ALA N 30 43.51 6.60 -3.20
CA ALA N 30 42.78 7.37 -2.19
C ALA N 30 43.71 8.29 -1.41
N VAL N 31 44.92 7.85 -1.12
CA VAL N 31 45.88 8.68 -0.38
C VAL N 31 46.26 9.91 -1.20
N VAL N 32 46.53 9.72 -2.50
CA VAL N 32 46.89 10.88 -3.33
C VAL N 32 45.74 11.88 -3.37
N ALA N 33 44.51 11.38 -3.52
CA ALA N 33 43.35 12.28 -3.55
C ALA N 33 43.19 13.03 -2.24
N HIS N 34 43.35 12.34 -1.11
CA HIS N 34 43.23 13.00 0.20
C HIS N 34 44.28 14.08 0.38
N LEU N 35 45.52 13.80 -0.05
CA LEU N 35 46.57 14.81 0.09
C LEU N 35 46.29 16.04 -0.76
N ALA N 36 45.83 15.85 -2.00
CA ALA N 36 45.48 17.00 -2.84
C ALA N 36 44.35 17.81 -2.22
N THR N 37 43.33 17.12 -1.69
CA THR N 37 42.22 17.82 -1.05
C THR N 37 42.69 18.61 0.17
N PHE N 38 43.58 18.03 0.98
CA PHE N 38 44.08 18.75 2.14
C PHE N 38 44.86 19.99 1.74
N ILE N 39 45.66 19.89 0.67
CA ILE N 39 46.37 21.08 0.21
C ILE N 39 45.40 22.15 -0.25
N TRP N 40 44.32 21.76 -0.94
CA TRP N 40 43.35 22.74 -1.42
C TRP N 40 42.60 23.40 -0.28
N ARG N 41 42.05 22.60 0.64
CA ARG N 41 41.18 23.11 1.70
C ARG N 41 41.39 22.29 2.96
N PRO N 42 42.22 22.76 3.89
CA PRO N 42 42.66 21.90 5.01
C PRO N 42 41.59 21.81 6.10
N TRP N 43 41.30 20.58 6.52
CA TRP N 43 40.63 20.36 7.78
C TRP N 43 41.72 20.19 8.85
N PHE N 44 41.31 19.97 10.10
CA PHE N 44 42.24 20.01 11.23
C PHE N 44 42.94 21.36 11.32
N MET O 1 48.47 -4.76 -11.23
CA MET O 1 48.83 -6.18 -11.14
C MET O 1 48.50 -6.90 -12.44
N SER O 2 49.40 -7.80 -12.85
CA SER O 2 49.22 -8.55 -14.08
C SER O 2 48.28 -9.74 -13.92
N LYS O 3 47.81 -10.02 -12.71
CA LYS O 3 46.90 -11.12 -12.45
C LYS O 3 45.45 -10.69 -12.32
N PHE O 4 45.13 -9.45 -12.68
CA PHE O 4 43.76 -8.96 -12.58
C PHE O 4 42.82 -9.64 -13.56
N TYR O 5 43.34 -10.33 -14.59
CA TYR O 5 42.50 -10.98 -15.57
C TYR O 5 41.72 -12.16 -14.99
N LYS O 6 42.05 -12.59 -13.77
CA LYS O 6 41.39 -13.74 -13.16
C LYS O 6 40.05 -13.38 -12.53
N ILE O 7 39.62 -12.13 -12.63
CA ILE O 7 38.27 -11.77 -12.18
C ILE O 7 37.22 -12.45 -13.04
N TRP O 8 37.55 -12.80 -14.28
CA TRP O 8 36.61 -13.46 -15.17
C TRP O 8 36.54 -14.97 -14.95
N LEU O 9 37.34 -15.50 -14.04
CA LEU O 9 37.20 -16.88 -13.57
C LEU O 9 36.24 -16.99 -12.39
N ILE O 10 35.73 -15.86 -11.89
CA ILE O 10 34.84 -15.83 -10.75
C ILE O 10 33.48 -15.24 -11.09
N PHE O 11 33.47 -14.17 -11.86
CA PHE O 11 32.24 -13.53 -12.33
C PHE O 11 31.99 -13.89 -13.79
N ASP O 12 30.73 -14.03 -14.15
CA ASP O 12 30.35 -14.23 -15.54
C ASP O 12 30.35 -12.90 -16.28
N PRO O 13 31.05 -12.78 -17.42
CA PRO O 13 31.06 -11.50 -18.14
C PRO O 13 29.69 -11.03 -18.60
N ARG O 14 28.76 -11.93 -18.89
CA ARG O 14 27.45 -11.53 -19.40
C ARG O 14 26.68 -10.71 -18.38
N ARG O 15 26.72 -11.10 -17.11
CA ARG O 15 25.98 -10.36 -16.08
C ARG O 15 26.71 -9.09 -15.67
N VAL O 16 28.04 -9.14 -15.63
CA VAL O 16 28.83 -7.96 -15.26
C VAL O 16 28.65 -6.86 -16.28
N PHE O 17 28.60 -7.22 -17.57
CA PHE O 17 28.44 -6.20 -18.60
C PHE O 17 27.10 -5.47 -18.48
N VAL O 18 26.02 -6.21 -18.23
CA VAL O 18 24.71 -5.61 -18.06
C VAL O 18 24.70 -4.69 -16.84
N ALA O 19 25.23 -5.18 -15.72
CA ALA O 19 25.26 -4.36 -14.51
C ALA O 19 26.07 -3.09 -14.71
N GLN O 20 27.21 -3.20 -15.40
CA GLN O 20 28.05 -2.03 -15.65
C GLN O 20 27.35 -1.01 -16.53
N GLY O 21 26.66 -1.48 -17.59
CA GLY O 21 25.93 -0.55 -18.44
C GLY O 21 24.87 0.22 -17.68
N VAL O 22 24.07 -0.49 -16.89
CA VAL O 22 23.02 0.17 -16.11
C VAL O 22 23.64 1.18 -15.14
N PHE O 23 24.69 0.76 -14.42
CA PHE O 23 25.31 1.62 -13.43
C PHE O 23 25.87 2.88 -14.07
N LEU O 24 26.57 2.73 -15.19
CA LEU O 24 27.21 3.88 -15.82
C LEU O 24 26.17 4.87 -16.34
N PHE O 25 25.09 4.39 -16.98
CA PHE O 25 24.09 5.33 -17.46
C PHE O 25 23.41 6.06 -16.31
N LEU O 26 23.06 5.34 -15.24
CA LEU O 26 22.39 5.99 -14.11
C LEU O 26 23.29 7.03 -13.46
N LEU O 27 24.57 6.72 -13.32
CA LEU O 27 25.52 7.66 -12.73
C LEU O 27 25.65 8.93 -13.59
N ALA O 28 25.77 8.76 -14.90
CA ALA O 28 25.87 9.92 -15.78
C ALA O 28 24.64 10.80 -15.69
N ALA O 29 23.45 10.18 -15.71
CA ALA O 29 22.22 10.96 -15.61
C ALA O 29 22.15 11.69 -14.27
N MET O 30 22.55 11.03 -13.19
CA MET O 30 22.54 11.65 -11.87
C MET O 30 23.45 12.88 -11.82
N ILE O 31 24.65 12.78 -12.38
CA ILE O 31 25.56 13.93 -12.37
C ILE O 31 24.99 15.07 -13.22
N HIS O 32 24.53 14.76 -14.42
CA HIS O 32 23.98 15.80 -15.30
C HIS O 32 22.81 16.50 -14.63
N LEU O 33 21.99 15.76 -13.87
CA LEU O 33 20.85 16.38 -13.18
C LEU O 33 21.28 17.19 -11.96
N VAL O 34 22.34 16.77 -11.26
CA VAL O 34 22.83 17.54 -10.13
C VAL O 34 23.36 18.89 -10.60
N LEU O 35 24.01 18.92 -11.77
CA LEU O 35 24.50 20.19 -12.28
C LEU O 35 23.38 21.17 -12.55
N LEU O 36 22.25 20.68 -13.08
CA LEU O 36 21.14 21.56 -13.49
C LEU O 36 20.34 22.08 -12.31
N SER O 37 20.57 21.60 -11.10
CA SER O 37 19.87 22.09 -9.91
C SER O 37 20.57 23.28 -9.28
N THR O 38 21.72 23.70 -9.79
CA THR O 38 22.44 24.86 -9.30
C THR O 38 22.19 26.05 -10.22
N GLU O 39 22.54 27.24 -9.75
CA GLU O 39 22.40 28.44 -10.56
C GLU O 39 23.63 28.71 -11.41
N HIS O 40 24.82 28.36 -10.92
CA HIS O 40 26.06 28.66 -11.62
C HIS O 40 26.31 27.75 -12.81
N PHE O 41 25.77 26.52 -12.80
CA PHE O 41 26.12 25.52 -13.79
C PHE O 41 24.92 25.05 -14.63
N ASN O 42 23.82 25.78 -14.60
CA ASN O 42 22.66 25.45 -15.43
C ASN O 42 22.84 26.14 -16.78
N TRP O 43 23.16 25.36 -17.82
CA TRP O 43 23.53 25.98 -19.09
C TRP O 43 22.32 26.54 -19.85
N PHE O 44 21.12 25.98 -19.63
CA PHE O 44 19.92 26.56 -20.24
C PHE O 44 19.65 27.97 -19.72
N GLU O 45 19.71 28.14 -18.40
CA GLU O 45 19.46 29.45 -17.82
C GLU O 45 20.56 30.44 -18.15
N LEU O 46 21.81 29.97 -18.23
CA LEU O 46 22.90 30.83 -18.65
C LEU O 46 22.70 31.30 -20.10
N ALA O 47 22.23 30.39 -20.97
CA ALA O 47 21.92 30.79 -22.33
C ALA O 47 20.81 31.83 -22.37
N ALA O 48 19.77 31.64 -21.56
CA ALA O 48 18.68 32.63 -21.53
C ALA O 48 19.18 33.98 -21.03
N ALA O 49 20.03 33.99 -20.00
CA ALA O 49 20.50 35.27 -19.44
C ALA O 49 21.42 36.01 -20.40
N ASN O 50 22.24 35.29 -21.16
CA ASN O 50 23.17 35.92 -22.08
C ASN O 50 22.50 36.51 -23.31
N ALA O 51 21.18 36.56 -23.39
CA ALA O 51 20.51 37.14 -24.55
C ALA O 51 19.66 38.34 -24.14
N ASP P 1 43.54 -25.66 -10.81
CA ASP P 1 42.93 -24.48 -11.40
C ASP P 1 41.50 -24.29 -10.93
N LEU P 2 41.21 -23.08 -10.46
CA LEU P 2 39.88 -22.75 -9.96
C LEU P 2 39.11 -21.94 -11.01
N SER P 3 37.86 -22.31 -11.23
CA SER P 3 37.03 -21.63 -12.21
C SER P 3 35.56 -21.86 -11.87
N PHE P 4 34.86 -20.79 -11.49
CA PHE P 4 33.42 -20.89 -11.25
C PHE P 4 32.61 -20.77 -12.53
N THR P 5 33.11 -20.01 -13.51
CA THR P 5 32.36 -19.70 -14.72
C THR P 5 32.64 -20.68 -15.86
N GLY P 6 33.58 -21.60 -15.70
CA GLY P 6 33.91 -22.54 -16.75
C GLY P 6 34.92 -22.05 -17.76
N LEU P 7 35.43 -20.83 -17.62
CA LEU P 7 36.42 -20.29 -18.53
C LEU P 7 37.80 -20.89 -18.23
N THR P 8 38.73 -20.63 -19.13
CA THR P 8 40.12 -21.04 -19.00
C THR P 8 41.01 -19.81 -18.80
N ASP P 9 42.27 -20.07 -18.47
CA ASP P 9 43.21 -18.98 -18.22
C ASP P 9 43.42 -18.12 -19.46
N GLU P 10 43.70 -18.75 -20.60
CA GLU P 10 43.99 -18.00 -21.83
C GLU P 10 42.77 -17.22 -22.29
N GLN P 11 41.58 -17.82 -22.17
CA GLN P 11 40.36 -17.13 -22.53
C GLN P 11 40.17 -15.88 -21.67
N ALA P 12 40.46 -15.99 -20.37
CA ALA P 12 40.33 -14.84 -19.48
C ALA P 12 41.31 -13.73 -19.85
N GLN P 13 42.56 -14.10 -20.18
CA GLN P 13 43.53 -13.08 -20.60
C GLN P 13 43.06 -12.37 -21.88
N GLU P 14 42.59 -13.15 -22.86
CA GLU P 14 42.14 -12.56 -24.11
C GLU P 14 40.96 -11.63 -23.90
N LEU P 15 40.02 -12.01 -23.03
CA LEU P 15 38.89 -11.14 -22.74
C LEU P 15 39.33 -9.85 -22.03
N HIS P 16 40.26 -9.99 -21.06
CA HIS P 16 40.68 -8.83 -20.29
C HIS P 16 41.40 -7.80 -21.15
N SER P 17 42.16 -8.24 -22.16
CA SER P 17 42.83 -7.29 -23.04
C SER P 17 41.83 -6.33 -23.68
N VAL P 18 40.78 -6.88 -24.30
CA VAL P 18 39.79 -6.06 -24.99
C VAL P 18 39.01 -5.20 -23.98
N TYR P 19 38.68 -5.76 -22.82
CA TYR P 19 37.97 -4.98 -21.82
C TYR P 19 38.78 -3.75 -21.39
N MET P 20 40.09 -3.94 -21.19
CA MET P 20 40.93 -2.82 -20.78
C MET P 20 41.05 -1.79 -21.90
N SER P 21 41.11 -2.23 -23.15
CA SER P 21 41.15 -1.27 -24.26
C SER P 21 39.89 -0.41 -24.27
N GLY P 22 38.73 -1.02 -24.10
CA GLY P 22 37.50 -0.25 -24.04
C GLY P 22 37.48 0.73 -22.88
N LEU P 23 37.97 0.29 -21.72
CA LEU P 23 38.04 1.18 -20.57
C LEU P 23 38.92 2.39 -20.85
N TRP P 24 40.08 2.17 -21.47
CA TRP P 24 40.99 3.29 -21.73
C TRP P 24 40.40 4.27 -22.74
N LEU P 25 39.70 3.76 -23.76
CA LEU P 25 39.05 4.67 -24.71
C LEU P 25 37.98 5.52 -24.02
N PHE P 26 37.15 4.89 -23.19
CA PHE P 26 36.13 5.63 -22.44
C PHE P 26 36.76 6.71 -21.58
N SER P 27 37.85 6.37 -20.89
CA SER P 27 38.52 7.31 -20.01
C SER P 27 39.13 8.47 -20.78
N ALA P 28 39.70 8.22 -21.95
CA ALA P 28 40.27 9.30 -22.75
C ALA P 28 39.19 10.30 -23.19
N VAL P 29 38.04 9.78 -23.63
CA VAL P 29 36.95 10.68 -24.02
C VAL P 29 36.49 11.50 -22.83
N ALA P 30 36.36 10.87 -21.66
CA ALA P 30 35.92 11.59 -20.47
C ALA P 30 36.92 12.67 -20.07
N VAL P 31 38.22 12.39 -20.19
CA VAL P 31 39.24 13.38 -19.85
C VAL P 31 39.13 14.59 -20.76
N VAL P 32 38.96 14.37 -22.06
CA VAL P 32 38.85 15.50 -22.99
C VAL P 32 37.60 16.33 -22.67
N ALA P 33 36.48 15.66 -22.38
CA ALA P 33 35.26 16.38 -22.05
C ALA P 33 35.44 17.23 -20.78
N HIS P 34 36.08 16.66 -19.76
CA HIS P 34 36.30 17.39 -18.52
C HIS P 34 37.19 18.59 -18.74
N LEU P 35 38.22 18.45 -19.59
CA LEU P 35 39.11 19.59 -19.86
C LEU P 35 38.36 20.72 -20.58
N ALA P 36 37.54 20.38 -21.57
CA ALA P 36 36.76 21.41 -22.25
C ALA P 36 35.81 22.11 -21.29
N THR P 37 35.16 21.35 -20.41
CA THR P 37 34.24 21.96 -19.45
C THR P 37 34.99 22.85 -18.46
N PHE P 38 36.18 22.43 -18.01
CA PHE P 38 36.96 23.26 -17.10
C PHE P 38 37.37 24.57 -17.74
N ILE P 39 37.77 24.53 -19.01
CA ILE P 39 38.10 25.77 -19.70
C ILE P 39 36.86 26.66 -19.82
N TRP P 40 35.70 26.06 -20.07
CA TRP P 40 34.47 26.84 -20.16
C TRP P 40 34.08 27.47 -18.82
N ARG P 41 33.87 26.69 -17.79
CA ARG P 41 33.48 27.21 -16.47
C ARG P 41 34.29 26.52 -15.30
N PRO P 42 35.45 27.07 -14.79
CA PRO P 42 36.27 26.42 -13.76
C PRO P 42 35.48 26.15 -12.48
N TRP P 43 35.83 25.07 -11.80
CA TRP P 43 35.23 24.74 -10.52
C TRP P 43 36.27 24.61 -9.41
N PHE P 44 37.51 25.01 -9.65
CA PHE P 44 38.54 24.99 -8.62
C PHE P 44 39.22 26.35 -8.49
N MET Q 1 40.84 -2.43 -29.66
CA MET Q 1 39.98 -1.54 -30.41
C MET Q 1 39.72 -2.17 -31.73
N SER Q 2 40.68 -2.91 -32.23
CA SER Q 2 40.46 -3.66 -33.45
C SER Q 2 39.81 -5.02 -33.19
N LYS Q 3 39.66 -5.41 -31.94
CA LYS Q 3 39.01 -6.67 -31.56
C LYS Q 3 37.64 -6.45 -30.94
N PHE Q 4 37.06 -5.26 -31.13
CA PHE Q 4 35.74 -4.98 -30.58
C PHE Q 4 34.64 -5.80 -31.22
N TYR Q 5 34.90 -6.46 -32.34
CA TYR Q 5 33.90 -7.31 -32.98
C TYR Q 5 33.55 -8.54 -32.15
N LYS Q 6 34.35 -8.86 -31.14
CA LYS Q 6 34.14 -10.06 -30.35
C LYS Q 6 33.04 -9.94 -29.31
N ILE Q 7 32.37 -8.79 -29.25
CA ILE Q 7 31.22 -8.64 -28.36
C ILE Q 7 30.08 -9.54 -28.80
N TRP Q 8 30.02 -9.88 -30.08
CA TRP Q 8 28.95 -10.72 -30.61
C TRP Q 8 29.19 -12.20 -30.39
N LEU Q 9 30.33 -12.57 -29.81
CA LEU Q 9 30.53 -13.90 -29.27
C LEU Q 9 30.10 -14.00 -27.81
N ILE Q 10 29.71 -12.88 -27.20
CA ILE Q 10 29.20 -12.84 -25.84
C ILE Q 10 27.69 -12.65 -25.81
N PHE Q 11 27.17 -11.78 -26.66
CA PHE Q 11 25.78 -11.37 -26.65
C PHE Q 11 25.10 -11.74 -27.96
N ASP Q 12 23.88 -12.24 -27.85
CA ASP Q 12 23.03 -12.50 -29.02
C ASP Q 12 22.44 -11.19 -29.53
N PRO Q 13 22.48 -10.93 -30.83
CA PRO Q 13 21.92 -9.69 -31.36
C PRO Q 13 20.42 -9.54 -31.14
N ARG Q 14 19.68 -10.64 -30.95
CA ARG Q 14 18.23 -10.53 -30.84
C ARG Q 14 17.79 -9.78 -29.58
N ARG Q 15 18.45 -10.02 -28.45
CA ARG Q 15 18.14 -9.26 -27.25
C ARG Q 15 18.75 -7.87 -27.28
N VAL Q 16 19.98 -7.76 -27.78
CA VAL Q 16 20.71 -6.51 -27.78
C VAL Q 16 19.98 -5.46 -28.63
N PHE Q 17 19.48 -5.87 -29.79
CA PHE Q 17 18.84 -4.93 -30.69
C PHE Q 17 17.57 -4.34 -30.08
N VAL Q 18 16.76 -5.16 -29.41
CA VAL Q 18 15.54 -4.63 -28.79
C VAL Q 18 15.89 -3.74 -27.62
N ALA Q 19 16.94 -4.09 -26.85
CA ALA Q 19 17.36 -3.22 -25.76
C ALA Q 19 17.79 -1.84 -26.27
N GLN Q 20 18.61 -1.83 -27.32
CA GLN Q 20 19.07 -0.56 -27.88
C GLN Q 20 17.93 0.24 -28.48
N GLY Q 21 16.99 -0.44 -29.15
CA GLY Q 21 15.85 0.26 -29.72
C GLY Q 21 14.99 0.94 -28.67
N VAL Q 22 14.77 0.26 -27.54
CA VAL Q 22 14.02 0.90 -26.45
C VAL Q 22 14.79 2.09 -25.89
N PHE Q 23 16.10 1.90 -25.67
CA PHE Q 23 16.91 2.93 -25.01
C PHE Q 23 16.99 4.21 -25.85
N LEU Q 24 17.20 4.08 -27.16
CA LEU Q 24 17.38 5.27 -27.99
C LEU Q 24 16.11 6.10 -28.09
N PHE Q 25 14.96 5.45 -28.29
CA PHE Q 25 13.70 6.19 -28.35
C PHE Q 25 13.36 6.84 -27.01
N LEU Q 26 13.62 6.13 -25.91
CA LEU Q 26 13.44 6.73 -24.58
C LEU Q 26 14.27 8.00 -24.44
N LEU Q 27 15.54 7.92 -24.85
CA LEU Q 27 16.43 9.09 -24.75
C LEU Q 27 15.90 10.26 -25.56
N ALA Q 28 15.47 10.00 -26.79
CA ALA Q 28 15.00 11.08 -27.66
C ALA Q 28 13.75 11.75 -27.08
N ALA Q 29 12.78 10.96 -26.64
CA ALA Q 29 11.57 11.53 -26.07
C ALA Q 29 11.90 12.35 -24.83
N MET Q 30 12.78 11.83 -23.97
CA MET Q 30 13.14 12.56 -22.76
C MET Q 30 13.80 13.90 -23.08
N ILE Q 31 14.73 13.92 -24.03
CA ILE Q 31 15.44 15.16 -24.33
C ILE Q 31 14.50 16.19 -24.95
N HIS Q 32 13.65 15.77 -25.90
CA HIS Q 32 12.71 16.72 -26.51
C HIS Q 32 11.78 17.30 -25.45
N LEU Q 33 11.28 16.45 -24.53
CA LEU Q 33 10.38 16.94 -23.49
C LEU Q 33 11.09 17.86 -22.49
N VAL Q 34 12.37 17.60 -22.20
CA VAL Q 34 13.11 18.49 -21.32
C VAL Q 34 13.29 19.85 -21.97
N LEU Q 35 13.57 19.88 -23.28
CA LEU Q 35 13.68 21.17 -23.97
C LEU Q 35 12.35 21.91 -23.95
N LEU Q 36 11.24 21.18 -24.07
CA LEU Q 36 9.93 21.83 -24.14
C LEU Q 36 9.50 22.46 -22.82
N SER Q 37 10.20 22.22 -21.72
CA SER Q 37 9.82 22.76 -20.42
C SER Q 37 10.66 23.97 -20.01
N THR Q 38 11.48 24.52 -20.90
CA THR Q 38 12.21 25.75 -20.64
C THR Q 38 11.54 26.91 -21.37
N GLU Q 39 12.05 28.12 -21.12
CA GLU Q 39 11.53 29.30 -21.79
C GLU Q 39 12.31 29.63 -23.06
N HIS Q 40 13.63 29.45 -23.04
CA HIS Q 40 14.47 29.88 -24.14
C HIS Q 40 14.40 28.94 -25.34
N PHE Q 41 14.11 27.65 -25.12
CA PHE Q 41 14.18 26.66 -26.17
C PHE Q 41 12.84 26.03 -26.52
N ASN Q 42 11.73 26.57 -26.01
CA ASN Q 42 10.39 26.10 -26.34
C ASN Q 42 9.99 26.73 -27.66
N TRP Q 43 10.05 25.96 -28.76
CA TRP Q 43 9.83 26.54 -30.08
C TRP Q 43 8.38 26.84 -30.37
N PHE Q 44 7.43 26.10 -29.77
CA PHE Q 44 6.01 26.40 -29.95
C PHE Q 44 5.65 27.77 -29.41
N GLU Q 45 6.15 28.13 -28.22
CA GLU Q 45 5.88 29.44 -27.66
C GLU Q 45 6.68 30.54 -28.34
N LEU Q 46 7.90 30.24 -28.78
CA LEU Q 46 8.69 31.20 -29.54
C LEU Q 46 7.99 31.60 -30.82
N ALA Q 47 7.39 30.62 -31.52
CA ALA Q 47 6.67 30.95 -32.76
C ALA Q 47 5.49 31.87 -32.48
N ALA Q 48 4.76 31.62 -31.38
CA ALA Q 48 3.60 32.45 -31.05
C ALA Q 48 4.02 33.86 -30.67
N ALA Q 49 5.05 34.00 -29.84
CA ALA Q 49 5.47 35.32 -29.39
C ALA Q 49 6.07 36.14 -30.54
N ASN Q 50 6.80 35.49 -31.45
CA ASN Q 50 7.41 36.19 -32.56
C ASN Q 50 6.39 36.81 -33.52
N ALA Q 51 5.15 36.34 -33.50
CA ALA Q 51 4.13 36.87 -34.38
C ALA Q 51 3.42 38.07 -33.75
N ASP R 1 38.31 -21.84 -28.55
CA ASP R 1 37.90 -20.44 -28.55
C ASP R 1 36.61 -20.26 -27.75
N LEU R 2 36.42 -19.09 -27.17
CA LEU R 2 35.25 -18.81 -26.37
C LEU R 2 34.12 -18.26 -27.25
N SER R 3 32.95 -18.89 -27.15
CA SER R 3 31.79 -18.44 -27.91
C SER R 3 30.54 -18.89 -27.15
N PHE R 4 29.91 -17.95 -26.45
CA PHE R 4 28.65 -18.24 -25.76
C PHE R 4 27.46 -18.27 -26.70
N THR R 5 27.55 -17.62 -27.86
CA THR R 5 26.43 -17.50 -28.78
C THR R 5 26.44 -18.53 -29.89
N GLY R 6 27.56 -19.21 -30.12
CA GLY R 6 27.67 -20.17 -31.19
C GLY R 6 28.17 -19.62 -32.51
N LEU R 7 28.37 -18.31 -32.61
CA LEU R 7 28.89 -17.70 -33.83
C LEU R 7 30.38 -17.98 -33.98
N THR R 8 30.86 -17.87 -35.21
CA THR R 8 32.28 -18.00 -35.51
C THR R 8 32.93 -16.63 -35.55
N ASP R 9 34.23 -16.61 -35.86
CA ASP R 9 34.94 -15.34 -35.96
C ASP R 9 34.45 -14.51 -37.14
N GLU R 10 34.31 -15.14 -38.30
CA GLU R 10 33.93 -14.42 -39.51
C GLU R 10 32.52 -13.87 -39.42
N GLN R 11 31.60 -14.64 -38.82
CA GLN R 11 30.24 -14.15 -38.66
C GLN R 11 30.19 -12.93 -37.75
N ALA R 12 30.95 -12.96 -36.66
CA ALA R 12 31.04 -11.81 -35.77
C ALA R 12 31.64 -10.60 -36.48
N GLN R 13 32.66 -10.81 -37.30
CA GLN R 13 33.27 -9.70 -38.03
C GLN R 13 32.27 -9.07 -39.01
N GLU R 14 31.53 -9.90 -39.73
CA GLU R 14 30.51 -9.38 -40.65
C GLU R 14 29.45 -8.57 -39.90
N LEU R 15 28.95 -9.13 -38.79
CA LEU R 15 27.91 -8.45 -38.03
C LEU R 15 28.41 -7.12 -37.50
N HIS R 16 29.63 -7.08 -36.97
CA HIS R 16 30.19 -5.83 -36.45
C HIS R 16 30.38 -4.81 -37.57
N SER R 17 30.81 -5.25 -38.75
CA SER R 17 30.97 -4.32 -39.87
C SER R 17 29.65 -3.63 -40.20
N VAL R 18 28.58 -4.42 -40.33
CA VAL R 18 27.29 -3.82 -40.67
C VAL R 18 26.79 -2.91 -39.53
N TYR R 19 26.98 -3.35 -38.28
CA TYR R 19 26.53 -2.56 -37.14
C TYR R 19 27.22 -1.20 -37.09
N MET R 20 28.53 -1.17 -37.30
CA MET R 20 29.23 0.11 -37.26
C MET R 20 28.86 0.97 -38.45
N SER R 21 28.56 0.35 -39.60
CA SER R 21 28.05 1.14 -40.72
C SER R 21 26.75 1.85 -40.36
N GLY R 22 25.86 1.18 -39.62
CA GLY R 22 24.67 1.84 -39.14
C GLY R 22 24.95 2.95 -38.14
N LEU R 23 25.87 2.68 -37.20
CA LEU R 23 26.18 3.64 -36.15
C LEU R 23 26.73 4.94 -36.71
N TRP R 24 27.63 4.86 -37.70
CA TRP R 24 28.24 6.06 -38.23
C TRP R 24 27.24 6.93 -38.98
N LEU R 25 26.29 6.31 -39.70
CA LEU R 25 25.26 7.08 -40.39
C LEU R 25 24.35 7.79 -39.40
N PHE R 26 23.95 7.10 -38.34
CA PHE R 26 23.16 7.73 -37.29
C PHE R 26 23.90 8.94 -36.70
N SER R 27 25.19 8.76 -36.42
CA SER R 27 25.98 9.83 -35.80
C SER R 27 26.12 11.03 -36.74
N ALA R 28 26.33 10.79 -38.03
CA ALA R 28 26.44 11.89 -38.98
C ALA R 28 25.15 12.69 -39.06
N VAL R 29 24.01 12.00 -39.10
CA VAL R 29 22.74 12.72 -39.13
C VAL R 29 22.56 13.56 -37.87
N ALA R 30 22.88 12.99 -36.71
CA ALA R 30 22.74 13.73 -35.46
C ALA R 30 23.67 14.94 -35.42
N VAL R 31 24.88 14.81 -35.96
CA VAL R 31 25.82 15.93 -35.99
C VAL R 31 25.27 17.07 -36.84
N VAL R 32 24.72 16.74 -38.01
CA VAL R 32 24.13 17.78 -38.86
C VAL R 32 23.00 18.49 -38.13
N ALA R 33 22.12 17.72 -37.48
CA ALA R 33 21.01 18.33 -36.75
C ALA R 33 21.51 19.24 -35.63
N HIS R 34 22.52 18.81 -34.89
CA HIS R 34 23.05 19.61 -33.78
C HIS R 34 23.68 20.91 -34.29
N LEU R 35 24.39 20.84 -35.41
CA LEU R 35 24.99 22.04 -35.98
C LEU R 35 23.93 23.05 -36.40
N ALA R 36 22.87 22.57 -37.07
CA ALA R 36 21.79 23.48 -37.46
C ALA R 36 21.12 24.10 -36.25
N THR R 37 20.87 23.31 -35.20
CA THR R 37 20.25 23.85 -34.00
C THR R 37 21.14 24.90 -33.33
N PHE R 38 22.45 24.65 -33.28
CA PHE R 38 23.36 25.63 -32.66
C PHE R 38 23.37 26.92 -33.45
N ILE R 39 23.34 26.85 -34.78
CA ILE R 39 23.27 28.08 -35.57
C ILE R 39 21.97 28.83 -35.30
N TRP R 40 20.87 28.08 -35.11
CA TRP R 40 19.59 28.74 -34.84
C TRP R 40 19.56 29.38 -33.45
N ARG R 41 20.05 28.69 -32.42
CA ARG R 41 19.93 29.16 -31.04
C ARG R 41 21.06 28.58 -30.21
N PRO R 42 22.15 29.33 -30.04
CA PRO R 42 23.32 28.80 -29.33
C PRO R 42 23.05 28.56 -27.86
N TRP R 43 23.75 27.56 -27.31
CA TRP R 43 23.67 27.26 -25.88
C TRP R 43 25.03 27.34 -25.19
N PHE R 44 26.05 27.87 -25.86
CA PHE R 44 27.35 28.08 -25.23
C PHE R 44 27.75 29.55 -25.29
N MET S 1 26.16 -0.26 -45.52
CA MET S 1 24.96 0.40 -46.05
C MET S 1 24.28 -0.47 -47.09
N SER S 2 25.09 -1.11 -47.93
CA SER S 2 24.57 -2.01 -48.97
C SER S 2 24.24 -3.39 -48.43
N LYS S 3 24.56 -3.68 -47.17
CA LYS S 3 24.24 -4.96 -46.55
C LYS S 3 23.20 -4.81 -45.44
N PHE S 4 22.44 -3.71 -45.45
CA PHE S 4 21.39 -3.51 -44.46
C PHE S 4 20.23 -4.47 -44.64
N TYR S 5 20.13 -5.17 -45.77
CA TYR S 5 19.05 -6.12 -45.99
C TYR S 5 19.12 -7.33 -45.06
N LYS S 6 20.24 -7.54 -44.37
CA LYS S 6 20.40 -8.68 -43.48
C LYS S 6 19.67 -8.51 -42.16
N ILE S 7 18.94 -7.40 -41.97
CA ILE S 7 18.12 -7.26 -40.78
C ILE S 7 16.96 -8.26 -40.80
N TRP S 8 16.55 -8.72 -41.98
CA TRP S 8 15.47 -9.69 -42.11
C TRP S 8 15.94 -11.12 -41.89
N LEU S 9 17.24 -11.33 -41.73
CA LEU S 9 17.76 -12.61 -41.27
C LEU S 9 17.83 -12.68 -39.74
N ILE S 10 17.47 -11.60 -39.06
CA ILE S 10 17.45 -11.55 -37.60
C ILE S 10 16.01 -11.48 -37.07
N PHE S 11 15.15 -10.74 -37.75
CA PHE S 11 13.80 -10.44 -37.29
C PHE S 11 12.78 -10.84 -38.35
N ASP S 12 11.67 -11.44 -37.91
CA ASP S 12 10.64 -11.91 -38.81
C ASP S 12 9.79 -10.74 -39.33
N PRO S 13 9.66 -10.55 -40.64
CA PRO S 13 8.86 -9.42 -41.15
C PRO S 13 7.39 -9.48 -40.77
N ARG S 14 6.81 -10.68 -40.66
CA ARG S 14 5.40 -10.79 -40.30
C ARG S 14 5.11 -10.16 -38.94
N ARG S 15 6.07 -10.29 -38.00
CA ARG S 15 5.89 -9.69 -36.69
C ARG S 15 6.34 -8.25 -36.64
N VAL S 16 7.31 -7.87 -37.49
CA VAL S 16 7.82 -6.50 -37.49
C VAL S 16 6.79 -5.54 -38.07
N PHE S 17 6.06 -5.98 -39.10
CA PHE S 17 5.15 -5.07 -39.81
C PHE S 17 4.01 -4.60 -38.90
N VAL S 18 3.44 -5.49 -38.10
CA VAL S 18 2.33 -5.13 -37.21
C VAL S 18 2.79 -4.12 -36.16
N ALA S 19 3.94 -4.40 -35.54
CA ALA S 19 4.48 -3.50 -34.52
C ALA S 19 4.80 -2.13 -35.12
N GLN S 20 5.36 -2.10 -36.33
CA GLN S 20 5.67 -0.83 -36.97
C GLN S 20 4.40 -0.05 -37.28
N GLY S 21 3.35 -0.73 -37.74
CA GLY S 21 2.10 -0.03 -37.98
C GLY S 21 1.52 0.59 -36.73
N VAL S 22 1.53 -0.17 -35.63
CA VAL S 22 1.03 0.36 -34.36
C VAL S 22 1.84 1.56 -33.92
N PHE S 23 3.17 1.46 -34.00
CA PHE S 23 4.04 2.55 -33.57
C PHE S 23 3.80 3.81 -34.40
N LEU S 24 3.71 3.66 -35.72
CA LEU S 24 3.53 4.82 -36.59
C LEU S 24 2.19 5.50 -36.34
N PHE S 25 1.11 4.71 -36.20
CA PHE S 25 -0.19 5.35 -35.96
C PHE S 25 -0.22 6.07 -34.61
N LEU S 26 0.33 5.45 -33.56
CA LEU S 26 0.31 6.08 -32.26
C LEU S 26 1.13 7.37 -32.27
N LEU S 27 2.28 7.36 -32.95
CA LEU S 27 3.09 8.57 -33.05
C LEU S 27 2.35 9.69 -33.77
N ALA S 28 1.68 9.36 -34.88
CA ALA S 28 0.94 10.38 -35.62
C ALA S 28 -0.16 10.99 -34.76
N ALA S 29 -0.93 10.15 -34.07
CA ALA S 29 -2.00 10.66 -33.22
C ALA S 29 -1.46 11.53 -32.10
N MET S 30 -0.36 11.11 -31.48
CA MET S 30 0.21 11.89 -30.39
C MET S 30 0.66 13.27 -30.87
N ILE S 31 1.31 13.34 -32.04
CA ILE S 31 1.78 14.63 -32.52
C ILE S 31 0.61 15.54 -32.87
N HIS S 32 -0.43 15.00 -33.53
CA HIS S 32 -1.60 15.81 -33.85
C HIS S 32 -2.24 16.37 -32.58
N LEU S 33 -2.36 15.53 -31.54
CA LEU S 33 -2.95 16.00 -30.29
C LEU S 33 -2.10 17.06 -29.60
N VAL S 34 -0.78 16.89 -29.61
CA VAL S 34 0.11 17.89 -29.04
C VAL S 34 -0.09 19.23 -29.74
N LEU S 35 -0.19 19.21 -31.07
CA LEU S 35 -0.48 20.46 -31.79
C LEU S 35 -1.82 21.05 -31.37
N LEU S 36 -2.83 20.19 -31.19
CA LEU S 36 -4.14 20.67 -30.78
C LEU S 36 -4.17 21.25 -29.38
N SER S 37 -3.22 20.88 -28.52
CA SER S 37 -3.24 21.37 -27.13
C SER S 37 -2.72 22.79 -26.97
N THR S 38 -2.17 23.41 -28.01
CA THR S 38 -1.64 24.75 -27.92
C THR S 38 -2.70 25.76 -28.36
N GLU S 39 -2.28 27.01 -28.54
CA GLU S 39 -3.15 28.09 -29.01
C GLU S 39 -2.82 28.56 -30.41
N HIS S 40 -1.53 28.64 -30.74
CA HIS S 40 -1.09 29.14 -32.04
C HIS S 40 -1.36 28.15 -33.17
N PHE S 41 -1.43 26.86 -32.87
CA PHE S 41 -1.53 25.83 -33.90
C PHE S 41 -2.83 25.03 -33.82
N ASN S 42 -3.83 25.50 -33.09
CA ASN S 42 -5.13 24.83 -33.00
C ASN S 42 -6.00 25.36 -34.12
N TRP S 43 -6.19 24.54 -35.16
CA TRP S 43 -6.89 25.00 -36.36
C TRP S 43 -8.41 25.01 -36.21
N PHE S 44 -8.95 24.40 -35.16
CA PHE S 44 -10.38 24.54 -34.90
C PHE S 44 -10.73 25.89 -34.29
N GLU S 45 -9.87 26.42 -33.42
CA GLU S 45 -10.08 27.74 -32.85
C GLU S 45 -9.74 28.85 -33.83
N LEU S 46 -8.73 28.63 -34.68
CA LEU S 46 -8.35 29.64 -35.65
C LEU S 46 -9.48 29.92 -36.64
N ALA S 47 -10.18 28.87 -37.07
CA ALA S 47 -11.31 29.05 -37.98
C ALA S 47 -12.42 29.87 -37.32
N ALA S 48 -12.68 29.61 -36.03
CA ALA S 48 -13.70 30.36 -35.32
C ALA S 48 -13.30 31.82 -35.17
N ALA S 49 -12.05 32.08 -34.83
CA ALA S 49 -11.61 33.45 -34.58
C ALA S 49 -11.49 34.26 -35.87
N ASN S 50 -10.90 33.67 -36.91
CA ASN S 50 -10.65 34.42 -38.14
C ASN S 50 -11.94 34.82 -38.83
N ALA S 51 -12.95 33.94 -38.84
CA ALA S 51 -14.23 34.24 -39.44
C ALA S 51 -15.33 34.29 -38.40
N ASP T 1 25.95 -19.65 -43.87
CA ASP T 1 25.40 -18.33 -43.56
C ASP T 1 24.49 -18.39 -42.34
N LEU T 2 24.45 -17.28 -41.60
CA LEU T 2 23.70 -17.19 -40.36
C LEU T 2 22.27 -16.71 -40.64
N SER T 3 21.29 -17.41 -40.08
CA SER T 3 19.89 -17.08 -40.28
C SER T 3 19.08 -17.60 -39.12
N PHE T 4 18.35 -16.71 -38.44
CA PHE T 4 17.47 -17.09 -37.34
C PHE T 4 16.01 -17.21 -37.76
N THR T 5 15.62 -16.63 -38.89
CA THR T 5 14.23 -16.60 -39.31
C THR T 5 13.88 -17.65 -40.34
N GLY T 6 14.88 -18.29 -40.96
CA GLY T 6 14.64 -19.30 -41.97
C GLY T 6 14.62 -18.78 -43.40
N LEU T 7 14.74 -17.47 -43.59
CA LEU T 7 14.85 -16.90 -44.93
C LEU T 7 16.25 -17.11 -45.48
N THR T 8 16.36 -17.04 -46.80
CA THR T 8 17.66 -17.11 -47.46
C THR T 8 18.15 -15.69 -47.75
N ASP T 9 19.31 -15.62 -48.42
CA ASP T 9 19.92 -14.33 -48.74
C ASP T 9 19.13 -13.61 -49.82
N GLU T 10 18.78 -14.33 -50.89
CA GLU T 10 18.07 -13.73 -52.02
C GLU T 10 16.70 -13.22 -51.60
N GLN T 11 15.98 -14.00 -50.79
CA GLN T 11 14.66 -13.57 -50.33
C GLN T 11 14.75 -12.32 -49.48
N ALA T 12 15.76 -12.23 -48.62
CA ALA T 12 15.95 -11.04 -47.80
C ALA T 12 16.23 -9.81 -48.66
N GLN T 13 17.08 -9.96 -49.69
CA GLN T 13 17.34 -8.84 -50.59
C GLN T 13 16.05 -8.39 -51.29
N GLU T 14 15.29 -9.35 -51.81
CA GLU T 14 14.08 -9.03 -52.55
C GLU T 14 13.05 -8.34 -51.67
N LEU T 15 12.92 -8.78 -50.41
CA LEU T 15 11.99 -8.12 -49.50
C LEU T 15 12.47 -6.72 -49.15
N HIS T 16 13.77 -6.54 -48.94
CA HIS T 16 14.29 -5.23 -48.54
C HIS T 16 14.07 -4.19 -49.63
N SER T 17 14.16 -4.61 -50.90
CA SER T 17 13.91 -3.65 -51.98
C SER T 17 12.51 -3.02 -51.87
N VAL T 18 11.48 -3.86 -51.72
CA VAL T 18 10.12 -3.36 -51.64
C VAL T 18 9.90 -2.54 -50.37
N TYR T 19 10.51 -2.98 -49.26
CA TYR T 19 10.39 -2.22 -48.02
C TYR T 19 10.97 -0.81 -48.17
N MET T 20 12.14 -0.70 -48.82
CA MET T 20 12.74 0.60 -49.06
C MET T 20 11.87 1.46 -49.97
N SER T 21 11.26 0.86 -50.99
CA SER T 21 10.35 1.61 -51.85
C SER T 21 9.20 2.23 -51.05
N GLY T 22 8.57 1.43 -50.19
CA GLY T 22 7.49 1.95 -49.37
C GLY T 22 7.95 3.06 -48.43
N LEU T 23 9.13 2.88 -47.83
CA LEU T 23 9.66 3.91 -46.93
C LEU T 23 9.89 5.23 -47.66
N TRP T 24 10.45 5.16 -48.88
CA TRP T 24 10.71 6.40 -49.62
C TRP T 24 9.41 7.09 -50.02
N LEU T 25 8.39 6.32 -50.43
CA LEU T 25 7.12 6.96 -50.77
C LEU T 25 6.49 7.65 -49.56
N PHE T 26 6.51 6.98 -48.41
CA PHE T 26 5.99 7.58 -47.17
C PHE T 26 6.73 8.87 -46.85
N SER T 27 8.06 8.86 -46.97
CA SER T 27 8.85 10.04 -46.65
C SER T 27 8.56 11.19 -47.61
N ALA T 28 8.37 10.89 -48.90
CA ALA T 28 8.05 11.95 -49.85
C ALA T 28 6.72 12.63 -49.50
N VAL T 29 5.70 11.82 -49.18
CA VAL T 29 4.42 12.40 -48.79
C VAL T 29 4.57 13.29 -47.57
N ALA T 30 5.31 12.80 -46.56
CA ALA T 30 5.50 13.59 -45.33
C ALA T 30 6.23 14.89 -45.62
N VAL T 31 7.22 14.86 -46.52
CA VAL T 31 7.95 16.09 -46.86
C VAL T 31 7.03 17.12 -47.48
N VAL T 32 6.18 16.69 -48.42
CA VAL T 32 5.26 17.64 -49.04
C VAL T 32 4.32 18.23 -48.00
N ALA T 33 3.81 17.40 -47.09
CA ALA T 33 2.92 17.90 -46.04
C ALA T 33 3.61 18.92 -45.15
N HIS T 34 4.85 18.63 -44.74
CA HIS T 34 5.57 19.55 -43.87
C HIS T 34 5.86 20.87 -44.56
N LEU T 35 6.18 20.83 -45.86
CA LEU T 35 6.40 22.07 -46.60
C LEU T 35 5.14 22.93 -46.65
N ALA T 36 4.00 22.31 -46.95
CA ALA T 36 2.76 23.06 -46.98
C ALA T 36 2.44 23.68 -45.61
N THR T 37 2.61 22.90 -44.54
CA THR T 37 2.32 23.40 -43.21
C THR T 37 3.24 24.56 -42.83
N PHE T 38 4.53 24.45 -43.15
CA PHE T 38 5.45 25.54 -42.86
C PHE T 38 5.07 26.82 -43.61
N ILE T 39 4.68 26.68 -44.88
CA ILE T 39 4.26 27.86 -45.63
C ILE T 39 3.03 28.49 -44.98
N TRP T 40 2.08 27.66 -44.53
CA TRP T 40 0.87 28.21 -43.92
C TRP T 40 1.17 28.91 -42.60
N ARG T 41 1.91 28.26 -41.70
CA ARG T 41 2.15 28.78 -40.36
C ARG T 41 3.53 28.33 -39.91
N PRO T 42 4.54 29.19 -40.06
CA PRO T 42 5.93 28.76 -39.85
C PRO T 42 6.30 28.69 -38.37
N TRP T 43 6.93 27.58 -37.98
CA TRP T 43 7.71 27.56 -36.77
C TRP T 43 9.14 27.98 -37.14
N PHE T 44 10.06 27.90 -36.19
CA PHE T 44 11.40 28.46 -36.38
C PHE T 44 11.34 29.94 -36.72
N MET U 1 6.72 -0.07 -55.92
CA MET U 1 5.31 0.13 -56.27
C MET U 1 4.78 -0.93 -57.23
N SER U 2 5.46 -1.20 -58.35
CA SER U 2 5.02 -2.36 -59.14
C SER U 2 5.14 -3.67 -58.40
N LYS U 3 5.72 -3.68 -57.20
CA LYS U 3 5.89 -4.92 -56.43
C LYS U 3 5.16 -4.88 -55.10
N PHE U 4 4.23 -3.94 -54.93
CA PHE U 4 3.47 -3.87 -53.69
C PHE U 4 2.48 -5.01 -53.55
N TYR U 5 2.19 -5.75 -54.63
CA TYR U 5 1.24 -6.84 -54.58
C TYR U 5 1.72 -8.02 -53.74
N LYS U 6 2.99 -8.04 -53.35
CA LYS U 6 3.56 -9.15 -52.62
C LYS U 6 3.25 -9.12 -51.13
N ILE U 7 2.54 -8.10 -50.65
CA ILE U 7 2.10 -8.08 -49.25
C ILE U 7 1.12 -9.21 -48.97
N TRP U 8 0.45 -9.71 -50.00
CA TRP U 8 -0.52 -10.79 -49.83
C TRP U 8 0.14 -12.16 -49.80
N LEU U 9 1.45 -12.23 -49.99
CA LEU U 9 2.21 -13.43 -49.69
C LEU U 9 2.72 -13.46 -48.25
N ILE U 10 2.57 -12.35 -47.53
CA ILE U 10 3.01 -12.23 -46.15
C ILE U 10 1.83 -12.30 -45.18
N PHE U 11 0.78 -11.54 -45.48
CA PHE U 11 -0.40 -11.45 -44.63
C PHE U 11 -1.58 -12.14 -45.30
N ASP U 12 -2.44 -12.74 -44.48
CA ASP U 12 -3.64 -13.42 -44.95
C ASP U 12 -4.77 -12.42 -45.13
N PRO U 13 -5.42 -12.39 -46.30
CA PRO U 13 -6.46 -11.36 -46.54
C PRO U 13 -7.63 -11.40 -45.57
N ARG U 14 -7.99 -12.59 -45.06
CA ARG U 14 -9.18 -12.70 -44.23
C ARG U 14 -9.07 -11.88 -42.95
N ARG U 15 -7.92 -11.94 -42.27
CA ARG U 15 -7.72 -11.13 -41.08
C ARG U 15 -7.43 -9.67 -41.39
N VAL U 16 -6.73 -9.41 -42.50
CA VAL U 16 -6.40 -8.03 -42.86
C VAL U 16 -7.66 -7.23 -43.15
N PHE U 17 -8.61 -7.82 -43.87
CA PHE U 17 -9.85 -7.10 -44.19
C PHE U 17 -10.64 -6.77 -42.92
N VAL U 18 -10.74 -7.72 -41.99
CA VAL U 18 -11.50 -7.48 -40.76
C VAL U 18 -10.85 -6.38 -39.93
N ALA U 19 -9.52 -6.45 -39.77
CA ALA U 19 -8.82 -5.41 -39.01
C ALA U 19 -8.95 -4.05 -39.67
N GLN U 20 -8.84 -3.98 -41.00
CA GLN U 20 -8.95 -2.72 -41.70
C GLN U 20 -10.35 -2.13 -41.56
N GLY U 21 -11.40 -2.96 -41.65
CA GLY U 21 -12.74 -2.46 -41.47
C GLY U 21 -12.98 -1.90 -40.07
N VAL U 22 -12.52 -2.62 -39.06
CA VAL U 22 -12.66 -2.13 -37.69
C VAL U 22 -11.95 -0.80 -37.52
N PHE U 23 -10.71 -0.71 -38.01
CA PHE U 23 -9.93 0.52 -37.89
C PHE U 23 -10.62 1.69 -38.58
N LEU U 24 -11.10 1.49 -39.81
CA LEU U 24 -11.71 2.57 -40.54
C LEU U 24 -12.99 3.06 -39.88
N PHE U 25 -13.85 2.15 -39.41
CA PHE U 25 -15.08 2.59 -38.76
C PHE U 25 -14.78 3.35 -37.47
N LEU U 26 -13.87 2.83 -36.65
CA LEU U 26 -13.56 3.54 -35.41
C LEU U 26 -12.98 4.92 -35.68
N LEU U 27 -12.11 5.04 -36.68
CA LEU U 27 -11.53 6.34 -37.01
C LEU U 27 -12.61 7.32 -37.47
N ALA U 28 -13.53 6.88 -38.32
CA ALA U 28 -14.58 7.78 -38.79
C ALA U 28 -15.46 8.26 -37.64
N ALA U 29 -15.84 7.33 -36.75
CA ALA U 29 -16.66 7.70 -35.60
C ALA U 29 -15.94 8.70 -34.71
N MET U 30 -14.66 8.56 -34.42
CA MET U 30 -13.94 9.56 -33.65
C MET U 30 -13.84 10.96 -34.22
N ILE U 31 -13.52 11.11 -35.48
CA ILE U 31 -13.44 12.39 -36.09
C ILE U 31 -14.82 12.98 -36.11
N HIS U 32 -15.87 12.21 -36.37
CA HIS U 32 -17.19 12.87 -36.31
C HIS U 32 -17.48 13.37 -34.90
N LEU U 33 -17.16 12.56 -33.88
CA LEU U 33 -17.37 12.99 -32.49
C LEU U 33 -16.51 14.20 -32.14
N VAL U 34 -15.25 14.21 -32.58
CA VAL U 34 -14.37 15.33 -32.28
C VAL U 34 -14.92 16.60 -32.92
N LEU U 35 -15.42 16.51 -34.15
CA LEU U 35 -16.06 17.66 -34.76
C LEU U 35 -17.27 18.12 -33.97
N LEU U 36 -18.08 17.17 -33.48
CA LEU U 36 -19.25 17.54 -32.69
C LEU U 36 -18.87 18.17 -31.35
N SER U 37 -17.64 17.96 -30.87
CA SER U 37 -17.22 18.52 -29.60
C SER U 37 -16.87 19.99 -29.66
N THR U 38 -16.84 20.60 -30.85
CA THR U 38 -16.47 21.99 -30.99
C THR U 38 -17.72 22.86 -31.14
N GLU U 39 -17.51 24.17 -31.24
CA GLU U 39 -18.58 25.13 -31.43
C GLU U 39 -18.75 25.56 -32.87
N HIS U 40 -17.63 25.78 -33.57
CA HIS U 40 -17.69 26.34 -34.92
C HIS U 40 -18.10 25.31 -35.96
N PHE U 41 -18.02 24.01 -35.64
CA PHE U 41 -18.26 22.96 -36.62
C PHE U 41 -19.38 22.01 -36.23
N ASN U 42 -20.14 22.33 -35.18
CA ASN U 42 -21.32 21.54 -34.82
C ASN U 42 -22.46 21.94 -35.74
N TRP U 43 -22.88 21.02 -36.61
CA TRP U 43 -23.78 21.38 -37.70
C TRP U 43 -25.23 21.54 -37.25
N PHE U 44 -25.56 21.13 -36.03
CA PHE U 44 -26.95 21.20 -35.58
C PHE U 44 -27.38 22.64 -35.33
N GLU U 45 -26.51 23.44 -34.72
CA GLU U 45 -26.90 24.76 -34.25
C GLU U 45 -26.80 25.85 -35.31
N LEU U 46 -26.05 25.62 -36.38
CA LEU U 46 -25.86 26.66 -37.39
C LEU U 46 -27.16 27.01 -38.09
N ALA U 47 -28.00 26.01 -38.37
CA ALA U 47 -29.27 26.26 -39.03
C ALA U 47 -30.17 27.15 -38.18
N ALA U 48 -30.24 26.88 -36.88
CA ALA U 48 -30.99 27.75 -35.98
C ALA U 48 -30.39 29.15 -35.94
N ALA U 49 -29.06 29.23 -35.87
CA ALA U 49 -28.40 30.53 -35.76
C ALA U 49 -28.65 31.39 -36.99
N ASN U 50 -28.69 30.78 -38.18
CA ASN U 50 -28.87 31.52 -39.41
C ASN U 50 -30.32 31.72 -39.81
N ALA U 51 -31.27 31.12 -39.10
CA ALA U 51 -32.68 31.28 -39.41
C ALA U 51 -33.31 32.37 -38.54
N ASP V 1 8.30 -19.08 -54.47
CA ASP V 1 9.40 -18.65 -53.61
C ASP V 1 8.92 -18.50 -52.17
N LEU V 2 9.11 -17.30 -51.61
CA LEU V 2 8.67 -17.03 -50.25
C LEU V 2 7.15 -16.88 -50.21
N SER V 3 6.52 -17.62 -49.32
CA SER V 3 5.06 -17.57 -49.18
C SER V 3 4.69 -18.12 -47.82
N PHE V 4 4.10 -17.29 -46.97
CA PHE V 4 3.61 -17.73 -45.67
C PHE V 4 2.13 -18.06 -45.67
N THR V 5 1.38 -17.62 -46.67
CA THR V 5 -0.06 -17.84 -46.74
C THR V 5 -0.47 -18.96 -47.68
N GLY V 6 0.49 -19.57 -48.39
CA GLY V 6 0.18 -20.59 -49.36
C GLY V 6 -0.34 -20.07 -50.68
N LEU V 7 -0.47 -18.77 -50.83
CA LEU V 7 -1.02 -18.15 -52.04
C LEU V 7 0.08 -17.98 -53.07
N THR V 8 -0.28 -18.17 -54.34
CA THR V 8 0.69 -18.09 -55.43
C THR V 8 0.89 -16.64 -55.87
N ASP V 9 1.55 -16.45 -57.00
CA ASP V 9 1.92 -15.12 -57.44
C ASP V 9 0.79 -14.45 -58.22
N GLU V 10 0.24 -15.14 -59.22
CA GLU V 10 -0.81 -14.57 -60.05
C GLU V 10 -2.06 -14.25 -59.23
N GLN V 11 -2.42 -15.12 -58.30
CA GLN V 11 -3.57 -14.87 -57.44
C GLN V 11 -3.35 -13.63 -56.60
N ALA V 12 -2.13 -13.42 -56.10
CA ALA V 12 -1.82 -12.22 -55.34
C ALA V 12 -1.91 -10.97 -56.21
N GLN V 13 -1.45 -11.05 -57.46
CA GLN V 13 -1.59 -9.90 -58.37
C GLN V 13 -3.05 -9.55 -58.60
N GLU V 14 -3.90 -10.57 -58.84
CA GLU V 14 -5.32 -10.31 -59.02
C GLU V 14 -5.95 -9.70 -57.78
N LEU V 15 -5.61 -10.24 -56.61
CA LEU V 15 -6.14 -9.72 -55.36
C LEU V 15 -5.76 -8.25 -55.17
N HIS V 16 -4.49 -7.92 -55.45
CA HIS V 16 -4.05 -6.54 -55.29
C HIS V 16 -4.75 -5.62 -56.29
N SER V 17 -4.98 -6.09 -57.51
CA SER V 17 -5.71 -5.28 -58.48
C SER V 17 -7.09 -4.92 -57.96
N VAL V 18 -7.84 -5.91 -57.48
CA VAL V 18 -9.19 -5.65 -56.98
C VAL V 18 -9.14 -4.74 -55.75
N TYR V 19 -8.17 -4.96 -54.85
CA TYR V 19 -8.06 -4.14 -53.65
C TYR V 19 -7.77 -2.68 -53.99
N MET V 20 -6.89 -2.43 -54.95
CA MET V 20 -6.57 -1.05 -55.32
C MET V 20 -7.76 -0.38 -56.00
N SER V 21 -8.48 -1.13 -56.83
CA SER V 21 -9.72 -0.58 -57.40
C SER V 21 -10.69 -0.18 -56.31
N GLY V 22 -10.80 -1.00 -55.27
CA GLY V 22 -11.67 -0.64 -54.16
C GLY V 22 -11.19 0.58 -53.39
N LEU V 23 -9.87 0.73 -53.26
CA LEU V 23 -9.32 1.85 -52.49
C LEU V 23 -9.52 3.19 -53.21
N TRP V 24 -9.38 3.20 -54.53
CA TRP V 24 -9.47 4.46 -55.27
C TRP V 24 -10.87 5.06 -55.20
N LEU V 25 -11.91 4.23 -55.25
CA LEU V 25 -13.28 4.74 -55.17
C LEU V 25 -13.57 5.36 -53.80
N PHE V 26 -13.14 4.69 -52.73
CA PHE V 26 -13.27 5.25 -51.39
C PHE V 26 -12.57 6.60 -51.29
N SER V 27 -11.35 6.68 -51.85
CA SER V 27 -10.63 7.95 -51.81
C SER V 27 -11.36 9.04 -52.59
N ALA V 28 -11.92 8.69 -53.76
CA ALA V 28 -12.65 9.69 -54.55
C ALA V 28 -13.88 10.22 -53.81
N VAL V 29 -14.64 9.32 -53.18
CA VAL V 29 -15.81 9.76 -52.43
C VAL V 29 -15.39 10.68 -51.27
N ALA V 30 -14.32 10.31 -50.56
CA ALA V 30 -13.86 11.16 -49.47
C ALA V 30 -13.39 12.52 -49.97
N VAL V 31 -12.76 12.55 -51.16
CA VAL V 31 -12.30 13.81 -51.73
C VAL V 31 -13.48 14.72 -52.04
N VAL V 32 -14.53 14.16 -52.64
CA VAL V 32 -15.71 14.96 -52.96
C VAL V 32 -16.35 15.49 -51.68
N ALA V 33 -16.47 14.63 -50.67
CA ALA V 33 -17.09 15.06 -49.41
C ALA V 33 -16.28 16.17 -48.74
N HIS V 34 -14.95 16.03 -48.73
CA HIS V 34 -14.10 17.06 -48.13
C HIS V 34 -14.20 18.38 -48.87
N LEU V 35 -14.24 18.33 -50.20
CA LEU V 35 -14.36 19.56 -50.98
C LEU V 35 -15.69 20.25 -50.70
N ALA V 36 -16.78 19.49 -50.63
CA ALA V 36 -18.08 20.08 -50.31
C ALA V 36 -18.08 20.70 -48.92
N THR V 37 -17.51 20.00 -47.94
CA THR V 37 -17.47 20.52 -46.58
C THR V 37 -16.65 21.80 -46.51
N PHE V 38 -15.52 21.85 -47.22
CA PHE V 38 -14.70 23.06 -47.21
C PHE V 38 -15.42 24.22 -47.88
N ILE V 39 -16.11 23.96 -48.98
CA ILE V 39 -16.86 25.03 -49.65
C ILE V 39 -17.95 25.56 -48.73
N TRP V 40 -18.58 24.67 -47.96
CA TRP V 40 -19.61 25.10 -47.02
C TRP V 40 -19.01 25.91 -45.86
N ARG V 41 -17.95 25.38 -45.23
CA ARG V 41 -17.38 25.99 -44.04
C ARG V 41 -15.88 25.76 -44.04
N PRO V 42 -15.05 26.82 -44.35
CA PRO V 42 -13.62 26.52 -44.37
C PRO V 42 -12.84 26.37 -43.06
N TRP V 43 -11.64 25.78 -43.12
CA TRP V 43 -10.81 25.59 -41.94
C TRP V 43 -9.40 26.08 -42.14
N PHE V 44 -9.07 26.52 -43.33
CA PHE V 44 -7.75 27.11 -43.57
C PHE V 44 -7.90 28.52 -44.07
N MET W 1 -14.03 -2.72 -60.09
CA MET W 1 -15.44 -2.69 -59.69
C MET W 1 -16.19 -3.86 -60.30
N SER W 2 -15.81 -4.22 -61.53
CA SER W 2 -16.47 -5.34 -62.21
C SER W 2 -16.24 -6.66 -61.49
N LYS W 3 -15.15 -6.76 -60.74
CA LYS W 3 -14.78 -7.98 -60.04
C LYS W 3 -14.96 -7.86 -58.54
N PHE W 4 -15.88 -7.00 -58.10
CA PHE W 4 -16.18 -6.89 -56.68
C PHE W 4 -16.92 -8.11 -56.13
N TYR W 5 -17.39 -9.01 -57.00
CA TYR W 5 -18.13 -10.18 -56.54
C TYR W 5 -17.25 -11.23 -55.89
N LYS W 6 -15.93 -11.15 -56.08
CA LYS W 6 -15.03 -12.13 -55.50
C LYS W 6 -14.87 -11.98 -53.99
N ILE W 7 -15.58 -11.05 -53.36
CA ILE W 7 -15.51 -10.92 -51.91
C ILE W 7 -16.09 -12.18 -51.26
N TRP W 8 -17.12 -12.76 -51.86
CA TRP W 8 -17.77 -13.97 -51.37
C TRP W 8 -16.92 -15.21 -51.56
N LEU W 9 -15.78 -15.10 -52.26
CA LEU W 9 -14.78 -16.14 -52.32
C LEU W 9 -13.79 -16.03 -51.17
N ILE W 10 -13.94 -15.04 -50.31
CA ILE W 10 -13.04 -14.78 -49.19
C ILE W 10 -13.80 -14.88 -47.89
N PHE W 11 -14.96 -14.24 -47.83
CA PHE W 11 -15.81 -14.21 -46.65
C PHE W 11 -17.08 -15.02 -46.88
N ASP W 12 -17.51 -15.74 -45.85
CA ASP W 12 -18.71 -16.56 -45.93
C ASP W 12 -19.96 -15.70 -45.85
N PRO W 13 -20.82 -15.72 -46.88
CA PRO W 13 -21.99 -14.82 -46.88
C PRO W 13 -22.94 -15.01 -45.71
N ARG W 14 -23.09 -16.27 -45.26
CA ARG W 14 -24.03 -16.57 -44.19
C ARG W 14 -23.68 -15.80 -42.91
N ARG W 15 -22.42 -15.85 -42.51
CA ARG W 15 -21.98 -15.17 -41.30
C ARG W 15 -21.72 -13.69 -41.53
N VAL W 16 -21.77 -13.22 -42.78
CA VAL W 16 -21.59 -11.80 -43.04
C VAL W 16 -22.93 -11.07 -42.99
N PHE W 17 -23.98 -11.66 -43.57
CA PHE W 17 -25.27 -10.96 -43.62
C PHE W 17 -25.88 -10.76 -42.24
N VAL W 18 -25.76 -11.76 -41.36
CA VAL W 18 -26.31 -11.63 -40.02
C VAL W 18 -25.58 -10.53 -39.24
N ALA W 19 -24.25 -10.49 -39.35
CA ALA W 19 -23.48 -9.45 -38.67
C ALA W 19 -23.80 -8.07 -39.24
N GLN W 20 -23.97 -7.96 -40.56
CA GLN W 20 -24.31 -6.69 -41.16
C GLN W 20 -25.69 -6.20 -40.70
N GLY W 21 -26.64 -7.12 -40.59
CA GLY W 21 -27.94 -6.75 -40.05
C GLY W 21 -27.89 -6.36 -38.59
N VAL W 22 -27.02 -7.02 -37.82
CA VAL W 22 -26.83 -6.68 -36.41
C VAL W 22 -26.10 -5.35 -36.24
N PHE W 23 -25.37 -4.88 -37.26
CA PHE W 23 -24.68 -3.60 -37.23
C PHE W 23 -25.56 -2.44 -37.70
N LEU W 24 -26.31 -2.64 -38.79
CA LEU W 24 -27.17 -1.55 -39.29
C LEU W 24 -28.23 -1.16 -38.27
N PHE W 25 -28.89 -2.13 -37.67
CA PHE W 25 -29.54 -1.94 -36.38
C PHE W 25 -28.41 -1.84 -35.37
N LEU W 26 -28.60 -1.02 -34.33
CA LEU W 26 -27.54 -0.59 -33.41
C LEU W 26 -26.65 0.48 -34.03
N LEU W 27 -26.82 0.76 -35.33
CA LEU W 27 -26.46 2.07 -35.83
C LEU W 27 -27.65 3.01 -35.95
N ALA W 28 -28.76 2.51 -36.51
CA ALA W 28 -29.96 3.33 -36.64
C ALA W 28 -30.53 3.72 -35.28
N ALA W 29 -30.50 2.79 -34.32
CA ALA W 29 -30.99 3.09 -32.98
C ALA W 29 -30.15 4.20 -32.33
N MET W 30 -28.83 4.13 -32.49
CA MET W 30 -27.97 5.18 -31.95
C MET W 30 -28.26 6.53 -32.59
N ILE W 31 -28.45 6.55 -33.91
CA ILE W 31 -28.74 7.83 -34.56
C ILE W 31 -30.09 8.38 -34.10
N HIS W 32 -31.11 7.51 -33.97
CA HIS W 32 -32.41 7.97 -33.49
C HIS W 32 -32.32 8.53 -32.08
N LEU W 33 -31.57 7.85 -31.20
CA LEU W 33 -31.40 8.37 -29.83
C LEU W 33 -30.68 9.70 -29.82
N VAL W 34 -29.65 9.87 -30.66
CA VAL W 34 -28.94 11.13 -30.74
C VAL W 34 -29.88 12.25 -31.17
N LEU W 35 -30.73 11.97 -32.17
CA LEU W 35 -31.72 12.97 -32.58
C LEU W 35 -32.70 13.28 -31.46
N LEU W 36 -33.12 12.25 -30.72
CA LEU W 36 -34.10 12.45 -29.64
C LEU W 36 -33.54 13.34 -28.54
N SER W 37 -32.27 13.13 -28.18
CA SER W 37 -31.70 13.85 -27.04
C SER W 37 -31.60 15.35 -27.27
N THR W 38 -31.82 15.83 -28.49
CA THR W 38 -31.83 17.28 -28.77
C THR W 38 -33.24 17.90 -28.70
N GLU W 39 -33.31 19.22 -28.62
CA GLU W 39 -34.58 19.90 -28.53
C GLU W 39 -35.20 20.21 -29.87
N HIS W 40 -34.41 20.69 -30.81
CA HIS W 40 -34.93 21.08 -32.09
C HIS W 40 -35.39 19.90 -32.92
N PHE W 41 -34.84 18.73 -32.66
CA PHE W 41 -35.17 17.61 -33.53
C PHE W 41 -36.13 16.63 -32.91
N ASN W 42 -36.36 16.74 -31.60
CA ASN W 42 -37.32 15.88 -30.93
C ASN W 42 -38.65 16.12 -31.57
N TRP W 43 -39.27 15.05 -32.04
CA TRP W 43 -40.52 15.18 -32.74
C TRP W 43 -41.59 14.86 -31.76
N PHE W 44 -41.19 14.48 -30.56
CA PHE W 44 -42.18 14.26 -29.51
C PHE W 44 -42.48 15.61 -28.88
N GLU W 45 -42.52 16.65 -29.70
CA GLU W 45 -42.84 17.99 -29.25
C GLU W 45 -44.18 18.26 -29.91
N LEU W 46 -44.35 17.82 -31.16
CA LEU W 46 -45.64 17.93 -31.85
C LEU W 46 -46.49 16.81 -31.28
N ALA W 47 -45.83 15.83 -30.66
CA ALA W 47 -46.55 14.76 -29.99
C ALA W 47 -46.57 15.11 -28.51
N ALA W 48 -46.85 14.13 -27.64
CA ALA W 48 -46.99 14.37 -26.19
C ALA W 48 -48.05 15.42 -25.82
N ALA W 49 -49.01 15.68 -26.71
CA ALA W 49 -50.06 16.67 -26.46
C ALA W 49 -51.18 16.50 -27.49
N ASN W 50 -52.43 16.65 -27.04
CA ASN W 50 -53.56 16.56 -27.97
C ASN W 50 -54.50 17.75 -27.77
N ALA W 51 -54.21 18.88 -28.44
CA ALA W 51 -55.03 20.09 -28.33
C ALA W 51 -55.21 20.55 -26.88
N ASP X 1 -7.18 -19.08 -58.33
CA ASP X 1 -8.51 -19.61 -58.17
C ASP X 1 -8.79 -19.85 -56.72
N LEU X 2 -8.87 -18.77 -55.98
CA LEU X 2 -9.02 -18.96 -54.57
C LEU X 2 -10.42 -19.12 -54.10
N SER X 3 -10.61 -19.96 -53.09
CA SER X 3 -11.91 -20.14 -52.51
C SER X 3 -11.68 -20.55 -51.09
N PHE X 4 -11.92 -19.64 -50.18
CA PHE X 4 -11.80 -20.00 -48.80
C PHE X 4 -13.20 -20.40 -48.40
N THR X 5 -14.18 -20.02 -49.19
CA THR X 5 -15.55 -20.44 -48.96
C THR X 5 -15.73 -21.40 -50.10
N GLY X 6 -16.54 -22.44 -49.96
CA GLY X 6 -16.61 -23.42 -51.02
C GLY X 6 -17.47 -23.11 -52.20
N LEU X 7 -17.26 -21.96 -52.83
CA LEU X 7 -18.10 -21.56 -53.92
C LEU X 7 -17.27 -21.52 -55.17
N THR X 8 -17.92 -21.43 -56.32
CA THR X 8 -17.21 -21.35 -57.56
C THR X 8 -17.51 -20.00 -58.16
N ASP X 9 -16.65 -19.51 -59.05
CA ASP X 9 -16.81 -18.16 -59.60
C ASP X 9 -18.24 -17.78 -60.03
N GLU X 10 -18.94 -18.62 -60.78
CA GLU X 10 -20.30 -18.30 -61.20
C GLU X 10 -21.34 -18.18 -60.10
N GLN X 11 -21.25 -18.98 -59.06
CA GLN X 11 -22.16 -18.92 -57.91
C GLN X 11 -21.97 -17.64 -57.12
N ALA X 12 -20.71 -17.23 -56.91
CA ALA X 12 -20.46 -15.95 -56.25
C ALA X 12 -21.00 -14.79 -57.06
N GLN X 13 -20.88 -14.83 -58.38
CA GLN X 13 -21.45 -13.78 -59.21
C GLN X 13 -22.97 -13.70 -59.05
N GLU X 14 -23.65 -14.86 -59.06
CA GLU X 14 -25.09 -14.85 -58.88
C GLU X 14 -25.49 -14.32 -57.50
N LEU X 15 -24.73 -14.69 -56.46
CA LEU X 15 -25.02 -14.17 -55.12
C LEU X 15 -24.85 -12.66 -55.07
N HIS X 16 -23.77 -12.14 -55.66
CA HIS X 16 -23.53 -10.70 -55.67
C HIS X 16 -24.61 -9.95 -56.45
N SER X 17 -25.14 -10.56 -57.52
CA SER X 17 -26.19 -9.91 -58.30
C SER X 17 -27.46 -9.69 -57.48
N VAL X 18 -27.71 -10.52 -56.47
CA VAL X 18 -28.85 -10.30 -55.58
C VAL X 18 -28.49 -9.35 -54.45
N TYR X 19 -27.27 -9.47 -53.93
CA TYR X 19 -26.84 -8.58 -52.85
C TYR X 19 -26.89 -7.12 -53.28
N MET X 20 -26.48 -6.85 -54.53
CA MET X 20 -26.44 -5.46 -55.01
C MET X 20 -27.84 -4.86 -55.08
N SER X 21 -28.82 -5.62 -55.57
CA SER X 21 -30.19 -5.12 -55.62
C SER X 21 -30.74 -4.90 -54.21
N GLY X 22 -30.44 -5.84 -53.30
CA GLY X 22 -30.86 -5.66 -51.92
C GLY X 22 -30.29 -4.40 -51.30
N LEU X 23 -29.05 -4.06 -51.64
CA LEU X 23 -28.44 -2.84 -51.14
C LEU X 23 -29.04 -1.59 -51.77
N TRP X 24 -29.28 -1.61 -53.08
CA TRP X 24 -29.85 -0.45 -53.77
C TRP X 24 -31.25 -0.11 -53.28
N LEU X 25 -32.08 -1.10 -52.96
CA LEU X 25 -33.41 -0.78 -52.42
C LEU X 25 -33.33 -0.04 -51.09
N PHE X 26 -32.48 -0.54 -50.18
CA PHE X 26 -32.24 0.16 -48.93
C PHE X 26 -31.75 1.58 -49.17
N SER X 27 -30.85 1.75 -50.14
CA SER X 27 -30.33 3.08 -50.45
C SER X 27 -31.44 4.01 -50.90
N ALA X 28 -32.33 3.54 -51.78
CA ALA X 28 -33.41 4.39 -52.28
C ALA X 28 -34.35 4.80 -51.16
N VAL X 29 -34.71 3.85 -50.29
CA VAL X 29 -35.61 4.18 -49.18
C VAL X 29 -34.96 5.21 -48.27
N ALA X 30 -33.67 5.03 -47.97
CA ALA X 30 -32.97 5.98 -47.11
C ALA X 30 -32.90 7.36 -47.75
N VAL X 31 -32.68 7.41 -49.06
CA VAL X 31 -32.61 8.69 -49.76
C VAL X 31 -33.95 9.43 -49.63
N VAL X 32 -35.05 8.72 -49.85
CA VAL X 32 -36.36 9.37 -49.75
C VAL X 32 -36.63 9.83 -48.32
N ALA X 33 -36.26 9.02 -47.32
CA ALA X 33 -36.44 9.43 -45.93
C ALA X 33 -35.62 10.67 -45.59
N HIS X 34 -34.37 10.73 -46.04
CA HIS X 34 -33.54 11.90 -45.79
C HIS X 34 -34.09 13.14 -46.49
N LEU X 35 -34.62 13.00 -47.71
CA LEU X 35 -35.24 14.13 -48.37
C LEU X 35 -36.43 14.65 -47.57
N ALA X 36 -37.29 13.75 -47.10
CA ALA X 36 -38.44 14.17 -46.30
C ALA X 36 -38.00 14.88 -45.02
N THR X 37 -37.00 14.31 -44.32
CA THR X 37 -36.56 14.91 -43.06
C THR X 37 -35.89 16.26 -43.28
N PHE X 38 -35.14 16.41 -44.38
CA PHE X 38 -34.58 17.72 -44.70
C PHE X 38 -35.67 18.72 -45.02
N ILE X 39 -36.72 18.29 -45.71
CA ILE X 39 -37.86 19.18 -45.97
C ILE X 39 -38.49 19.64 -44.66
N TRP X 40 -38.57 18.72 -43.68
CA TRP X 40 -39.11 19.11 -42.37
C TRP X 40 -38.27 20.20 -41.73
N ARG X 41 -37.01 19.85 -41.43
CA ARG X 41 -36.10 20.77 -40.76
C ARG X 41 -34.68 20.79 -41.40
N PRO X 42 -34.33 21.78 -42.30
CA PRO X 42 -33.00 21.75 -42.94
C PRO X 42 -31.89 21.85 -41.90
N TRP X 43 -30.76 21.21 -42.21
CA TRP X 43 -29.58 21.26 -41.36
C TRP X 43 -28.36 21.85 -42.04
N PHE X 44 -28.45 22.26 -43.30
CA PHE X 44 -27.37 22.93 -43.99
C PHE X 44 -27.81 24.32 -44.44
MG BCL Y . 16.37 -3.53 49.89
CHA BCL Y . 17.17 -4.93 46.98
CHB BCL Y . 14.30 -6.07 50.36
CHC BCL Y . 15.08 -1.80 52.45
CHD BCL Y . 17.40 -0.41 48.51
NA BCL Y . 16.09 -5.32 49.01
C1A BCL Y . 16.62 -5.78 47.89
C2A BCL Y . 16.54 -7.31 47.78
C3A BCL Y . 15.48 -7.65 48.86
C4A BCL Y . 15.28 -6.27 49.44
CMA BCL Y . 14.12 -8.04 48.28
CAA BCL Y . 17.91 -7.93 48.09
CBA BCL Y . 18.23 -9.17 47.26
CGA BCL Y . 17.71 -10.43 47.86
O1A BCL Y . 16.88 -11.14 47.37
O2A BCL Y . 18.31 -10.69 49.04
NB BCL Y . 14.95 -3.93 51.31
C1B BCL Y . 14.20 -5.08 51.36
C2B BCL Y . 13.40 -5.05 52.52
C3B BCL Y . 13.63 -3.79 53.16
C4B BCL Y . 14.56 -3.09 52.35
CMB BCL Y . 12.48 -6.14 52.98
CAB BCL Y . 13.03 -3.35 54.42
OBB BCL Y . 12.67 -4.17 55.26
CBB BCL Y . 12.82 -1.88 54.67
NC BCL Y . 16.28 -1.50 50.34
C1C BCL Y . 15.61 -1.06 51.43
C2C BCL Y . 15.50 0.45 51.47
C3C BCL Y . 16.59 0.90 50.50
C4C BCL Y . 16.78 -0.42 49.73
CMC BCL Y . 14.09 0.88 51.07
CAC BCL Y . 17.77 1.17 51.43
CBC BCL Y . 18.55 2.41 51.07
ND BCL Y . 17.07 -2.77 48.12
C1D BCL Y . 17.52 -1.53 47.74
C2D BCL Y . 18.12 -1.61 46.46
C3D BCL Y . 17.93 -2.91 46.10
C4D BCL Y . 17.12 -3.55 47.08
CMD BCL Y . 18.81 -0.52 45.69
CAD BCL Y . 18.24 -3.89 45.07
OBD BCL Y . 18.64 -3.72 43.93
CBD BCL Y . 17.96 -5.29 45.71
CGD BCL Y . 17.14 -6.19 44.79
O1D BCL Y . 17.61 -6.99 44.03
O2D BCL Y . 15.84 -5.97 44.93
CED BCL Y . 14.97 -6.90 44.23
C1 BCL Y . 17.50 -10.45 50.22
C2 BCL Y . 18.18 -9.54 51.18
C3 BCL Y . 17.59 -8.97 52.22
C4 BCL Y . 16.16 -9.23 52.61
C5 BCL Y . 18.32 -7.99 53.10
C6 BCL Y . 17.80 -6.56 52.99
C7 BCL Y . 17.18 -6.06 54.29
C8 BCL Y . 17.96 -4.97 55.01
C9 BCL Y . 19.14 -5.54 55.78
C10 BCL Y . 17.03 -4.15 55.93
C11 BCL Y . 16.80 -4.71 57.33
C12 BCL Y . 17.09 -3.72 58.44
C13 BCL Y . 16.33 -3.94 59.74
C14 BCL Y . 16.18 -2.64 60.53
C15 BCL Y . 16.98 -5.04 60.58
C16 BCL Y . 16.07 -6.20 60.95
C17 BCL Y . 15.50 -6.10 62.36
C18 BCL Y . 14.32 -5.15 62.53
C19 BCL Y . 14.49 -4.24 63.73
C20 BCL Y . 13.00 -5.91 62.62
CMA SPN Z . 18.96 -16.80 35.31
O1 SPN Z . 19.90 -17.85 35.54
CM1 SPN Z . 18.42 -18.97 37.00
CM2 SPN Z . 20.84 -19.60 36.93
C1 SPN Z . 19.85 -18.46 36.84
C2 SPN Z . 20.13 -17.48 37.98
O2 SPN Z . 19.32 -17.28 38.86
C3 SPN Z . 21.43 -16.82 37.94
C4 SPN Z . 21.66 -15.69 38.60
C5 SPN Z . 22.91 -14.94 38.63
CM3 SPN Z . 24.06 -15.49 37.83
C6 SPN Z . 22.99 -13.82 39.38
C7 SPN Z . 24.14 -12.99 39.57
C8 SPN Z . 24.13 -11.89 40.32
C9 SPN Z . 25.24 -10.99 40.58
CM4 SPN Z . 26.57 -11.32 39.98
C10 SPN Z . 25.04 -9.93 41.39
C11 SPN Z . 26.01 -8.96 41.83
C12 SPN Z . 25.65 -7.91 42.57
C13 SPN Z . 26.51 -6.86 43.10
CM5 SPN Z . 28.00 -7.05 43.01
C14 SPN Z . 25.92 -5.78 43.68
C15 SPN Z . 26.53 -4.67 44.35
C16 SPN Z . 27.49 -4.75 45.29
C17 SPN Z . 28.08 -3.64 46.00
C18 SPN Z . 27.49 -2.50 46.43
CM6 SPN Z . 26.04 -2.18 46.21
C19 SPN Z . 28.27 -1.57 47.24
C20 SPN Z . 27.83 -0.44 47.81
C21 SPN Z . 28.65 0.40 48.60
C22 SPN Z . 28.30 1.55 49.20
CM7 SPN Z . 26.94 2.17 49.06
C23 SPN Z . 29.28 2.31 50.06
C24 SPN Z . 29.46 3.78 49.65
C25 SPN Z . 30.79 4.29 50.11
C26 SPN Z . 31.07 5.49 50.62
CM8 SPN Z . 30.04 6.58 50.80
C27 SPN Z . 32.46 5.86 51.04
C28 SPN Z . 33.09 6.93 50.15
C29 SPN Z . 34.38 7.46 50.73
C30 SPN Z . 34.54 8.52 51.50
CM9 SPN Z . 35.88 8.95 52.02
CMB SPN Z . 33.40 9.40 51.93
MG BCL AA . 8.18 -5.04 52.54
CHA BCL AA . 7.19 -8.10 53.40
CHB BCL AA . 10.33 -6.48 50.47
CHC BCL AA . 10.06 -2.19 52.44
CHD BCL AA . 7.06 -3.92 55.72
NA BCL AA . 8.47 -6.94 51.84
C1A BCL AA . 7.92 -8.07 52.25
C2A BCL AA . 8.22 -9.25 51.32
C3A BCL AA . 9.07 -8.62 50.21
C4A BCL AA . 9.31 -7.28 50.86
CMA BCL AA . 10.44 -9.25 50.06
CAA BCL AA . 6.93 -9.90 50.77
CBA BCL AA . 7.16 -11.24 50.07
CGA BCL AA . 6.33 -11.40 48.83
O1A BCL AA . 5.84 -10.48 48.21
O2A BCL AA . 6.21 -12.68 48.48
NB BCL AA . 9.71 -4.34 51.37
C1B BCL AA . 10.40 -5.08 50.45
C2B BCL AA . 11.09 -4.21 49.59
C3B BCL AA . 10.91 -2.90 50.12
C4B BCL AA . 10.25 -3.06 51.34
CMB BCL AA . 11.85 -4.59 48.35
CAB BCL AA . 11.35 -1.65 49.49
OBB BCL AA . 10.54 -0.77 49.22
CBB BCL AA . 12.80 -1.44 49.18
NC BCL AA . 8.39 -3.39 53.78
C1C BCL AA . 9.13 -2.31 53.42
C2C BCL AA . 8.81 -1.13 54.31
C3C BCL AA . 8.45 -1.83 55.62
C4C BCL AA . 7.92 -3.13 55.01
CMC BCL AA . 10.01 -0.21 54.42
CAC BCL AA . 7.31 -0.95 56.18
CBC BCL AA . 7.59 -0.38 57.54
ND BCL AA . 7.31 -5.80 54.23
C1D BCL AA . 6.82 -5.21 55.37
C2D BCL AA . 6.04 -6.15 56.09
C3D BCL AA . 6.17 -7.31 55.34
C4D BCL AA . 7.17 -7.10 54.35
CMD BCL AA . 5.26 -5.93 57.35
CAD BCL AA . 5.66 -8.65 55.21
OBD BCL AA . 4.90 -9.27 55.93
CBD BCL AA . 6.26 -9.23 53.89
CGD BCL AA . 7.06 -10.51 54.17
O1D BCL AA . 7.96 -10.59 54.95
O2D BCL AA . 6.60 -11.52 53.43
CED BCL AA . 5.36 -12.13 53.88
C1 BCL AA . 5.28 -12.95 47.40
C2 BCL AA . 5.97 -13.44 46.17
C3 BCL AA . 5.88 -14.68 45.72
C4 BCL AA . 4.98 -15.72 46.32
C5 BCL AA . 6.70 -15.14 44.54
C6 BCL AA . 6.63 -14.20 43.35
C7 BCL AA . 5.93 -14.81 42.13
C8 BCL AA . 6.23 -14.15 40.79
C9 BCL AA . 5.02 -14.18 39.87
C10 BCL AA . 7.46 -14.78 40.12
C11 BCL AA . 8.00 -16.03 40.80
C12 BCL AA . 9.32 -15.80 41.51
C13 BCL AA . 10.01 -17.04 42.07
C14 BCL AA . 9.87 -18.24 41.13
C15 BCL AA . 9.50 -17.36 43.47
C16 BCL AA . 9.47 -18.84 43.83
C17 BCL AA . 10.75 -19.32 44.51
C18 BCL AA . 10.76 -20.78 44.93
C19 BCL AA . 11.92 -21.08 45.86
C20 BCL AA . 10.78 -21.71 43.73
MG BCL BA . -0.01 -6.86 57.30
CHA BCL BA . 1.50 -8.31 54.73
CHB BCL BA . -2.31 -9.20 57.13
CHC BCL BA . -1.85 -5.05 59.44
CHD BCL BA . 1.21 -3.75 56.07
NA BCL BA . -0.16 -8.64 56.35
C1A BCL BA . 0.62 -9.13 55.39
C2A BCL BA . 0.32 -10.62 55.11
C3A BCL BA . -0.87 -10.93 56.06
C4A BCL BA . -1.12 -9.52 56.54
CMA BCL BA . -2.15 -11.33 55.34
CAA BCL BA . 1.53 -11.54 55.36
CBA BCL BA . 1.27 -13.00 54.96
CGA BCL BA . 0.73 -13.84 56.07
O1A BCL BA . 1.04 -13.73 57.22
O2A BCL BA . -0.17 -14.73 55.63
NB BCL BA . -1.74 -7.20 58.34
C1B BCL BA . -2.53 -8.30 58.19
C2B BCL BA . -3.51 -8.30 59.20
C3B BCL BA . -3.25 -7.14 60.00
C4B BCL BA . -2.29 -6.39 59.31
CMB BCL BA . -4.59 -9.30 59.39
CAB BCL BA . -3.87 -6.82 61.29
OBB BCL BA . -3.35 -7.21 62.34
CBB BCL BA . -5.14 -6.03 61.35
NC BCL BA . -0.34 -4.84 57.54
C1C BCL BA . -1.16 -4.36 58.51
C2C BCL BA . -1.25 -2.85 58.43
C3C BCL BA . -0.89 -2.61 56.95
C4C BCL BA . 0.08 -3.80 56.84
CMC BCL BA . -2.66 -2.41 58.81
CAC BCL BA . -0.16 -1.24 56.97
CBC BCL BA . -1.11 -0.06 56.88
ND BCL BA . 1.17 -6.14 55.79
C1D BCL BA . 1.70 -4.90 55.52
C2D BCL BA . 2.80 -5.04 54.64
C3D BCL BA . 2.68 -6.35 54.21
C4D BCL BA . 1.53 -6.94 54.83
CMD BCL BA . 3.84 -4.03 54.27
CAD BCL BA . 3.29 -7.35 53.36
OBD BCL BA . 4.13 -7.22 52.49
CBD BCL BA . 2.62 -8.72 53.75
CGD BCL BA . 2.02 -9.36 52.51
O1D BCL BA . 2.44 -10.34 51.97
O2D BCL BA . 0.96 -8.67 52.09
CED BCL BA . -0.32 -9.29 52.31
C1 BCL BA . -0.73 -14.46 54.31
C2 BCL BA . -1.19 -15.69 53.63
C3 BCL BA . -2.29 -15.77 52.89
C4 BCL BA . -2.68 -16.99 52.09
C5 BCL BA . -3.24 -14.60 52.78
C6 BCL BA . -4.67 -15.01 52.44
C7 BCL BA . -5.71 -14.06 53.02
C8 BCL BA . -5.33 -13.38 54.33
C9 BCL BA . -5.69 -14.24 55.53
C10 BCL BA . -5.94 -11.98 54.44
C11 BCL BA . -5.89 -11.35 55.82
C12 BCL BA . -6.96 -10.30 56.05
C13 BCL BA . -8.02 -10.66 57.11
C14 BCL BA . -9.16 -11.47 56.49
C15 BCL BA . -8.54 -9.42 57.83
C16 BCL BA . -10.01 -9.44 58.20
C17 BCL BA . -10.37 -8.39 59.25
C18 BCL BA . -11.16 -7.18 58.74
C19 BCL BA . -12.09 -6.62 59.80
C20 BCL BA . -11.92 -7.51 57.47
CMA SPN CA . 5.66 -22.47 44.24
O1 SPN CA . 5.40 -23.13 45.47
CM1 SPN CA . 7.38 -22.45 46.52
CM2 SPN CA . 5.44 -23.18 47.91
C1 SPN CA . 5.87 -22.46 46.65
C2 SPN CA . 5.37 -21.01 46.73
O2 SPN CA . 4.18 -20.76 46.70
C3 SPN CA . 6.38 -19.96 46.85
C4 SPN CA . 6.71 -19.44 48.02
C5 SPN CA . 7.69 -18.39 48.27
CM3 SPN CA . 8.35 -17.77 47.07
C6 SPN CA . 7.96 -18.03 49.55
C7 SPN CA . 8.87 -17.02 49.98
C8 SPN CA . 9.12 -16.76 51.27
C9 SPN CA . 10.02 -15.76 51.81
CM4 SPN CA . 10.19 -15.68 53.30
C10 SPN CA . 10.67 -14.93 50.93
C11 SPN CA . 11.57 -13.85 51.23
C12 SPN CA . 11.41 -12.94 52.19
C13 SPN CA . 12.31 -11.84 52.51
CM5 SPN CA . 13.53 -11.66 51.65
C14 SPN CA . 12.02 -11.02 53.55
C15 SPN CA . 12.78 -9.90 54.01
C16 SPN CA . 12.38 -9.10 55.02
C17 SPN CA . 11.14 -9.26 55.72
C18 SPN CA . 10.67 -8.49 56.73
CM6 SPN CA . 9.35 -8.76 57.40
C19 SPN CA . 11.44 -7.35 57.18
C20 SPN CA . 11.08 -6.44 58.09
C21 SPN CA . 11.91 -5.35 58.48
C22 SPN CA . 11.58 -4.37 59.34
CM7 SPN CA . 10.23 -4.30 59.99
C23 SPN CA . 12.54 -3.25 59.71
C24 SPN CA . 12.00 -2.31 60.79
C25 SPN CA . 13.08 -1.86 61.73
C26 SPN CA . 13.07 -0.82 62.56
CM8 SPN CA . 11.89 0.11 62.69
C27 SPN CA . 14.25 -0.51 63.43
C28 SPN CA . 13.87 -0.30 64.91
C29 SPN CA . 14.91 0.52 65.63
C30 SPN CA . 15.89 0.09 66.41
CM9 SPN CA . 16.11 -1.36 66.71
CMB SPN CA . 16.87 1.01 67.07
CMA SPN DA . 7.33 -0.23 44.20
O1 SPN DA . 7.94 -1.35 44.83
CM1 SPN DA . 5.99 -2.42 45.60
CM2 SPN DA . 7.05 -0.64 46.99
C1 SPN DA . 7.30 -1.80 46.05
C2 SPN DA . 8.13 -2.85 46.79
O2 SPN DA . 9.05 -2.52 47.52
C3 SPN DA . 7.77 -4.26 46.58
C4 SPN DA . 8.68 -5.22 46.75
C5 SPN DA . 8.47 -6.65 46.57
CM3 SPN DA . 7.08 -7.13 46.24
C6 SPN DA . 9.53 -7.49 46.68
C7 SPN DA . 9.54 -8.90 46.50
C8 SPN DA . 10.67 -9.62 46.57
C9 SPN DA . 10.79 -11.06 46.39
CM4 SPN DA . 9.54 -11.88 46.26
C10 SPN DA . 12.04 -11.60 46.28
C11 SPN DA . 12.38 -12.95 46.01
C12 SPN DA . 13.64 -13.37 45.83
C13 SPN DA . 14.08 -14.72 45.55
CM5 SPN DA . 13.05 -15.82 45.59
C14 SPN DA . 15.37 -14.93 45.22
C15 SPN DA . 15.99 -16.17 44.86
C16 SPN DA . 17.27 -16.28 44.43
C17 SPN DA . 17.88 -17.51 44.06
C18 SPN DA . 19.10 -17.71 43.54
CM6 SPN DA . 20.06 -16.59 43.24
C19 SPN DA . 19.54 -19.07 43.24
C20 SPN DA . 20.67 -19.43 42.63
C21 SPN DA . 21.02 -20.79 42.37
C22 SPN DA . 22.10 -21.26 41.73
CM7 SPN DA . 23.15 -20.38 41.15
C23 SPN DA . 22.32 -22.75 41.55
C24 SPN DA . 22.49 -23.13 40.07
C25 SPN DA . 21.74 -24.39 39.74
C26 SPN DA . 22.23 -25.60 39.52
CM8 SPN DA . 23.69 -25.92 39.59
C27 SPN DA . 21.33 -26.76 39.18
C28 SPN DA . 21.84 -28.11 39.70
C29 SPN DA . 21.74 -29.17 38.63
C30 SPN DA . 21.45 -30.46 38.80
CM9 SPN DA . 21.17 -31.07 40.13
CMB SPN DA . 21.38 -31.42 37.64
MG BCL EA . 22.73 -1.02 42.82
CHA BCL EA . 22.36 -4.08 44.13
CHB BCL EA . 24.02 -2.46 40.10
CHC BCL EA . 24.47 1.82 42.08
CHD BCL EA . 22.65 0.24 46.15
NA BCL EA . 22.95 -2.96 42.16
C1A BCL EA . 22.66 -4.09 42.80
C2A BCL EA . 22.71 -5.32 41.91
C3A BCL EA . 23.35 -4.78 40.61
C4A BCL EA . 23.44 -3.32 40.97
CMA BCL EA . 24.80 -5.22 40.42
CAA BCL EA . 21.28 -5.85 41.68
CBA BCL EA . 21.02 -6.42 40.30
CGA BCL EA . 21.10 -7.92 40.26
O1A BCL EA . 21.94 -8.57 40.82
O2A BCL EA . 20.13 -8.44 39.51
NB BCL EA . 23.76 -0.32 41.19
C1B BCL EA . 24.06 -1.06 40.06
C2B BCL EA . 24.38 -0.17 39.03
C3B BCL EA . 24.56 1.12 39.62
C4B BCL EA . 24.29 0.95 40.99
CMB BCL EA . 24.53 -0.54 37.58
CAB BCL EA . 24.94 2.39 38.96
OBB BCL EA . 24.87 3.44 39.58
CBB BCL EA . 25.42 2.40 37.55
NC BCL EA . 23.23 0.71 43.87
C1C BCL EA . 23.80 1.77 43.27
C2C BCL EA . 23.66 3.02 44.10
C3C BCL EA . 23.72 2.43 45.50
C4C BCL EA . 23.15 1.04 45.16
CMC BCL EA . 24.82 3.97 43.81
CAC BCL EA . 22.69 3.28 46.27
CBC BCL EA . 23.25 3.91 47.51
ND BCL EA . 22.56 -1.72 44.73
C1D BCL EA . 22.45 -1.09 45.95
C2D BCL EA . 22.11 -2.03 46.96
C3D BCL EA . 21.96 -3.19 46.23
C4D BCL EA . 22.58 -3.02 44.96
CMD BCL EA . 21.95 -1.82 48.43
CAD BCL EA . 21.39 -4.52 46.29
OBD BCL EA . 20.76 -5.06 47.19
CBD BCL EA . 21.75 -5.23 44.94
CGD BCL EA . 22.75 -6.35 45.20
O1D BCL EA . 23.75 -6.24 45.84
O2D BCL EA . 22.33 -7.48 44.63
CED BCL EA . 22.86 -8.70 45.21
C1 BCL EA . 20.02 -9.89 39.57
C2 BCL EA . 20.55 -10.57 38.36
C3 BCL EA . 19.79 -11.31 37.56
C4 BCL EA . 18.30 -11.19 37.50
C5 BCL EA . 20.40 -12.34 36.64
C6 BCL EA . 20.97 -11.75 35.35
C7 BCL EA . 22.35 -12.29 35.01
C8 BCL EA . 22.71 -12.38 33.52
C9 BCL EA . 21.48 -12.68 32.66
C10 BCL EA . 23.81 -13.41 33.30
C11 BCL EA . 23.34 -14.79 32.85
C12 BCL EA . 23.83 -15.91 33.77
C13 BCL EA . 24.08 -17.26 33.11
C14 BCL EA . 22.86 -18.17 33.19
C15 BCL EA . 25.32 -17.94 33.71
C16 BCL EA . 25.18 -18.40 35.16
C17 BCL EA . 26.52 -18.78 35.79
C18 BCL EA . 26.43 -19.76 36.97
C19 BCL EA . 25.09 -20.46 37.02
C20 BCL EA . 26.74 -19.08 38.29
CHA HEM FA . -36.34 41.61 18.92
CHB HEM FA . -37.34 45.46 16.20
CHC HEM FA . -32.91 45.22 14.37
CHD HEM FA . -32.28 40.94 16.47
C1A HEM FA . -37.03 42.67 18.33
C2A HEM FA . -38.35 43.09 18.70
C3A HEM FA . -38.58 44.27 18.03
C4A HEM FA . -37.50 44.46 17.13
CMA HEM FA . -39.75 45.19 18.20
CAA HEM FA . -39.29 42.39 19.63
CBA HEM FA . -40.31 41.56 18.89
CGA HEM FA . -41.21 40.71 19.78
O1A HEM FA . -40.70 39.76 20.40
O2A HEM FA . -42.42 41.04 19.85
C1B HEM FA . -36.14 45.82 15.65
C2B HEM FA . -35.82 47.10 15.10
C3B HEM FA . -34.49 47.08 14.81
C4B HEM FA . -34.07 45.72 14.90
CMB HEM FA . -36.81 48.22 14.90
CAB HEM FA . -33.51 48.12 14.47
CBB HEM FA . -33.67 49.39 14.21
C1C HEM FA . -32.35 44.05 14.76
C2C HEM FA . -31.03 43.58 14.42
C3C HEM FA . -30.77 42.52 15.25
C4C HEM FA . -32.05 42.12 15.81
CMC HEM FA . -30.17 44.17 13.34
CAC HEM FA . -29.52 41.85 15.61
CBC HEM FA . -28.30 41.98 15.15
C1D HEM FA . -33.34 40.73 17.33
C2D HEM FA . -33.44 39.64 18.26
C3D HEM FA . -34.57 39.83 18.98
C4D HEM FA . -35.19 41.04 18.46
CMD HEM FA . -32.46 38.51 18.40
CAD HEM FA . -35.11 39.00 20.12
CBD HEM FA . -36.02 37.88 19.67
CGD HEM FA . -37.48 38.06 20.08
O1D HEM FA . -38.10 37.07 20.54
O2D HEM FA . -37.98 39.19 19.92
NA HEM FA . -36.55 43.46 17.29
NB HEM FA . -35.02 44.99 15.58
NC HEM FA . -32.99 43.11 15.57
ND HEM FA . -34.44 41.53 17.40
FE HEM FA . -34.85 43.08 16.30
CHA HEM GA . -10.28 27.38 15.56
CHB HEM GA . -10.96 23.09 13.44
CHC HEM GA . -14.04 25.20 10.38
CHD HEM GA . -12.56 29.52 11.91
C1A HEM GA . -10.22 26.01 15.28
C2A HEM GA . -9.53 25.04 16.09
C3A HEM GA . -9.84 23.81 15.55
C4A HEM GA . -10.55 24.04 14.35
CMA HEM GA . -9.46 22.47 16.14
CAA HEM GA . -8.64 25.33 17.26
CBA HEM GA . -7.19 25.40 16.87
CGA HEM GA . -6.24 25.78 17.99
O1A HEM GA . -5.87 24.89 18.77
O2A HEM GA . -5.88 26.98 18.05
C1B HEM GA . -11.95 23.29 12.52
C2B HEM GA . -12.70 22.26 11.88
C3B HEM GA . -13.70 22.87 11.18
C4B HEM GA . -13.41 24.26 11.18
CMB HEM GA . -12.40 20.78 11.98
CAB HEM GA . -14.79 22.03 10.64
CBB HEM GA . -15.88 22.33 10.03
C1C HEM GA . -13.86 26.55 10.48
C2C HEM GA . -14.52 27.54 9.66
C3C HEM GA . -14.20 28.76 10.17
C4C HEM GA . -13.21 28.53 11.21
CMC HEM GA . -15.40 27.24 8.48
CAC HEM GA . -14.90 29.89 9.57
CBC HEM GA . -14.81 31.17 9.69
C1D HEM GA . -11.85 29.33 13.07
C2D HEM GA . -11.41 30.37 13.98
C3D HEM GA . -10.69 29.77 14.95
C4D HEM GA . -10.77 28.35 14.72
CMD HEM GA . -11.71 31.84 13.85
CAD HEM GA . -9.92 30.42 16.07
CBD HEM GA . -10.67 30.43 17.38
CGD HEM GA . -9.86 30.91 18.57
O1D HEM GA . -8.63 30.74 18.54
O2D HEM GA . -10.49 31.44 19.52
NA HEM GA . -10.79 25.39 14.17
NB HEM GA . -12.40 24.54 12.08
NC HEM GA . -13.01 27.16 11.39
ND HEM GA . -11.43 28.10 13.53
FE HEM GA . -11.69 26.36 12.68
CHA HEM HA . -18.66 38.88 6.81
CHB HEM HA . -18.15 34.88 9.46
CHC HEM HA . -21.27 36.75 12.64
CHD HEM HA . -22.52 40.06 9.39
C1A HEM HA . -18.17 37.67 7.30
C2A HEM HA . -17.04 36.97 6.76
C3A HEM HA . -16.85 35.86 7.56
C4A HEM HA . -17.90 35.84 8.51
CMA HEM HA . -15.73 34.86 7.44
CAA HEM HA . -16.24 37.37 5.56
CBA HEM HA . -16.71 36.73 4.28
CGA HEM HA . -15.84 37.04 3.08
O1A HEM HA . -16.15 36.57 1.98
O2A HEM HA . -14.84 37.77 3.28
C1B HEM HA . -18.87 35.12 10.61
C2B HEM HA . -18.78 34.36 11.82
C3B HEM HA . -19.43 35.08 12.77
C4B HEM HA . -20.21 36.04 12.10
CMB HEM HA . -18.08 33.02 11.94
CAB HEM HA . -19.41 35.01 14.24
CBB HEM HA . -18.79 34.21 15.07
C1C HEM HA . -21.94 37.75 12.01
C2C HEM HA . -23.06 38.48 12.54
C3C HEM HA . -23.22 39.57 11.74
C4C HEM HA . -22.46 39.32 10.54
CMC HEM HA . -23.84 38.08 13.76
CAC HEM HA . -23.95 40.83 11.88
CBC HEM HA . -24.40 41.44 12.96
C1D HEM HA . -21.60 40.03 8.38
C2D HEM HA . -21.52 40.97 7.29
C3D HEM HA . -20.47 40.59 6.50
C4D HEM HA . -19.85 39.48 7.18
CMD HEM HA . -22.44 42.14 7.06
CAD HEM HA . -20.04 41.16 5.18
CBD HEM HA . -18.83 42.04 5.28
CGD HEM HA . -18.03 42.13 3.98
O1D HEM HA . -17.43 41.11 3.60
O2D HEM HA . -18.03 43.23 3.38
NA HEM HA . -18.71 36.96 8.38
NB HEM HA . -19.78 36.16 10.79
NC HEM HA . -21.63 38.21 10.74
ND HEM HA . -20.62 39.09 8.26
FE HEM HA . -20.34 37.52 9.36
MG BCL IA . -10.80 7.12 4.74
CHA BCL IA . -10.00 6.70 1.47
CHB BCL IA . -9.58 4.06 5.18
CHC BCL IA . -10.17 7.92 8.00
CHD BCL IA . -10.43 10.63 4.13
NA BCL IA . -10.23 5.56 3.51
C1A BCL IA . -10.03 5.53 2.19
C2A BCL IA . -9.86 4.10 1.66
C3A BCL IA . -10.17 3.25 2.89
C4A BCL IA . -9.99 4.34 3.92
CMA BCL IA . -11.64 2.83 3.00
CAA BCL IA . -8.45 3.81 1.10
CBA BCL IA . -8.42 3.61 -0.42
CGA BCL IA . -7.81 2.31 -0.84
O1A BCL IA . -7.33 1.50 -0.09
O2A BCL IA . -7.84 2.16 -2.16
NB BCL IA . -10.18 6.08 6.40
C1B BCL IA . -9.82 4.75 6.39
C2B BCL IA . -9.71 4.29 7.71
C3B BCL IA . -9.82 5.44 8.56
C4B BCL IA . -10.05 6.54 7.72
CMB BCL IA . -9.51 2.88 8.14
CAB BCL IA . -9.69 5.44 10.05
OBB BCL IA . -9.31 4.43 10.63
CBB BCL IA . -10.05 6.65 10.85
NC BCL IA . -10.56 8.94 5.81
C1C BCL IA . -10.40 8.96 7.15
C2C BCL IA . -10.48 10.35 7.74
C3C BCL IA . -10.64 11.26 6.51
C4C BCL IA . -10.54 10.22 5.41
CMC BCL IA . -11.63 10.46 8.73
CAC BCL IA . -9.40 12.16 6.55
CBC BCL IA . -9.64 13.52 7.15
ND BCL IA . -10.56 8.40 3.16
C1D BCL IA . -10.47 9.78 3.07
C2D BCL IA . -10.44 10.17 1.71
C3D BCL IA . -10.16 8.99 1.06
C4D BCL IA . -10.43 7.91 1.95
CMD BCL IA . -10.62 11.53 1.13
CAD BCL IA . -9.72 8.45 -0.20
OBD BCL IA . -9.51 9.02 -1.26
CBD BCL IA . -9.51 6.91 0.03
CGD BCL IA . -10.34 6.16 -1.00
O1D BCL IA . -11.21 5.38 -0.75
O2D BCL IA . -9.97 6.49 -2.24
CED BCL IA . -10.20 5.50 -3.26
C1 BCL IA . -6.77 1.36 -2.74
C2 BCL IA . -6.57 1.61 -4.19
C3 BCL IA . -5.59 2.35 -4.71
C4 BCL IA . -5.76 3.81 -5.06
C5 BCL IA . -4.23 1.77 -4.98
C6 BCL IA . -3.81 1.87 -6.43
C7 BCL IA . -2.62 0.98 -6.76
C8 BCL IA . -2.04 1.08 -8.18
C9 BCL IA . -3.01 0.53 -9.23
C10 BCL IA . -0.69 0.39 -8.27
C11 BCL IA . 0.52 1.31 -8.18
C12 BCL IA . 1.85 0.60 -8.46
C13 BCL IA . 3.09 1.28 -7.90
C14 BCL IA . 3.38 2.61 -8.60
C15 BCL IA . 4.29 0.35 -7.95
C16 BCL IA . 5.48 0.78 -7.10
C17 BCL IA . 6.39 -0.38 -6.70
C18 BCL IA . 7.49 -0.69 -7.69
C19 BCL IA . 8.65 -1.40 -7.04
C20 BCL IA . 7.95 0.57 -8.39
C1 U10 JA . -10.08 -20.98 7.81
C2 U10 JA . -9.10 -21.64 6.93
C3 U10 JA . -9.46 -22.92 6.29
C4 U10 JA . -10.66 -23.48 6.52
C5 U10 JA . -11.63 -22.82 7.40
C6 U10 JA . -11.28 -21.54 8.03
C1M U10 JA . -9.63 -19.68 8.44
C3M U10 JA . -7.48 -24.26 6.02
C4M U10 JA . -10.68 -25.85 6.82
C7 U10 JA . -12.35 -20.96 8.94
C8 U10 JA . -13.09 -19.78 8.37
C9 U10 JA . -14.33 -19.43 8.64
C10 U10 JA . -15.24 -20.20 9.55
C11 U10 JA . -14.94 -18.17 8.05
C12 U10 JA . -14.08 -16.93 8.28
C13 U10 JA . -14.67 -15.73 7.58
C14 U10 JA . -14.67 -14.46 7.99
C15 U10 JA . -14.02 -13.99 9.25
C16 U10 JA . -15.33 -13.39 7.17
C17 U10 JA . -16.62 -13.86 6.47
C18 U10 JA . -17.46 -12.70 6.04
C19 U10 JA . -18.34 -12.01 6.75
C20 U10 JA . -18.69 -12.34 8.18
C21 U10 JA . -19.06 -10.82 6.17
C22 U10 JA . -18.46 -9.48 6.63
C23 U10 JA . -19.11 -8.32 5.94
C24 U10 JA . -19.99 -7.47 6.45
C25 U10 JA . -20.47 -7.53 7.89
C26 U10 JA . -20.59 -6.36 5.61
C27 U10 JA . -21.97 -6.74 5.06
C28 U10 JA . -21.87 -7.29 3.67
C29 U10 JA . -21.89 -8.57 3.28
C30 U10 JA . -22.03 -9.71 4.24
C31 U10 JA . -21.77 -8.94 1.83
O2 U10 JA . -8.00 -21.14 6.72
O3 U10 JA . -8.54 -23.46 5.44
O4 U10 JA . -11.02 -24.68 6.03
O5 U10 JA . -12.72 -23.33 7.60
MG BCL KA . -0.31 6.58 -0.64
CHA BCL KA . 1.08 5.57 2.28
CHB BCL KA . 2.19 5.02 -2.19
CHC BCL KA . -2.33 6.36 -3.38
CHD BCL KA . -3.35 7.03 1.21
NA BCL KA . 1.43 5.57 -0.03
C1A BCL KA . 1.83 5.26 1.19
C2A BCL KA . 3.19 4.54 1.22
C3A BCL KA . 3.65 4.66 -0.23
C4A BCL KA . 2.35 5.10 -0.85
CMA BCL KA . 4.63 5.81 -0.47
CAA BCL KA . 3.15 3.09 1.73
CBA BCL KA . 1.86 2.31 1.43
CGA BCL KA . 2.08 1.16 0.48
O1A BCL KA . 2.31 1.30 -0.69
O2A BCL KA . 1.97 -0.01 1.09
NB BCL KA . -0.08 5.87 -2.55
C1B BCL KA . 1.08 5.27 -3.03
C2B BCL KA . 0.92 4.99 -4.39
C3B BCL KA . -0.40 5.40 -4.76
C4B BCL KA . -1.02 5.90 -3.60
CMB BCL KA . 1.95 4.38 -5.30
CAB BCL KA . -0.97 5.31 -6.11
OBB BCL KA . -0.30 5.63 -7.09
CBB BCL KA . -2.38 4.85 -6.31
NC BCL KA . -2.38 6.85 -0.98
C1C BCL KA . -2.90 6.81 -2.23
C2C BCL KA . -4.31 7.36 -2.29
C3C BCL KA . -4.78 7.26 -0.84
C4C BCL KA . -3.42 7.03 -0.16
CMC BCL KA . -4.31 8.76 -2.86
CAC BCL KA . -5.74 6.06 -0.82
CBC BCL KA . -5.07 4.74 -1.15
ND BCL KA . -1.00 6.45 1.29
C1D BCL KA . -2.20 6.78 1.90
C2D BCL KA . -2.03 6.82 3.30
C3D BCL KA . -0.75 6.36 3.48
C4D BCL KA . -0.23 5.95 2.22
CMD BCL KA . -3.02 7.26 4.34
CAD BCL KA . 0.27 6.14 4.49
OBD BCL KA . 0.23 6.34 5.69
CBD BCL KA . 1.52 5.59 3.75
CGD BCL KA . 2.75 6.47 3.99
O1D BCL KA . 2.90 7.56 3.51
O2D BCL KA . 3.61 5.88 4.80
CED BCL KA . 4.76 6.67 5.16
C1 BCL KA . 1.06 -0.98 0.47
C2 BCL KA . 1.66 -1.77 -0.63
C3 BCL KA . 2.75 -2.51 -0.55
C4 BCL KA . 3.26 -3.10 0.74
C5 BCL KA . 3.58 -2.82 -1.77
C6 BCL KA . 4.90 -2.08 -1.82
C7 BCL KA . 4.80 -0.72 -2.50
C8 BCL KA . 5.91 0.28 -2.17
C9 BCL KA . 6.25 0.27 -0.69
C10 BCL KA . 5.53 1.68 -2.65
C11 BCL KA . 6.53 2.37 -3.56
C12 BCL KA . 6.12 3.79 -3.92
C13 BCL KA . 7.23 4.70 -4.43
C14 BCL KA . 8.10 5.24 -3.28
C15 BCL KA . 6.66 5.84 -5.27
C16 BCL KA . 6.70 5.62 -6.77
C17 BCL KA . 8.12 5.53 -7.32
C18 BCL KA . 8.25 5.56 -8.82
C19 BCL KA . 8.75 4.24 -9.35
C20 BCL KA . 9.14 6.69 -9.28
O1D BPH LA . 2.36 -7.71 -9.61
CGD BPH LA . 1.56 -7.38 -8.79
O2D BPH LA . 1.75 -7.49 -7.48
CED BPH LA . 3.02 -8.05 -7.07
CBD BPH LA . 0.20 -6.77 -9.09
CHA BPH LA . -0.17 -5.62 -8.13
C4D BPH LA . -1.41 -5.85 -7.57
C3D BPH LA . -1.94 -7.11 -8.01
CAD BPH LA . -1.00 -7.71 -8.94
OBD BPH LA . -1.11 -8.77 -9.54
C2D BPH LA . -3.17 -7.27 -7.36
CMD BPH LA . -4.13 -8.42 -7.44
C1D BPH LA . -3.37 -6.10 -6.53
ND BPH LA . -2.28 -5.28 -6.70
CHD BPH LA . -4.40 -5.82 -5.69
C4C BPH LA . -4.49 -4.75 -4.79
C3C BPH LA . -5.69 -4.51 -3.92
CAC BPH LA . -6.99 -4.53 -4.74
CBC BPH LA . -8.24 -4.35 -3.91
C2C BPH LA . -5.35 -3.11 -3.30
CMC BPH LA . -5.51 -3.03 -1.78
C1C BPH LA . -3.91 -2.84 -3.76
NC BPH LA . -3.51 -3.87 -4.61
CHC BPH LA . -3.22 -1.73 -3.32
C4B BPH LA . -1.90 -1.36 -3.66
C3B BPH LA . -1.23 -0.25 -3.20
CAB BPH LA . -1.76 0.72 -2.21
CBB BPH LA . -1.45 2.19 -2.27
OBB BPH LA . -2.47 0.32 -1.30
C2B BPH LA . 0.08 -0.26 -3.82
CMB BPH LA . 1.20 0.72 -3.63
C1B BPH LA . 0.13 -1.41 -4.64
NB BPH LA . -1.08 -2.06 -4.52
CHB BPH LA . 1.22 -1.84 -5.41
C4A BPH LA . 1.20 -2.78 -6.41
C3A BPH LA . 2.49 -3.16 -7.14
CMA BPH LA . 3.53 -3.73 -6.18
C2A BPH LA . 2.01 -4.15 -8.24
C1A BPH LA . 0.62 -4.47 -7.78
NA BPH LA . 0.15 -3.54 -6.92
CAA BPH LA . 2.03 -3.59 -9.67
CBA BPH LA . 2.99 -2.42 -9.89
CGA BPH LA . 3.71 -2.48 -11.21
O1A BPH LA . 4.45 -3.36 -11.54
O2A BPH LA . 3.43 -1.42 -11.95
C1 BPH LA . 4.09 -1.35 -13.25
C2 BPH LA . 4.88 -0.09 -13.26
C3 BPH LA . 6.05 0.16 -12.70
C4 BPH LA . 7.14 -0.87 -12.55
C5 BPH LA . 6.39 1.52 -12.15
C6 BPH LA . 5.64 2.67 -12.83
C7 BPH LA . 6.09 4.03 -12.32
C8 BPH LA . 5.33 5.25 -12.84
C9 BPH LA . 5.40 5.35 -14.36
C10 BPH LA . 5.83 6.53 -12.16
C11 BPH LA . 5.23 6.82 -10.79
C12 BPH LA . 3.76 7.22 -10.88
C13 BPH LA . 2.97 7.19 -9.57
C14 BPH LA . 1.53 7.63 -9.77
C15 BPH LA . 3.66 8.00 -8.46
C16 BPH LA . 3.10 7.75 -7.07
C17 BPH LA . 3.81 8.51 -5.96
C18 BPH LA . 3.28 8.27 -4.55
C19 BPH LA . 1.81 8.65 -4.42
C20 BPH LA . 4.11 8.95 -3.49
O1D BPH MA . -25.28 -21.96 13.53
CGD BPH MA . -24.59 -20.99 13.51
O2D BPH MA . -25.04 -19.76 13.22
CED BPH MA . -26.45 -19.63 12.94
CBD BPH MA . -23.09 -20.97 13.76
CHA BPH MA . -22.60 -20.10 14.91
C4D BPH MA . -21.79 -19.10 14.44
C3D BPH MA . -21.64 -19.20 13.02
CAD BPH MA . -22.44 -20.32 12.57
OBD BPH MA . -22.61 -20.71 11.43
C2D BPH MA . -20.79 -18.18 12.62
CMD BPH MA . -20.30 -17.86 11.25
C1D BPH MA . -20.41 -17.45 13.82
ND BPH MA . -21.04 -18.04 14.88
CHD BPH MA . -19.56 -16.40 13.90
C4C BPH MA . -18.50 -16.24 14.79
C3C BPH MA . -17.63 -15.02 14.81
CAC BPH MA . -16.74 -14.92 13.55
CBC BPH MA . -17.23 -13.92 12.53
C2C BPH MA . -16.81 -15.25 16.13
CMC BPH MA . -16.70 -13.96 16.94
C1C BPH MA . -17.59 -16.39 16.76
NC BPH MA . -18.17 -17.11 15.73
CHC BPH MA . -17.65 -16.60 18.10
C4B BPH MA . -18.81 -17.03 18.76
C3B BPH MA . -19.41 -16.36 19.76
CAB BPH MA . -18.99 -15.11 20.33
CBB BPH MA . -19.19 -13.83 19.58
OBB BPH MA . -18.43 -15.09 21.43
C2B BPH MA . -20.56 -17.14 20.14
CMB BPH MA . -21.59 -16.79 21.18
C1B BPH MA . -20.58 -18.28 19.33
NB BPH MA . -19.50 -18.19 18.49
CHB BPH MA . -21.50 -19.31 19.36
C4A BPH MA . -22.21 -19.66 18.25
C3A BPH MA . -23.65 -19.18 18.10
CMA BPH MA . -23.65 -17.72 17.65
C2A BPH MA . -24.13 -20.21 17.05
C1A BPH MA . -22.84 -20.27 16.27
NA BPH MA . -21.83 -20.40 17.15
CAA BPH MA . -24.57 -21.54 17.69
CBA BPH MA . -24.48 -22.78 16.80
CGA BPH MA . -24.59 -24.09 17.55
O1A BPH MA . -24.85 -24.13 18.73
O2A BPH MA . -24.43 -25.20 16.80
C1 BPH MA . -24.47 -25.25 15.34
C2 BPH MA . -25.89 -25.14 14.91
C3 BPH MA . -26.96 -25.89 15.17
C4 BPH MA . -27.39 -26.27 16.55
C5 BPH MA . -27.83 -26.41 14.05
C6 BPH MA . -28.54 -25.30 13.26
C7 BPH MA . -29.21 -24.20 14.09
C8 BPH MA . -28.59 -22.78 14.01
C9 BPH MA . -28.11 -22.29 15.38
C10 BPH MA . -29.53 -21.75 13.36
C11 BPH MA . -29.54 -21.71 11.83
C12 BPH MA . -30.25 -22.87 11.14
C13 BPH MA . -30.88 -22.61 9.78
C14 BPH MA . -31.68 -23.82 9.30
C15 BPH MA . -29.84 -22.20 8.73
C16 BPH MA . -29.81 -20.72 8.34
C17 BPH MA . -28.42 -20.22 7.94
C18 BPH MA . -27.48 -19.82 9.08
C19 BPH MA . -26.08 -19.56 8.57
C20 BPH MA . -28.00 -18.63 9.88
FE FE NA . -4.15 -20.80 1.21
MG BCL OA . -14.84 0.68 15.54
CHA BCL OA . -16.38 0.59 12.55
CHB BCL OA . -16.49 -2.13 16.26
CHC BCL OA . -12.39 -0.12 17.77
CHD BCL OA . -12.33 2.67 13.96
NA BCL OA . -16.37 -0.42 14.67
C1A BCL OA . -16.90 -0.30 13.47
C2A BCL OA . -18.13 -1.22 13.27
C3A BCL OA . -18.37 -1.74 14.68
C4A BCL OA . -17.01 -1.42 15.24
CMA BCL OA . -19.37 -0.93 15.50
CAA BCL OA . -17.84 -2.35 12.28
CBA BCL OA . -16.37 -2.49 11.92
CGA BCL OA . -15.80 -3.85 12.18
O1A BCL OA . -15.60 -4.33 13.26
O2A BCL OA . -15.56 -4.49 11.04
NB BCL OA . -14.60 -0.79 16.97
C1B BCL OA . -15.47 -1.83 17.18
C2B BCL OA . -15.15 -2.46 18.39
C3B BCL OA . -13.86 -1.98 18.78
C4B BCL OA . -13.54 -0.94 17.87
CMB BCL OA . -15.99 -3.45 19.12
CAB BCL OA . -13.05 -2.50 19.88
OBB BCL OA . -13.59 -3.04 20.84
CBB BCL OA . -11.56 -2.39 19.87
NC BCL OA . -12.91 1.38 15.90
C1C BCL OA . -12.17 0.94 16.95
C2C BCL OA . -10.95 1.80 17.17
C3C BCL OA . -11.05 2.88 16.10
C4C BCL OA . -12.16 2.27 15.25
CMC BCL OA . -10.95 2.36 18.60
CAC BCL OA . -9.68 2.88 15.40
CBC BCL OA . -9.19 1.50 15.02
ND BCL OA . -14.44 1.52 13.72
C1D BCL OA . -13.48 2.39 13.27
C2D BCL OA . -13.85 2.95 12.04
C3D BCL OA . -14.97 2.22 11.70
C4D BCL OA . -15.18 1.21 12.69
CMD BCL OA . -13.21 4.06 11.27
CAD BCL OA . -16.01 2.11 10.70
OBD BCL OA . -16.15 2.73 9.66
CBD BCL OA . -17.01 1.01 11.22
CGD BCL OA . -18.40 1.61 11.44
O1D BCL OA . -18.68 2.36 12.32
O2D BCL OA . -19.26 1.19 10.52
CED BCL OA . -20.65 1.44 10.81
C1 BCL OA . -14.59 -5.56 11.13
C2 BCL OA . -15.22 -6.82 11.57
C3 BCL OA . -14.50 -7.81 12.09
C4 BCL OA . -13.01 -7.83 12.11
C5 BCL OA . -15.17 -9.02 12.70
C6 BCL OA . -16.65 -9.12 12.37
C7 BCL OA . -17.51 -9.48 13.58
C8 BCL OA . -18.53 -8.43 14.02
C9 BCL OA . -19.13 -7.68 12.83
C10 BCL OA . -17.92 -7.46 15.05
C11 BCL OA . -18.65 -6.14 15.20
C12 BCL OA . -18.91 -5.76 16.66
C13 BCL OA . -20.30 -5.21 16.94
C14 BCL OA . -20.96 -4.67 15.69
C15 BCL OA . -20.29 -4.18 18.06
C16 BCL OA . -21.57 -4.05 18.88
C17 BCL OA . -22.74 -3.47 18.09
C18 BCL OA . -24.13 -3.84 18.59
C19 BCL OA . -24.44 -5.30 18.34
C20 BCL OA . -25.21 -2.96 18.00
C1 U10 PA . 1.67 -15.86 -4.09
C2 U10 PA . 0.95 -17.15 -4.13
C3 U10 PA . 1.70 -18.35 -4.52
C4 U10 PA . 3.00 -18.29 -4.82
C5 U10 PA . 3.72 -17.01 -4.76
C6 U10 PA . 2.99 -15.79 -4.39
C1M U10 PA . 0.82 -14.66 -3.76
C3M U10 PA . 0.72 -20.26 -3.39
C4M U10 PA . 4.16 -20.35 -4.27
C7 U10 PA . 3.81 -14.53 -4.39
C8 U10 PA . 4.01 -13.91 -3.03
C9 U10 PA . 5.16 -13.56 -2.47
C10 U10 PA . 6.51 -13.79 -3.12
C11 U10 PA . 5.21 -12.86 -1.14
C12 U10 PA . 5.93 -11.51 -1.18
C13 U10 PA . 5.19 -10.50 -2.01
C14 U10 PA . 4.95 -9.23 -1.74
C15 U10 PA . 5.38 -8.56 -0.46
C16 U10 PA . 4.22 -8.34 -2.72
C17 U10 PA . 4.88 -6.96 -2.91
C18 U10 PA . 5.98 -6.99 -3.93
C19 U10 PA . 7.00 -6.16 -4.05
C20 U10 PA . 7.25 -5.01 -3.12
C21 U10 PA . 8.02 -6.33 -5.15
C22 U10 PA . 7.39 -6.25 -6.56
C23 U10 PA . 8.39 -5.80 -7.59
C24 U10 PA . 8.14 -5.21 -8.75
C25 U10 PA . 6.76 -4.92 -9.27
C26 U10 PA . 9.28 -4.75 -9.63
C27 U10 PA . 9.87 -5.84 -10.54
C28 U10 PA . 9.94 -5.42 -11.97
C29 U10 PA . 11.03 -5.14 -12.69
C30 U10 PA . 12.41 -5.07 -12.11
C31 U10 PA . 10.95 -4.91 -14.18
C32 U10 PA . 10.37 -6.11 -14.95
C33 U10 PA . 11.15 -6.42 -16.19
C34 U10 PA . 10.74 -6.32 -17.45
C35 U10 PA . 9.43 -5.72 -17.86
C36 U10 PA . 11.59 -6.86 -18.59
C37 U10 PA . 12.69 -5.92 -19.08
C38 U10 PA . 12.32 -5.26 -20.38
C39 U10 PA . 12.93 -5.39 -21.56
C40 U10 PA . 12.49 -4.67 -22.81
C41 U10 PA . 14.13 -6.30 -21.73
C42 U10 PA . 15.30 -5.62 -22.45
C43 U10 PA . 16.40 -5.26 -21.50
C44 U10 PA . 16.72 -4.04 -21.05
C45 U10 PA . 16.05 -2.78 -21.52
C46 U10 PA . 17.83 -3.85 -20.04
C47 U10 PA . 18.03 -5.05 -19.11
C48 U10 PA . 16.89 -5.22 -18.15
C49 U10 PA . 16.89 -5.78 -16.95
C50 U10 PA . 18.13 -6.33 -16.30
C51 U10 PA . 15.62 -5.93 -16.15
C52 U10 PA . 15.74 -5.36 -14.73
C53 U10 PA . 15.69 -3.87 -14.70
C54 U10 PA . 16.66 -3.02 -14.39
C55 U10 PA . 16.48 -1.54 -14.40
C56 U10 PA . 18.03 -3.49 -13.98
O2 U10 PA . -0.23 -17.21 -3.82
O3 U10 PA . 0.96 -19.51 -4.59
O4 U10 PA . 3.77 -19.34 -5.24
O5 U10 PA . 4.91 -16.97 -5.03
O1D BPH QA . -12.82 -15.92 17.43
CGD BPH QA . -12.05 -15.33 16.72
O2D BPH QA . -12.06 -15.39 15.39
CED BPH QA . -13.08 -16.22 14.81
CBD BPH QA . -10.92 -14.44 17.23
CHA BPH QA . -11.03 -12.97 16.81
C4D BPH QA . -9.91 -12.57 16.14
C3D BPH QA . -8.98 -13.65 16.01
CAD BPH QA . -9.54 -14.82 16.65
OBD BPH QA . -9.06 -15.93 16.77
C2D BPH QA . -7.88 -13.16 15.29
CMD BPH QA . -6.65 -13.88 14.86
C1D BPH QA . -8.15 -11.76 15.01
ND BPH QA . -9.37 -11.46 15.54
CHD BPH QA . -7.38 -10.88 14.31
C4C BPH QA . -7.73 -9.58 13.92
C3C BPH QA . -6.86 -8.68 13.10
CAC BPH QA . -5.46 -8.45 13.68
CBC BPH QA . -4.44 -9.51 13.29
C2C BPH QA . -7.69 -7.35 13.08
CMC BPH QA . -7.97 -6.80 11.68
C1C BPH QA . -8.97 -7.70 13.87
NC BPH QA . -8.90 -9.03 14.24
CHC BPH QA . -9.92 -6.74 14.11
C4B BPH QA . -11.17 -6.92 14.74
C3B BPH QA . -12.16 -5.95 14.83
CAB BPH QA . -12.08 -4.60 14.22
CBB BPH QA . -12.67 -3.40 14.89
OBB BPH QA . -11.51 -4.44 13.14
C2B BPH QA . -13.26 -6.54 15.54
CMB BPH QA . -14.57 -5.92 15.88
C1B BPH QA . -12.87 -7.86 15.86
NB BPH QA . -11.60 -8.05 15.36
CHB BPH QA . -13.65 -8.82 16.54
C4A BPH QA . -13.31 -10.14 16.72
C3A BPH QA . -14.34 -11.15 17.23
CMA BPH QA . -15.38 -11.57 16.19
C2A BPH QA . -13.44 -12.31 17.72
C1A BPH QA . -12.14 -12.05 17.01
NA BPH QA . -12.11 -10.79 16.53
CAA BPH QA . -13.29 -12.33 19.25
CBA BPH QA . -14.49 -12.91 19.99
CGA BPH QA . -14.50 -12.61 21.45
O1A BPH QA . -13.55 -12.27 22.09
O2A BPH QA . -15.72 -12.78 21.97
C1 BPH QA . -15.86 -12.52 23.39
C2 BPH QA . -17.28 -12.77 23.72
C3 BPH QA . -18.23 -11.89 23.96
C4 BPH QA . -17.98 -10.42 24.14
C5 BPH QA . -19.68 -12.31 24.06
C6 BPH QA . -20.61 -11.43 23.24
C7 BPH QA . -22.08 -11.74 23.48
C8 BPH QA . -23.03 -11.29 22.36
C9 BPH QA . -23.77 -10.01 22.73
C10 BPH QA . -24.00 -12.42 22.02
C11 BPH QA . -23.37 -13.80 21.87
C12 BPH QA . -22.56 -13.97 20.59
C13 BPH QA . -23.37 -14.19 19.30
C14 BPH QA . -22.75 -15.28 18.44
C15 BPH QA . -23.54 -12.89 18.53
C16 BPH QA . -24.98 -12.50 18.20
C17 BPH QA . -25.62 -13.38 17.11
C18 BPH QA . -27.05 -13.03 16.74
C19 BPH QA . -27.55 -13.83 15.56
C20 BPH QA . -27.98 -13.21 17.94
MG BCL RA . -5.63 5.77 11.27
CHA BCL RA . -5.65 3.53 13.76
CHB BCL RA . -5.71 3.22 9.15
CHC BCL RA . -6.71 7.94 8.88
CHD BCL RA . -7.11 8.08 13.59
NA BCL RA . -5.51 3.70 11.45
C1A BCL RA . -5.42 2.97 12.54
C2A BCL RA . -5.06 1.51 12.25
C3A BCL RA . -5.26 1.40 10.75
C4A BCL RA . -5.50 2.86 10.43
CMA BCL RA . -4.03 1.00 9.94
CAA BCL RA . -5.93 0.50 13.01
CBA BCL RA . -5.17 -0.78 13.38
CGA BCL RA . -5.98 -2.03 13.21
O1A BCL RA . -5.52 -3.11 12.94
O2A BCL RA . -7.27 -1.82 13.39
NB BCL RA . -6.01 5.63 9.25
C1B BCL RA . -5.95 4.46 8.53
C2B BCL RA . -6.13 4.76 7.18
C3B BCL RA . -6.39 6.15 7.07
C4B BCL RA . -6.40 6.66 8.38
CMB BCL RA . -6.05 3.78 6.04
CAB BCL RA . -6.59 6.89 5.79
OBB BCL RA . -6.46 6.31 4.72
CBB BCL RA . -6.98 8.33 5.79
NC BCL RA . -6.50 7.70 11.31
C1C BCL RA . -6.68 8.40 10.16
C2C BCL RA . -6.89 9.86 10.43
C3C BCL RA . -7.32 9.90 11.89
C4C BCL RA . -6.95 8.47 12.29
CMC BCL RA . -5.59 10.63 10.18
CAC BCL RA . -8.85 10.12 11.82
CBC BCL RA . -9.24 11.56 11.60
ND BCL RA . -6.22 5.86 13.24
C1D BCL RA . -6.70 6.86 14.05
C2D BCL RA . -6.71 6.44 15.40
C3D BCL RA . -6.31 5.13 15.32
C4D BCL RA . -6.18 4.78 13.96
CMD BCL RA . -7.08 7.24 16.62
CAD BCL RA . -5.97 3.96 16.13
OBD BCL RA . -6.08 3.79 17.33
CBD BCL RA . -5.39 2.91 15.15
CGD BCL RA . -3.90 2.71 15.39
O1D BCL RA . -3.37 1.66 15.61
O2D BCL RA . -3.25 3.87 15.35
CED BCL RA . -1.81 3.80 15.49
C1 BCL RA . -8.05 -2.98 13.80
C2 BCL RA . -8.71 -2.78 15.12
C3 BCL RA . -8.51 -3.55 16.19
C4 BCL RA . -7.77 -4.86 16.15
C5 BCL RA . -9.02 -3.14 17.54
C6 BCL RA . -9.08 -4.29 18.53
C7 BCL RA . -10.26 -5.23 18.29
C8 BCL RA . -10.52 -6.27 19.38
C9 BCL RA . -9.67 -7.53 19.18
C10 BCL RA . -12.00 -6.60 19.48
C11 BCL RA . -12.38 -7.57 20.59
C12 BCL RA . -13.70 -8.28 20.33
C13 BCL RA . -14.96 -7.51 20.72
C14 BCL RA . -14.73 -6.68 21.98
C15 BCL RA . -16.15 -8.45 20.88
C16 BCL RA . -17.21 -8.36 19.80
C17 BCL RA . -18.42 -9.25 20.08
C18 BCL RA . -18.81 -10.20 18.97
C19 BCL RA . -20.26 -9.99 18.54
C20 BCL RA . -18.58 -11.65 19.37
CMA SPN SA . -31.99 -2.78 26.17
O1 SPN SA . -32.19 -3.51 24.96
CM1 SPN SA . -31.98 -5.41 23.59
CM2 SPN SA . -31.70 -5.62 26.07
C1 SPN SA . -31.46 -4.74 24.85
C2 SPN SA . -29.96 -4.55 24.69
O2 SPN SA . -29.16 -5.12 25.43
C3 SPN SA . -29.49 -3.64 23.65
C4 SPN SA . -28.20 -3.36 23.56
C5 SPN SA . -27.53 -2.50 22.60
CM3 SPN SA . -28.39 -1.79 21.58
C6 SPN SA . -26.19 -2.37 22.65
C7 SPN SA . -25.35 -1.61 21.80
C8 SPN SA . -24.02 -1.58 21.98
C9 SPN SA . -23.02 -0.88 21.19
CM4 SPN SA . -23.48 -0.08 20.00
C10 SPN SA . -21.73 -0.98 21.56
C11 SPN SA . -20.57 -0.42 20.95
C12 SPN SA . -19.40 -0.66 21.52
C13 SPN SA . -18.07 -0.23 21.13
CM5 SPN SA . -17.88 0.43 19.79
C14 SPN SA . -17.06 -0.49 22.01
C15 SPN SA . -15.68 -0.22 21.90
C16 SPN SA . -14.91 -0.59 22.95
C17 SPN SA . -13.50 -0.52 23.20
C18 SPN SA . -12.52 0.10 22.47
CM6 SPN SA . -12.79 0.88 21.22
C19 SPN SA . -11.13 -0.09 22.87
C20 SPN SA . -10.64 -0.65 24.02
C21 SPN SA . -11.38 -1.11 25.17
C22 SPN SA . -10.97 -1.83 26.23
CM7 SPN SA . -9.60 -2.42 26.38
C23 SPN SA . -11.93 -2.15 27.35
C24 SPN SA . -11.25 -2.90 28.50
C25 SPN SA . -11.32 -2.13 29.78
C26 SPN SA . -10.59 -2.29 30.86
CM8 SPN SA . -9.48 -3.31 30.98
C27 SPN SA . -10.81 -1.43 32.09
C28 SPN SA . -11.33 -2.26 33.27
C29 SPN SA . -11.07 -1.59 34.59
C30 SPN SA . -10.68 -2.14 35.73
CM9 SPN SA . -10.45 -1.34 36.98
CMB SPN SA . -10.45 -3.62 35.88
MG BCL TA . 32.81 3.50 28.78
CHA BCL TA . 33.26 0.47 30.14
CHB BCL TA . 33.42 2.12 25.81
CHC BCL TA . 33.68 6.56 27.53
CHD BCL TA . 33.90 4.84 31.91
NA BCL TA . 33.09 1.57 28.08
C1A BCL TA . 33.16 0.44 28.78
C2A BCL TA . 33.11 -0.82 27.91
C3A BCL TA . 33.27 -0.25 26.50
C4A BCL TA . 33.25 1.22 26.81
CMA BCL TA . 34.64 -0.50 25.86
CAA BCL TA . 31.81 -1.60 28.12
CBA BCL TA . 31.30 -2.33 26.88
CGA BCL TA . 31.20 -3.82 27.06
O1A BCL TA . 32.04 -4.50 27.58
O2A BCL TA . 30.06 -4.30 26.55
NB BCL TA . 33.16 4.27 26.91
C1B BCL TA . 33.24 3.52 25.75
C2B BCL TA . 33.16 4.39 24.65
C3B BCL TA . 33.17 5.72 25.16
C4B BCL TA . 33.35 5.61 26.55
CMB BCL TA . 33.08 3.97 23.21
CAB BCL TA . 33.04 6.98 24.41
OBB BCL TA . 33.43 8.03 24.91
CBB BCL TA . 32.43 7.01 23.05
NC BCL TA . 33.35 5.35 29.63
C1C BCL TA . 33.51 6.47 28.88
C2C BCL TA . 33.47 7.72 29.71
C3C BCL TA . 33.66 7.22 31.15
C4C BCL TA . 33.64 5.70 30.88
CMC BCL TA . 34.56 8.69 29.25
CAC BCL TA . 32.38 7.68 31.86
CBC BCL TA . 32.64 8.35 33.18
ND BCL TA . 33.35 2.87 30.64
C1D BCL TA . 33.59 3.52 31.83
C2D BCL TA . 33.43 2.63 32.90
C3D BCL TA . 33.36 1.41 32.27
C4D BCL TA . 33.57 1.60 30.87
CMD BCL TA . 33.35 2.94 34.37
CAD BCL TA . 33.14 0.00 32.52
OBD BCL TA . 33.03 -0.59 33.58
CBD BCL TA . 33.07 -0.70 31.13
CGD BCL TA . 34.17 -1.74 31.03
O1D BCL TA . 35.35 -1.48 30.90
O2D BCL TA . 33.68 -2.97 31.14
CED BCL TA . 34.66 -4.02 31.36
C1 BCL TA . 30.01 -5.74 26.37
C2 BCL TA . 29.28 -6.12 25.13
C3 BCL TA . 29.30 -7.33 24.57
C4 BCL TA . 29.41 -8.61 25.35
C5 BCL TA . 29.19 -7.49 23.07
C6 BCL TA . 30.49 -7.94 22.41
C7 BCL TA . 30.29 -8.39 20.97
C8 BCL TA . 31.52 -8.96 20.25
C9 BCL TA . 32.17 -7.91 19.35
C10 BCL TA . 31.15 -10.22 19.46
C11 BCL TA . 31.58 -11.54 20.08
C12 BCL TA . 32.99 -11.98 19.66
C13 BCL TA . 33.10 -13.44 19.21
C14 BCL TA . 31.90 -14.26 19.65
C15 BCL TA . 34.41 -14.07 19.67
C16 BCL TA . 34.93 -13.62 21.03
C17 BCL TA . 36.44 -13.61 21.13
C18 BCL TA . 37.05 -14.48 22.22
C19 BCL TA . 36.01 -15.12 23.10
C20 BCL TA . 38.06 -13.72 23.06
CMA SPN UA . 28.83 -12.97 23.06
O1 SPN UA . 28.83 -13.81 24.22
CM1 SPN UA . 29.86 -15.22 25.75
CM2 SPN UA . 31.14 -14.43 23.75
C1 SPN UA . 30.11 -14.06 24.81
C2 SPN UA . 30.64 -12.88 25.63
O2 SPN UA . 30.24 -12.68 26.76
C3 SPN UA . 31.66 -12.03 25.00
C4 SPN UA . 32.06 -10.88 25.55
C5 SPN UA . 33.05 -9.96 25.01
CM3 SPN UA . 33.70 -10.32 23.70
C6 SPN UA . 33.37 -8.85 25.71
C7 SPN UA . 34.35 -7.86 25.37
C8 SPN UA . 34.61 -6.79 26.14
C9 SPN UA . 35.59 -5.74 25.88
CM4 SPN UA . 36.36 -5.81 24.60
C10 SPN UA . 35.78 -4.78 26.80
C11 SPN UA . 36.74 -3.71 26.78
C12 SPN UA . 36.82 -2.78 27.74
C13 SPN UA . 37.75 -1.66 27.82
CM5 SPN UA . 38.90 -1.63 26.86
C14 SPN UA . 37.54 -0.70 28.75
C15 SPN UA . 38.33 0.46 29.01
C16 SPN UA . 37.98 1.40 29.93
C17 SPN UA . 38.76 2.57 30.21
C18 SPN UA . 38.45 3.58 31.06
CM6 SPN UA . 37.17 3.61 31.87
C19 SPN UA . 39.36 4.70 31.21
C20 SPN UA . 39.20 5.78 31.98
C21 SPN UA . 40.15 6.83 32.07
C22 SPN UA . 40.09 7.96 32.79
CM7 SPN UA . 38.92 8.32 33.66
C23 SPN UA . 41.21 8.98 32.77
C24 SPN UA . 41.84 9.21 34.15
C25 SPN UA . 43.29 9.61 34.05
C26 SPN UA . 44.36 8.89 34.40
CM8 SPN UA . 44.29 7.49 34.93
C27 SPN UA . 45.74 9.47 34.26
C28 SPN UA . 46.75 8.51 33.62
C29 SPN UA . 48.16 8.81 34.02
C30 SPN UA . 49.22 8.03 33.93
CM9 SPN UA . 49.16 6.64 33.38
CMB SPN UA . 50.59 8.47 34.37
CMA SPN VA . 20.41 3.37 35.86
O1 SPN VA . 21.11 2.67 36.90
CM1 SPN VA . 19.06 1.52 37.29
CM2 SPN VA . 21.09 1.05 38.68
C1 SPN VA . 20.57 1.40 37.28
C2 SPN VA . 20.95 0.25 36.35
O2 SPN VA . 21.32 0.43 35.21
C3 SPN VA . 20.84 -1.11 36.92
C4 SPN VA . 21.73 -2.02 36.56
C5 SPN VA . 21.79 -3.40 36.99
CM3 SPN VA . 20.75 -3.89 37.97
C6 SPN VA . 22.76 -4.21 36.50
C7 SPN VA . 22.99 -5.59 36.75
C8 SPN VA . 24.01 -6.23 36.17
C9 SPN VA . 24.39 -7.62 36.30
CM4 SPN VA . 23.58 -8.50 37.21
C10 SPN VA . 25.44 -8.07 35.57
C11 SPN VA . 25.95 -9.40 35.48
C12 SPN VA . 26.96 -9.71 34.66
C13 SPN VA . 27.58 -11.01 34.46
CM5 SPN VA . 27.05 -12.17 35.27
C14 SPN VA . 28.56 -11.15 33.54
C15 SPN VA . 29.25 -12.33 33.17
C16 SPN VA . 30.19 -12.38 32.19
C17 SPN VA . 30.86 -13.59 31.84
C18 SPN VA . 31.81 -13.77 30.90
CM6 SPN VA . 32.31 -12.65 30.02
C19 SPN VA . 32.42 -15.09 30.78
C20 SPN VA . 33.04 -15.68 29.73
C21 SPN VA . 33.22 -15.18 28.40
C22 SPN VA . 33.91 -15.80 27.43
CM7 SPN VA . 34.02 -15.23 26.05
C23 SPN VA . 34.61 -17.12 27.64
C24 SPN VA . 33.67 -18.32 27.63
C25 SPN VA . 34.22 -19.47 26.84
C26 SPN VA . 33.84 -20.74 26.88
CM8 SPN VA . 32.76 -21.25 27.79
C27 SPN VA . 34.49 -21.78 26.00
C28 SPN VA . 33.70 -23.09 25.93
C29 SPN VA . 34.49 -24.26 26.44
C30 SPN VA . 34.34 -25.55 26.14
CM9 SPN VA . 35.21 -26.62 26.71
CMB SPN VA . 33.31 -26.04 25.17
CMA SPN WA . 29.70 6.67 25.23
O1 SPN WA . 28.47 5.97 25.31
CM1 SPN WA . 27.82 6.67 23.17
CM2 SPN WA . 26.64 4.75 24.27
C1 SPN WA . 27.97 5.45 24.07
C2 SPN WA . 28.94 4.48 23.40
O2 SPN WA . 29.61 4.83 22.43
C3 SPN WA . 29.04 3.12 23.94
C4 SPN WA . 29.85 2.25 23.36
C5 SPN WA . 30.09 0.86 23.74
CM3 SPN WA . 29.32 0.30 24.90
C6 SPN WA . 30.97 0.14 23.02
C7 SPN WA . 31.36 -1.24 23.18
C8 SPN WA . 32.25 -1.80 22.36
C9 SPN WA . 32.74 -3.17 22.37
CM4 SPN WA . 32.28 -4.09 23.45
C10 SPN WA . 33.59 -3.54 21.37
C11 SPN WA . 34.16 -4.83 21.13
C12 SPN WA . 34.95 -5.04 20.07
C13 SPN WA . 35.60 -6.29 19.69
CM5 SPN WA . 35.43 -7.48 20.57
C14 SPN WA . 36.28 -6.31 18.51
C15 SPN WA . 36.93 -7.43 17.90
C16 SPN WA . 37.53 -7.36 16.69
C17 SPN WA . 38.17 -8.46 16.06
C18 SPN WA . 38.72 -8.51 14.82
CM6 SPN WA . 38.78 -7.30 13.92
C19 SPN WA . 39.22 -9.77 14.31
C20 SPN WA . 39.68 -10.00 13.07
C21 SPN WA . 40.16 -11.28 12.65
C22 SPN WA . 40.67 -11.61 11.45
CM7 SPN WA . 40.84 -10.63 10.32
C23 SPN WA . 41.12 -13.02 11.15
C24 SPN WA . 39.98 -13.88 10.59
C25 SPN WA . 40.13 -15.33 10.94
C26 SPN WA . 40.45 -16.33 10.14
CM8 SPN WA . 40.77 -16.16 8.68
C27 SPN WA . 40.50 -17.75 10.65
C28 SPN WA . 41.45 -18.66 9.88
C29 SPN WA . 40.73 -19.76 9.15
C30 SPN WA . 40.97 -21.06 9.17
CM9 SPN WA . 42.08 -21.67 9.98
CMB SPN WA . 40.17 -22.04 8.37
MG BCL XA . 29.47 0.85 37.24
CHA BCL XA . 29.41 -0.84 34.38
CHB BCL XA . 27.90 -1.73 38.62
CHC BCL XA . 28.86 2.78 39.95
CHD BCL XA . 29.46 3.84 35.31
NA BCL XA . 29.02 -1.06 36.65
C1A BCL XA . 29.24 -1.62 35.49
C2A BCL XA . 29.28 -3.14 35.59
C3A BCL XA . 28.38 -3.38 36.82
C4A BCL XA . 28.44 -1.99 37.40
CMA BCL XA . 26.91 -3.60 36.50
CAA BCL XA . 30.73 -3.60 35.82
CBA BCL XA . 30.87 -5.06 36.24
CGA BCL XA . 30.43 -6.01 35.15
O1A BCL XA . 30.25 -5.70 34.01
O2A BCL XA . 30.26 -7.24 35.63
NB BCL XA . 28.70 0.50 39.11
C1B BCL XA . 28.21 -0.71 39.54
C2B BCL XA . 28.06 -0.67 40.93
C3B BCL XA . 28.19 0.70 41.32
C4B BCL XA . 28.59 1.41 40.16
CMB BCL XA . 27.79 -1.83 41.83
CAB BCL XA . 27.96 1.24 42.66
OBB BCL XA . 27.10 0.74 43.38
CBB BCL XA . 28.76 2.40 43.17
NC BCL XA . 29.24 2.91 37.52
C1C BCL XA . 28.97 3.42 38.76
C2C BCL XA . 28.82 4.93 38.74
C3C BCL XA . 29.12 5.32 37.30
C4C BCL XA . 29.29 3.93 36.66
CMC BCL XA . 27.43 5.31 39.22
CAC BCL XA . 30.47 6.06 37.44
CBC BCL XA . 30.34 7.56 37.30
ND BCL XA . 29.37 1.42 35.28
C1D BCL XA . 29.44 2.65 34.65
C2D BCL XA . 29.50 2.46 33.24
C3D BCL XA . 29.50 1.09 33.10
C4D BCL XA . 29.18 0.51 34.36
CMD BCL XA . 29.52 3.51 32.16
CAD BCL XA . 29.71 0.02 32.14
OBD BCL XA . 29.72 0.05 30.92
CBD BCL XA . 29.92 -1.28 32.99
CGD BCL XA . 29.15 -2.46 32.42
O1D BCL XA . 29.64 -3.50 32.08
O2D BCL XA . 27.85 -2.20 32.34
CED BCL XA . 27.05 -3.20 31.67
C1 BCL XA . 29.11 -7.42 36.50
C2 BCL XA . 29.46 -8.05 37.80
C3 BCL XA . 29.97 -9.27 37.91
C4 BCL XA . 29.85 -10.32 36.84
C5 BCL XA . 30.71 -9.69 39.16
C6 BCL XA . 31.01 -8.54 40.09
C7 BCL XA . 32.26 -8.76 40.94
C8 BCL XA . 33.22 -7.58 41.02
C9 BCL XA . 33.32 -7.04 42.44
C10 BCL XA . 32.82 -6.49 40.03
C11 BCL XA . 33.67 -5.23 40.08
C12 BCL XA . 33.00 -4.01 39.44
C13 BCL XA . 32.02 -3.27 40.33
C14 BCL XA . 30.61 -3.25 39.72
C15 BCL XA . 32.51 -1.86 40.64
C16 BCL XA . 31.50 -0.96 41.36
C17 BCL XA . 32.14 -0.03 42.37
C18 BCL XA . 31.34 0.20 43.64
C19 BCL XA . 32.20 0.77 44.77
C20 BCL XA . 30.63 -1.06 44.09
MG BCL YA . 37.16 8.36 12.07
CHA BCL YA . 38.45 5.52 13.33
CHB BCL YA . 37.13 6.87 9.10
CHC BCL YA . 37.08 11.41 10.53
CHD BCL YA . 38.84 10.06 14.74
NA BCL YA . 37.49 6.43 11.39
C1A BCL YA . 37.95 5.38 12.06
C2A BCL YA . 37.83 4.06 11.28
C3A BCL YA . 37.29 4.52 9.91
C4A BCL YA . 37.31 6.02 10.15
CMA BCL YA . 38.26 4.30 8.76
CAA BCL YA . 36.89 3.10 12.02
CBA BCL YA . 35.91 2.34 11.13
CGA BCL YA . 36.14 0.86 11.13
O1A BCL YA . 37.22 0.34 11.02
O2A BCL YA . 35.00 0.19 11.29
NB BCL YA . 36.83 9.02 10.16
C1B BCL YA . 36.70 8.21 9.06
C2B BCL YA . 36.11 8.94 8.01
C3B BCL YA . 36.09 10.31 8.43
C4B BCL YA . 36.67 10.34 9.72
CMB BCL YA . 35.61 8.37 6.72
CAB BCL YA . 35.58 11.47 7.67
OBB BCL YA . 35.28 12.50 8.27
CBB BCL YA . 35.39 11.42 6.19
NC BCL YA . 37.67 10.32 12.64
C1C BCL YA . 37.44 11.39 11.84
C2C BCL YA . 37.62 12.71 12.57
C3C BCL YA . 38.31 12.33 13.86
C4C BCL YA . 38.28 10.80 13.74
CMC BCL YA . 38.38 13.70 11.70
CAC BCL YA . 37.32 12.82 14.93
CBC BCL YA . 37.98 13.57 16.06
ND BCL YA . 38.30 7.93 13.72
C1D BCL YA . 38.74 8.69 14.77
C2D BCL YA . 39.07 7.86 15.86
C3D BCL YA . 39.03 6.61 15.30
C4D BCL YA . 38.77 6.72 13.91
CMD BCL YA . 39.42 8.25 17.27
CAD BCL YA . 39.14 5.20 15.63
OBD BCL YA . 39.51 4.66 16.66
CBD BCL YA . 38.70 4.40 14.36
CGD BCL YA . 39.78 3.42 13.94
O1D BCL YA . 40.82 3.71 13.42
O2D BCL YA . 39.43 2.17 14.25
CED BCL YA . 40.31 1.13 13.76
C1 BCL YA . 35.07 -1.25 11.03
C2 BCL YA . 34.08 -1.68 10.01
C3 BCL YA . 33.95 -2.91 9.54
C4 BCL YA . 34.37 -4.14 10.29
C5 BCL YA . 33.37 -3.17 8.16
C6 BCL YA . 34.36 -3.79 7.19
C7 BCL YA . 33.96 -3.60 5.73
C8 BCL YA . 34.77 -4.38 4.71
C9 BCL YA . 34.42 -3.96 3.28
C10 BCL YA . 34.60 -5.89 4.90
C11 BCL YA . 35.80 -6.75 4.47
C12 BCL YA . 35.40 -8.03 3.74
C13 BCL YA . 36.55 -8.97 3.39
C14 BCL YA . 36.33 -10.37 3.93
C15 BCL YA . 37.89 -8.39 3.87
C16 BCL YA . 39.06 -9.34 3.86
C17 BCL YA . 39.98 -9.17 5.06
C18 BCL YA . 41.41 -9.68 4.90
C19 BCL YA . 41.67 -10.87 5.78
C20 BCL YA . 42.43 -8.58 5.15
MG BCL ZA . 36.97 5.83 21.17
CHA BCL ZA . 36.25 4.02 18.49
CHB BCL ZA . 36.39 3.13 23.02
CHC BCL ZA . 36.66 7.79 23.93
CHD BCL ZA . 35.98 8.71 19.31
NA BCL ZA . 36.64 3.84 20.77
C1A BCL ZA . 36.48 3.26 19.60
C2A BCL ZA . 36.62 1.74 19.67
C3A BCL ZA . 36.56 1.45 21.18
C4A BCL ZA . 36.53 2.88 21.69
CMA BCL ZA . 35.23 0.87 21.63
CAA BCL ZA . 37.94 1.30 19.02
CBA BCL ZA . 38.60 0.08 19.66
CGA BCL ZA . 37.92 -1.22 19.31
O1A BCL ZA . 37.14 -1.35 18.41
O2A BCL ZA . 38.31 -2.20 20.11
NB BCL ZA . 36.88 5.49 23.18
C1B BCL ZA . 36.78 4.25 23.77
C2B BCL ZA . 37.13 4.37 25.12
C3B BCL ZA . 37.17 5.76 25.42
C4B BCL ZA . 36.90 6.43 24.21
CMB BCL ZA . 37.40 3.23 26.06
CAB BCL ZA . 37.44 6.36 26.72
OBB BCL ZA . 38.18 7.33 26.82
CBB BCL ZA . 36.81 5.81 27.96
NC BCL ZA . 36.58 7.87 21.48
C1C BCL ZA . 36.61 8.42 22.72
C2C BCL ZA . 36.57 9.92 22.69
C3C BCL ZA . 36.11 10.24 21.27
C4C BCL ZA . 36.23 8.85 20.65
CMC BCL ZA . 35.64 10.44 23.77
CAC BCL ZA . 37.21 11.20 20.78
CBC BCL ZA . 36.93 12.65 21.09
ND BCL ZA . 36.19 6.30 19.33
C1D BCL ZA . 35.94 7.50 18.69
C2D BCL ZA . 35.65 7.27 17.33
C3D BCL ZA . 35.73 5.89 17.22
C4D BCL ZA . 35.84 5.33 18.53
CMD BCL ZA . 35.34 8.27 16.26
CAD BCL ZA . 35.75 4.81 16.26
OBD BCL ZA . 35.37 4.78 15.10
CBD BCL ZA . 36.41 3.62 17.02
CGD BCL ZA . 35.89 2.23 16.67
O1D BCL ZA . 36.55 1.35 16.19
O2D BCL ZA . 34.60 2.11 16.98
CED BCL ZA . 34.00 0.84 16.64
C1 BCL ZA . 37.93 -2.04 21.51
C2 BCL ZA . 37.99 -3.33 22.25
C3 BCL ZA . 39.07 -4.09 22.32
C4 BCL ZA . 39.40 -5.15 21.29
C5 BCL ZA . 40.05 -3.95 23.45
C6 BCL ZA . 41.50 -3.89 22.99
C7 BCL ZA . 42.39 -3.09 23.93
C8 BCL ZA . 43.14 -1.92 23.30
C9 BCL ZA . 44.64 -2.00 23.55
C10 BCL ZA . 42.57 -0.57 23.77
C11 BCL ZA . 41.60 0.11 22.81
C12 BCL ZA . 40.59 1.00 23.52
C13 BCL ZA . 40.54 2.46 23.07
C14 BCL ZA . 41.05 2.62 21.64
C15 BCL ZA . 41.28 3.37 24.04
C16 BCL ZA . 40.39 4.21 24.96
C17 BCL ZA . 41.15 5.31 25.68
C18 BCL ZA . 41.07 5.26 27.21
C19 BCL ZA . 41.20 6.64 27.84
C20 BCL ZA . 42.12 4.32 27.79
MG BCL AB . 35.25 12.64 -5.13
CHA BCL AB . 37.22 9.99 -4.44
CHB BCL AB . 34.36 11.06 -7.94
CHC BCL AB . 34.39 15.62 -6.55
CHD BCL AB . 37.48 14.56 -3.10
NA BCL AB . 35.58 10.74 -5.94
C1A BCL AB . 36.34 9.77 -5.47
C2A BCL AB . 36.13 8.43 -6.18
C3A BCL AB . 35.26 8.82 -7.37
C4A BCL AB . 35.05 10.28 -7.06
CMA BCL AB . 35.97 8.78 -8.72
CAA BCL AB . 35.44 7.43 -5.24
CBA BCL AB . 34.56 6.39 -5.92
CGA BCL AB . 34.98 4.98 -5.62
O1A BCL AB . 36.12 4.58 -5.64
O2A BCL AB . 33.94 4.20 -5.34
NB BCL AB . 34.23 13.20 -6.82
C1B BCL AB . 33.83 12.35 -7.83
C2B BCL AB . 32.88 13.01 -8.63
C3B BCL AB . 32.87 14.38 -8.21
C4B BCL AB . 33.83 14.49 -7.19
CMB BCL AB . 32.07 12.38 -9.73
CAB BCL AB . 32.03 15.48 -8.73
OBB BCL AB . 32.18 16.62 -8.31
CBB BCL AB . 30.99 15.25 -9.78
NC BCL AB . 35.74 14.66 -4.75
C1C BCL AB . 35.14 15.67 -5.43
C2C BCL AB . 35.40 17.01 -4.77
C3C BCL AB . 36.62 16.76 -3.89
C4C BCL AB . 36.61 15.22 -3.91
CMC BCL AB . 35.59 18.09 -5.83
CAC BCL AB . 36.16 17.27 -2.52
CBC BCL AB . 36.95 18.45 -2.02
ND BCL AB . 36.92 12.38 -3.97
C1D BCL AB . 37.59 13.21 -3.10
C2D BCL AB . 38.38 12.44 -2.22
C3D BCL AB . 38.31 11.19 -2.76
C4D BCL AB . 37.56 11.24 -3.98
CMD BCL AB . 39.11 12.90 -1.00
CAD BCL AB . 38.72 9.81 -2.53
OBD BCL AB . 39.48 9.35 -1.70
CBD BCL AB . 37.97 8.95 -3.60
CGD BCL AB . 38.98 8.16 -4.43
O1D BCL AB . 39.69 8.62 -5.27
O2D BCL AB . 38.97 6.87 -4.07
CED BCL AB . 39.89 6.02 -4.79
C1 BCL AB . 34.13 2.78 -5.56
C2 BCL AB . 32.84 2.07 -5.82
C3 BCL AB . 32.72 0.89 -6.40
C4 BCL AB . 33.45 -0.34 -5.93
C5 BCL AB . 31.82 0.70 -7.60
C6 BCL AB . 32.43 -0.19 -8.68
C7 BCL AB . 31.76 -0.01 -10.03
C8 BCL AB . 32.30 -0.88 -11.17
C9 BCL AB . 31.82 -0.39 -12.53
C10 BCL AB . 31.95 -2.35 -10.95
C11 BCL AB . 33.10 -3.35 -11.14
C12 BCL AB . 33.34 -3.72 -12.60
C13 BCL AB . 34.12 -5.00 -12.84
C14 BCL AB . 34.46 -5.71 -11.54
C15 BCL AB . 35.38 -4.75 -13.68
C16 BCL AB . 36.71 -5.22 -13.11
C17 BCL AB . 37.85 -4.24 -13.36
C18 BCL AB . 39.24 -4.83 -13.40
C19 BCL AB . 39.44 -5.92 -12.37
C20 BCL AB . 40.30 -3.76 -13.25
CMA SPN BB . 33.28 -5.28 -7.66
O1 SPN BB . 34.13 -5.82 -6.66
CM1 SPN BB . 36.19 -6.49 -5.82
CM2 SPN BB . 35.98 -5.90 -8.24
C1 SPN BB . 35.53 -5.57 -6.83
C2 SPN BB . 35.94 -4.12 -6.51
O2 SPN BB . 36.13 -3.78 -5.36
C3 SPN BB . 36.09 -3.19 -7.64
C4 SPN BB . 36.41 -1.91 -7.46
C5 SPN BB . 36.58 -0.89 -8.49
CM3 SPN BB . 36.31 -1.29 -9.91
C6 SPN BB . 36.99 0.34 -8.14
C7 SPN BB . 37.26 1.46 -9.00
C8 SPN BB . 37.71 2.64 -8.56
C9 SPN BB . 38.01 3.82 -9.36
CM4 SPN BB . 37.75 3.76 -10.83
C10 SPN BB . 38.52 4.92 -8.75
C11 SPN BB . 38.90 6.17 -9.36
C12 SPN BB . 39.31 7.22 -8.64
C13 SPN BB . 39.71 8.53 -9.14
CM5 SPN BB . 39.86 8.71 -10.63
C14 SPN BB . 39.93 9.54 -8.26
C15 SPN BB . 40.33 10.89 -8.53
C16 SPN BB . 40.37 11.83 -7.56
C17 SPN BB . 40.77 13.19 -7.78
C18 SPN BB . 40.73 14.22 -6.91
CM6 SPN BB . 40.19 14.08 -5.51
C19 SPN BB . 41.25 15.52 -7.30
C20 SPN BB . 41.30 16.62 -6.55
C21 SPN BB . 41.83 17.86 -7.01
C22 SPN BB . 41.94 19.02 -6.33
CM7 SPN BB . 41.47 19.20 -4.92
C23 SPN BB . 42.52 20.26 -6.98
C24 SPN BB . 43.61 20.91 -6.11
C25 SPN BB . 44.99 20.55 -6.58
C26 SPN BB . 46.16 20.95 -6.07
CM8 SPN BB . 46.28 21.89 -4.91
C27 SPN BB . 47.47 20.48 -6.66
C28 SPN BB . 48.45 19.92 -5.61
C29 SPN BB . 48.40 18.42 -5.56
C30 SPN BB . 49.38 17.58 -5.30
CM9 SPN BB . 49.20 16.10 -5.27
CMB SPN BB . 50.78 18.04 -5.00
CMA SPN CB . 34.12 -9.25 7.97
O1 SPN CB . 34.60 -9.96 9.11
CM1 SPN CB . 36.29 -10.82 10.47
CM2 SPN CB . 36.84 -10.06 8.15
C1 SPN CB . 36.00 -9.79 9.39
C2 SPN CB . 36.35 -8.41 9.94
O2 SPN CB . 36.08 -8.11 11.10
C3 SPN CB . 37.00 -7.46 9.03
C4 SPN CB . 37.34 -6.24 9.41
C5 SPN CB . 37.99 -5.23 8.59
CM3 SPN CB . 38.27 -5.56 7.15
C6 SPN CB . 38.36 -4.05 9.15
C7 SPN CB . 39.05 -2.96 8.53
C8 SPN CB . 39.42 -1.84 9.17
C9 SPN CB . 40.12 -0.70 8.59
CM4 SPN CB . 40.46 -0.74 7.13
C10 SPN CB . 40.48 0.33 9.41
C11 SPN CB . 41.23 1.50 9.06
C12 SPN CB . 41.45 2.51 9.92
C13 SPN CB . 42.20 3.74 9.67
CM5 SPN CB . 42.98 3.85 8.39
C14 SPN CB . 42.18 4.71 10.60
C15 SPN CB . 42.86 5.97 10.58
C16 SPN CB . 42.69 6.90 11.55
C17 SPN CB . 43.36 8.17 11.58
C18 SPN CB . 43.13 9.19 12.46
CM6 SPN CB . 42.08 9.13 13.53
C19 SPN CB . 43.93 10.40 12.35
C20 SPN CB . 43.83 11.49 13.14
C21 SPN CB . 44.64 12.66 12.98
C22 SPN CB . 44.59 13.79 13.70
CM7 SPN CB . 43.62 13.98 14.82
C23 SPN CB . 45.51 14.95 13.42
C24 SPN CB . 46.16 15.52 14.69
C25 SPN CB . 47.49 14.86 14.96
C26 SPN CB . 48.50 15.33 15.68
CM8 SPN CB . 48.47 16.65 16.40
C27 SPN CB . 49.77 14.53 15.83
C28 SPN CB . 49.85 13.79 17.18
C29 SPN CB . 49.78 12.30 16.99
C30 SPN CB . 50.78 11.43 16.97
CM9 SPN CB . 50.57 9.95 16.78
CMB SPN CB . 52.21 11.85 17.13
MG BCL DB . 38.41 10.55 3.55
CHA BCL DB . 37.08 8.54 1.25
CHB BCL DB . 39.25 7.88 5.33
CHC BCL DB . 38.63 12.57 6.26
CHD BCL DB . 36.56 13.22 2.05
NA BCL DB . 38.26 8.51 3.27
C1A BCL DB . 37.75 7.86 2.24
C2A BCL DB . 38.00 6.35 2.29
C3A BCL DB . 38.48 6.15 3.73
C4A BCL DB . 38.67 7.59 4.13
CMA BCL DB . 37.43 5.58 4.68
CAA BCL DB . 39.06 5.95 1.25
CBA BCL DB . 40.04 4.88 1.71
CGA BCL DB . 39.44 3.50 1.70
O1A BCL DB . 38.37 3.22 1.24
O2A BCL DB . 40.26 2.61 2.27
NB BCL DB . 39.04 10.30 5.49
C1B BCL DB . 39.42 9.10 6.04
C2B BCL DB . 39.95 9.32 7.31
C3B BCL DB . 39.89 10.73 7.55
C4B BCL DB . 39.17 11.28 6.47
CMB BCL DB . 40.47 8.27 8.24
CAB BCL DB . 40.42 11.48 8.70
OBB BCL DB . 40.59 12.69 8.61
CBB BCL DB . 40.76 10.80 9.99
NC BCL DB . 37.87 12.55 3.95
C1C BCL DB . 38.21 13.14 5.11
C2C BCL DB . 38.04 14.64 5.06
C3C BCL DB . 37.11 14.85 3.86
C4C BCL DB . 37.19 13.45 3.25
CMC BCL DB . 37.49 15.12 6.40
CAC BCL DB . 37.87 15.88 3.02
CBC BCL DB . 37.33 17.30 3.17
ND BCL DB . 37.05 10.84 2.03
C1D BCL DB . 36.47 11.98 1.51
C2D BCL DB . 35.78 11.65 0.31
C3D BCL DB . 35.99 10.30 0.19
C4D BCL DB . 36.59 9.81 1.39
CMD BCL DB . 35.00 12.55 -0.59
CAD BCL DB . 35.84 9.19 -0.71
OBD BCL DB . 35.12 9.07 -1.69
CBD BCL DB . 36.81 8.09 -0.20
CGD BCL DB . 36.17 6.70 -0.30
O1D BCL DB . 36.48 5.87 -1.11
O2D BCL DB . 35.23 6.55 0.60
CED BCL DB . 34.44 5.33 0.48
C1 BCL DB . 40.21 2.56 3.72
C2 BCL DB . 41.43 1.91 4.31
C3 BCL DB . 42.17 1.01 3.68
C4 BCL DB . 41.60 -0.21 3.01
C5 BCL DB . 43.66 1.16 3.58
C6 BCL DB . 44.32 1.58 4.90
C7 BCL DB . 44.39 3.08 5.07
C8 BCL DB . 45.11 3.87 3.97
C9 BCL DB . 46.63 3.67 4.05
C10 BCL DB . 44.73 5.35 4.01
C11 BCL DB . 43.62 5.79 3.07
C12 BCL DB . 43.19 7.25 3.27
C13 BCL DB . 43.39 7.77 4.69
C14 BCL DB . 42.48 7.06 5.68
C15 BCL DB . 43.25 9.29 4.79
C16 BCL DB . 43.49 9.81 6.20
C17 BCL DB . 43.90 11.28 6.25
C18 BCL DB . 44.08 11.84 7.65
C19 BCL DB . 45.09 12.97 7.72
C20 BCL DB . 44.45 10.75 8.64
CMA SPN EB . 32.59 10.95 9.68
O1 SPN EB . 31.47 10.22 10.17
CM1 SPN EB . 30.07 10.50 8.32
CM2 SPN EB . 29.73 8.54 9.83
C1 SPN EB . 30.76 9.47 9.19
C2 SPN EB . 31.67 8.63 8.29
O2 SPN EB . 31.96 9.01 7.16
C3 SPN EB . 32.21 7.38 8.80
C4 SPN EB . 32.80 6.53 7.97
C5 SPN EB . 33.38 5.23 8.28
CM3 SPN EB . 33.33 4.75 9.70
C6 SPN EB . 33.94 4.52 7.26
C7 SPN EB . 34.57 3.24 7.32
C8 SPN EB . 35.08 2.69 6.20
C9 SPN EB . 35.75 1.41 6.05
CM4 SPN EB . 35.92 0.55 7.27
C10 SPN EB . 36.19 1.05 4.82
C11 SPN EB . 36.90 -0.13 4.44
C12 SPN EB . 37.25 -0.35 3.17
C13 SPN EB . 37.97 -1.51 2.63
CM5 SPN EB . 38.47 -2.53 3.61
C14 SPN EB . 38.14 -1.61 1.29
C15 SPN EB . 38.84 -2.65 0.59
C16 SPN EB . 38.94 -2.71 -0.76
C17 SPN EB . 39.65 -3.77 -1.39
C18 SPN EB . 39.81 -4.01 -2.71
CM6 SPN EB . 39.19 -3.15 -3.79
C19 SPN EB . 40.72 -5.08 -3.11
C20 SPN EB . 40.81 -5.81 -4.24
C21 SPN EB . 39.97 -5.84 -5.39
C22 SPN EB . 40.34 -6.60 -6.44
CM7 SPN EB . 41.71 -7.22 -6.29
C23 SPN EB . 39.64 -6.90 -7.74
C24 SPN EB . 40.36 -7.96 -8.60
C25 SPN EB . 40.09 -9.37 -8.15
C26 SPN EB . 40.52 -10.50 -8.71
CM8 SPN EB . 41.30 -10.55 -9.98
C27 SPN EB . 40.20 -11.85 -8.09
C28 SPN EB . 41.40 -12.81 -8.17
C29 SPN EB . 40.98 -14.23 -8.44
C30 SPN EB . 41.72 -15.31 -8.50
CM9 SPN EB . 43.22 -15.27 -8.28
CMB SPN EB . 41.17 -16.67 -8.78
MG BCL FB . 27.11 15.59 -20.93
CHA BCL FB . 29.57 13.30 -20.87
CHB BCL FB . 25.58 13.69 -23.20
CHC BCL FB . 25.36 18.31 -22.02
CHD BCL FB . 29.54 17.96 -19.80
NA BCL FB . 27.42 13.68 -21.72
C1A BCL FB . 28.45 12.87 -21.52
C2A BCL FB . 28.21 11.46 -22.06
C3A BCL FB . 26.89 11.62 -22.84
C4A BCL FB . 26.62 13.07 -22.56
CMA BCL FB . 27.04 11.51 -24.35
CAA BCL FB . 28.11 10.45 -20.91
CBA BCL FB . 27.08 9.34 -21.08
CGA BCL FB . 27.68 7.97 -21.07
O1A BCL FB . 28.67 7.65 -21.66
O2A BCL FB . 26.98 7.13 -20.31
NB BCL FB . 25.51 15.89 -22.18
C1B BCL FB . 24.92 14.91 -22.94
C2B BCL FB . 23.66 15.36 -23.36
C3B BCL FB . 23.58 16.75 -23.03
C4B BCL FB . 24.80 17.07 -22.40
CMB BCL FB . 22.61 14.52 -24.03
CAB BCL FB . 22.46 17.67 -23.28
OBB BCL FB . 22.45 18.78 -22.75
CBB BCL FB . 21.32 17.30 -24.16
NC BCL FB . 27.37 17.68 -20.77
C1C BCL FB . 26.42 18.55 -21.21
C2C BCL FB . 26.66 19.95 -20.69
C3C BCL FB . 28.14 19.94 -20.33
C4C BCL FB . 28.37 18.43 -20.30
CMC BCL FB . 26.27 20.97 -21.75
CAC BCL FB . 28.14 20.53 -18.92
CBC BCL FB . 28.78 21.90 -18.85
ND BCL FB . 29.09 15.66 -20.40
C1D BCL FB . 29.87 16.63 -19.84
C2D BCL FB . 31.04 16.06 -19.28
C3D BCL FB . 30.97 14.74 -19.70
C4D BCL FB . 29.86 14.61 -20.60
CMD BCL FB . 32.09 16.72 -18.45
CAD BCL FB . 31.59 13.45 -19.56
OBD BCL FB . 32.62 13.15 -18.98
CBD BCL FB . 30.69 12.42 -20.29
CGD BCL FB . 31.51 11.67 -21.33
O1D BCL FB . 32.03 12.16 -22.30
O2D BCL FB . 31.59 10.37 -21.03
CED BCL FB . 32.58 9.61 -21.76
C1 BCL FB . 27.32 5.72 -20.45
C2 BCL FB . 26.13 4.86 -20.68
C3 BCL FB . 26.16 3.57 -20.95
C4 BCL FB . 27.28 2.66 -20.55
C5 BCL FB . 25.03 2.88 -21.70
C6 BCL FB . 25.42 2.36 -23.08
C7 BCL FB . 24.24 2.25 -24.03
C8 BCL FB . 24.45 1.46 -25.33
C9 BCL FB . 23.46 1.89 -26.40
C10 BCL FB . 24.40 -0.04 -25.08
C11 BCL FB . 25.51 -0.86 -25.73
C12 BCL FB . 25.14 -1.40 -27.11
C13 BCL FB . 25.88 -2.66 -27.56
C14 BCL FB . 26.55 -3.38 -26.39
C15 BCL FB . 26.88 -2.35 -28.67
C16 BCL FB . 28.33 -2.67 -28.39
C17 BCL FB . 29.29 -1.55 -28.80
C18 BCL FB . 30.69 -1.97 -29.21
C19 BCL FB . 31.39 -2.77 -28.11
C20 BCL FB . 31.54 -0.80 -29.62
CMA SPN GB . 27.04 -2.41 -22.40
O1 SPN GB . 28.24 -2.88 -21.79
CM1 SPN GB . 30.55 -3.25 -21.71
CM2 SPN GB . 29.44 -2.80 -23.91
C1 SPN GB . 29.46 -2.46 -22.43
C2 SPN GB . 29.74 -0.97 -22.26
O2 SPN GB . 30.15 -0.53 -21.19
C3 SPN GB . 29.50 -0.09 -23.41
C4 SPN GB . 29.57 1.23 -23.32
C5 SPN GB . 29.34 2.19 -24.38
CM3 SPN GB . 28.92 1.66 -25.72
C6 SPN GB . 29.53 3.51 -24.14
C7 SPN GB . 29.39 4.60 -25.06
C8 SPN GB . 29.66 5.87 -24.74
C9 SPN GB . 29.56 7.03 -25.61
CM4 SPN GB . 28.97 6.82 -26.99
C10 SPN GB . 30.03 8.22 -25.18
C11 SPN GB . 30.09 9.46 -25.91
C12 SPN GB . 30.53 10.59 -25.35
C13 SPN GB . 30.65 11.90 -26.00
CM5 SPN GB . 30.42 11.98 -27.47
C14 SPN GB . 30.94 12.99 -25.23
C15 SPN GB . 31.11 14.34 -25.66
C16 SPN GB . 31.28 15.37 -24.80
C17 SPN GB . 31.44 16.73 -25.19
C18 SPN GB . 31.54 17.81 -24.38
CM6 SPN GB . 31.45 17.72 -22.89
C19 SPN GB . 31.75 19.13 -24.96
C20 SPN GB . 31.90 20.28 -24.28
C21 SPN GB . 32.10 21.55 -24.92
C22 SPN GB . 32.21 22.75 -24.30
CM7 SPN GB . 32.13 22.89 -22.80
C23 SPN GB . 32.42 24.04 -25.05
C24 SPN GB . 33.70 24.79 -24.66
C25 SPN GB . 34.88 24.32 -25.47
C26 SPN GB . 36.10 24.84 -25.50
CM8 SPN GB . 36.51 26.06 -24.72
C27 SPN GB . 37.18 24.24 -26.36
C28 SPN GB . 38.36 23.69 -25.53
C29 SPN GB . 38.64 22.25 -25.83
C30 SPN GB . 39.79 21.60 -25.74
CM9 SPN GB . 39.93 20.15 -26.08
CMB SPN GB . 41.05 22.26 -25.29
CMA SPN HB . 21.73 16.67 -19.81
O1 SPN HB . 21.21 15.92 -18.72
CM1 SPN HB . 18.99 15.61 -19.41
CM2 SPN HB . 20.09 13.90 -17.94
C1 SPN HB . 20.29 14.88 -19.08
C2 SPN HB . 20.73 14.10 -20.33
O2 SPN HB . 20.27 14.38 -21.42
C3 SPN HB . 21.71 13.02 -20.16
C4 SPN HB . 21.99 12.26 -21.22
C5 SPN HB . 22.90 11.14 -21.31
CM3 SPN HB . 23.68 10.74 -20.09
C6 SPN HB . 23.00 10.48 -22.50
C7 SPN HB . 23.79 9.33 -22.82
C8 SPN HB . 23.73 8.83 -24.06
C9 SPN HB . 24.42 7.68 -24.61
CM4 SPN HB . 25.36 6.93 -23.72
C10 SPN HB . 24.16 7.34 -25.89
C11 SPN HB . 24.68 6.24 -26.63
C12 SPN HB . 24.30 6.00 -27.90
C13 SPN HB . 24.74 4.91 -28.76
CM5 SPN HB . 25.80 3.97 -28.24
C14 SPN HB . 24.15 4.76 -29.97
C15 SPN HB . 24.38 3.72 -30.91
C16 SPN HB . 23.70 3.57 -32.07
C17 SPN HB . 23.99 2.49 -32.95
C18 SPN HB . 23.36 2.15 -34.10
CM6 SPN HB . 22.19 2.91 -34.65
C19 SPN HB . 23.87 1.00 -34.84
C20 SPN HB . 23.35 0.28 -35.87
C21 SPN HB . 22.11 0.43 -36.54
C22 SPN HB . 21.73 -0.38 -37.54
CM7 SPN HB . 20.45 -0.23 -38.30
C23 SPN HB . 22.62 -1.51 -37.99
C24 SPN HB . 21.84 -2.76 -38.41
C25 SPN HB . 22.69 -4.00 -38.40
C26 SPN HB . 22.48 -5.13 -39.07
CM8 SPN HB . 21.30 -5.35 -39.98
C27 SPN HB . 23.43 -6.30 -38.96
C28 SPN HB . 23.00 -7.52 -39.79
C29 SPN HB . 24.17 -8.32 -40.26
C30 SPN HB . 24.26 -9.64 -40.41
CM9 SPN HB . 25.51 -10.32 -40.89
CMB SPN HB . 23.13 -10.57 -40.11
MG BCL IB . 33.27 14.47 -13.71
CHA BCL IB . 31.54 12.13 -15.37
CHB BCL IB . 34.96 12.04 -12.19
CHC BCL IB . 34.18 16.74 -11.36
CHD BCL IB . 30.69 16.77 -14.60
NA BCL IB . 33.29 12.40 -13.83
C1A BCL IB . 32.58 11.63 -14.63
C2A BCL IB . 33.07 10.18 -14.62
C3A BCL IB . 33.90 10.12 -13.34
C4A BCL IB . 34.06 11.60 -13.10
CMA BCL IB . 33.17 9.54 -12.14
CAA BCL IB . 33.90 9.90 -15.88
CBA BCL IB . 35.10 8.99 -15.66
CGA BCL IB . 34.72 7.53 -15.60
O1A BCL IB . 33.64 7.10 -15.88
O2A BCL IB . 35.74 6.78 -15.20
NB BCL IB . 34.52 14.44 -12.07
C1B BCL IB . 35.17 13.31 -11.61
C2B BCL IB . 36.00 13.68 -10.55
C3B BCL IB . 35.88 15.10 -10.38
C4B BCL IB . 34.85 15.50 -11.24
CMB BCL IB . 36.86 12.75 -9.74
CAB BCL IB . 36.69 15.98 -9.51
OBB BCL IB . 36.81 17.17 -9.76
CBB BCL IB . 37.36 15.44 -8.28
NC BCL IB . 32.62 16.42 -13.21
C1C BCL IB . 33.23 17.14 -12.25
C2C BCL IB . 32.77 18.57 -12.22
C3C BCL IB . 31.52 18.57 -13.07
C4C BCL IB . 31.62 17.16 -13.67
CMC BCL IB . 32.54 19.01 -10.77
CAC BCL IB . 31.81 19.67 -14.10
CBC BCL IB . 31.36 21.05 -13.68
ND BCL IB . 31.47 14.48 -14.70
C1D BCL IB . 30.60 15.49 -15.05
C2D BCL IB . 29.61 15.00 -15.94
C3D BCL IB . 29.95 13.67 -16.06
C4D BCL IB . 30.96 13.35 -15.12
CMD BCL IB . 28.50 15.75 -16.59
CAD BCL IB . 29.65 12.47 -16.82
OBD BCL IB . 28.67 12.20 -17.50
CBD BCL IB . 30.86 11.52 -16.60
CGD BCL IB . 30.46 10.04 -16.46
O1D BCL IB . 30.80 9.18 -17.21
O2D BCL IB . 29.69 9.86 -15.41
CED BCL IB . 29.13 8.53 -15.28
C1 BCL IB . 36.38 7.18 -13.95
C2 BCL IB . 37.49 6.28 -13.56
C3 BCL IB . 38.20 5.53 -14.40
C4 BCL IB . 37.97 4.07 -14.61
C5 BCL IB . 39.31 6.14 -15.23
C6 BCL IB . 40.53 6.53 -14.42
C7 BCL IB . 40.72 8.05 -14.35
C8 BCL IB . 40.93 8.76 -15.68
C9 BCL IB . 42.40 8.77 -16.07
C10 BCL IB . 40.35 10.17 -15.65
C11 BCL IB . 38.85 10.29 -15.92
C12 BCL IB . 38.28 11.67 -15.56
C13 BCL IB . 38.91 12.33 -14.34
C14 BCL IB . 38.75 11.47 -13.10
C15 BCL IB . 38.37 13.74 -14.12
C16 BCL IB . 38.78 14.40 -12.81
C17 BCL IB . 39.45 15.75 -12.98
C18 BCL IB . 39.87 16.46 -11.70
C19 BCL IB . 40.52 17.79 -11.94
C20 BCL IB . 40.76 15.57 -10.85
CMA SPN JB . 29.78 14.64 -6.23
O1 SPN JB . 29.11 13.73 -5.34
CM1 SPN JB . 27.16 13.65 -6.64
CM2 SPN JB . 27.60 11.86 -4.94
C1 SPN JB . 28.22 12.79 -5.97
C2 SPN JB . 28.91 11.95 -7.06
O2 SPN JB . 28.80 12.26 -8.23
C3 SPN JB . 29.70 10.78 -6.67
C4 SPN JB . 30.11 9.97 -7.64
C5 SPN JB . 30.90 8.75 -7.52
CM3 SPN JB . 31.34 8.32 -6.16
C6 SPN JB . 31.21 8.08 -8.66
C7 SPN JB . 32.00 6.88 -8.80
C8 SPN JB . 32.20 6.37 -10.03
C9 SPN JB . 32.96 5.18 -10.39
CM4 SPN JB . 33.63 4.40 -9.28
C10 SPN JB . 33.04 4.83 -11.70
C11 SPN JB . 33.72 3.73 -12.29
C12 SPN JB . 33.65 3.47 -13.60
C13 SPN JB . 34.29 2.40 -14.34
CM5 SPN JB . 35.24 1.50 -13.60
C14 SPN JB . 34.01 2.24 -15.66
C15 SPN JB . 34.57 1.29 -16.56
C16 SPN JB . 34.17 1.12 -17.85
C17 SPN JB . 34.78 0.15 -18.71
C18 SPN JB . 34.48 -0.15 -19.99
CM6 SPN JB . 33.35 0.48 -20.75
C19 SPN JB . 35.38 -1.04 -20.70
C20 SPN JB . 35.19 -1.87 -21.76
C21 SPN JB . 34.00 -2.24 -22.44
C22 SPN JB . 34.12 -3.02 -23.54
CM7 SPN JB . 35.53 -3.24 -23.99
C23 SPN JB . 33.06 -3.65 -24.42
C24 SPN JB . 33.60 -4.67 -25.44
C25 SPN JB . 33.97 -6.00 -24.83
C26 SPN JB . 34.44 -7.08 -25.45
CM8 SPN JB . 34.61 -7.18 -26.93
C27 SPN JB . 34.84 -8.32 -24.66
C28 SPN JB . 34.72 -9.62 -25.48
C29 SPN JB . 36.04 -10.32 -25.63
C30 SPN JB . 36.26 -11.58 -25.96
CM9 SPN JB . 37.64 -12.16 -26.08
CMB SPN JB . 35.15 -12.54 -26.26
MG BCL KB . 13.85 16.58 -32.86
CHA BCL KB . 16.45 14.57 -33.65
CHB BCL KB . 11.84 14.35 -34.31
CHC BCL KB . 11.54 19.04 -33.35
CHD BCL KB . 16.23 19.27 -32.83
NA BCL KB . 14.10 14.67 -33.70
C1A BCL KB . 15.22 13.98 -33.88
C2A BCL KB . 14.97 12.55 -34.36
C3A BCL KB . 13.48 12.53 -34.64
C4A BCL KB . 13.12 13.93 -34.20
CMA BCL KB . 13.11 12.47 -36.12
CAA BCL KB . 15.38 11.48 -33.34
CBA BCL KB . 15.34 10.05 -33.89
CGA BCL KB . 15.36 8.99 -32.84
O1A BCL KB . 15.57 9.18 -31.67
O2A BCL KB . 15.12 7.78 -33.35
NB BCL KB . 11.90 16.64 -33.50
C1B BCL KB . 11.19 15.55 -33.99
C2B BCL KB . 9.84 15.90 -34.08
C3B BCL KB . 9.73 17.28 -33.72
C4B BCL KB . 11.03 17.74 -33.51
CMB BCL KB . 8.73 14.98 -34.47
CAB BCL KB . 8.49 18.10 -33.61
OBB BCL KB . 8.57 19.29 -33.37
CBB BCL KB . 7.14 17.48 -33.79
NC BCL KB . 13.90 18.71 -32.84
C1C BCL KB . 12.78 19.44 -32.95
C2C BCL KB . 13.00 20.88 -32.58
C3C BCL KB . 14.50 21.05 -32.61
C4C BCL KB . 14.90 19.58 -32.77
CMC BCL KB . 12.24 21.80 -33.53
CAC BCL KB . 14.81 21.56 -31.19
CBC BCL KB . 15.64 22.82 -31.17
ND BCL KB . 15.86 16.88 -33.07
C1D BCL KB . 16.68 17.98 -32.89
C2D BCL KB . 18.02 17.57 -32.73
C3D BCL KB . 17.97 16.24 -33.07
C4D BCL KB . 16.64 15.92 -33.51
CMD BCL KB . 19.21 18.37 -32.31
CAD BCL KB . 18.77 15.04 -33.12
OBD BCL KB . 19.96 14.89 -32.94
CBD BCL KB . 17.80 13.86 -33.46
CGD BCL KB . 18.32 13.13 -34.69
O1D BCL KB . 18.26 13.56 -35.82
O2D BCL KB . 18.87 11.97 -34.36
CED BCL KB . 19.44 11.21 -35.45
C1 BCL KB . 15.36 6.64 -32.47
C2 BCL KB . 14.19 5.74 -32.39
C3 BCL KB . 14.21 4.43 -32.62
C4 BCL KB . 15.46 3.60 -32.58
C5 BCL KB . 12.94 3.66 -32.92
C6 BCL KB . 12.70 3.44 -34.39
C7 BCL KB . 11.57 2.45 -34.67
C8 BCL KB . 11.49 1.88 -36.08
C9 BCL KB . 10.11 2.06 -36.70
C10 BCL KB . 11.92 0.41 -36.10
C11 BCL KB . 12.83 -0.02 -37.25
C12 BCL KB . 12.18 -0.97 -38.24
C13 BCL KB . 13.05 -2.10 -38.78
C14 BCL KB . 13.22 -3.22 -37.76
C15 BCL KB . 14.39 -1.57 -39.28
C16 BCL KB . 14.56 -1.50 -40.78
C17 BCL KB . 15.39 -0.29 -41.23
C18 BCL KB . 16.71 -0.60 -41.90
C19 BCL KB . 17.75 -1.11 -40.93
C20 BCL KB . 17.25 0.58 -42.68
CMA SPN LB . 15.98 -1.49 -33.72
O1 SPN LB . 17.38 -1.60 -33.51
CM1 SPN LB . 19.60 -1.50 -34.22
CM2 SPN LB . 17.77 -1.45 -35.92
C1 SPN LB . 18.19 -1.01 -34.54
C2 SPN LB . 18.19 0.52 -34.49
O2 SPN LB . 18.85 1.12 -33.65
C3 SPN LB . 17.38 1.24 -35.48
C4 SPN LB . 17.39 2.57 -35.57
C5 SPN LB . 16.62 3.39 -36.49
CM3 SPN LB . 15.71 2.69 -37.45
C6 SPN LB . 16.78 4.74 -36.45
C7 SPN LB . 16.13 5.72 -37.27
C8 SPN LB . 16.40 7.04 -37.18
C9 SPN LB . 15.81 8.11 -37.97
CM4 SPN LB . 14.75 7.75 -38.96
C10 SPN LB . 16.28 9.37 -37.81
C11 SPN LB . 15.88 10.55 -38.51
C12 SPN LB . 16.31 11.78 -38.18
C13 SPN LB . 15.98 13.04 -38.83
CM5 SPN LB . 15.29 12.99 -40.16
C14 SPN LB . 16.30 14.21 -38.21
C15 SPN LB . 16.10 15.54 -38.68
C16 SPN LB . 16.39 16.63 -37.93
C17 SPN LB . 16.21 17.97 -38.36
C18 SPN LB . 16.46 19.11 -37.66
CM6 SPN LB . 16.95 19.09 -36.24
C19 SPN LB . 16.29 20.40 -38.29
C20 SPN LB . 16.56 21.60 -37.75
C21 SPN LB . 16.35 22.84 -38.43
C22 SPN LB . 16.58 24.07 -37.97
CM7 SPN LB . 17.10 24.33 -36.57
C23 SPN LB . 16.31 25.31 -38.80
C24 SPN LB . 17.43 26.36 -38.69
C25 SPN LB . 18.36 26.27 -39.86
C26 SPN LB . 19.33 27.11 -40.21
CM8 SPN LB . 19.65 28.37 -39.43
C27 SPN LB . 20.19 26.87 -41.42
C28 SPN LB . 21.63 26.48 -41.07
C29 SPN LB . 21.90 25.02 -41.35
C30 SPN LB . 22.99 24.47 -41.84
CM9 SPN LB . 23.13 22.99 -42.07
CMB SPN LB . 24.21 25.27 -42.22
CMA SPN MB . 8.70 17.23 -30.23
O1 SPN MB . 8.98 16.37 -29.13
CM1 SPN MB . 6.77 15.64 -28.84
CM2 SPN MB . 8.66 14.27 -27.93
C1 SPN MB . 8.20 15.17 -29.06
C2 SPN MB . 8.23 14.36 -30.37
O2 SPN MB . 7.33 14.48 -31.20
C3 SPN MB . 9.34 13.44 -30.61
C4 SPN MB . 9.24 12.57 -31.59
C5 SPN MB . 10.22 11.57 -32.02
CM3 SPN MB . 11.48 11.43 -31.22
C6 SPN MB . 9.95 10.82 -33.12
C7 SPN MB . 10.74 9.79 -33.72
C8 SPN MB . 10.31 9.19 -34.84
C9 SPN MB . 10.95 8.13 -35.61
CM4 SPN MB . 12.27 7.58 -35.11
C10 SPN MB . 10.33 7.68 -36.72
C11 SPN MB . 10.73 6.64 -37.60
C12 SPN MB . 9.97 6.27 -38.65
C13 SPN MB . 10.25 5.22 -39.62
CM5 SPN MB . 11.57 4.51 -39.54
C14 SPN MB . 9.29 4.91 -40.54
C15 SPN MB . 9.35 3.89 -41.53
C16 SPN MB . 8.34 3.58 -42.39
C17 SPN MB . 8.49 2.55 -43.36
C18 SPN MB . 7.58 2.09 -44.25
CM6 SPN MB . 6.19 2.66 -44.38
C19 SPN MB . 7.98 1.00 -45.14
C20 SPN MB . 7.27 0.20 -45.98
C21 SPN MB . 5.87 0.18 -46.25
C22 SPN MB . 5.33 -0.67 -47.14
CM7 SPN MB . 3.87 -0.72 -47.48
C23 SPN MB . 6.20 -1.66 -47.87
C24 SPN MB . 5.49 -2.99 -48.18
C25 SPN MB . 6.45 -4.14 -48.28
C26 SPN MB . 6.28 -5.29 -48.92
CM8 SPN MB . 5.02 -5.64 -49.66
C27 SPN MB . 7.35 -6.35 -48.93
C28 SPN MB . 6.87 -7.69 -49.52
C29 SPN MB . 7.97 -8.45 -50.20
C30 SPN MB . 8.05 -9.75 -50.42
CM9 SPN MB . 6.97 -10.71 -50.02
CMB SPN MB . 9.22 -10.39 -51.10
MG BCL NB . 22.16 16.69 -28.23
CHA BCL NB . 20.29 14.08 -29.13
CHB BCL NB . 24.42 14.54 -27.08
CHC BCL NB . 23.56 19.23 -26.47
CHD BCL NB . 19.15 18.62 -28.16
NA BCL NB . 22.40 14.63 -28.32
C1A BCL NB . 21.58 13.72 -28.81
C2A BCL NB . 22.24 12.36 -29.00
C3A BCL NB . 23.50 12.49 -28.14
C4A BCL NB . 23.45 13.97 -27.83
CMA BCL NB . 23.42 11.78 -26.79
CAA BCL NB . 22.55 12.09 -30.47
CBA BCL NB . 23.70 11.12 -30.72
CGA BCL NB . 23.39 9.71 -30.33
O1A BCL NB . 22.38 9.12 -30.62
O2A BCL NB . 24.36 9.19 -29.58
NB BCL NB . 23.87 16.91 -27.12
C1B BCL NB . 24.75 15.89 -26.84
C2B BCL NB . 25.92 16.45 -26.28
C3B BCL NB . 25.67 17.83 -26.06
C4B BCL NB . 24.36 18.08 -26.52
CMB BCL NB . 27.19 15.70 -25.99
CAB BCL NB . 26.56 18.83 -25.46
OBB BCL NB . 26.40 20.01 -25.70
CBB BCL NB . 27.68 18.41 -24.56
NC BCL NB . 21.47 18.57 -27.56
C1C BCL NB . 22.30 19.44 -26.92
C2C BCL NB . 21.66 20.80 -26.72
C3C BCL NB . 20.20 20.56 -27.02
C4C BCL NB . 20.28 19.17 -27.63
CMC BCL NB . 21.92 21.29 -25.30
CAC BCL NB . 19.87 21.64 -28.07
CBC BCL NB . 19.54 22.98 -27.48
ND BCL NB . 20.15 16.43 -28.51
C1D BCL NB . 19.07 17.30 -28.54
C2D BCL NB . 17.93 16.65 -29.02
C3D BCL NB . 18.36 15.35 -29.20
C4D BCL NB . 19.68 15.22 -28.68
CMD BCL NB . 16.57 17.23 -29.27
CAD BCL NB . 17.97 14.08 -29.76
OBD BCL NB . 16.86 13.63 -29.97
CBD BCL NB . 19.30 13.35 -30.05
CGD BCL NB . 19.23 11.83 -29.95
O1D BCL NB . 19.45 11.07 -30.85
O2D BCL NB . 18.88 11.43 -28.73
CED BCL NB . 18.80 10.00 -28.54
C1 BCL NB . 25.72 9.40 -30.07
C2 BCL NB . 26.47 8.12 -30.18
C3 BCL NB . 27.74 8.03 -30.55
C4 BCL NB . 28.37 6.78 -31.09
C5 BCL NB . 28.66 9.22 -30.43
C6 BCL NB . 29.74 9.25 -31.49
C7 BCL NB . 30.27 10.65 -31.76
C8 BCL NB . 29.52 11.46 -32.83
C9 BCL NB . 30.44 12.47 -33.50
C10 BCL NB . 28.26 12.12 -32.27
C11 BCL NB . 28.44 12.98 -31.03
C12 BCL NB . 28.10 14.44 -31.25
C13 BCL NB . 26.76 14.92 -30.67
C14 BCL NB . 25.82 15.40 -31.76
C15 BCL NB . 26.95 15.96 -29.58
C16 BCL NB . 27.54 17.31 -30.00
C17 BCL NB . 28.62 17.82 -29.04
C18 BCL NB . 28.45 19.25 -28.58
C19 BCL NB . 27.50 20.03 -29.46
C20 BCL NB . 29.78 19.98 -28.47
MG BCL OB . -2.48 15.61 -40.23
CHA BCL OB . 0.03 13.88 -41.70
CHB BCL OB . -4.52 13.18 -41.27
CHC BCL OB . -5.12 17.74 -40.15
CHD BCL OB . -0.52 18.56 -40.82
NA BCL OB . -2.23 13.72 -41.12
C1A BCL OB . -1.12 13.15 -41.59
C2A BCL OB . -1.31 11.68 -41.96
C3A BCL OB . -2.81 11.44 -41.72
C4A BCL OB . -3.21 12.85 -41.35
CMA BCL OB . -3.61 11.12 -42.97
CAA BCL OB . -0.42 10.77 -41.09
CBA BCL OB . -1.05 9.42 -40.75
CGA BCL OB . -0.13 8.26 -41.01
O1A BCL OB . 0.54 8.13 -41.98
O2A BCL OB . -0.16 7.38 -40.00
NB BCL OB . -4.51 15.40 -40.32
C1B BCL OB . -5.17 14.24 -40.63
C2B BCL OB . -6.51 14.37 -40.20
C3B BCL OB . -6.71 15.74 -39.86
C4B BCL OB . -5.48 16.38 -40.10
CMB BCL OB . -7.52 13.26 -40.13
CAB BCL OB . -7.94 16.39 -39.34
OBB BCL OB . -7.95 17.60 -39.15
CBB BCL OB . -9.17 15.60 -39.04
NC BCL OB . -2.69 17.70 -40.22
C1C BCL OB . -3.89 18.29 -40.02
C2C BCL OB . -3.76 19.74 -39.64
C3C BCL OB . -2.36 20.11 -40.15
C4C BCL OB . -1.82 18.69 -40.40
CMC BCL OB . -4.89 20.54 -40.27
CAC BCL OB . -1.71 20.73 -38.90
CBC BCL OB . -1.04 22.06 -39.18
ND BCL OB . -0.65 16.14 -40.98
C1D BCL OB . 0.04 17.33 -41.04
C2D BCL OB . 1.40 17.10 -41.33
C3D BCL OB . 1.42 15.75 -41.61
C4D BCL OB . 0.10 15.25 -41.59
CMD BCL OB . 2.54 18.06 -41.33
CAD BCL OB . 2.33 14.66 -41.91
OBD BCL OB . 3.53 14.68 -42.11
CBD BCL OB . 1.46 13.36 -41.93
CGD BCL OB . 1.63 12.65 -43.27
O1D BCL OB . 1.31 13.11 -44.34
O2D BCL OB . 2.20 11.46 -43.11
CED BCL OB . 2.82 10.89 -44.29
C1 BCL OB . 0.35 6.05 -40.30
C2 BCL OB . -0.42 4.98 -39.62
C3 BCL OB . -0.43 3.70 -39.98
C4 BCL OB . 0.77 2.98 -40.52
C5 BCL OB . -1.68 2.87 -39.86
C6 BCL OB . -2.13 2.26 -41.18
C7 BCL OB . -3.59 1.83 -41.18
C8 BCL OB . -3.98 0.84 -42.28
C9 BCL OB . -5.50 0.72 -42.42
C10 BCL OB . -3.34 -0.53 -42.04
C11 BCL OB . -2.47 -1.03 -43.18
C12 BCL OB . -3.26 -1.31 -44.46
C13 BCL OB . -3.28 -2.77 -44.90
C14 BCL OB . -3.19 -3.71 -43.71
C15 BCL OB . -2.18 -3.06 -45.91
C16 BCL OB . -2.06 -2.07 -47.07
C17 BCL OB . -1.99 -2.74 -48.44
C18 BCL OB . -1.09 -2.07 -49.47
C19 BCL OB . 0.38 -2.35 -49.22
C20 BCL OB . -1.33 -0.59 -49.58
MG BCL PB . 6.78 16.76 -38.26
CHA BCL PB . 5.08 13.95 -38.64
CHB BCL PB . 9.50 14.93 -37.77
CHC BCL PB . 8.34 19.56 -37.15
CHD BCL PB . 3.74 18.30 -37.22
NA BCL PB . 7.24 14.77 -38.44
C1A BCL PB . 6.43 13.77 -38.71
C2A BCL PB . 7.17 12.49 -39.12
C3A BCL PB . 8.61 12.79 -38.68
C4A BCL PB . 8.44 14.24 -38.29
CMA BCL PB . 9.04 12.07 -37.41
CAA BCL PB . 7.03 12.24 -40.63
CBA BCL PB . 8.16 11.44 -41.27
CGA BCL PB . 8.26 10.03 -40.75
O1A BCL PB . 7.44 9.48 -40.08
O2A BCL PB . 9.41 9.46 -41.14
NB BCL PB . 8.72 17.22 -37.74
C1B BCL PB . 9.75 16.32 -37.69
C2B BCL PB . 10.96 17.01 -37.53
C3B BCL PB . 10.62 18.38 -37.29
C4B BCL PB . 9.22 18.47 -37.37
CMB BCL PB . 12.32 16.41 -37.58
CAB BCL PB . 11.56 19.50 -37.01
OBB BCL PB . 11.23 20.64 -37.29
CBB BCL PB . 12.89 19.25 -36.38
NC BCL PB . 6.11 18.58 -37.44
C1C BCL PB . 6.98 19.57 -37.11
C2C BCL PB . 6.28 20.84 -36.70
C3C BCL PB . 4.81 20.44 -36.55
C4C BCL PB . 4.89 19.02 -37.12
CMC BCL PB . 6.91 21.40 -35.42
CAC BCL PB . 4.09 21.38 -37.54
CBC BCL PB . 3.56 22.64 -36.87
ND BCL PB . 4.83 16.26 -37.94
C1D BCL PB . 3.71 17.00 -37.61
C2D BCL PB . 2.55 16.19 -37.75
C3D BCL PB . 3.05 14.96 -38.11
C4D BCL PB . 4.48 15.01 -38.02
CMD BCL PB . 1.12 16.59 -37.54
CAD BCL PB . 2.68 13.64 -38.55
OBD BCL PB . 1.61 13.06 -38.45
CBD BCL PB . 3.96 13.06 -39.22
CGD BCL PB . 4.18 11.56 -39.05
O1D BCL PB . 4.38 10.79 -39.95
O2D BCL PB . 4.12 11.20 -37.77
CED BCL PB . 4.23 9.78 -37.52
C1 BCL PB . 10.62 10.13 -40.70
C2 BCL PB . 11.79 9.22 -40.69
C3 BCL PB . 12.37 8.74 -41.80
C4 BCL PB . 11.92 7.48 -42.49
C5 BCL PB . 13.53 9.45 -42.44
C6 BCL PB . 13.28 9.86 -43.88
C7 BCL PB . 13.92 11.18 -44.24
C8 BCL PB . 12.97 12.30 -44.68
C9 BCL PB . 13.66 13.31 -45.58
C10 BCL PB . 12.32 12.97 -43.47
C11 BCL PB . 10.89 13.47 -43.67
C12 BCL PB . 10.77 14.99 -43.58
C13 BCL PB . 10.73 15.57 -42.17
C14 BCL PB . 9.55 15.02 -41.37
C15 BCL PB . 10.71 17.10 -42.21
C16 BCL PB . 11.15 17.82 -40.95
C17 BCL PB . 12.43 18.61 -41.14
C18 BCL PB . 12.27 20.12 -41.22
C19 BCL PB . 13.43 20.86 -40.57
C20 BCL PB . 10.95 20.55 -40.61
CMA SPN QB . 1.00 -1.99 -41.59
O1 SPN QB . 2.33 -2.30 -42.01
CM1 SPN QB . 4.18 -2.14 -43.44
CM2 SPN QB . 1.88 -2.20 -44.40
C1 SPN QB . 2.74 -1.70 -43.25
C2 SPN QB . 2.71 -0.17 -43.24
O2 SPN QB . 3.54 0.46 -42.61
C3 SPN QB . 1.64 0.50 -43.99
C4 SPN QB . 1.39 1.80 -43.87
C5 SPN QB . 0.37 2.56 -44.57
CM3 SPN QB . -0.59 1.80 -45.45
C6 SPN QB . 0.35 3.91 -44.46
C7 SPN QB . -0.53 4.82 -45.13
C8 SPN QB . -0.46 6.16 -44.98
C9 SPN QB . -1.29 7.16 -45.64
CM4 SPN QB . -2.41 6.66 -46.52
C10 SPN QB . -1.01 8.47 -45.49
C11 SPN QB . -1.65 9.60 -46.11
C12 SPN QB . -1.31 10.87 -45.84
C13 SPN QB . -1.89 12.06 -46.43
CM5 SPN QB . -2.84 11.91 -47.59
C14 SPN QB . -1.55 13.28 -45.91
C15 SPN QB . -1.97 14.57 -46.36
C16 SPN QB . -1.59 15.71 -45.74
C17 SPN QB . -1.96 17.03 -46.14
C18 SPN QB . -1.66 18.20 -45.52
CM6 SPN QB . -0.86 18.26 -44.25
C19 SPN QB . -2.11 19.46 -46.10
C20 SPN QB . -1.90 20.68 -45.61
C21 SPN QB . -2.38 21.89 -46.22
C22 SPN QB . -2.24 23.14 -45.79
CM7 SPN QB . -1.54 23.50 -44.51
C23 SPN QB . -2.80 24.31 -46.56
C24 SPN QB . -1.77 25.39 -46.91
C25 SPN QB . -1.23 25.21 -48.29
C26 SPN QB . -0.59 26.11 -49.04
CM8 SPN QB . -0.31 27.52 -48.60
C27 SPN QB . -0.11 25.76 -50.43
C28 SPN QB . 1.42 25.73 -50.57
C29 SPN QB . 1.96 24.32 -50.56
C30 SPN QB . 2.89 23.81 -51.35
CM9 SPN QB . 3.33 22.37 -51.23
CMB SPN QB . 3.59 24.58 -52.42
MG BCL RB . -19.96 12.40 -42.08
CHA BCL RB . -17.88 10.97 -44.30
CHB BCL RB . -21.81 9.61 -42.23
CHC BCL RB . -22.76 14.15 -41.24
CHD BCL RB . -18.82 15.55 -43.38
NA BCL RB . -19.74 10.52 -42.96
C1A BCL RB . -18.80 10.10 -43.78
C2A BCL RB . -18.85 8.59 -44.06
C3A BCL RB . -20.15 8.15 -43.34
C4A BCL RB . -20.59 9.50 -42.81
CMA BCL RB . -21.26 7.72 -44.29
CAA BCL RB . -17.60 7.89 -43.51
CBA BCL RB . -17.86 6.53 -42.86
CGA BCL RB . -17.06 5.43 -43.49
O1A BCL RB . -16.96 5.24 -44.67
O2A BCL RB . -16.46 4.66 -42.57
NB BCL RB . -21.86 11.92 -41.48
C1B BCL RB . -22.41 10.66 -41.50
C2B BCL RB . -23.59 10.66 -40.73
C3B BCL RB . -23.78 12.00 -40.29
C4B BCL RB . -22.84 12.77 -40.99
CMB BCL RB . -24.46 9.48 -40.45
CAB BCL RB . -24.78 12.49 -39.31
OBB BCL RB . -25.14 13.67 -39.33
CBB BCL RB . -25.37 11.57 -38.29
NC BCL RB . -20.48 14.46 -42.05
C1C BCL RB . -21.64 14.88 -41.51
C2C BCL RB . -21.62 16.36 -41.20
C3C BCL RB . -20.46 16.89 -42.02
C4C BCL RB . -19.87 15.55 -42.51
CMC BCL RB . -22.98 16.96 -41.55
CAC BCL RB . -19.55 17.52 -40.95
CBC BCL RB . -19.52 19.03 -41.02
ND BCL RB . -18.62 13.13 -43.43
C1D BCL RB . -18.17 14.41 -43.73
C2D BCL RB . -16.94 14.34 -44.45
C3D BCL RB . -16.83 13.00 -44.71
C4D BCL RB . -18.01 12.32 -44.27
CMD BCL RB . -16.00 15.44 -44.81
CAD BCL RB . -15.93 12.01 -45.29
OBD BCL RB . -14.89 12.17 -45.90
CBD BCL RB . -16.56 10.61 -45.00
CGD BCL RB . -16.79 9.83 -46.28
O1D BCL RB . -17.43 10.22 -47.22
O2D BCL RB . -16.17 8.64 -46.24
CED BCL RB . -15.78 8.09 -47.51
C1 BCL RB . -15.89 3.41 -43.06
C2 BCL RB . -16.26 2.25 -42.21
C3 BCL RB . -16.24 0.98 -42.61
C4 BCL RB . -15.24 0.43 -43.59
C5 BCL RB . -17.26 -0.01 -42.09
C6 BCL RB . -17.97 -0.78 -43.20
C7 BCL RB . -19.34 -1.31 -42.75
C8 BCL RB . -19.93 -2.44 -43.58
C9 BCL RB . -21.41 -2.65 -43.26
C10 BCL RB . -19.14 -3.73 -43.42
C11 BCL RB . -18.35 -4.19 -44.64
C12 BCL RB . -19.24 -4.69 -45.78
C13 BCL RB . -19.28 -6.22 -45.95
C14 BCL RB . -18.45 -6.92 -44.89
C15 BCL RB . -18.88 -6.63 -47.36
C16 BCL RB . -18.79 -5.51 -48.39
C17 BCL RB . -19.73 -5.69 -49.57
C18 BCL RB . -19.12 -5.47 -50.95
C19 BCL RB . -17.63 -5.21 -50.90
C20 BCL RB . -19.83 -4.36 -51.71
CMA SPN SB . -6.55 15.77 -35.89
O1 SPN SB . -5.82 14.87 -35.05
CM1 SPN SB . -7.80 14.02 -34.12
CM2 SPN SB . -5.65 12.78 -33.83
C1 SPN SB . -6.48 13.63 -34.77
C2 SPN SB . -6.79 12.82 -36.03
O2 SPN SB . -7.86 12.90 -36.59
C3 SPN SB . -5.73 11.93 -36.54
C4 SPN SB . -5.99 11.14 -37.58
C5 SPN SB . -5.08 10.21 -38.21
CM3 SPN SB . -3.67 10.14 -37.71
C6 SPN SB . -5.54 9.44 -39.23
C7 SPN SB . -4.84 8.45 -39.98
C8 SPN SB . -5.45 7.81 -40.99
C9 SPN SB . -4.92 6.78 -41.86
CM4 SPN SB . -3.51 6.30 -41.63
C10 SPN SB . -5.74 6.24 -42.81
C11 SPN SB . -5.47 5.18 -43.72
C12 SPN SB . -6.41 4.74 -44.56
C13 SPN SB . -6.31 3.66 -45.53
CM5 SPN SB . -4.97 3.02 -45.74
C14 SPN SB . -7.45 3.25 -46.15
C15 SPN SB . -7.59 2.15 -47.06
C16 SPN SB . -8.80 1.78 -47.54
C17 SPN SB . -9.02 0.70 -48.44
C18 SPN SB . -10.21 0.22 -48.88
CM6 SPN SB . -11.53 0.78 -48.45
C19 SPN SB . -10.22 -0.94 -49.76
C20 SPN SB . -11.30 -1.61 -50.18
C21 SPN SB . -11.24 -2.74 -51.06
C22 SPN SB . -12.25 -3.45 -51.55
CM7 SPN SB . -13.69 -3.16 -51.19
C23 SPN SB . -12.05 -4.60 -52.50
C24 SPN SB . -12.31 -5.97 -51.86
C25 SPN SB . -11.36 -7.01 -52.34
C26 SPN SB . -11.64 -8.11 -53.03
CM8 SPN SB . -13.02 -8.50 -53.47
C27 SPN SB . -10.54 -9.08 -53.43
C28 SPN SB . -10.92 -10.04 -54.58
C29 SPN SB . -10.76 -11.47 -54.18
C30 SPN SB . -10.12 -12.43 -54.84
CM9 SPN SB . -9.43 -12.21 -56.14
CMB SPN SB . -10.04 -13.85 -54.32
MG BCL TB . -10.78 14.58 -43.27
CHA BCL TB . -12.11 11.54 -43.09
CHB BCL TB . -7.80 13.18 -43.69
CHC BCL TB . -9.36 17.57 -42.58
CHD BCL TB . -13.67 15.78 -41.55
NA BCL TB . -10.12 12.67 -43.56
C1A BCL TB . -10.83 11.56 -43.60
C2A BCL TB . -10.06 10.40 -44.26
C3A BCL TB . -8.60 10.85 -44.03
C4A BCL TB . -8.86 12.31 -43.75
CMA BCL TB . -7.96 10.30 -42.77
CAA BCL TB . -10.39 10.30 -45.75
CBA BCL TB . -10.39 8.89 -46.33
CGA BCL TB . -9.16 8.10 -46.00
O1A BCL TB . -9.07 7.32 -45.08
O2A BCL TB . -8.16 8.36 -46.84
NB BCL TB . -8.87 15.33 -43.36
C1B BCL TB . -7.77 14.59 -43.69
C2B BCL TB . -6.71 15.46 -43.96
C3B BCL TB . -7.14 16.78 -43.58
C4B BCL TB . -8.47 16.64 -43.14
CMB BCL TB . -5.38 15.09 -44.54
CAB BCL TB . -6.36 18.02 -43.61
OBB BCL TB . -6.93 19.09 -43.76
CBB BCL TB . -4.87 18.01 -43.48
NC BCL TB . -11.45 16.31 -42.30
C1C BCL TB . -10.67 17.42 -42.24
C2C BCL TB . -11.42 18.61 -41.69
C3C BCL TB . -12.62 17.98 -41.00
C4C BCL TB . -12.58 16.61 -41.66
CMC BCL TB . -10.51 19.39 -40.75
CAC BCL TB . -13.79 18.82 -41.53
CBC BCL TB . -13.94 20.15 -40.81
ND BCL TB . -12.48 13.85 -42.39
C1D BCL TB . -13.57 14.44 -41.81
C2D BCL TB . -14.57 13.47 -41.53
C3D BCL TB . -14.01 12.31 -42.00
C4D BCL TB . -12.65 12.55 -42.34
CMD BCL TB . -15.91 13.68 -40.89
CAD BCL TB . -14.30 10.92 -42.27
OBD BCL TB . -15.19 10.22 -41.85
CBD BCL TB . -13.19 10.46 -43.27
CGD BCL TB . -12.72 9.05 -42.89
O1D BCL TB . -12.60 8.14 -43.66
O2D BCL TB . -12.46 8.98 -41.59
CED BCL TB . -12.00 7.69 -41.12
C1 BCL TB . -6.83 8.02 -46.37
C2 BCL TB . -5.80 8.15 -47.43
C3 BCL TB . -5.72 7.35 -48.49
C4 BCL TB . -6.23 5.93 -48.51
C5 BCL TB . -5.10 7.83 -49.78
C6 BCL TB . -5.38 9.29 -50.08
C7 BCL TB . -6.21 9.49 -51.34
C8 BCL TB . -6.39 10.94 -51.80
C9 BCL TB . -5.49 11.27 -52.97
C10 BCL TB . -6.17 11.90 -50.63
C11 BCL TB . -7.25 12.95 -50.43
C12 BCL TB . -8.06 12.75 -49.15
C13 BCL TB . -7.84 13.80 -48.06
C14 BCL TB . -8.72 13.52 -46.84
C15 BCL TB . -8.04 15.22 -48.59
C16 BCL TB . -8.39 16.27 -47.55
C17 BCL TB . -7.19 17.12 -47.12
C18 BCL TB . -6.85 18.29 -48.02
C19 BCL TB . -5.50 18.11 -48.68
C20 BCL TB . -6.91 19.62 -47.28
CMA SPN UB . -14.73 -4.55 -44.36
O1 SPN UB . -13.61 -4.57 -45.24
CM1 SPN UB . -12.57 -4.33 -47.32
CM2 SPN UB . -15.03 -4.77 -47.20
C1 SPN UB . -13.85 -4.06 -46.56
C2 SPN UB . -14.12 -2.54 -46.58
O2 SPN UB . -13.24 -1.76 -46.28
C3 SPN UB . -15.46 -2.09 -46.97
C4 SPN UB . -15.83 -0.82 -46.79
C5 SPN UB . -17.12 -0.23 -47.14
CM3 SPN UB . -18.19 -1.15 -47.67
C6 SPN UB . -17.28 1.11 -47.03
C7 SPN UB . -18.43 1.88 -47.42
C8 SPN UB . -18.48 3.22 -47.32
C9 SPN UB . -19.59 4.07 -47.70
CM4 SPN UB . -20.82 3.43 -48.27
C10 SPN UB . -19.46 5.43 -47.59
C11 SPN UB . -20.40 6.44 -47.98
C12 SPN UB . -20.17 7.75 -47.82
C13 SPN UB . -21.05 8.84 -48.19
CM5 SPN UB . -22.30 8.51 -48.96
C14 SPN UB . -20.70 10.11 -47.85
C15 SPN UB . -21.41 11.32 -48.15
C16 SPN UB . -20.99 12.53 -47.71
C17 SPN UB . -21.65 13.76 -47.99
C18 SPN UB . -21.31 15.00 -47.55
CM6 SPN UB . -20.13 15.25 -46.65
C19 SPN UB . -22.13 16.14 -47.92
C20 SPN UB . -21.99 17.41 -47.49
C21 SPN UB . -22.83 18.47 -47.90
C22 SPN UB . -22.77 19.74 -47.48
CM7 SPN UB . -21.78 20.20 -46.45
C23 SPN UB . -23.72 20.82 -47.98
C24 SPN UB . -23.01 21.89 -48.83
C25 SPN UB . -22.88 21.45 -50.26
C26 SPN UB . -22.48 22.18 -51.30
CM8 SPN UB . -22.07 23.62 -51.20
C27 SPN UB . -22.41 21.59 -52.69
C28 SPN UB . -21.23 22.12 -53.52
C29 SPN UB . -20.36 21.00 -54.03
C30 SPN UB . -19.70 20.94 -55.17
CM9 SPN UB . -18.86 19.76 -55.56
CMB SPN UB . -19.74 22.04 -56.18
MG BCL VB . -36.64 7.06 -38.13
CHA BCL VB . -34.86 5.67 -40.59
CHB BCL VB . -38.55 4.36 -38.24
CHC BCL VB . -38.75 8.65 -36.08
CHD BCL VB . -35.95 10.21 -39.64
NA BCL VB . -36.48 5.22 -38.97
C1A BCL VB . -35.59 4.79 -39.84
C2A BCL VB . -35.49 3.26 -39.86
C3A BCL VB . -36.81 2.84 -39.18
C4A BCL VB . -37.31 4.20 -38.77
CMA BCL VB . -37.86 2.31 -40.14
CAA BCL VB . -34.25 2.77 -39.09
CBA BCL VB . -34.28 1.27 -38.76
CGA BCL VB . -33.70 0.43 -39.85
O1A BCL VB . -33.96 0.54 -41.02
O2A BCL VB . -32.82 -0.46 -39.38
NB BCL VB . -38.37 6.52 -37.17
C1B BCL VB . -39.01 5.31 -37.32
C2B BCL VB . -40.11 5.28 -36.44
C3B BCL VB . -40.13 6.51 -35.73
C4B BCL VB . -39.11 7.30 -36.29
CMB BCL VB . -41.08 4.15 -36.30
CAB BCL VB . -41.02 6.87 -34.64
OBB BCL VB . -41.95 7.65 -34.83
CBB BCL VB . -40.81 6.31 -33.27
NC BCL VB . -37.17 9.06 -37.91
C1C BCL VB . -38.03 9.45 -36.93
C2C BCL VB . -38.15 10.94 -36.82
C3C BCL VB . -37.50 11.46 -38.10
C4C BCL VB . -36.83 10.16 -38.58
CMC BCL VB . -39.61 11.34 -36.64
CAC BCL VB . -36.44 12.44 -37.56
CBC BCL VB . -36.69 13.87 -37.96
ND BCL VB . -35.55 7.82 -39.69
C1D BCL VB . -35.43 9.08 -40.21
C2D BCL VB . -34.70 9.03 -41.43
C3D BCL VB . -34.37 7.71 -41.54
C4D BCL VB . -34.80 7.01 -40.38
CMD BCL VB . -34.39 10.16 -42.37
CAD BCL VB . -33.70 6.75 -42.42
OBD BCL VB . -33.08 6.95 -43.45
CBD BCL VB . -33.96 5.34 -41.80
CGD BCL VB . -34.72 4.46 -42.80
O1D BCL VB . -35.73 4.77 -43.35
O2D BCL VB . -34.08 3.31 -42.98
CED BCL VB . -33.91 2.90 -44.36
C1 BCL VB . -31.76 -0.84 -40.28
C2 BCL VB . -31.38 -2.27 -40.10
C3 BCL VB . -32.26 -3.24 -39.89
C4 BCL VB . -33.64 -3.24 -40.48
C5 BCL VB . -31.92 -4.42 -39.02
C6 BCL VB . -32.99 -4.71 -37.96
C7 BCL VB . -32.66 -5.93 -37.10
C8 BCL VB . -33.84 -6.51 -36.33
C9 BCL VB . -35.17 -6.19 -37.00
C10 BCL VB . -33.83 -6.05 -34.87
C11 BCL VB . -33.96 -7.14 -33.82
C12 BCL VB . -35.30 -7.86 -33.87
C13 BCL VB . -35.26 -9.36 -33.64
C14 BCL VB . -34.59 -9.71 -32.31
C15 BCL VB . -34.58 -10.08 -34.81
C16 BCL VB . -35.51 -10.83 -35.76
C17 BCL VB . -35.42 -10.34 -37.20
C18 BCL VB . -36.39 -11.00 -38.18
C19 BCL VB . -36.38 -12.51 -38.06
C20 BCL VB . -36.12 -10.57 -39.61
MG BCL WB . -28.50 10.42 -42.21
CHA BCL WB . -29.43 7.33 -41.50
CHB BCL WB . -25.70 9.20 -43.50
CHC BCL WB . -27.15 13.53 -42.14
CHD BCL WB . -30.72 11.53 -39.67
NA BCL WB . -27.82 8.56 -42.66
C1A BCL WB . -28.40 7.40 -42.40
C2A BCL WB . -27.80 6.25 -43.22
C3A BCL WB . -26.45 6.84 -43.67
C4A BCL WB . -26.67 8.27 -43.26
CMA BCL WB . -25.26 6.36 -42.85
CAA BCL WB . -28.72 5.91 -44.40
CBA BCL WB . -28.03 5.12 -45.52
CGA BCL WB . -27.63 3.73 -45.11
O1A BCL WB . -28.01 3.18 -44.11
O2A BCL WB . -26.82 3.18 -46.00
NB BCL WB . -26.80 11.28 -42.98
C1B BCL WB . -25.80 10.59 -43.61
C2B BCL WB . -24.99 11.51 -44.30
C3B BCL WB . -25.42 12.82 -43.91
C4B BCL WB . -26.46 12.62 -42.98
CMB BCL WB . -23.89 11.18 -45.26
CAB BCL WB . -24.88 14.09 -44.38
OBB BCL WB . -25.63 15.02 -44.65
CBB BCL WB . -23.41 14.29 -44.54
NC BCL WB . -28.90 12.15 -41.13
C1C BCL WB . -28.23 13.31 -41.36
C2C BCL WB . -28.84 14.46 -40.60
C3C BCL WB . -29.64 13.78 -39.49
C4C BCL WB . -29.77 12.40 -40.13
CMC BCL WB . -27.72 15.36 -40.08
CAC BCL WB . -30.99 14.51 -39.53
CBC BCL WB . -31.16 15.53 -38.43
ND BCL WB . -29.75 9.64 -40.81
C1D BCL WB . -30.63 10.19 -39.91
C2D BCL WB . -31.40 9.16 -39.29
C3D BCL WB . -30.89 8.01 -39.84
C4D BCL WB . -29.77 8.35 -40.66
CMD BCL WB . -32.51 9.30 -38.28
CAD BCL WB . -31.06 6.58 -39.89
OBD BCL WB . -31.57 5.81 -39.09
CBD BCL WB . -30.40 6.16 -41.25
CGD BCL WB . -29.69 4.81 -41.18
O1D BCL WB . -29.68 3.99 -42.06
O2D BCL WB . -29.06 4.66 -40.01
CED BCL WB . -28.47 3.36 -39.79
C1 BCL WB . -25.56 3.89 -46.22
C2 BCL WB . -24.69 3.18 -47.20
C3 BCL WB . -24.63 3.46 -48.49
C4 BCL WB . -23.98 2.56 -49.51
C5 BCL WB . -25.23 4.73 -49.04
C6 BCL WB . -25.20 4.79 -50.56
C7 BCL WB . -25.37 6.20 -51.10
C8 BCL WB . -26.79 6.59 -51.52
C9 BCL WB . -26.78 7.73 -52.53
C10 BCL WB . -27.66 6.93 -50.30
C11 BCL WB . -26.94 7.67 -49.18
C12 BCL WB . -27.87 8.60 -48.39
C13 BCL WB . -27.16 9.65 -47.53
C14 BCL WB . -27.99 10.00 -46.30
C15 BCL WB . -26.81 10.89 -48.36
C16 BCL WB . -27.11 12.23 -47.71
C17 BCL WB . -26.01 13.25 -47.94
C18 BCL WB . -26.44 14.71 -47.90
C19 BCL WB . -27.89 14.87 -48.32
C20 BCL WB . -25.54 15.56 -48.78
CMA SPN XB . -30.66 -4.38 -42.76
O1 SPN XB . -32.01 -4.46 -43.22
CM1 SPN XB . -31.82 -6.55 -44.31
CM2 SPN XB . -32.41 -6.46 -41.88
C1 SPN XB . -32.57 -5.78 -43.22
C2 SPN XB . -34.06 -5.78 -43.59
O2 SPN XB . -34.71 -6.81 -43.61
C3 SPN XB . -34.63 -4.47 -43.89
C4 SPN XB . -34.55 -3.95 -45.11
C5 SPN XB . -35.05 -2.66 -45.54
CM3 SPN XB . -34.80 -2.24 -46.96
C6 SPN XB . -35.66 -1.85 -44.64
C7 SPN XB . -36.09 -0.50 -44.81
C8 SPN XB . -36.94 0.23 -44.04
C9 SPN XB . -37.73 -0.18 -42.87
CM4 SPN XB . -37.21 -1.29 -42.00
C10 SPN XB . -38.92 0.43 -42.66
C11 SPN XB . -39.90 0.10 -41.67
C12 SPN XB . -41.03 0.78 -41.39
C13 SPN XB . -41.47 2.09 -41.87
CM5 SPN XB . -42.95 2.35 -41.91
C14 SPN XB . -40.55 3.05 -42.14
C15 SPN XB . -40.81 4.43 -42.49
C16 SPN XB . -39.91 5.42 -42.42
C17 SPN XB . -40.23 6.78 -42.78
C18 SPN XB . -39.54 7.90 -42.49
CM6 SPN XB . -38.25 7.90 -41.71
C19 SPN XB . -40.08 9.19 -42.88
C20 SPN XB . -39.82 10.39 -42.33
C21 SPN XB . -40.42 11.61 -42.80
C22 SPN XB . -40.37 12.85 -42.29
CM7 SPN XB . -39.65 13.17 -41.00
C23 SPN XB . -41.05 14.01 -42.97
C24 SPN XB . -41.56 15.11 -42.03
C25 SPN XB . -43.04 15.32 -42.14
C26 SPN XB . -43.68 16.27 -42.81
CM8 SPN XB . -45.18 16.37 -42.87
C27 SPN XB . -42.93 17.32 -43.60
C28 SPN XB . -43.86 18.25 -44.40
C29 SPN XB . -43.43 19.69 -44.30
C30 SPN XB . -44.17 20.74 -43.98
CM9 SPN XB . -43.61 22.14 -43.92
CMB SPN XB . -45.63 20.64 -43.64
CMA SPN YB . -22.34 12.01 -36.57
O1 SPN YB . -21.37 11.33 -35.76
CM1 SPN YB . -22.83 10.23 -34.29
CM2 SPN YB . -20.56 9.27 -34.75
C1 SPN YB . -21.76 10.02 -35.33
C2 SPN YB . -22.35 9.17 -36.46
O2 SPN YB . -23.54 8.95 -36.50
C3 SPN YB . -21.45 8.63 -37.48
C4 SPN YB . -21.77 7.50 -38.07
C5 SPN YB . -21.04 6.81 -39.12
CM3 SPN YB . -19.72 7.40 -39.57
C6 SPN YB . -21.60 5.72 -39.70
C7 SPN YB . -21.12 4.95 -40.80
C8 SPN YB . -21.85 3.94 -41.28
C9 SPN YB . -21.54 3.07 -42.41
CM4 SPN YB . -20.20 3.22 -43.08
C10 SPN YB . -22.49 2.21 -42.84
C11 SPN YB . -22.46 1.34 -43.97
C12 SPN YB . -23.51 0.57 -44.25
C13 SPN YB . -23.67 -0.35 -45.37
CM5 SPN YB . -22.56 -0.45 -46.37
C14 SPN YB . -24.83 -1.05 -45.46
C15 SPN YB . -25.25 -1.94 -46.50
C16 SPN YB . -26.41 -2.61 -46.42
C17 SPN YB . -26.93 -3.51 -47.40
C18 SPN YB . -28.06 -4.26 -47.30
CM6 SPN YB . -28.90 -4.30 -46.06
C19 SPN YB . -28.50 -5.04 -48.46
C20 SPN YB . -29.00 -6.28 -48.50
C21 SPN YB . -29.06 -7.21 -47.42
C22 SPN YB . -29.79 -8.32 -47.31
CM7 SPN YB . -30.85 -8.70 -48.31
C23 SPN YB . -29.67 -9.23 -46.11
C24 SPN YB . -30.07 -10.70 -46.33
C25 SPN YB . -29.21 -11.39 -47.37
C26 SPN YB . -29.42 -12.57 -47.93
CM8 SPN YB . -28.73 -13.03 -49.19
C27 SPN YB . -30.44 -13.53 -47.37
C28 SPN YB . -29.87 -14.44 -46.27
C29 SPN YB . -29.03 -15.54 -46.85
C30 SPN YB . -28.27 -16.42 -46.21
CM9 SPN YB . -28.12 -16.43 -44.72
CMB SPN YB . -27.49 -17.47 -46.94
#